data_8SB1
#
_entry.id   8SB1
#
_cell.length_a   1.00
_cell.length_b   1.00
_cell.length_c   1.00
_cell.angle_alpha   90.00
_cell.angle_beta   90.00
_cell.angle_gamma   90.00
#
_symmetry.space_group_name_H-M   'P 1'
#
loop_
_entity.id
_entity.type
_entity.pdbx_description
1 polymer 'CH848.10.17 gp120'
2 polymer 'CH848.10.17.SOSIP gp41'
3 polymer 'DH270.I3 variable heavy chain'
4 polymer 'DH270.I3 variable light chain'
5 branched alpha-D-mannopyranose-(1-2)-alpha-D-mannopyranose-(1-3)-beta-D-mannopyranose-(1-4)-2-acetamido-2-deoxy-beta-D-glucopyranose-(1-4)-2-acetamido-2-deoxy-beta-D-glucopyranose
6 branched alpha-D-mannopyranose-(1-2)-alpha-D-mannopyranose-(1-2)-alpha-D-mannopyranose-(1-3)-[alpha-D-mannopyranose-(1-2)-alpha-D-mannopyranose-(1-3)-[alpha-D-mannopyranose-(1-6)]alpha-D-mannopyranose-(1-6)]beta-D-mannopyranose-(1-4)-2-acetamido-2-deoxy-beta-D-glucopyranose-(1-4)-2-acetamido-2-deoxy-beta-D-glucopyranose
7 branched alpha-D-mannopyranose-(1-3)-[alpha-D-mannopyranose-(1-6)]beta-D-mannopyranose-(1-4)-2-acetamido-2-deoxy-beta-D-glucopyranose-(1-4)-2-acetamido-2-deoxy-beta-D-glucopyranose
8 branched 2-acetamido-2-deoxy-beta-D-glucopyranose-(1-4)-2-acetamido-2-deoxy-beta-D-glucopyranose
9 branched alpha-D-mannopyranose-(1-2)-alpha-D-mannopyranose-(1-3)-[alpha-D-mannopyranose-(1-6)]beta-D-mannopyranose-(1-4)-2-acetamido-2-deoxy-beta-D-glucopyranose-(1-4)-2-acetamido-2-deoxy-beta-D-glucopyranose
10 branched alpha-D-mannopyranose-(1-2)-alpha-D-mannopyranose-(1-2)-alpha-D-mannopyranose-(1-3)-[alpha-D-mannopyranose-(1-3)-[alpha-D-mannopyranose-(1-6)]alpha-D-mannopyranose-(1-6)]beta-D-mannopyranose-(1-4)-2-acetamido-2-deoxy-beta-D-glucopyranose-(1-4)-2-acetamido-2-deoxy-beta-D-glucopyranose
#
loop_
_entity_poly.entity_id
_entity_poly.type
_entity_poly.pdbx_seq_one_letter_code
_entity_poly.pdbx_strand_id
1 'polypeptide(L)'
;AENLWVTVYYGVPVWKEAKTTLFCASDARAYEKEVHNVWATHACVPTDPSPQELVLGNVTENFNMWKNDMVDQMHEDIIS
LWDQSLKPCVKLTPLCVTLICSNATVKNGTVEEMKNCSFNTTTEIRDKEKKEYALFYKPDIVPLSETNNTSEYRLINCNT
SACTQACPKVTFEPIPIHYCAPAGYAILKCNDETFNGTGPCSNVSTVQCTHGIRPVVSTQLLLNGSLAEKEIVIRSENLT
NNAKIIIVHLHTPVEIVCTRPNNNTRKSVRIGPGQTFYATGDIIGDIKQAHCNISEEKWNDTLQKVGIELQKHFPNKTIK
YNQSAGGDMEITTHSFNCGGEFFYCNTSNLFNGTYNGTYISTNSSANSTSTITLQCRIKQIINMWQGVGRCMYAPPIAGN
ITCRSNITGLLLTRDGGTNSNETETFRPAGGDMRDNWRSELYKYKVVKIEPLGVAPTRCKRRVVGRRRRRR
;
A,F,K
2 'polypeptide(L)'
;AVGIGAVFLGFLGAAGSTMGAASMTLTVQARNLLSGTVWGIKQLQARVLAVERYLRDQQLLGIWGCSGKLICCTNVPWNS
SWSNRNLSEIWDNMTWLQWDKEISNYTQIIYGLLEESQNQQEKNEQDLLALD
;
B,G,L
3 'polypeptide(L)'
;QVQLVQSGAEMKKPGASVKVSCKASGYTFTDYYIHWVRQAPGQGLEWMGWINPNTGRTNSAQKFQGRVTMTRDTSISTAY
MELSRLTSDDTAVYYCATGGWIGLYYDSSGYPNFDYWGQGTLVTVSS
;
C,H,M
4 'polypeptide(L)'
;QSALTQPASVSGSPGQSITISCTGTSYDVGSYNLVSWYQQHPGKAPKYMIYEVNKRPSGVSNRFSGSKSGNTASLTISGL
QAEDEADYYCCSYAGSSTVVFGGGTKLTVL
;
D,I,N
#
loop_
_chem_comp.id
_chem_comp.type
_chem_comp.name
_chem_comp.formula
BMA D-saccharide, beta linking beta-D-mannopyranose 'C6 H12 O6'
MAN D-saccharide, alpha linking alpha-D-mannopyranose 'C6 H12 O6'
NAG D-saccharide, beta linking 2-acetamido-2-deoxy-beta-D-glucopyranose 'C8 H15 N O6'
#
# COMPACT_ATOMS: atom_id res chain seq x y z
N GLU A 2 52.16 8.18 -45.82
CA GLU A 2 51.47 9.47 -45.58
C GLU A 2 51.06 9.62 -44.12
N ASN A 3 50.96 10.87 -43.66
CA ASN A 3 50.67 11.16 -42.28
C ASN A 3 49.16 11.26 -42.05
N LEU A 4 48.72 10.80 -40.87
CA LEU A 4 47.32 10.77 -40.51
C LEU A 4 47.18 11.10 -39.04
N TRP A 5 45.99 11.54 -38.65
CA TRP A 5 45.67 11.89 -37.27
C TRP A 5 44.34 11.28 -36.87
N VAL A 6 44.24 10.91 -35.59
CA VAL A 6 42.98 10.42 -35.07
C VAL A 6 41.97 11.55 -35.02
N THR A 7 40.75 11.27 -35.45
CA THR A 7 39.68 12.26 -35.44
C THR A 7 38.38 11.58 -35.01
N VAL A 8 37.63 12.27 -34.16
CA VAL A 8 36.46 11.71 -33.49
C VAL A 8 35.23 12.17 -34.25
N TYR A 9 34.37 11.21 -34.60
CA TYR A 9 33.14 11.46 -35.33
C TYR A 9 31.97 11.19 -34.39
N TYR A 10 31.07 12.15 -34.31
CA TYR A 10 29.96 12.13 -33.35
C TYR A 10 28.64 12.27 -34.08
N GLY A 11 27.66 11.50 -33.66
CA GLY A 11 26.40 11.45 -34.37
C GLY A 11 26.54 10.61 -35.62
N VAL A 12 26.84 9.33 -35.42
CA VAL A 12 27.00 8.39 -36.53
C VAL A 12 26.48 7.03 -36.06
N PRO A 13 25.62 6.35 -36.82
CA PRO A 13 24.88 5.22 -36.23
C PRO A 13 25.75 3.99 -36.03
N VAL A 14 25.73 3.46 -34.80
CA VAL A 14 26.30 2.17 -34.47
C VAL A 14 25.40 1.52 -33.43
N TRP A 15 25.37 0.18 -33.42
CA TRP A 15 24.38 -0.59 -32.67
C TRP A 15 25.01 -1.53 -31.66
N LYS A 16 24.33 -1.63 -30.51
CA LYS A 16 24.53 -2.68 -29.53
C LYS A 16 23.16 -3.16 -29.07
N GLU A 17 23.02 -4.47 -28.88
CA GLU A 17 21.79 -5.06 -28.38
C GLU A 17 21.93 -5.28 -26.87
N ALA A 18 20.92 -4.85 -26.12
CA ALA A 18 20.99 -4.91 -24.67
C ALA A 18 19.59 -4.96 -24.08
N LYS A 19 19.51 -5.39 -22.83
CA LYS A 19 18.27 -5.34 -22.07
C LYS A 19 17.86 -3.89 -21.89
N THR A 20 16.56 -3.65 -21.71
CA THR A 20 16.09 -2.28 -21.59
C THR A 20 14.64 -2.26 -21.13
N THR A 21 14.30 -1.20 -20.40
CA THR A 21 12.91 -0.90 -20.12
C THR A 21 12.24 -0.37 -21.38
N LEU A 22 10.92 -0.20 -21.33
CA LEU A 22 10.19 0.25 -22.50
C LEU A 22 8.96 1.04 -22.08
N PHE A 23 8.54 1.95 -22.96
CA PHE A 23 7.26 2.61 -22.78
C PHE A 23 6.14 1.67 -23.19
N CYS A 24 4.92 2.14 -23.01
CA CYS A 24 3.75 1.64 -23.68
C CYS A 24 3.09 2.80 -24.41
N ALA A 25 2.36 2.50 -25.48
CA ALA A 25 1.61 3.51 -26.21
C ALA A 25 0.28 2.92 -26.63
N SER A 26 -0.73 3.77 -26.70
CA SER A 26 -2.11 3.34 -26.88
C SER A 26 -2.81 4.17 -27.93
N ASP A 27 -3.91 3.62 -28.43
CA ASP A 27 -4.74 4.35 -29.37
C ASP A 27 -5.54 5.43 -28.64
N ALA A 28 -6.00 6.42 -29.39
CA ALA A 28 -6.50 7.66 -28.78
C ALA A 28 -7.89 7.54 -28.18
N ARG A 29 -8.65 6.49 -28.52
CA ARG A 29 -10.06 6.45 -28.11
C ARG A 29 -10.23 6.08 -26.65
N ALA A 30 -9.30 5.34 -26.07
CA ALA A 30 -9.47 4.86 -24.69
C ALA A 30 -9.31 5.96 -23.65
N TYR A 31 -8.78 7.13 -24.03
CA TYR A 31 -8.60 8.21 -23.06
C TYR A 31 -9.92 8.82 -22.60
N GLU A 32 -11.01 8.57 -23.32
CA GLU A 32 -12.30 9.18 -22.98
C GLU A 32 -12.97 8.56 -21.76
N LYS A 33 -12.42 7.48 -21.21
CA LYS A 33 -13.09 6.69 -20.21
C LYS A 33 -12.59 7.05 -18.81
N GLU A 34 -13.12 6.33 -17.81
CA GLU A 34 -12.90 6.63 -16.40
C GLU A 34 -11.70 5.83 -15.86
N VAL A 35 -11.56 5.82 -14.53
CA VAL A 35 -10.46 5.10 -13.90
C VAL A 35 -10.62 3.60 -14.12
N HIS A 36 -9.52 2.95 -14.52
CA HIS A 36 -9.47 1.51 -14.74
C HIS A 36 -10.49 1.03 -15.77
N ASN A 37 -10.94 1.93 -16.63
CA ASN A 37 -11.76 1.59 -17.78
C ASN A 37 -11.00 2.09 -19.00
N VAL A 38 -10.42 1.20 -19.80
CA VAL A 38 -10.28 -0.25 -19.75
C VAL A 38 -9.14 -0.56 -18.77
N TRP A 39 -8.96 -1.84 -18.40
CA TRP A 39 -8.02 -2.23 -17.33
C TRP A 39 -6.61 -1.68 -17.55
N ALA A 40 -6.06 -1.84 -18.76
CA ALA A 40 -4.63 -1.65 -18.99
C ALA A 40 -4.32 -0.28 -19.59
N THR A 41 -4.98 0.06 -20.68
CA THR A 41 -4.41 0.98 -21.66
C THR A 41 -4.39 2.43 -21.21
N HIS A 42 -4.95 2.76 -20.05
CA HIS A 42 -5.23 4.16 -19.72
C HIS A 42 -3.96 5.00 -19.66
N ALA A 43 -2.94 4.53 -18.95
CA ALA A 43 -1.81 5.38 -18.63
C ALA A 43 -0.89 5.63 -19.82
N CYS A 44 -1.09 4.93 -20.93
CA CYS A 44 -0.13 4.99 -22.02
C CYS A 44 -0.11 6.35 -22.68
N VAL A 45 1.04 6.70 -23.23
CA VAL A 45 1.23 7.94 -23.97
C VAL A 45 0.56 7.79 -25.33
N PRO A 46 -0.02 8.85 -25.92
CA PRO A 46 -0.60 8.70 -27.26
C PRO A 46 0.48 8.48 -28.31
N THR A 47 0.13 7.74 -29.36
CA THR A 47 1.02 7.50 -30.48
C THR A 47 0.23 7.49 -31.77
N ASP A 48 0.88 7.91 -32.85
CA ASP A 48 0.36 7.78 -34.20
C ASP A 48 1.05 6.61 -34.90
N PRO A 49 0.47 6.07 -35.97
CA PRO A 49 1.22 5.07 -36.75
C PRO A 49 2.52 5.62 -37.32
N SER A 50 2.55 6.89 -37.70
CA SER A 50 3.79 7.51 -38.10
C SER A 50 4.70 7.65 -36.88
N PRO A 51 6.04 7.53 -37.03
CA PRO A 51 6.85 7.33 -38.24
C PRO A 51 6.70 5.94 -38.85
N GLN A 52 6.70 5.88 -40.18
CA GLN A 52 6.52 4.61 -40.87
C GLN A 52 7.86 3.87 -40.94
N GLU A 53 7.87 2.78 -41.70
CA GLU A 53 9.07 1.98 -41.85
C GLU A 53 10.14 2.75 -42.61
N LEU A 54 11.18 3.21 -41.90
CA LEU A 54 12.33 3.83 -42.54
C LEU A 54 13.27 2.71 -42.96
N VAL A 55 13.01 2.12 -44.13
CA VAL A 55 13.74 0.93 -44.55
C VAL A 55 15.21 1.28 -44.75
N LEU A 56 16.08 0.49 -44.15
CA LEU A 56 17.51 0.68 -44.32
C LEU A 56 17.94 0.11 -45.67
N GLY A 57 18.73 0.89 -46.41
CA GLY A 57 18.99 0.55 -47.80
C GLY A 57 19.73 -0.75 -47.99
N ASN A 58 20.79 -0.96 -47.20
CA ASN A 58 21.62 -2.17 -47.36
C ASN A 58 22.25 -2.45 -45.99
N VAL A 59 21.66 -3.40 -45.25
CA VAL A 59 22.12 -3.75 -43.92
C VAL A 59 21.97 -5.25 -43.73
N THR A 60 22.72 -5.76 -42.75
CA THR A 60 22.63 -7.15 -42.32
C THR A 60 22.57 -7.18 -40.81
N GLU A 61 21.68 -8.01 -40.27
CA GLU A 61 21.52 -8.12 -38.83
C GLU A 61 21.05 -9.54 -38.49
N ASN A 62 21.25 -9.92 -37.24
CA ASN A 62 20.88 -11.24 -36.74
C ASN A 62 19.74 -11.10 -35.75
N PHE A 63 18.64 -11.81 -36.00
CA PHE A 63 17.44 -11.77 -35.18
C PHE A 63 17.27 -13.10 -34.44
N ASN A 64 17.19 -13.04 -33.13
CA ASN A 64 17.03 -14.21 -32.28
C ASN A 64 15.64 -14.17 -31.65
N MET A 65 14.87 -15.24 -31.82
CA MET A 65 13.53 -15.29 -31.26
C MET A 65 13.54 -15.84 -29.84
N TRP A 66 13.98 -17.08 -29.67
CA TRP A 66 13.82 -17.76 -28.40
C TRP A 66 14.86 -17.39 -27.37
N LYS A 67 15.60 -16.30 -27.57
CA LYS A 67 16.37 -15.67 -26.51
C LYS A 67 16.14 -14.16 -26.46
N ASN A 68 15.05 -13.68 -27.06
CA ASN A 68 14.74 -12.26 -27.02
C ASN A 68 14.37 -11.86 -25.60
N ASP A 69 14.87 -10.71 -25.17
CA ASP A 69 14.61 -10.24 -23.81
C ASP A 69 13.31 -9.46 -23.70
N MET A 70 12.81 -8.92 -24.81
CA MET A 70 11.65 -8.04 -24.74
C MET A 70 10.39 -8.76 -24.26
N VAL A 71 10.32 -10.08 -24.45
CA VAL A 71 9.12 -10.80 -24.02
C VAL A 71 9.02 -10.85 -22.50
N ASP A 72 10.13 -11.02 -21.79
CA ASP A 72 10.07 -11.03 -20.34
C ASP A 72 9.57 -9.71 -19.79
N GLN A 73 9.86 -8.60 -20.48
CA GLN A 73 9.26 -7.34 -20.09
C GLN A 73 7.75 -7.37 -20.23
N MET A 74 7.25 -8.02 -21.30
CA MET A 74 5.80 -8.14 -21.43
C MET A 74 5.22 -8.98 -20.30
N HIS A 75 5.88 -10.09 -19.94
CA HIS A 75 5.37 -10.91 -18.87
C HIS A 75 5.31 -10.12 -17.57
N GLU A 76 6.38 -9.39 -17.25
CA GLU A 76 6.38 -8.61 -16.01
C GLU A 76 5.36 -7.49 -16.04
N ASP A 77 5.22 -6.80 -17.18
CA ASP A 77 4.23 -5.73 -17.27
C ASP A 77 2.82 -6.28 -17.04
N ILE A 78 2.48 -7.37 -17.71
CA ILE A 78 1.13 -7.91 -17.57
C ILE A 78 0.88 -8.39 -16.16
N ILE A 79 1.85 -9.12 -15.58
CA ILE A 79 1.63 -9.66 -14.24
C ILE A 79 1.50 -8.55 -13.21
N SER A 80 2.40 -7.57 -13.25
CA SER A 80 2.31 -6.48 -12.28
C SER A 80 1.05 -5.66 -12.49
N LEU A 81 0.65 -5.40 -13.74
CA LEU A 81 -0.56 -4.63 -13.96
C LEU A 81 -1.78 -5.37 -13.48
N TRP A 82 -1.85 -6.67 -13.74
CA TRP A 82 -2.99 -7.46 -13.28
C TRP A 82 -3.04 -7.48 -11.76
N ASP A 83 -1.89 -7.67 -11.12
CA ASP A 83 -1.82 -7.68 -9.67
C ASP A 83 -2.26 -6.34 -9.10
N GLN A 84 -1.88 -5.25 -9.76
CA GLN A 84 -2.25 -3.92 -9.27
C GLN A 84 -3.70 -3.60 -9.59
N SER A 85 -4.31 -4.31 -10.54
CA SER A 85 -5.66 -3.98 -10.97
C SER A 85 -6.75 -4.69 -10.18
N LEU A 86 -6.43 -5.42 -9.11
CA LEU A 86 -7.41 -6.12 -8.30
C LEU A 86 -7.42 -5.69 -6.84
N LYS A 87 -6.42 -4.95 -6.39
CA LYS A 87 -6.38 -4.53 -4.99
C LYS A 87 -7.61 -3.75 -4.53
N PRO A 88 -8.05 -2.68 -5.22
CA PRO A 88 -9.20 -1.93 -4.69
C PRO A 88 -10.49 -2.70 -4.64
N CYS A 89 -10.64 -3.78 -5.39
CA CYS A 89 -11.91 -4.51 -5.42
C CYS A 89 -12.14 -5.29 -4.13
N VAL A 90 -13.39 -5.64 -3.89
CA VAL A 90 -13.75 -6.47 -2.74
C VAL A 90 -12.94 -7.74 -2.77
N LYS A 91 -12.63 -8.28 -1.58
CA LYS A 91 -11.67 -9.36 -1.44
C LYS A 91 -12.24 -10.61 -0.78
N LEU A 92 -13.56 -10.79 -0.81
CA LEU A 92 -14.25 -12.02 -0.39
C LEU A 92 -13.74 -12.48 0.98
N THR A 93 -13.89 -13.78 1.30
CA THR A 93 -13.49 -14.52 2.48
C THR A 93 -14.63 -14.68 3.48
N PRO A 94 -15.70 -13.85 3.47
CA PRO A 94 -16.94 -14.31 4.09
C PRO A 94 -17.62 -15.45 3.36
N LEU A 95 -17.22 -15.78 2.14
CA LEU A 95 -17.83 -16.91 1.43
C LEU A 95 -17.11 -18.23 1.67
N CYS A 96 -16.12 -18.28 2.53
CA CYS A 96 -15.56 -19.57 2.86
C CYS A 96 -16.51 -20.44 3.71
N VAL A 97 -17.65 -19.91 4.16
CA VAL A 97 -18.58 -20.68 4.99
C VAL A 97 -19.05 -21.92 4.23
N THR A 98 -19.37 -22.97 4.99
CA THR A 98 -19.82 -24.22 4.41
C THR A 98 -21.10 -24.01 3.62
N LEU A 99 -21.11 -24.53 2.39
CA LEU A 99 -22.30 -24.45 1.57
C LEU A 99 -23.11 -25.73 1.71
N ILE A 100 -24.37 -25.59 2.15
CA ILE A 100 -25.36 -26.66 2.12
C ILE A 100 -26.05 -26.58 0.76
N CYS A 101 -26.11 -27.69 0.04
CA CYS A 101 -26.39 -27.59 -1.38
C CYS A 101 -27.06 -28.88 -1.86
N SER A 102 -27.97 -28.74 -2.82
CA SER A 102 -28.93 -29.79 -3.14
C SER A 102 -28.29 -30.93 -3.93
N ASN A 103 -28.89 -32.13 -3.81
CA ASN A 103 -28.52 -33.29 -4.62
C ASN A 103 -29.74 -34.12 -5.00
N ALA A 104 -30.90 -33.48 -5.22
CA ALA A 104 -32.14 -34.20 -5.44
C ALA A 104 -32.23 -34.87 -6.80
N THR A 105 -31.39 -34.50 -7.76
CA THR A 105 -31.38 -35.13 -9.08
C THR A 105 -29.96 -35.15 -9.61
N VAL A 106 -29.63 -36.22 -10.33
CA VAL A 106 -28.26 -36.49 -10.75
C VAL A 106 -28.13 -36.81 -12.24
N LYS A 107 -29.24 -37.24 -12.88
CA LYS A 107 -29.18 -37.77 -14.24
C LYS A 107 -30.25 -37.25 -15.19
N ASN A 108 -31.38 -36.73 -14.70
CA ASN A 108 -32.46 -36.34 -15.60
C ASN A 108 -32.10 -35.20 -16.52
N GLY A 109 -31.00 -34.48 -16.26
CA GLY A 109 -30.57 -33.43 -17.16
C GLY A 109 -29.79 -33.94 -18.35
N THR A 110 -28.72 -34.70 -18.10
CA THR A 110 -27.80 -35.15 -19.14
C THR A 110 -27.21 -33.97 -19.91
N VAL A 111 -27.00 -32.86 -19.19
CA VAL A 111 -26.39 -31.64 -19.72
C VAL A 111 -25.91 -30.87 -18.51
N GLU A 112 -24.88 -30.04 -18.71
CA GLU A 112 -24.20 -29.44 -17.55
C GLU A 112 -25.10 -28.41 -16.90
N GLU A 113 -26.05 -28.90 -16.10
CA GLU A 113 -26.73 -28.04 -15.16
C GLU A 113 -25.82 -27.78 -13.96
N MET A 114 -26.04 -26.64 -13.31
CA MET A 114 -25.19 -26.15 -12.25
C MET A 114 -25.91 -26.23 -10.91
N LYS A 115 -25.15 -26.49 -9.85
CA LYS A 115 -25.73 -26.74 -8.54
C LYS A 115 -26.44 -25.49 -8.03
N ASN A 116 -27.22 -25.67 -6.95
CA ASN A 116 -27.98 -24.59 -6.32
C ASN A 116 -27.74 -24.61 -4.82
N CYS A 117 -26.68 -23.96 -4.39
CA CYS A 117 -26.25 -23.99 -3.00
C CYS A 117 -26.71 -22.75 -2.24
N SER A 118 -26.70 -22.84 -0.91
CA SER A 118 -27.16 -21.76 -0.04
C SER A 118 -26.31 -21.71 1.22
N PHE A 119 -26.19 -20.51 1.80
CA PHE A 119 -25.23 -20.28 2.87
C PHE A 119 -25.64 -19.07 3.69
N ASN A 120 -24.82 -18.75 4.69
CA ASN A 120 -25.03 -17.65 5.62
C ASN A 120 -23.97 -16.58 5.38
N THR A 121 -24.39 -15.33 5.21
CA THR A 121 -23.49 -14.20 4.99
C THR A 121 -23.68 -13.15 6.06
N THR A 122 -22.57 -12.60 6.54
CA THR A 122 -22.66 -11.46 7.43
C THR A 122 -23.34 -10.31 6.70
N THR A 123 -24.47 -9.86 7.22
CA THR A 123 -25.16 -8.73 6.63
C THR A 123 -24.44 -7.45 7.06
N GLU A 124 -25.06 -6.30 6.82
CA GLU A 124 -24.41 -5.04 7.15
C GLU A 124 -24.11 -4.94 8.64
N ILE A 125 -25.02 -5.37 9.48
CA ILE A 125 -24.76 -5.51 10.90
C ILE A 125 -23.66 -6.53 11.08
N ARG A 126 -22.85 -6.39 12.13
CA ARG A 126 -21.78 -7.35 12.36
C ARG A 126 -22.29 -8.68 12.88
N ASP A 127 -23.29 -8.67 13.76
CA ASP A 127 -23.79 -9.87 14.43
C ASP A 127 -25.26 -10.13 14.12
N LYS A 128 -25.63 -9.98 12.85
CA LYS A 128 -26.93 -10.41 12.35
C LYS A 128 -26.68 -11.15 11.05
N GLU A 129 -27.50 -12.14 10.75
CA GLU A 129 -27.22 -13.05 9.66
C GLU A 129 -28.52 -13.46 8.99
N LYS A 130 -28.40 -13.92 7.74
CA LYS A 130 -29.55 -14.36 6.97
C LYS A 130 -29.15 -15.48 6.04
N LYS A 131 -30.14 -16.25 5.61
CA LYS A 131 -29.95 -17.35 4.68
C LYS A 131 -30.09 -16.83 3.25
N GLU A 132 -29.11 -17.13 2.41
CA GLU A 132 -29.08 -16.62 1.05
C GLU A 132 -28.55 -17.71 0.12
N TYR A 133 -29.00 -17.66 -1.14
CA TYR A 133 -28.75 -18.73 -2.11
C TYR A 133 -28.13 -18.18 -3.37
N ALA A 134 -27.21 -18.94 -3.94
CA ALA A 134 -26.50 -18.52 -5.14
C ALA A 134 -25.99 -19.74 -5.88
N LEU A 135 -26.06 -19.70 -7.20
CA LEU A 135 -25.64 -20.83 -8.03
C LEU A 135 -24.14 -20.75 -8.29
N PHE A 136 -23.54 -21.91 -8.52
CA PHE A 136 -22.12 -22.01 -8.86
C PHE A 136 -21.95 -23.15 -9.84
N TYR A 137 -21.08 -22.96 -10.82
CA TYR A 137 -20.78 -24.07 -11.72
C TYR A 137 -19.92 -25.10 -11.00
N LYS A 138 -20.12 -26.37 -11.34
CA LYS A 138 -19.54 -27.47 -10.59
C LYS A 138 -18.04 -27.40 -10.38
N PRO A 139 -17.22 -26.96 -11.34
CA PRO A 139 -15.77 -26.93 -11.08
C PRO A 139 -15.33 -26.01 -9.96
N ASP A 140 -16.16 -25.05 -9.53
CA ASP A 140 -15.77 -24.18 -8.42
C ASP A 140 -15.99 -24.81 -7.05
N ILE A 141 -16.78 -25.88 -6.94
CA ILE A 141 -17.22 -26.42 -5.68
C ILE A 141 -16.63 -27.82 -5.50
N VAL A 142 -16.20 -28.13 -4.27
CA VAL A 142 -15.59 -29.41 -3.93
C VAL A 142 -16.36 -29.96 -2.73
N PRO A 143 -16.61 -31.28 -2.63
CA PRO A 143 -17.23 -31.80 -1.41
C PRO A 143 -16.28 -31.74 -0.23
N LEU A 144 -16.87 -31.65 0.96
CA LEU A 144 -16.12 -31.35 2.16
C LEU A 144 -15.62 -32.59 2.87
N SER A 145 -16.27 -33.73 2.69
CA SER A 145 -15.91 -34.95 3.40
C SER A 145 -16.40 -36.16 2.62
N GLU A 146 -15.80 -37.31 2.94
CA GLU A 146 -16.17 -38.58 2.29
C GLU A 146 -17.42 -39.21 2.90
N THR A 147 -18.00 -38.62 3.94
CA THR A 147 -19.15 -39.22 4.61
C THR A 147 -20.30 -39.39 3.63
N ASN A 148 -21.25 -40.26 4.00
CA ASN A 148 -22.43 -40.45 3.16
C ASN A 148 -23.20 -39.16 2.97
N ASN A 149 -23.11 -38.24 3.93
CA ASN A 149 -23.71 -36.93 3.80
C ASN A 149 -22.88 -36.07 2.87
N THR A 150 -22.92 -36.35 1.57
CA THR A 150 -22.29 -35.50 0.56
C THR A 150 -23.17 -34.32 0.18
N SER A 151 -23.63 -33.57 1.18
CA SER A 151 -24.50 -32.41 1.01
C SER A 151 -23.97 -31.23 1.82
N GLU A 152 -22.66 -31.13 1.95
CA GLU A 152 -22.01 -29.97 2.55
C GLU A 152 -20.75 -29.69 1.75
N TYR A 153 -20.65 -28.47 1.23
CA TYR A 153 -19.68 -28.15 0.19
C TYR A 153 -18.90 -26.90 0.54
N ARG A 154 -17.68 -26.83 -0.01
CA ARG A 154 -16.76 -25.73 0.18
C ARG A 154 -16.32 -25.23 -1.19
N LEU A 155 -16.11 -23.92 -1.29
CA LEU A 155 -15.50 -23.39 -2.50
C LEU A 155 -14.11 -23.99 -2.68
N ILE A 156 -13.67 -24.06 -3.93
CA ILE A 156 -12.37 -24.64 -4.25
C ILE A 156 -11.24 -23.77 -3.70
N ASN A 157 -11.55 -22.53 -3.37
CA ASN A 157 -10.61 -21.67 -2.65
C ASN A 157 -10.75 -21.97 -1.16
N CYS A 158 -10.09 -21.17 -0.33
CA CYS A 158 -10.03 -21.33 1.11
C CYS A 158 -9.10 -22.48 1.49
N ASN A 159 -8.60 -23.25 0.52
CA ASN A 159 -7.68 -24.34 0.77
C ASN A 159 -6.24 -23.94 0.48
N THR A 160 -6.05 -22.88 -0.31
CA THR A 160 -4.71 -22.43 -0.69
C THR A 160 -4.49 -20.95 -0.40
N SER A 161 -5.49 -20.11 -0.66
CA SER A 161 -5.28 -18.68 -0.50
C SER A 161 -6.63 -17.97 -0.49
N ALA A 162 -6.56 -16.66 -0.27
CA ALA A 162 -7.74 -15.80 -0.29
C ALA A 162 -8.16 -15.58 -1.73
N CYS A 163 -8.93 -14.53 -1.98
CA CYS A 163 -9.58 -14.33 -3.27
C CYS A 163 -9.67 -12.85 -3.59
N THR A 164 -10.35 -12.56 -4.70
CA THR A 164 -10.66 -11.19 -5.08
C THR A 164 -11.65 -11.24 -6.22
N GLN A 165 -12.66 -10.39 -6.14
CA GLN A 165 -13.65 -10.28 -7.20
C GLN A 165 -13.17 -9.24 -8.19
N ALA A 166 -13.21 -9.57 -9.48
CA ALA A 166 -12.95 -8.57 -10.50
C ALA A 166 -14.14 -7.62 -10.54
N CYS A 167 -13.87 -6.33 -10.35
CA CYS A 167 -14.94 -5.38 -10.19
C CYS A 167 -15.80 -5.34 -11.46
N PRO A 168 -17.11 -5.15 -11.34
CA PRO A 168 -17.95 -5.12 -12.55
C PRO A 168 -17.64 -3.95 -13.46
N LYS A 169 -17.02 -2.89 -12.95
CA LYS A 169 -16.77 -1.69 -13.73
C LYS A 169 -15.47 -1.74 -14.52
N VAL A 170 -14.91 -2.93 -14.77
CA VAL A 170 -13.78 -3.09 -15.67
C VAL A 170 -14.03 -4.31 -16.55
N THR A 171 -13.41 -4.31 -17.72
CA THR A 171 -13.60 -5.38 -18.70
C THR A 171 -12.27 -5.82 -19.25
N PHE A 172 -12.13 -7.12 -19.48
CA PHE A 172 -10.89 -7.71 -19.94
C PHE A 172 -10.78 -7.75 -21.46
N GLU A 173 -11.47 -6.86 -22.16
CA GLU A 173 -11.38 -6.84 -23.61
C GLU A 173 -9.96 -6.47 -24.02
N PRO A 174 -9.35 -7.18 -24.96
CA PRO A 174 -7.93 -6.94 -25.23
C PRO A 174 -7.67 -5.68 -26.06
N ILE A 175 -7.53 -4.54 -25.41
CA ILE A 175 -7.12 -3.33 -26.15
C ILE A 175 -5.70 -3.54 -26.67
N PRO A 176 -5.34 -3.15 -27.90
CA PRO A 176 -3.97 -3.34 -28.34
C PRO A 176 -3.02 -2.41 -27.60
N ILE A 177 -1.76 -2.83 -27.52
CA ILE A 177 -0.69 -2.10 -26.83
C ILE A 177 0.44 -1.89 -27.82
N HIS A 178 0.89 -0.64 -27.94
CA HIS A 178 2.03 -0.29 -28.78
C HIS A 178 3.25 -0.07 -27.88
N TYR A 179 4.27 -0.91 -28.06
CA TYR A 179 5.56 -0.68 -27.41
C TYR A 179 6.41 0.27 -28.22
N CYS A 180 7.03 1.23 -27.54
CA CYS A 180 7.95 2.19 -28.14
C CYS A 180 9.16 2.34 -27.25
N ALA A 181 10.34 2.14 -27.80
CA ALA A 181 11.55 2.25 -26.99
C ALA A 181 11.84 3.73 -26.71
N PRO A 182 12.41 4.05 -25.55
CA PRO A 182 12.59 5.46 -25.21
C PRO A 182 13.68 6.09 -26.05
N ALA A 183 13.92 7.38 -25.79
CA ALA A 183 14.99 8.08 -26.47
C ALA A 183 16.33 7.44 -26.16
N GLY A 184 17.23 7.47 -27.13
CA GLY A 184 18.50 6.80 -26.97
C GLY A 184 18.47 5.33 -27.29
N TYR A 185 17.38 4.84 -27.89
CA TYR A 185 17.30 3.47 -28.39
C TYR A 185 16.57 3.51 -29.73
N ALA A 186 16.42 2.35 -30.34
CA ALA A 186 15.60 2.21 -31.52
C ALA A 186 15.20 0.75 -31.68
N ILE A 187 14.05 0.54 -32.30
CA ILE A 187 13.52 -0.80 -32.54
C ILE A 187 13.71 -1.11 -34.02
N LEU A 188 14.48 -2.16 -34.30
CA LEU A 188 14.73 -2.61 -35.66
C LEU A 188 13.83 -3.80 -35.97
N LYS A 189 13.17 -3.75 -37.12
CA LYS A 189 12.08 -4.66 -37.47
C LYS A 189 12.53 -5.56 -38.61
N CYS A 190 12.48 -6.87 -38.38
CA CYS A 190 12.77 -7.82 -39.46
C CYS A 190 11.66 -7.77 -40.49
N ASN A 191 12.00 -7.27 -41.69
CA ASN A 191 11.01 -7.09 -42.74
C ASN A 191 10.83 -8.32 -43.64
N ASP A 192 11.81 -9.22 -43.68
CA ASP A 192 11.74 -10.38 -44.57
C ASP A 192 10.75 -11.38 -43.99
N GLU A 193 9.59 -11.51 -44.64
CA GLU A 193 8.53 -12.37 -44.12
C GLU A 193 8.82 -13.85 -44.28
N THR A 194 9.91 -14.22 -44.96
CA THR A 194 10.34 -15.61 -45.00
C THR A 194 11.11 -16.01 -43.74
N PHE A 195 11.31 -15.10 -42.80
CA PHE A 195 12.17 -15.33 -41.65
C PHE A 195 11.65 -16.49 -40.80
N ASN A 196 12.58 -17.26 -40.24
CA ASN A 196 12.27 -18.49 -39.51
C ASN A 196 12.90 -18.51 -38.12
N GLY A 197 12.77 -17.41 -37.38
CA GLY A 197 13.06 -17.40 -35.95
C GLY A 197 14.50 -17.09 -35.60
N THR A 198 15.47 -17.84 -36.12
CA THR A 198 16.88 -17.59 -35.88
C THR A 198 17.62 -17.60 -37.21
N GLY A 199 18.43 -16.58 -37.43
CA GLY A 199 19.10 -16.38 -38.70
C GLY A 199 18.99 -14.93 -39.13
N PRO A 200 19.59 -14.59 -40.26
CA PRO A 200 19.65 -13.19 -40.66
C PRO A 200 18.39 -12.72 -41.37
N CYS A 201 18.03 -11.47 -41.10
CA CYS A 201 17.04 -10.74 -41.87
C CYS A 201 17.76 -9.66 -42.65
N SER A 202 17.79 -9.80 -43.98
CA SER A 202 18.52 -8.88 -44.83
C SER A 202 17.70 -7.67 -45.27
N ASN A 203 16.40 -7.65 -45.01
CA ASN A 203 15.55 -6.48 -45.19
C ASN A 203 15.12 -6.03 -43.80
N VAL A 204 15.66 -4.90 -43.34
CA VAL A 204 15.49 -4.43 -41.97
C VAL A 204 15.12 -2.95 -42.01
N SER A 205 14.25 -2.54 -41.09
CA SER A 205 13.80 -1.16 -40.99
C SER A 205 13.84 -0.72 -39.53
N THR A 206 13.94 0.59 -39.33
CA THR A 206 13.89 1.18 -38.01
C THR A 206 12.53 1.84 -37.78
N VAL A 207 12.01 1.70 -36.56
CA VAL A 207 10.72 2.29 -36.19
C VAL A 207 10.76 2.61 -34.70
N GLN A 208 10.07 3.68 -34.33
CA GLN A 208 10.01 4.08 -32.93
C GLN A 208 8.96 3.32 -32.16
N CYS A 209 7.95 2.75 -32.82
CA CYS A 209 6.85 2.07 -32.16
C CYS A 209 6.51 0.78 -32.89
N THR A 210 6.05 -0.20 -32.13
CA THR A 210 5.74 -1.52 -32.67
C THR A 210 4.26 -1.62 -33.04
N HIS A 211 3.90 -2.78 -33.60
CA HIS A 211 2.51 -3.07 -33.96
C HIS A 211 1.64 -3.01 -32.72
N GLY A 212 0.32 -2.85 -32.89
CA GLY A 212 -0.59 -2.85 -31.77
C GLY A 212 -0.87 -4.24 -31.25
N ILE A 213 0.06 -4.77 -30.47
CA ILE A 213 0.00 -6.16 -30.03
C ILE A 213 -1.28 -6.39 -29.24
N ARG A 214 -2.01 -7.44 -29.59
CA ARG A 214 -3.17 -7.86 -28.82
C ARG A 214 -2.68 -8.74 -27.67
N PRO A 215 -2.90 -8.39 -26.41
CA PRO A 215 -2.36 -9.20 -25.31
C PRO A 215 -3.21 -10.41 -24.93
N VAL A 216 -4.10 -10.87 -25.83
CA VAL A 216 -5.22 -11.71 -25.45
C VAL A 216 -4.74 -13.03 -24.84
N VAL A 217 -5.38 -13.43 -23.74
CA VAL A 217 -5.08 -14.70 -23.09
C VAL A 217 -5.56 -15.82 -24.00
N SER A 218 -4.78 -16.90 -24.08
CA SER A 218 -5.24 -18.12 -24.71
C SER A 218 -4.19 -19.20 -24.49
N THR A 219 -4.63 -20.43 -24.27
CA THR A 219 -3.73 -21.49 -23.83
C THR A 219 -3.35 -22.46 -24.94
N GLN A 220 -4.30 -22.82 -25.81
CA GLN A 220 -4.11 -23.93 -26.76
C GLN A 220 -4.35 -23.55 -28.21
N LEU A 221 -4.87 -22.36 -28.47
CA LEU A 221 -4.85 -21.78 -29.81
C LEU A 221 -4.73 -20.28 -29.65
N LEU A 222 -4.06 -19.63 -30.60
CA LEU A 222 -3.94 -18.19 -30.59
C LEU A 222 -5.20 -17.58 -31.17
N LEU A 223 -5.65 -16.48 -30.59
CA LEU A 223 -6.89 -15.82 -30.98
C LEU A 223 -6.60 -14.40 -31.46
N ASN A 224 -7.30 -13.99 -32.51
CA ASN A 224 -7.25 -12.62 -33.04
C ASN A 224 -5.83 -12.15 -33.33
N GLY A 225 -4.91 -13.06 -33.60
CA GLY A 225 -3.54 -12.69 -33.82
C GLY A 225 -3.36 -12.05 -35.19
N SER A 226 -2.12 -11.63 -35.45
CA SER A 226 -1.78 -11.11 -36.76
C SER A 226 -1.57 -12.25 -37.75
N LEU A 227 -1.88 -11.99 -39.02
CA LEU A 227 -1.75 -13.00 -40.05
C LEU A 227 -0.30 -13.16 -40.46
N ALA A 228 0.00 -14.30 -41.07
CA ALA A 228 1.23 -14.44 -41.83
C ALA A 228 0.99 -13.94 -43.24
N GLU A 229 1.93 -13.15 -43.76
CA GLU A 229 1.68 -12.35 -44.95
C GLU A 229 1.63 -13.15 -46.24
N LYS A 230 2.52 -14.13 -46.42
CA LYS A 230 2.72 -14.77 -47.72
C LYS A 230 2.66 -16.29 -47.70
N GLU A 231 2.85 -16.95 -46.56
CA GLU A 231 2.91 -18.41 -46.54
C GLU A 231 2.84 -18.90 -45.11
N ILE A 232 2.46 -20.17 -44.97
CA ILE A 232 2.50 -20.81 -43.65
C ILE A 232 3.95 -21.08 -43.29
N VAL A 233 4.30 -20.75 -42.04
CA VAL A 233 5.67 -20.84 -41.54
C VAL A 233 5.68 -21.65 -40.27
N ILE A 234 6.78 -22.36 -40.03
CA ILE A 234 6.95 -23.22 -38.88
C ILE A 234 8.29 -22.91 -38.26
N ARG A 235 8.35 -22.99 -36.93
CA ARG A 235 9.53 -22.53 -36.20
C ARG A 235 9.59 -23.21 -34.85
N SER A 236 10.78 -23.22 -34.27
CA SER A 236 10.98 -23.72 -32.92
C SER A 236 12.44 -23.48 -32.55
N GLU A 237 12.69 -23.44 -31.23
CA GLU A 237 14.08 -23.31 -30.78
C GLU A 237 14.91 -24.51 -31.18
N ASN A 238 14.36 -25.72 -31.02
CA ASN A 238 15.09 -26.94 -31.33
C ASN A 238 14.06 -28.02 -31.63
N LEU A 239 13.84 -28.29 -32.92
CA LEU A 239 12.86 -29.29 -33.32
C LEU A 239 13.23 -30.68 -32.83
N THR A 240 14.50 -30.93 -32.53
CA THR A 240 14.93 -32.28 -32.19
C THR A 240 14.25 -32.79 -30.93
N ASN A 241 14.04 -31.94 -29.94
CA ASN A 241 13.51 -32.33 -28.63
C ASN A 241 12.05 -31.95 -28.55
N ASN A 242 11.25 -32.82 -27.91
CA ASN A 242 9.81 -32.63 -27.89
C ASN A 242 9.40 -31.39 -27.09
N ALA A 243 10.09 -31.13 -25.98
CA ALA A 243 9.63 -30.11 -25.04
C ALA A 243 9.59 -28.71 -25.63
N LYS A 244 10.47 -28.41 -26.60
CA LYS A 244 10.54 -27.07 -27.17
C LYS A 244 9.39 -26.91 -28.15
N ILE A 245 8.39 -26.15 -27.73
CA ILE A 245 7.08 -26.09 -28.38
C ILE A 245 7.21 -25.57 -29.81
N ILE A 246 6.64 -26.32 -30.76
CA ILE A 246 6.57 -25.83 -32.14
C ILE A 246 5.43 -24.83 -32.22
N ILE A 247 5.66 -23.74 -32.95
CA ILE A 247 4.69 -22.67 -33.14
C ILE A 247 4.42 -22.59 -34.64
N VAL A 248 3.21 -22.17 -35.01
CA VAL A 248 2.82 -22.01 -36.39
C VAL A 248 2.06 -20.70 -36.54
N HIS A 249 2.30 -19.99 -37.63
CA HIS A 249 1.71 -18.69 -37.92
C HIS A 249 1.04 -18.79 -39.28
N LEU A 250 -0.27 -19.01 -39.28
CA LEU A 250 -0.98 -19.44 -40.48
C LEU A 250 -1.07 -18.32 -41.51
N HIS A 251 -1.28 -18.73 -42.76
CA HIS A 251 -1.40 -17.80 -43.87
C HIS A 251 -2.79 -17.23 -44.03
N THR A 252 -3.83 -17.96 -43.60
CA THR A 252 -5.20 -17.51 -43.65
C THR A 252 -5.88 -17.76 -42.31
N PRO A 253 -6.91 -16.97 -41.96
CA PRO A 253 -7.55 -17.18 -40.67
C PRO A 253 -8.55 -18.33 -40.72
N VAL A 254 -8.79 -18.94 -39.57
CA VAL A 254 -9.82 -19.95 -39.39
C VAL A 254 -10.87 -19.36 -38.48
N GLU A 255 -12.10 -19.26 -38.96
CA GLU A 255 -13.14 -18.61 -38.18
C GLU A 255 -13.64 -19.53 -37.07
N ILE A 256 -13.74 -18.99 -35.86
CA ILE A 256 -14.18 -19.72 -34.68
C ILE A 256 -15.24 -18.89 -33.98
N VAL A 257 -16.33 -19.55 -33.56
CA VAL A 257 -17.45 -18.90 -32.91
C VAL A 257 -17.88 -19.75 -31.73
N CYS A 258 -18.29 -19.11 -30.64
CA CYS A 258 -18.67 -19.79 -29.42
C CYS A 258 -19.81 -19.04 -28.77
N THR A 259 -20.44 -19.68 -27.77
CA THR A 259 -21.54 -19.07 -27.04
C THR A 259 -21.87 -19.94 -25.83
N ARG A 260 -22.87 -19.49 -25.07
CA ARG A 260 -23.32 -20.17 -23.85
C ARG A 260 -24.79 -19.80 -23.66
N PRO A 261 -25.70 -20.49 -24.33
CA PRO A 261 -27.08 -19.99 -24.38
C PRO A 261 -27.93 -20.19 -23.13
N ASN A 262 -27.34 -20.49 -21.97
CA ASN A 262 -28.14 -20.67 -20.77
C ASN A 262 -28.94 -19.43 -20.40
N ASN A 263 -28.47 -18.24 -20.75
CA ASN A 263 -29.13 -16.97 -20.40
C ASN A 263 -29.18 -16.76 -18.88
N ASN A 264 -27.99 -16.63 -18.30
CA ASN A 264 -27.83 -16.45 -16.87
C ASN A 264 -28.39 -15.10 -16.43
N THR A 265 -28.44 -14.87 -15.11
CA THR A 265 -28.98 -13.64 -14.56
C THR A 265 -28.24 -13.32 -13.25
N ARG A 266 -28.09 -12.02 -12.98
CA ARG A 266 -27.27 -11.55 -11.86
C ARG A 266 -28.11 -11.29 -10.62
N LYS A 267 -27.70 -11.88 -9.51
CA LYS A 267 -28.18 -11.56 -8.17
C LYS A 267 -27.15 -10.68 -7.49
N SER A 268 -27.58 -9.94 -6.48
CA SER A 268 -26.70 -9.14 -5.64
C SER A 268 -26.86 -9.57 -4.19
N VAL A 269 -25.75 -9.59 -3.45
CA VAL A 269 -25.73 -9.92 -2.04
C VAL A 269 -24.85 -8.89 -1.35
N ARG A 270 -25.29 -8.41 -0.19
CA ARG A 270 -24.61 -7.29 0.49
C ARG A 270 -23.72 -7.82 1.62
N ILE A 271 -22.56 -8.36 1.22
CA ILE A 271 -21.60 -8.85 2.19
C ILE A 271 -21.06 -7.69 3.00
N GLY A 272 -21.06 -7.83 4.32
CA GLY A 272 -20.31 -6.95 5.20
C GLY A 272 -20.74 -5.50 5.11
N PRO A 273 -19.82 -4.58 5.42
CA PRO A 273 -20.15 -3.16 5.25
C PRO A 273 -20.04 -2.70 3.80
N GLY A 274 -21.11 -2.91 3.04
CA GLY A 274 -21.23 -2.30 1.73
C GLY A 274 -20.30 -2.82 0.67
N GLN A 275 -19.81 -4.05 0.81
CA GLN A 275 -18.97 -4.68 -0.22
C GLN A 275 -19.79 -5.72 -0.97
N THR A 276 -20.52 -5.26 -1.98
CA THR A 276 -21.46 -6.12 -2.67
C THR A 276 -20.73 -7.23 -3.41
N PHE A 277 -21.36 -8.40 -3.48
CA PHE A 277 -20.83 -9.59 -4.13
C PHE A 277 -21.87 -10.15 -5.08
N TYR A 278 -21.45 -10.43 -6.32
CA TYR A 278 -22.35 -10.85 -7.38
C TYR A 278 -22.32 -12.36 -7.53
N ALA A 279 -23.37 -12.93 -8.12
CA ALA A 279 -23.42 -14.36 -8.30
C ALA A 279 -24.55 -14.72 -9.25
N THR A 280 -24.45 -15.89 -9.85
CA THR A 280 -25.47 -16.33 -10.80
C THR A 280 -26.78 -16.63 -10.08
N GLY A 281 -27.81 -15.86 -10.37
CA GLY A 281 -29.11 -16.07 -9.74
C GLY A 281 -29.87 -17.20 -10.39
N ASP A 282 -31.17 -17.01 -10.57
CA ASP A 282 -31.97 -17.98 -11.30
C ASP A 282 -31.60 -17.94 -12.78
N ILE A 283 -32.04 -18.98 -13.50
CA ILE A 283 -31.76 -19.13 -14.94
C ILE A 283 -33.12 -19.13 -15.64
N ILE A 284 -33.52 -17.98 -16.16
CA ILE A 284 -34.74 -17.87 -16.95
C ILE A 284 -34.41 -18.35 -18.36
N GLY A 285 -35.02 -19.44 -18.76
CA GLY A 285 -34.78 -20.04 -20.06
C GLY A 285 -34.81 -21.55 -19.95
N ASP A 286 -34.01 -22.20 -20.79
CA ASP A 286 -33.84 -23.65 -20.75
C ASP A 286 -32.36 -23.98 -20.85
N ILE A 287 -31.94 -25.04 -20.16
CA ILE A 287 -30.52 -25.35 -20.07
C ILE A 287 -30.03 -25.91 -21.39
N LYS A 288 -28.80 -25.56 -21.77
CA LYS A 288 -28.19 -26.06 -22.99
C LYS A 288 -26.67 -26.10 -22.81
N GLN A 289 -26.01 -26.85 -23.68
CA GLN A 289 -24.57 -27.06 -23.57
C GLN A 289 -23.81 -25.85 -24.12
N ALA A 290 -22.65 -25.56 -23.54
CA ALA A 290 -21.80 -24.49 -24.04
C ALA A 290 -20.75 -25.04 -24.99
N HIS A 291 -20.64 -24.43 -26.18
CA HIS A 291 -19.98 -25.07 -27.31
C HIS A 291 -19.19 -24.06 -28.12
N CYS A 292 -18.32 -24.58 -29.00
CA CYS A 292 -17.57 -23.80 -29.97
C CYS A 292 -17.63 -24.48 -31.33
N ASN A 293 -17.75 -23.68 -32.39
CA ASN A 293 -17.95 -24.16 -33.76
C ASN A 293 -16.83 -23.69 -34.66
N ILE A 294 -16.38 -24.60 -35.53
CA ILE A 294 -15.38 -24.32 -36.55
C ILE A 294 -15.83 -24.97 -37.84
N SER A 295 -15.66 -24.27 -38.97
CA SER A 295 -16.01 -24.84 -40.26
C SER A 295 -15.02 -25.95 -40.60
N GLU A 296 -15.53 -27.17 -40.77
CA GLU A 296 -14.65 -28.35 -40.73
C GLU A 296 -13.72 -28.41 -41.93
N GLU A 297 -14.23 -28.10 -43.14
CA GLU A 297 -13.40 -28.28 -44.33
C GLU A 297 -12.20 -27.34 -44.31
N LYS A 298 -12.40 -26.08 -43.89
CA LYS A 298 -11.28 -25.16 -43.78
C LYS A 298 -10.28 -25.66 -42.74
N TRP A 299 -10.78 -26.20 -41.64
CA TRP A 299 -9.88 -26.71 -40.60
C TRP A 299 -9.03 -27.85 -41.13
N ASN A 300 -9.64 -28.78 -41.85
CA ASN A 300 -8.88 -29.89 -42.41
C ASN A 300 -7.88 -29.40 -43.45
N ASP A 301 -8.29 -28.42 -44.27
CA ASP A 301 -7.39 -27.88 -45.28
C ASP A 301 -6.17 -27.23 -44.64
N THR A 302 -6.38 -26.36 -43.65
CA THR A 302 -5.25 -25.66 -43.04
C THR A 302 -4.40 -26.62 -42.24
N LEU A 303 -5.01 -27.61 -41.60
CA LEU A 303 -4.23 -28.62 -40.91
C LEU A 303 -3.34 -29.39 -41.88
N GLN A 304 -3.87 -29.74 -43.05
CA GLN A 304 -3.08 -30.44 -44.06
C GLN A 304 -1.96 -29.56 -44.59
N LYS A 305 -2.23 -28.27 -44.78
CA LYS A 305 -1.19 -27.37 -45.25
C LYS A 305 -0.09 -27.20 -44.21
N VAL A 306 -0.47 -27.14 -42.93
CA VAL A 306 0.52 -27.21 -41.87
C VAL A 306 1.29 -28.51 -41.96
N GLY A 307 0.62 -29.57 -42.40
CA GLY A 307 1.32 -30.83 -42.66
C GLY A 307 2.40 -30.69 -43.70
N ILE A 308 2.08 -30.01 -44.82
CA ILE A 308 3.08 -29.89 -45.87
C ILE A 308 4.24 -29.02 -45.40
N GLU A 309 3.95 -27.96 -44.64
CA GLU A 309 5.03 -27.12 -44.15
C GLU A 309 5.83 -27.81 -43.05
N LEU A 310 5.21 -28.74 -42.32
CA LEU A 310 5.96 -29.59 -41.41
C LEU A 310 6.89 -30.51 -42.20
N GLN A 311 6.40 -31.05 -43.31
CA GLN A 311 7.26 -31.87 -44.16
C GLN A 311 8.40 -31.05 -44.77
N LYS A 312 8.20 -29.75 -44.97
CA LYS A 312 9.32 -28.92 -45.40
C LYS A 312 10.44 -28.90 -44.35
N HIS A 313 10.10 -29.08 -43.07
CA HIS A 313 11.08 -29.26 -42.01
C HIS A 313 11.28 -30.72 -41.62
N PHE A 314 10.32 -31.59 -41.92
CA PHE A 314 10.43 -33.04 -41.68
C PHE A 314 10.09 -33.80 -42.96
N PRO A 315 10.94 -33.68 -43.99
CA PRO A 315 10.62 -34.35 -45.27
C PRO A 315 10.76 -35.85 -45.24
N ASN A 316 11.22 -36.43 -44.12
CA ASN A 316 11.52 -37.86 -44.07
C ASN A 316 10.34 -38.71 -43.64
N LYS A 317 9.23 -38.11 -43.20
CA LYS A 317 8.17 -38.87 -42.54
C LYS A 317 6.81 -38.22 -42.78
N THR A 318 5.76 -39.02 -42.53
CA THR A 318 4.38 -38.56 -42.59
C THR A 318 3.92 -38.08 -41.22
N ILE A 319 2.71 -37.50 -41.19
CA ILE A 319 2.24 -36.70 -40.08
C ILE A 319 0.90 -37.23 -39.59
N LYS A 320 0.68 -37.18 -38.29
CA LYS A 320 -0.59 -37.51 -37.66
C LYS A 320 -0.86 -36.52 -36.53
N TYR A 321 -2.14 -36.40 -36.16
CA TYR A 321 -2.57 -35.59 -35.03
C TYR A 321 -3.39 -36.46 -34.08
N ASN A 322 -3.43 -36.05 -32.82
CA ASN A 322 -3.87 -36.95 -31.75
C ASN A 322 -4.72 -36.18 -30.75
N GLN A 323 -5.17 -36.91 -29.72
CA GLN A 323 -5.94 -36.36 -28.63
C GLN A 323 -5.06 -35.46 -27.75
N SER A 324 -5.71 -34.62 -26.95
CA SER A 324 -5.03 -33.68 -26.06
C SER A 324 -4.12 -34.40 -25.07
N ALA A 325 -3.28 -33.64 -24.38
CA ALA A 325 -2.24 -34.24 -23.55
C ALA A 325 -2.80 -35.06 -22.40
N GLY A 326 -3.80 -34.53 -21.69
CA GLY A 326 -4.38 -35.23 -20.56
C GLY A 326 -3.77 -34.83 -19.23
N GLY A 327 -4.48 -33.99 -18.48
CA GLY A 327 -3.96 -33.48 -17.22
C GLY A 327 -4.90 -32.46 -16.60
N ASP A 328 -4.35 -31.47 -15.91
CA ASP A 328 -5.19 -30.47 -15.26
C ASP A 328 -5.99 -29.68 -16.28
N MET A 329 -7.20 -29.28 -15.88
CA MET A 329 -8.13 -28.61 -16.78
C MET A 329 -7.54 -27.32 -17.33
N GLU A 330 -6.65 -26.68 -16.59
CA GLU A 330 -6.05 -25.44 -17.05
C GLU A 330 -5.22 -25.62 -18.33
N ILE A 331 -4.71 -26.83 -18.58
CA ILE A 331 -3.73 -27.05 -19.64
C ILE A 331 -4.27 -27.99 -20.71
N THR A 332 -5.00 -29.03 -20.31
CA THR A 332 -5.42 -30.07 -21.24
C THR A 332 -6.64 -29.69 -22.05
N THR A 333 -7.07 -28.44 -22.03
CA THR A 333 -8.23 -28.00 -22.79
C THR A 333 -7.95 -26.65 -23.40
N HIS A 334 -8.66 -26.34 -24.49
CA HIS A 334 -8.60 -25.02 -25.08
C HIS A 334 -9.41 -24.06 -24.24
N SER A 335 -8.74 -23.09 -23.62
CA SER A 335 -9.36 -22.11 -22.75
C SER A 335 -9.06 -20.72 -23.28
N PHE A 336 -10.07 -19.86 -23.31
CA PHE A 336 -9.89 -18.53 -23.88
C PHE A 336 -10.85 -17.56 -23.22
N ASN A 337 -10.35 -16.37 -22.95
CA ASN A 337 -11.16 -15.31 -22.37
C ASN A 337 -12.26 -14.97 -23.37
N CYS A 338 -13.43 -14.61 -22.85
CA CYS A 338 -14.62 -14.41 -23.69
C CYS A 338 -15.66 -13.65 -22.91
N GLY A 339 -15.81 -12.35 -23.16
CA GLY A 339 -16.91 -11.62 -22.58
C GLY A 339 -16.77 -11.28 -21.11
N GLY A 340 -16.34 -12.24 -20.29
CA GLY A 340 -16.28 -12.09 -18.85
C GLY A 340 -16.51 -13.41 -18.14
N GLU A 341 -17.15 -14.37 -18.80
CA GLU A 341 -17.28 -15.75 -18.32
C GLU A 341 -16.25 -16.62 -19.02
N PHE A 342 -15.30 -17.13 -18.25
CA PHE A 342 -14.17 -17.85 -18.83
C PHE A 342 -14.65 -19.19 -19.37
N PHE A 343 -14.23 -19.53 -20.58
CA PHE A 343 -14.58 -20.80 -21.20
C PHE A 343 -13.44 -21.80 -21.08
N TYR A 344 -13.78 -23.09 -21.13
CA TYR A 344 -12.82 -24.17 -21.26
C TYR A 344 -13.45 -25.21 -22.17
N CYS A 345 -12.75 -25.59 -23.24
CA CYS A 345 -13.31 -26.41 -24.31
C CYS A 345 -12.49 -27.66 -24.53
N ASN A 346 -13.16 -28.82 -24.52
CA ASN A 346 -12.50 -30.08 -24.83
C ASN A 346 -12.18 -30.13 -26.31
N THR A 347 -10.95 -30.54 -26.65
CA THR A 347 -10.38 -30.25 -27.95
C THR A 347 -10.27 -31.47 -28.87
N SER A 348 -10.44 -32.69 -28.36
CA SER A 348 -10.10 -33.88 -29.16
C SER A 348 -10.96 -34.00 -30.42
N ASN A 349 -12.08 -33.29 -30.49
CA ASN A 349 -12.90 -33.34 -31.68
C ASN A 349 -12.30 -32.61 -32.87
N LEU A 350 -11.19 -31.88 -32.67
CA LEU A 350 -10.53 -31.15 -33.75
C LEU A 350 -9.34 -31.88 -34.36
N PHE A 351 -8.76 -32.85 -33.64
CA PHE A 351 -7.46 -33.41 -34.03
C PHE A 351 -7.53 -34.91 -34.30
N ASN A 352 -8.65 -35.39 -34.85
CA ASN A 352 -8.71 -36.71 -35.47
C ASN A 352 -8.45 -36.52 -36.96
N GLY A 353 -7.22 -36.75 -37.39
CA GLY A 353 -6.86 -36.60 -38.78
C GLY A 353 -5.41 -36.99 -38.97
N THR A 354 -5.01 -37.03 -40.24
CA THR A 354 -3.64 -37.41 -40.57
C THR A 354 -3.29 -36.91 -41.96
N TYR A 355 -2.00 -36.98 -42.28
CA TYR A 355 -1.47 -36.57 -43.57
C TYR A 355 -0.43 -37.61 -43.99
N ASN A 356 -0.62 -38.20 -45.17
CA ASN A 356 0.24 -39.27 -45.67
C ASN A 356 1.30 -38.79 -46.66
N GLY A 357 1.42 -37.49 -46.89
CA GLY A 357 2.30 -36.96 -47.91
C GLY A 357 1.64 -36.55 -49.20
N THR A 358 0.31 -36.57 -49.27
CA THR A 358 -0.43 -36.25 -50.48
C THR A 358 -1.57 -35.29 -50.16
N TYR A 359 -1.73 -34.29 -51.01
CA TYR A 359 -2.74 -33.25 -50.84
C TYR A 359 -4.03 -33.65 -51.55
N ILE A 360 -5.15 -33.39 -50.89
CA ILE A 360 -6.48 -33.71 -51.41
C ILE A 360 -7.24 -32.40 -51.60
N SER A 361 -7.81 -32.21 -52.79
CA SER A 361 -8.56 -30.99 -53.07
C SER A 361 -9.95 -31.06 -52.47
N THR A 362 -10.53 -29.89 -52.22
CA THR A 362 -11.87 -29.75 -51.68
C THR A 362 -12.92 -29.53 -52.78
N ASN A 363 -12.51 -29.51 -54.05
CA ASN A 363 -13.43 -29.41 -55.17
C ASN A 363 -13.73 -30.80 -55.71
N SER A 364 -15.01 -31.13 -55.95
CA SER A 364 -16.25 -30.35 -55.78
C SER A 364 -16.58 -30.18 -54.30
N SER A 365 -17.43 -29.21 -54.00
CA SER A 365 -17.67 -28.78 -52.63
C SER A 365 -18.18 -29.94 -51.78
N ALA A 366 -17.56 -30.13 -50.62
CA ALA A 366 -17.96 -31.21 -49.71
C ALA A 366 -19.37 -31.00 -49.20
N ASN A 367 -19.65 -29.82 -48.65
CA ASN A 367 -20.98 -29.50 -48.16
C ASN A 367 -21.03 -28.01 -47.86
N SER A 368 -22.25 -27.47 -47.85
CA SER A 368 -22.47 -26.07 -47.51
C SER A 368 -22.52 -25.82 -46.01
N THR A 369 -22.55 -26.87 -45.17
CA THR A 369 -22.71 -26.72 -43.73
C THR A 369 -21.76 -27.60 -42.93
N SER A 370 -20.60 -27.96 -43.46
CA SER A 370 -19.66 -28.81 -42.74
C SER A 370 -19.08 -28.06 -41.54
N THR A 371 -19.45 -28.47 -40.33
CA THR A 371 -19.02 -27.80 -39.11
C THR A 371 -18.65 -28.83 -38.06
N ILE A 372 -17.54 -28.60 -37.38
CA ILE A 372 -17.08 -29.45 -36.27
C ILE A 372 -17.35 -28.69 -34.98
N THR A 373 -17.90 -29.40 -33.99
CA THR A 373 -18.39 -28.81 -32.75
C THR A 373 -17.56 -29.30 -31.57
N LEU A 374 -17.33 -28.40 -30.63
CA LEU A 374 -16.66 -28.70 -29.37
C LEU A 374 -17.67 -28.53 -28.25
N GLN A 375 -17.44 -29.18 -27.11
CA GLN A 375 -18.27 -29.01 -25.92
C GLN A 375 -17.44 -28.48 -24.78
N CYS A 376 -17.94 -27.42 -24.13
CA CYS A 376 -17.15 -26.57 -23.26
C CYS A 376 -17.77 -26.45 -21.88
N ARG A 377 -16.96 -26.61 -20.85
CA ARG A 377 -17.30 -26.34 -19.47
C ARG A 377 -17.16 -24.84 -19.19
N ILE A 378 -17.48 -24.44 -17.96
CA ILE A 378 -17.28 -23.05 -17.53
C ILE A 378 -16.83 -23.05 -16.08
N LYS A 379 -15.80 -22.27 -15.78
CA LYS A 379 -15.36 -21.98 -14.43
C LYS A 379 -15.69 -20.55 -14.08
N GLN A 380 -15.40 -20.19 -12.83
CA GLN A 380 -15.33 -18.79 -12.45
C GLN A 380 -14.15 -18.46 -11.55
N ILE A 381 -13.52 -19.45 -10.92
CA ILE A 381 -12.34 -19.25 -10.08
C ILE A 381 -11.10 -19.52 -10.91
N ILE A 382 -10.57 -18.49 -11.57
CA ILE A 382 -9.52 -18.67 -12.56
C ILE A 382 -8.18 -18.35 -11.92
N ASN A 383 -7.41 -19.38 -11.57
CA ASN A 383 -6.04 -19.19 -11.11
C ASN A 383 -5.13 -18.92 -12.31
N MET A 384 -5.34 -17.76 -12.93
CA MET A 384 -4.95 -17.59 -14.33
C MET A 384 -3.45 -17.56 -14.54
N TRP A 385 -2.67 -17.10 -13.57
CA TRP A 385 -1.22 -17.17 -13.65
C TRP A 385 -0.65 -17.56 -12.30
N GLN A 386 0.61 -17.95 -12.31
CA GLN A 386 1.33 -18.20 -11.08
C GLN A 386 1.87 -16.87 -10.54
N GLY A 387 1.27 -16.40 -9.45
CA GLY A 387 1.66 -15.15 -8.84
C GLY A 387 0.81 -13.96 -9.21
N VAL A 388 -0.45 -14.17 -9.61
CA VAL A 388 -1.36 -13.09 -9.96
C VAL A 388 -2.21 -12.71 -8.76
N GLY A 389 -1.80 -13.13 -7.57
CA GLY A 389 -2.69 -13.07 -6.43
C GLY A 389 -3.76 -14.12 -6.44
N ARG A 390 -3.84 -14.95 -7.49
CA ARG A 390 -4.80 -16.02 -7.75
C ARG A 390 -6.24 -15.72 -7.36
N CYS A 391 -7.13 -16.65 -7.69
CA CYS A 391 -8.55 -16.58 -7.39
C CYS A 391 -9.15 -15.23 -7.81
N MET A 392 -9.13 -14.98 -9.10
CA MET A 392 -9.76 -13.78 -9.67
C MET A 392 -11.19 -14.12 -10.02
N TYR A 393 -12.06 -14.13 -9.00
CA TYR A 393 -13.47 -14.47 -9.18
C TYR A 393 -14.09 -13.55 -10.22
N ALA A 394 -14.65 -14.13 -11.28
CA ALA A 394 -15.19 -13.35 -12.39
C ALA A 394 -16.71 -13.26 -12.26
N PRO A 395 -17.31 -12.07 -12.20
CA PRO A 395 -18.76 -12.01 -12.08
C PRO A 395 -19.41 -12.40 -13.39
N PRO A 396 -20.65 -12.90 -13.36
CA PRO A 396 -21.24 -13.45 -14.57
C PRO A 396 -22.06 -12.42 -15.34
N ILE A 397 -21.78 -12.26 -16.63
CA ILE A 397 -22.48 -11.23 -17.39
C ILE A 397 -23.81 -11.78 -17.88
N ALA A 398 -24.86 -11.00 -17.67
CA ALA A 398 -26.22 -11.45 -17.92
C ALA A 398 -26.47 -11.64 -19.42
N GLY A 399 -27.63 -12.19 -19.74
CA GLY A 399 -28.01 -12.39 -21.12
C GLY A 399 -27.28 -13.54 -21.77
N ASN A 400 -27.18 -13.51 -23.09
CA ASN A 400 -26.47 -14.52 -23.86
C ASN A 400 -25.37 -13.84 -24.66
N ILE A 401 -24.28 -14.58 -24.88
CA ILE A 401 -23.00 -14.00 -25.27
C ILE A 401 -22.44 -14.73 -26.48
N THR A 402 -21.50 -14.07 -27.16
CA THR A 402 -20.86 -14.61 -28.34
C THR A 402 -19.46 -14.04 -28.45
N CYS A 403 -18.56 -14.80 -29.06
CA CYS A 403 -17.16 -14.42 -29.18
C CYS A 403 -16.64 -14.74 -30.59
N ARG A 404 -17.36 -14.27 -31.60
CA ARG A 404 -16.95 -14.44 -32.99
C ARG A 404 -15.51 -13.95 -33.20
N SER A 405 -14.62 -14.86 -33.59
CA SER A 405 -13.19 -14.60 -33.55
C SER A 405 -12.47 -15.31 -34.69
N ASN A 406 -11.20 -14.93 -34.88
CA ASN A 406 -10.34 -15.48 -35.93
C ASN A 406 -9.13 -16.14 -35.29
N ILE A 407 -8.86 -17.40 -35.65
CA ILE A 407 -7.61 -18.03 -35.25
C ILE A 407 -6.53 -17.66 -36.26
N THR A 408 -5.28 -17.58 -35.79
CA THR A 408 -4.15 -17.37 -36.67
C THR A 408 -2.91 -18.17 -36.31
N GLY A 409 -2.95 -19.03 -35.31
CA GLY A 409 -1.76 -19.75 -34.91
C GLY A 409 -2.11 -20.94 -34.04
N LEU A 410 -1.15 -21.85 -33.93
CA LEU A 410 -1.32 -23.08 -33.18
C LEU A 410 -0.08 -23.31 -32.32
N LEU A 411 -0.25 -24.08 -31.24
CA LEU A 411 0.86 -24.55 -30.42
C LEU A 411 0.76 -26.07 -30.29
N LEU A 412 1.76 -26.77 -30.79
CA LEU A 412 1.78 -28.24 -30.79
C LEU A 412 3.04 -28.74 -30.08
N THR A 413 2.99 -29.99 -29.64
CA THR A 413 4.13 -30.66 -29.03
C THR A 413 4.28 -32.02 -29.69
N ARG A 414 5.50 -32.36 -30.10
CA ARG A 414 5.73 -33.63 -30.77
C ARG A 414 5.62 -34.78 -29.79
N ASP A 415 4.95 -35.85 -30.21
CA ASP A 415 4.76 -37.01 -29.38
C ASP A 415 6.09 -37.74 -29.16
N GLY A 416 6.10 -38.62 -28.16
CA GLY A 416 7.25 -39.45 -27.90
C GLY A 416 7.35 -40.66 -28.82
N GLY A 417 7.46 -40.41 -30.13
CA GLY A 417 7.57 -41.50 -31.07
C GLY A 417 8.86 -42.28 -30.87
N THR A 418 8.82 -43.56 -31.28
CA THR A 418 9.96 -44.44 -31.06
C THR A 418 9.90 -45.61 -32.02
N ASN A 419 11.06 -46.26 -32.18
CA ASN A 419 11.20 -47.50 -32.94
C ASN A 419 10.76 -47.31 -34.40
N SER A 420 11.51 -46.45 -35.10
CA SER A 420 11.40 -46.29 -36.56
C SER A 420 9.97 -45.95 -36.99
N ASN A 421 9.30 -45.10 -36.23
CA ASN A 421 7.92 -44.74 -36.57
C ASN A 421 7.92 -43.83 -37.80
N GLU A 422 7.31 -44.32 -38.88
CA GLU A 422 7.18 -43.51 -40.08
C GLU A 422 6.11 -42.43 -39.95
N THR A 423 5.08 -42.68 -39.15
CA THR A 423 4.00 -41.71 -38.94
C THR A 423 4.30 -40.91 -37.69
N GLU A 424 5.15 -39.89 -37.86
CA GLU A 424 5.40 -38.95 -36.78
C GLU A 424 4.10 -38.21 -36.47
N THR A 425 3.95 -37.80 -35.21
CA THR A 425 2.70 -37.21 -34.77
C THR A 425 2.95 -36.11 -33.74
N PHE A 426 2.15 -35.06 -33.83
CA PHE A 426 2.22 -33.90 -32.95
C PHE A 426 0.89 -33.75 -32.22
N ARG A 427 0.96 -33.40 -30.92
CA ARG A 427 -0.21 -33.29 -30.06
C ARG A 427 -0.44 -31.85 -29.63
N PRO A 428 -1.68 -31.36 -29.58
CA PRO A 428 -1.89 -30.02 -29.01
C PRO A 428 -1.48 -29.96 -27.55
N ALA A 429 -0.87 -28.84 -27.18
CA ALA A 429 -0.42 -28.63 -25.81
C ALA A 429 -0.14 -27.15 -25.59
N GLY A 430 -0.81 -26.57 -24.59
CA GLY A 430 -0.49 -25.23 -24.16
C GLY A 430 0.60 -25.22 -23.12
N GLY A 431 0.88 -24.02 -22.60
CA GLY A 431 1.90 -23.91 -21.56
C GLY A 431 2.19 -22.49 -21.13
N ASP A 432 3.48 -22.17 -21.02
CA ASP A 432 3.91 -20.84 -20.60
C ASP A 432 3.33 -19.78 -21.52
N MET A 433 2.82 -18.71 -20.91
CA MET A 433 2.15 -17.68 -21.67
C MET A 433 3.15 -16.72 -22.32
N ARG A 434 4.45 -16.87 -22.02
CA ARG A 434 5.45 -16.14 -22.80
C ARG A 434 5.31 -16.44 -24.28
N ASP A 435 4.95 -17.68 -24.63
CA ASP A 435 4.88 -18.08 -26.03
C ASP A 435 3.87 -17.24 -26.81
N ASN A 436 2.70 -16.95 -26.23
CA ASN A 436 1.68 -16.23 -26.98
C ASN A 436 2.17 -14.84 -27.40
N TRP A 437 2.86 -14.14 -26.50
CA TRP A 437 3.47 -12.87 -26.90
C TRP A 437 4.75 -13.10 -27.69
N ARG A 438 5.45 -14.20 -27.41
CA ARG A 438 6.64 -14.51 -28.21
C ARG A 438 6.27 -14.78 -29.66
N SER A 439 5.07 -15.30 -29.90
CA SER A 439 4.60 -15.53 -31.26
C SER A 439 4.12 -14.30 -31.93
N GLU A 440 4.26 -13.10 -31.36
CA GLU A 440 3.86 -11.87 -32.03
C GLU A 440 5.01 -10.87 -32.05
N LEU A 441 5.92 -10.96 -31.09
CA LEU A 441 7.01 -10.00 -30.95
C LEU A 441 8.32 -10.46 -31.58
N TYR A 442 8.34 -11.54 -32.35
CA TYR A 442 9.59 -12.02 -32.92
C TYR A 442 10.18 -11.02 -33.90
N LYS A 443 9.35 -10.18 -34.50
CA LYS A 443 9.81 -9.30 -35.56
C LYS A 443 10.74 -8.21 -35.07
N TYR A 444 10.79 -7.95 -33.77
CA TYR A 444 11.44 -6.77 -33.23
C TYR A 444 12.68 -7.12 -32.43
N LYS A 445 13.65 -6.22 -32.45
CA LYS A 445 14.81 -6.24 -31.57
C LYS A 445 15.06 -4.82 -31.09
N VAL A 446 15.63 -4.67 -29.89
CA VAL A 446 15.93 -3.37 -29.30
C VAL A 446 17.43 -3.17 -29.31
N VAL A 447 17.86 -2.01 -29.79
CA VAL A 447 19.27 -1.70 -29.99
C VAL A 447 19.59 -0.36 -29.36
N LYS A 448 20.84 -0.21 -28.92
CA LYS A 448 21.34 1.00 -28.30
C LYS A 448 22.20 1.75 -29.32
N ILE A 449 21.74 2.94 -29.71
CA ILE A 449 22.57 3.78 -30.56
C ILE A 449 23.78 4.21 -29.77
N GLU A 450 24.96 3.90 -30.30
CA GLU A 450 26.23 4.30 -29.68
C GLU A 450 26.85 5.40 -30.54
N PRO A 451 26.37 6.64 -30.42
CA PRO A 451 26.59 7.61 -31.48
C PRO A 451 28.04 8.04 -31.69
N LEU A 452 28.93 7.77 -30.75
CA LEU A 452 30.29 8.31 -30.79
C LEU A 452 31.22 7.31 -31.45
N GLY A 453 32.02 7.79 -32.41
CA GLY A 453 32.94 6.95 -33.13
C GLY A 453 34.22 7.71 -33.46
N VAL A 454 35.24 6.94 -33.83
CA VAL A 454 36.58 7.45 -34.09
C VAL A 454 37.08 6.86 -35.40
N ALA A 455 37.98 7.59 -36.06
CA ALA A 455 38.65 7.08 -37.25
C ALA A 455 39.84 7.99 -37.56
N PRO A 456 40.80 7.52 -38.34
CA PRO A 456 41.87 8.41 -38.81
C PRO A 456 41.38 9.32 -39.93
N THR A 457 42.26 10.23 -40.32
CA THR A 457 41.99 11.13 -41.44
C THR A 457 43.26 11.89 -41.78
N ARG A 458 43.25 12.56 -42.93
CA ARG A 458 44.34 13.44 -43.33
C ARG A 458 44.25 14.81 -42.67
N CYS A 459 43.15 15.11 -41.98
CA CYS A 459 42.98 16.36 -41.28
C CYS A 459 43.80 16.38 -39.99
N LYS A 460 44.01 17.58 -39.45
CA LYS A 460 44.63 17.74 -38.14
C LYS A 460 44.26 19.09 -37.57
N ARG A 461 44.34 19.20 -36.24
CA ARG A 461 43.93 20.43 -35.57
C ARG A 461 44.96 21.53 -35.76
N ARG A 462 44.49 22.72 -36.09
CA ARG A 462 45.36 23.88 -36.11
C ARG A 462 45.64 24.37 -34.70
N VAL A 463 46.85 24.90 -34.50
CA VAL A 463 47.24 25.43 -33.20
C VAL A 463 46.55 26.77 -32.95
N LEU B 9 17.08 12.28 -44.78
CA LEU B 9 17.20 10.85 -44.99
C LEU B 9 16.38 10.04 -44.00
N GLY B 10 16.21 10.54 -42.78
CA GLY B 10 15.56 9.82 -41.70
C GLY B 10 16.43 9.73 -40.46
N PHE B 11 15.87 9.11 -39.43
CA PHE B 11 16.58 9.00 -38.16
C PHE B 11 17.84 8.17 -38.31
N LEU B 12 17.71 6.98 -38.91
CA LEU B 12 18.83 6.09 -39.18
C LEU B 12 18.95 5.75 -40.66
N GLY B 13 18.55 6.66 -41.55
CA GLY B 13 18.66 6.39 -42.97
C GLY B 13 20.07 6.25 -43.46
N ALA B 14 21.03 6.88 -42.79
CA ALA B 14 22.42 6.86 -43.23
C ALA B 14 23.09 5.51 -43.01
N ALA B 15 22.46 4.58 -42.30
CA ALA B 15 23.10 3.30 -42.03
C ALA B 15 23.27 2.49 -43.30
N GLY B 16 24.34 1.71 -43.34
CA GLY B 16 24.60 0.83 -44.48
C GLY B 16 25.40 1.48 -45.58
N SER B 17 25.05 2.70 -45.94
CA SER B 17 25.71 3.40 -47.04
C SER B 17 27.14 3.77 -46.63
N THR B 18 27.82 4.50 -47.51
CA THR B 18 29.23 4.81 -47.33
C THR B 18 29.45 5.72 -46.13
N MET B 19 30.72 5.99 -45.85
CA MET B 19 31.08 6.87 -44.75
C MET B 19 30.94 8.35 -45.09
N GLY B 20 30.48 8.68 -46.29
CA GLY B 20 30.36 10.08 -46.67
C GLY B 20 29.43 10.86 -45.76
N ALA B 21 28.26 10.29 -45.45
CA ALA B 21 27.32 10.94 -44.53
C ALA B 21 27.90 10.91 -43.13
N ALA B 22 27.84 12.04 -42.42
CA ALA B 22 28.40 12.12 -41.08
C ALA B 22 27.71 13.22 -40.29
N SER B 23 27.75 13.08 -38.97
CA SER B 23 27.35 14.13 -38.01
C SER B 23 25.89 14.55 -38.20
N MET B 24 25.01 13.60 -37.90
CA MET B 24 23.57 13.85 -37.93
C MET B 24 22.92 12.91 -36.92
N THR B 25 21.59 12.86 -36.92
CA THR B 25 20.81 11.95 -36.06
C THR B 25 20.89 12.32 -34.59
N LEU B 26 21.33 13.55 -34.26
CA LEU B 26 21.43 13.93 -32.86
C LEU B 26 20.17 14.61 -32.35
N THR B 27 19.38 15.19 -33.25
CA THR B 27 18.29 16.07 -32.81
C THR B 27 17.20 15.32 -32.06
N VAL B 28 17.15 13.99 -32.17
CA VAL B 28 15.98 13.25 -31.70
C VAL B 28 15.96 13.25 -30.17
N GLN B 29 14.81 13.63 -29.61
CA GLN B 29 14.58 13.61 -28.17
C GLN B 29 13.07 13.57 -27.98
N ALA B 30 12.56 12.45 -27.50
CA ALA B 30 11.14 12.15 -27.63
C ALA B 30 10.26 13.07 -26.78
N ARG B 31 8.98 13.14 -27.16
CA ARG B 31 7.98 13.85 -26.38
C ARG B 31 7.39 12.94 -25.31
N ASN B 32 6.79 13.54 -24.28
CA ASN B 32 6.31 12.80 -23.13
C ASN B 32 5.09 13.51 -22.53
N LEU B 33 4.37 12.78 -21.67
CA LEU B 33 3.23 13.31 -20.93
C LEU B 33 3.19 12.64 -19.56
N LEU B 34 2.36 13.19 -18.66
CA LEU B 34 2.35 12.87 -17.24
C LEU B 34 2.24 11.38 -16.93
N SER B 35 2.61 11.00 -15.69
CA SER B 35 2.72 9.61 -15.27
C SER B 35 2.02 9.38 -13.93
N GLY B 36 1.48 8.17 -13.76
CA GLY B 36 0.78 7.77 -12.56
C GLY B 36 1.48 6.66 -11.78
N THR B 37 1.08 5.41 -12.03
CA THR B 37 1.68 4.26 -11.39
C THR B 37 1.53 3.07 -12.34
N VAL B 38 2.29 2.01 -12.08
CA VAL B 38 2.32 0.75 -12.84
C VAL B 38 3.13 0.97 -14.12
N TRP B 39 2.59 1.78 -15.03
CA TRP B 39 3.30 2.21 -16.23
C TRP B 39 3.72 3.68 -16.23
N GLY B 40 3.65 4.35 -15.08
CA GLY B 40 4.15 5.71 -14.99
C GLY B 40 5.62 5.75 -14.62
N ILE B 41 5.96 5.05 -13.53
CA ILE B 41 7.34 5.07 -13.08
C ILE B 41 8.24 4.41 -14.11
N LYS B 42 7.72 3.49 -14.91
CA LYS B 42 8.51 2.93 -15.99
C LYS B 42 8.84 3.98 -17.04
N GLN B 43 7.98 4.99 -17.20
CA GLN B 43 8.29 6.10 -18.10
C GLN B 43 9.33 7.02 -17.49
N LEU B 44 9.19 7.33 -16.20
CA LEU B 44 10.16 8.21 -15.55
C LEU B 44 11.56 7.61 -15.55
N GLN B 45 11.64 6.30 -15.30
CA GLN B 45 12.92 5.60 -15.25
C GLN B 45 13.58 5.48 -16.61
N ALA B 46 12.85 5.73 -17.70
CA ALA B 46 13.46 5.84 -19.02
C ALA B 46 13.88 7.27 -19.34
N ARG B 47 13.10 8.26 -18.89
CA ARG B 47 13.51 9.65 -19.12
C ARG B 47 14.84 9.95 -18.45
N VAL B 48 15.01 9.53 -17.20
CA VAL B 48 16.25 9.84 -16.48
C VAL B 48 17.35 8.85 -16.83
N LEU B 49 17.12 8.01 -17.85
CA LEU B 49 18.21 7.30 -18.51
C LEU B 49 18.60 7.97 -19.81
N ALA B 50 17.62 8.50 -20.54
CA ALA B 50 17.94 9.26 -21.74
C ALA B 50 18.82 10.46 -21.41
N VAL B 51 18.42 11.26 -20.43
CA VAL B 51 19.21 12.44 -20.08
C VAL B 51 20.58 12.02 -19.55
N GLU B 52 20.62 10.92 -18.80
CA GLU B 52 21.88 10.45 -18.25
C GLU B 52 22.85 10.08 -19.36
N ARG B 53 22.38 9.32 -20.35
CA ARG B 53 23.22 8.95 -21.47
C ARG B 53 23.70 10.20 -22.21
N TYR B 54 22.80 11.16 -22.40
CA TYR B 54 23.20 12.35 -23.15
C TYR B 54 24.30 13.13 -22.45
N LEU B 55 24.19 13.32 -21.14
CA LEU B 55 25.25 14.07 -20.46
C LEU B 55 26.55 13.27 -20.37
N ARG B 56 26.48 11.97 -20.11
CA ARG B 56 27.70 11.17 -20.07
C ARG B 56 28.38 11.13 -21.42
N ASP B 57 27.61 11.28 -22.50
CA ASP B 57 28.22 11.45 -23.82
C ASP B 57 28.79 12.86 -24.00
N GLN B 58 28.07 13.87 -23.51
CA GLN B 58 28.50 15.26 -23.65
C GLN B 58 29.87 15.48 -23.04
N GLN B 59 30.17 14.76 -21.96
CA GLN B 59 31.45 14.91 -21.27
C GLN B 59 32.63 14.77 -22.22
N LEU B 60 32.63 13.73 -23.05
CA LEU B 60 33.82 13.43 -23.83
C LEU B 60 34.07 14.48 -24.91
N LEU B 61 33.02 14.93 -25.59
CA LEU B 61 33.21 15.99 -26.56
C LEU B 61 33.49 17.33 -25.88
N GLY B 62 33.08 17.49 -24.63
CA GLY B 62 33.40 18.70 -23.91
C GLY B 62 34.86 18.80 -23.53
N ILE B 63 35.39 17.74 -22.93
CA ILE B 63 36.74 17.82 -22.38
C ILE B 63 37.79 17.69 -23.47
N TRP B 64 37.45 17.11 -24.62
CA TRP B 64 38.40 16.94 -25.70
C TRP B 64 38.61 18.20 -26.53
N GLY B 65 38.04 19.33 -26.13
CA GLY B 65 38.16 20.54 -26.92
C GLY B 65 37.43 20.37 -28.24
N CYS B 66 36.14 20.00 -28.15
CA CYS B 66 35.31 19.80 -29.33
C CYS B 66 33.92 20.42 -29.11
N SER B 67 33.90 21.68 -28.68
CA SER B 67 32.68 22.47 -28.84
C SER B 67 32.35 22.55 -30.33
N GLY B 68 31.09 22.83 -30.64
CA GLY B 68 30.69 22.67 -32.02
C GLY B 68 30.68 21.19 -32.34
N LYS B 69 29.70 20.49 -31.78
CA LYS B 69 29.72 19.04 -31.63
C LYS B 69 29.77 18.25 -32.93
N LEU B 70 29.79 18.92 -34.08
CA LEU B 70 30.04 18.24 -35.34
C LEU B 70 31.50 17.83 -35.41
N ILE B 71 31.96 17.37 -36.57
CA ILE B 71 33.27 16.74 -36.68
C ILE B 71 34.36 17.71 -36.27
N CYS B 72 35.23 17.27 -35.36
CA CYS B 72 36.34 18.05 -34.84
C CYS B 72 37.61 17.24 -34.96
N CYS B 73 38.67 17.85 -35.50
CA CYS B 73 39.94 17.18 -35.61
C CYS B 73 40.79 17.44 -34.37
N THR B 74 41.86 16.66 -34.23
CA THR B 74 42.59 16.52 -32.98
C THR B 74 44.08 16.69 -33.23
N ASN B 75 44.84 16.77 -32.13
CA ASN B 75 46.28 16.95 -32.16
C ASN B 75 47.04 15.71 -31.72
N VAL B 76 46.48 14.52 -31.95
CA VAL B 76 47.12 13.26 -31.62
C VAL B 76 47.33 12.51 -32.93
N PRO B 77 48.56 12.16 -33.31
CA PRO B 77 48.74 11.40 -34.56
C PRO B 77 48.18 10.00 -34.42
N TRP B 78 47.67 9.48 -35.53
CA TRP B 78 47.13 8.13 -35.54
C TRP B 78 48.24 7.10 -35.42
N ASN B 79 48.03 6.08 -34.60
CA ASN B 79 48.92 4.93 -34.57
C ASN B 79 48.47 3.97 -35.66
N SER B 80 49.30 3.82 -36.69
CA SER B 80 48.91 3.01 -37.85
C SER B 80 48.75 1.53 -37.50
N SER B 81 49.42 1.08 -36.43
CA SER B 81 49.42 -0.33 -36.08
C SER B 81 48.02 -0.88 -35.80
N TRP B 82 47.06 -0.01 -35.47
CA TRP B 82 45.71 -0.46 -35.18
C TRP B 82 45.03 -1.10 -36.39
N SER B 83 45.12 -0.49 -37.58
CA SER B 83 44.50 -1.07 -38.77
C SER B 83 45.45 -1.14 -39.97
N ASN B 84 46.28 -0.12 -40.18
CA ASN B 84 47.14 -0.03 -41.35
C ASN B 84 46.35 -0.14 -42.66
N ARG B 85 45.09 0.30 -42.66
CA ARG B 85 44.21 0.09 -43.80
C ARG B 85 44.22 1.29 -44.74
N ASN B 86 43.95 1.02 -46.02
CA ASN B 86 43.98 2.06 -47.04
C ASN B 86 42.82 3.02 -46.87
N LEU B 87 43.07 4.30 -47.15
CA LEU B 87 42.02 5.30 -47.01
C LEU B 87 40.93 5.12 -48.06
N SER B 88 41.30 4.90 -49.32
CA SER B 88 40.30 4.78 -50.37
C SER B 88 39.42 3.56 -50.16
N GLU B 89 39.94 2.53 -49.50
CA GLU B 89 39.21 1.30 -49.23
C GLU B 89 38.28 1.43 -48.02
N ILE B 90 38.07 2.64 -47.49
CA ILE B 90 37.16 2.86 -46.38
C ILE B 90 36.12 3.90 -46.76
N TRP B 91 36.55 5.13 -47.03
CA TRP B 91 35.63 6.26 -46.98
C TRP B 91 34.67 6.32 -48.17
N ASP B 92 34.74 5.37 -49.10
CA ASP B 92 33.82 5.33 -50.24
C ASP B 92 33.12 3.98 -50.40
N ASN B 93 33.51 2.95 -49.63
CA ASN B 93 32.87 1.65 -49.73
C ASN B 93 32.56 1.03 -48.36
N MET B 94 33.30 1.42 -47.33
CA MET B 94 33.01 0.92 -45.98
C MET B 94 31.81 1.67 -45.41
N THR B 95 31.12 1.03 -44.46
CA THR B 95 30.01 1.63 -43.73
C THR B 95 30.31 1.55 -42.24
N TRP B 96 29.89 2.59 -41.50
CA TRP B 96 30.23 2.70 -40.08
C TRP B 96 29.78 1.51 -39.27
N LEU B 97 28.63 0.93 -39.63
CA LEU B 97 27.97 -0.12 -38.87
C LEU B 97 28.87 -1.34 -38.64
N GLN B 98 29.86 -1.54 -39.51
CA GLN B 98 30.87 -2.56 -39.32
C GLN B 98 32.28 -2.00 -39.17
N TRP B 99 32.51 -0.73 -39.51
CA TRP B 99 33.81 -0.11 -39.21
C TRP B 99 34.03 0.00 -37.72
N ASP B 100 32.94 0.05 -36.93
CA ASP B 100 33.10 0.10 -35.48
C ASP B 100 33.86 -1.11 -34.95
N LYS B 101 33.75 -2.25 -35.63
CA LYS B 101 34.45 -3.44 -35.18
C LYS B 101 35.96 -3.24 -35.18
N GLU B 102 36.48 -2.56 -36.21
CA GLU B 102 37.91 -2.49 -36.43
C GLU B 102 38.61 -1.45 -35.55
N ILE B 103 37.87 -0.61 -34.84
CA ILE B 103 38.45 0.44 -34.01
C ILE B 103 38.04 0.33 -32.54
N SER B 104 36.96 -0.38 -32.23
CA SER B 104 36.39 -0.33 -30.88
C SER B 104 37.34 -0.90 -29.84
N ASN B 105 38.17 -1.87 -30.22
CA ASN B 105 39.01 -2.55 -29.24
C ASN B 105 40.05 -1.62 -28.60
N TYR B 106 40.33 -0.47 -29.21
CA TYR B 106 41.36 0.45 -28.73
C TYR B 106 40.80 1.78 -28.25
N THR B 107 39.48 1.91 -28.12
CA THR B 107 38.88 3.19 -27.75
C THR B 107 39.33 3.62 -26.36
N GLN B 108 39.45 2.67 -25.43
CA GLN B 108 39.79 3.00 -24.06
C GLN B 108 41.17 3.64 -23.96
N ILE B 109 42.07 3.33 -24.89
CA ILE B 109 43.37 3.95 -24.93
C ILE B 109 43.29 5.30 -25.63
N ILE B 110 42.54 5.35 -26.74
CA ILE B 110 42.48 6.54 -27.57
C ILE B 110 41.92 7.70 -26.78
N TYR B 111 40.92 7.43 -25.94
CA TYR B 111 40.33 8.49 -25.14
C TYR B 111 41.35 9.07 -24.16
N GLY B 112 42.17 8.22 -23.53
CA GLY B 112 43.20 8.73 -22.66
C GLY B 112 44.21 9.58 -23.40
N LEU B 113 44.62 9.14 -24.60
CA LEU B 113 45.54 9.94 -25.39
C LEU B 113 44.95 11.29 -25.73
N LEU B 114 43.68 11.33 -26.13
CA LEU B 114 43.06 12.60 -26.45
C LEU B 114 42.97 13.49 -25.23
N GLU B 115 42.63 12.92 -24.08
CA GLU B 115 42.50 13.70 -22.86
C GLU B 115 43.82 14.38 -22.52
N GLU B 116 44.90 13.59 -22.47
CA GLU B 116 46.20 14.15 -22.10
C GLU B 116 46.66 15.17 -23.14
N SER B 117 46.43 14.89 -24.43
CA SER B 117 46.89 15.82 -25.45
C SER B 117 46.14 17.15 -25.39
N GLN B 118 44.82 17.10 -25.18
CA GLN B 118 44.05 18.33 -25.05
C GLN B 118 44.49 19.12 -23.83
N ASN B 119 44.72 18.43 -22.71
CA ASN B 119 45.18 19.14 -21.52
C ASN B 119 46.55 19.75 -21.75
N GLN B 120 47.41 19.08 -22.50
CA GLN B 120 48.74 19.63 -22.78
C GLN B 120 48.63 20.87 -23.68
N GLN B 121 47.74 20.83 -24.66
CA GLN B 121 47.53 22.02 -25.48
C GLN B 121 47.01 23.17 -24.63
N GLU B 122 46.12 22.87 -23.68
CA GLU B 122 45.64 23.93 -22.79
C GLU B 122 46.77 24.44 -21.89
N LYS B 123 47.68 23.57 -21.48
CA LYS B 123 48.84 24.02 -20.71
C LYS B 123 49.69 24.98 -21.54
N ASN B 124 49.90 24.64 -22.81
CA ASN B 124 50.67 25.51 -23.68
C ASN B 124 49.97 26.85 -23.85
N GLU B 125 48.65 26.83 -24.00
CA GLU B 125 47.90 28.08 -24.12
C GLU B 125 47.95 28.89 -22.83
N GLN B 126 47.99 28.21 -21.68
CA GLN B 126 48.17 28.89 -20.40
C GLN B 126 49.49 29.63 -20.37
N ASP B 127 50.57 28.93 -20.74
CA ASP B 127 51.89 29.55 -20.66
C ASP B 127 52.04 30.67 -21.67
N LEU B 128 51.55 30.47 -22.90
CA LEU B 128 51.75 31.44 -23.97
C LEU B 128 51.08 32.77 -23.64
N LEU B 129 49.86 32.73 -23.14
CA LEU B 129 49.14 33.97 -22.84
C LEU B 129 49.59 34.59 -21.52
N ALA B 130 50.33 33.85 -20.70
CA ALA B 130 50.86 34.44 -19.47
C ALA B 130 51.85 35.56 -19.75
N LEU B 131 52.45 35.57 -20.95
CA LEU B 131 53.38 36.64 -21.30
C LEU B 131 52.67 37.98 -21.53
N ASP B 132 51.41 37.96 -21.92
CA ASP B 132 50.64 39.18 -22.15
C ASP B 132 49.77 39.52 -20.94
N GLN C 1 -50.51 -37.87 -39.72
CA GLN C 1 -49.45 -38.66 -39.03
C GLN C 1 -49.52 -38.45 -37.53
N VAL C 2 -49.12 -37.24 -37.09
CA VAL C 2 -49.02 -36.96 -35.67
C VAL C 2 -50.38 -36.59 -35.11
N GLN C 3 -50.70 -37.11 -33.94
CA GLN C 3 -51.91 -36.73 -33.22
C GLN C 3 -51.62 -36.81 -31.73
N LEU C 4 -52.43 -36.10 -30.94
CA LEU C 4 -52.27 -36.04 -29.49
C LEU C 4 -53.62 -36.30 -28.85
N VAL C 5 -53.69 -37.36 -28.04
CA VAL C 5 -54.90 -37.72 -27.32
C VAL C 5 -54.90 -37.02 -25.97
N GLN C 6 -56.09 -36.59 -25.52
CA GLN C 6 -56.24 -35.87 -24.27
C GLN C 6 -57.35 -36.50 -23.44
N SER C 7 -57.27 -36.31 -22.12
CA SER C 7 -58.27 -36.85 -21.22
C SER C 7 -59.59 -36.11 -21.37
N GLY C 8 -60.68 -36.82 -21.11
CA GLY C 8 -62.01 -36.30 -21.36
C GLY C 8 -62.40 -35.18 -20.42
N ALA C 9 -63.55 -34.59 -20.71
CA ALA C 9 -64.05 -33.46 -19.94
C ALA C 9 -64.50 -33.92 -18.55
N GLU C 10 -64.56 -32.97 -17.62
CA GLU C 10 -65.01 -33.26 -16.27
C GLU C 10 -65.51 -31.99 -15.61
N MET C 11 -66.20 -32.17 -14.50
CA MET C 11 -66.78 -31.08 -13.71
C MET C 11 -66.06 -31.00 -12.36
N LYS C 12 -65.89 -29.78 -11.86
CA LYS C 12 -65.30 -29.55 -10.55
C LYS C 12 -65.96 -28.35 -9.91
N LYS C 13 -65.81 -28.23 -8.57
CA LYS C 13 -66.28 -27.09 -7.80
C LYS C 13 -65.13 -26.12 -7.54
N PRO C 14 -65.41 -24.85 -7.24
CA PRO C 14 -64.31 -23.88 -7.07
C PRO C 14 -63.38 -24.26 -5.93
N GLY C 15 -62.10 -23.97 -6.11
CA GLY C 15 -61.07 -24.35 -5.17
C GLY C 15 -60.54 -25.76 -5.34
N ALA C 16 -61.04 -26.51 -6.32
CA ALA C 16 -60.62 -27.89 -6.53
C ALA C 16 -59.38 -27.96 -7.41
N SER C 17 -59.03 -29.17 -7.87
CA SER C 17 -57.85 -29.41 -8.68
C SER C 17 -58.24 -30.28 -9.87
N VAL C 18 -57.42 -30.22 -10.92
CA VAL C 18 -57.66 -30.95 -12.15
C VAL C 18 -56.32 -31.43 -12.69
N LYS C 19 -56.31 -32.64 -13.28
CA LYS C 19 -55.10 -33.23 -13.86
C LYS C 19 -55.46 -33.78 -15.24
N VAL C 20 -55.22 -32.97 -16.28
CA VAL C 20 -55.48 -33.37 -17.65
C VAL C 20 -54.21 -33.97 -18.24
N SER C 21 -54.36 -35.11 -18.92
CA SER C 21 -53.25 -35.79 -19.57
C SER C 21 -53.20 -35.46 -21.05
N CYS C 22 -52.06 -35.74 -21.66
CA CYS C 22 -51.86 -35.54 -23.10
C CYS C 22 -50.91 -36.62 -23.60
N LYS C 23 -51.44 -37.58 -24.36
CA LYS C 23 -50.69 -38.72 -24.85
C LYS C 23 -50.33 -38.50 -26.31
N ALA C 24 -49.13 -38.92 -26.69
CA ALA C 24 -48.59 -38.64 -28.01
C ALA C 24 -48.84 -39.80 -28.97
N SER C 25 -48.59 -39.54 -30.25
CA SER C 25 -48.69 -40.55 -31.29
C SER C 25 -48.14 -39.99 -32.60
N GLY C 26 -47.44 -40.85 -33.34
CA GLY C 26 -46.93 -40.51 -34.64
C GLY C 26 -45.56 -39.88 -34.68
N TYR C 27 -44.95 -39.59 -33.53
CA TYR C 27 -43.62 -39.01 -33.50
C TYR C 27 -42.97 -39.34 -32.17
N THR C 28 -41.65 -39.18 -32.13
CA THR C 28 -40.91 -39.55 -30.92
C THR C 28 -41.21 -38.52 -29.84
N PHE C 29 -41.69 -38.99 -28.69
CA PHE C 29 -42.11 -38.09 -27.63
C PHE C 29 -40.95 -37.25 -27.09
N THR C 30 -39.72 -37.72 -27.22
CA THR C 30 -38.57 -36.97 -26.71
C THR C 30 -38.25 -35.77 -27.59
N ASP C 31 -38.34 -35.93 -28.91
CA ASP C 31 -37.58 -35.08 -29.83
C ASP C 31 -38.31 -33.80 -30.20
N TYR C 32 -39.43 -33.47 -29.57
CA TYR C 32 -40.08 -32.18 -29.73
C TYR C 32 -40.58 -31.70 -28.39
N TYR C 33 -40.66 -30.39 -28.22
CA TYR C 33 -41.30 -29.83 -27.05
C TYR C 33 -42.78 -30.20 -27.04
N ILE C 34 -43.42 -30.04 -25.89
CA ILE C 34 -44.85 -30.28 -25.72
C ILE C 34 -45.46 -29.04 -25.09
N HIS C 35 -46.72 -28.75 -25.43
CA HIS C 35 -47.27 -27.42 -25.28
C HIS C 35 -48.70 -27.46 -24.79
N TRP C 36 -49.15 -26.35 -24.18
CA TRP C 36 -50.51 -26.21 -23.68
C TRP C 36 -50.99 -24.78 -23.81
N VAL C 37 -52.18 -24.62 -24.39
CA VAL C 37 -52.85 -23.33 -24.51
C VAL C 37 -54.29 -23.49 -24.06
N ARG C 38 -54.82 -22.43 -23.46
CA ARG C 38 -56.13 -22.43 -22.81
C ARG C 38 -57.09 -21.56 -23.61
N GLN C 39 -58.33 -22.01 -23.73
CA GLN C 39 -59.38 -21.28 -24.42
C GLN C 39 -60.66 -21.37 -23.62
N ALA C 40 -61.05 -20.28 -23.00
CA ALA C 40 -62.39 -20.22 -22.42
C ALA C 40 -63.42 -20.26 -23.54
N PRO C 41 -64.62 -20.80 -23.29
CA PRO C 41 -65.58 -20.95 -24.39
C PRO C 41 -66.01 -19.59 -24.94
N GLY C 42 -66.03 -19.48 -26.26
CA GLY C 42 -66.38 -18.23 -26.89
C GLY C 42 -65.46 -17.09 -26.59
N GLN C 43 -64.19 -17.37 -26.28
CA GLN C 43 -63.21 -16.35 -25.93
C GLN C 43 -61.89 -16.67 -26.62
N GLY C 44 -60.96 -15.72 -26.51
CA GLY C 44 -59.68 -15.87 -27.18
C GLY C 44 -58.80 -16.92 -26.52
N LEU C 45 -57.67 -17.19 -27.19
CA LEU C 45 -56.74 -18.20 -26.72
C LEU C 45 -55.84 -17.63 -25.63
N GLU C 46 -55.09 -18.53 -24.98
CA GLU C 46 -54.16 -18.12 -23.94
C GLU C 46 -53.13 -19.22 -23.75
N TRP C 47 -51.98 -18.85 -23.18
CA TRP C 47 -50.84 -19.74 -22.99
C TRP C 47 -50.72 -20.16 -21.53
N MET C 48 -50.26 -21.40 -21.32
CA MET C 48 -50.06 -21.96 -19.99
C MET C 48 -48.60 -22.26 -19.66
N GLY C 49 -47.91 -23.08 -20.45
CA GLY C 49 -46.57 -23.49 -20.06
C GLY C 49 -45.88 -24.31 -21.13
N TRP C 50 -44.75 -24.90 -20.72
CA TRP C 50 -43.89 -25.70 -21.59
C TRP C 50 -43.31 -26.85 -20.77
N ILE C 51 -42.92 -27.93 -21.45
CA ILE C 51 -42.13 -28.99 -20.86
C ILE C 51 -41.09 -29.45 -21.87
N ASN C 52 -39.87 -29.62 -21.41
CA ASN C 52 -38.86 -30.38 -22.12
C ASN C 52 -38.98 -31.83 -21.65
N PRO C 53 -39.70 -32.71 -22.35
CA PRO C 53 -40.01 -34.03 -21.78
C PRO C 53 -38.78 -34.88 -21.48
N ASN C 54 -37.63 -34.59 -22.06
CA ASN C 54 -36.41 -35.29 -21.70
C ASN C 54 -35.88 -34.91 -20.33
N THR C 55 -36.42 -33.86 -19.71
CA THR C 55 -36.05 -33.46 -18.35
C THR C 55 -37.33 -33.20 -17.58
N GLY C 56 -37.17 -32.68 -16.38
CA GLY C 56 -38.27 -32.19 -15.58
C GLY C 56 -38.49 -30.70 -15.68
N ARG C 57 -37.96 -30.07 -16.71
CA ARG C 57 -37.98 -28.61 -16.78
C ARG C 57 -39.32 -28.11 -17.30
N THR C 58 -39.71 -26.93 -16.83
CA THR C 58 -40.91 -26.26 -17.30
C THR C 58 -40.72 -24.76 -17.24
N ASN C 59 -41.25 -24.06 -18.23
CA ASN C 59 -41.08 -22.63 -18.37
C ASN C 59 -42.31 -21.85 -17.92
N SER C 60 -43.12 -22.43 -17.04
CA SER C 60 -44.54 -22.09 -16.94
C SER C 60 -44.77 -20.60 -16.72
N ALA C 61 -45.99 -20.16 -17.03
CA ALA C 61 -46.27 -18.74 -17.16
C ALA C 61 -46.13 -18.02 -15.82
N GLN C 62 -45.85 -16.72 -15.91
CA GLN C 62 -45.59 -15.93 -14.70
C GLN C 62 -46.86 -15.77 -13.87
N LYS C 63 -48.01 -15.56 -14.52
CA LYS C 63 -49.23 -15.29 -13.79
C LYS C 63 -49.83 -16.53 -13.14
N PHE C 64 -49.48 -17.73 -13.62
CA PHE C 64 -50.15 -18.96 -13.25
C PHE C 64 -49.21 -20.05 -12.72
N GLN C 65 -47.91 -19.76 -12.59
CA GLN C 65 -46.97 -20.78 -12.13
C GLN C 65 -47.32 -21.29 -10.74
N GLY C 66 -47.83 -20.42 -9.87
CA GLY C 66 -48.27 -20.89 -8.57
C GLY C 66 -49.44 -21.85 -8.68
N ARG C 67 -50.25 -21.69 -9.70
CA ARG C 67 -51.46 -22.50 -9.86
C ARG C 67 -51.21 -23.80 -10.62
N VAL C 68 -50.03 -23.97 -11.20
CA VAL C 68 -49.75 -25.05 -12.16
C VAL C 68 -48.57 -25.87 -11.66
N THR C 69 -48.69 -27.19 -11.74
CA THR C 69 -47.63 -28.12 -11.41
C THR C 69 -47.53 -29.18 -12.49
N MET C 70 -47.47 -28.75 -13.75
CA MET C 70 -47.46 -29.69 -14.87
C MET C 70 -46.23 -30.59 -14.82
N THR C 71 -46.40 -31.82 -15.31
CA THR C 71 -45.36 -32.84 -15.24
C THR C 71 -45.55 -33.79 -16.42
N ARG C 72 -44.74 -34.84 -16.46
CA ARG C 72 -44.78 -35.78 -17.57
C ARG C 72 -44.28 -37.14 -17.13
N ASP C 73 -44.22 -38.06 -18.10
CA ASP C 73 -43.59 -39.37 -17.91
C ASP C 73 -43.29 -39.95 -19.29
N THR C 74 -42.14 -40.62 -19.40
CA THR C 74 -41.73 -41.16 -20.70
C THR C 74 -42.37 -42.52 -20.97
N SER C 75 -42.55 -43.31 -19.92
CA SER C 75 -43.05 -44.68 -20.10
C SER C 75 -44.43 -44.71 -20.72
N ILE C 76 -45.34 -43.85 -20.26
CA ILE C 76 -46.68 -43.77 -20.83
C ILE C 76 -46.71 -42.91 -22.08
N SER C 77 -45.61 -42.23 -22.41
CA SER C 77 -45.58 -41.34 -23.57
C SER C 77 -46.62 -40.24 -23.44
N THR C 78 -46.70 -39.67 -22.25
CA THR C 78 -47.77 -38.74 -21.89
C THR C 78 -47.21 -37.58 -21.07
N ALA C 79 -47.77 -36.39 -21.30
CA ALA C 79 -47.48 -35.20 -20.50
C ALA C 79 -48.75 -34.73 -19.80
N TYR C 80 -48.64 -34.48 -18.50
CA TYR C 80 -49.80 -34.22 -17.66
C TYR C 80 -49.86 -32.74 -17.30
N MET C 81 -50.99 -32.10 -17.63
CA MET C 81 -51.36 -30.85 -17.00
C MET C 81 -51.79 -31.11 -15.56
N GLU C 82 -51.62 -30.10 -14.71
CA GLU C 82 -52.10 -30.12 -13.34
C GLU C 82 -52.51 -28.71 -12.96
N LEU C 83 -53.58 -28.59 -12.18
CA LEU C 83 -54.07 -27.31 -11.70
C LEU C 83 -54.60 -27.47 -10.29
N SER C 84 -54.45 -26.43 -9.48
CA SER C 84 -54.92 -26.40 -8.10
C SER C 84 -55.62 -25.07 -7.86
N ARG C 85 -56.32 -24.98 -6.73
CA ARG C 85 -57.02 -23.76 -6.33
C ARG C 85 -57.94 -23.27 -7.45
N LEU C 86 -58.63 -24.20 -8.08
CA LEU C 86 -59.26 -23.95 -9.38
C LEU C 86 -60.47 -23.05 -9.23
N THR C 87 -60.42 -21.88 -9.87
CA THR C 87 -61.47 -20.88 -9.79
C THR C 87 -62.46 -21.05 -10.93
N SER C 88 -63.59 -20.33 -10.83
CA SER C 88 -64.61 -20.40 -11.85
C SER C 88 -64.11 -19.91 -13.21
N ASP C 89 -63.14 -19.00 -13.21
CA ASP C 89 -62.62 -18.46 -14.45
C ASP C 89 -61.97 -19.53 -15.31
N ASP C 90 -61.41 -20.57 -14.69
CA ASP C 90 -60.61 -21.55 -15.39
C ASP C 90 -61.42 -22.44 -16.33
N THR C 91 -62.76 -22.35 -16.32
CA THR C 91 -63.58 -23.16 -17.21
C THR C 91 -63.19 -22.85 -18.65
N ALA C 92 -62.76 -23.88 -19.38
CA ALA C 92 -62.11 -23.66 -20.67
C ALA C 92 -61.80 -24.99 -21.32
N VAL C 93 -61.48 -24.92 -22.62
CA VAL C 93 -60.95 -26.06 -23.36
C VAL C 93 -59.43 -25.93 -23.39
N TYR C 94 -58.74 -27.02 -23.05
CA TYR C 94 -57.29 -27.04 -22.95
C TYR C 94 -56.72 -27.88 -24.08
N TYR C 95 -55.98 -27.24 -24.98
CA TYR C 95 -55.39 -27.91 -26.14
C TYR C 95 -53.93 -28.23 -25.86
N CYS C 96 -53.57 -29.51 -26.05
CA CYS C 96 -52.17 -29.92 -26.00
C CYS C 96 -51.58 -29.92 -27.40
N ALA C 97 -50.31 -29.51 -27.48
CA ALA C 97 -49.68 -29.29 -28.78
C ALA C 97 -48.19 -29.52 -28.71
N THR C 98 -47.61 -29.75 -29.89
CA THR C 98 -46.20 -30.08 -30.04
C THR C 98 -45.43 -28.83 -30.44
N GLY C 99 -44.32 -28.57 -29.77
CA GLY C 99 -43.53 -27.38 -29.98
C GLY C 99 -42.38 -27.58 -30.93
N GLY C 100 -41.38 -26.70 -30.82
CA GLY C 100 -40.25 -26.75 -31.72
C GLY C 100 -39.36 -27.95 -31.47
N TRP C 101 -38.38 -28.12 -32.33
CA TRP C 101 -37.46 -29.24 -32.22
C TRP C 101 -36.44 -28.95 -31.13
N ILE C 102 -36.15 -29.98 -30.32
CA ILE C 102 -35.30 -29.86 -29.13
C ILE C 102 -34.03 -30.66 -29.34
N GLY C 103 -32.93 -30.12 -28.85
CA GLY C 103 -31.67 -30.83 -28.84
C GLY C 103 -30.66 -30.05 -28.06
N LEU C 104 -29.45 -30.01 -28.59
CA LEU C 104 -28.34 -29.32 -27.96
C LEU C 104 -28.12 -27.96 -28.62
N TYR C 105 -27.36 -27.11 -27.93
CA TYR C 105 -26.76 -25.92 -28.52
C TYR C 105 -27.73 -24.77 -28.80
N TYR C 106 -29.02 -24.94 -28.50
CA TYR C 106 -29.95 -23.81 -28.59
C TYR C 106 -31.26 -24.20 -27.92
N ASP C 107 -32.06 -23.21 -27.58
CA ASP C 107 -33.30 -23.39 -26.83
C ASP C 107 -34.48 -22.91 -27.67
N SER C 108 -35.35 -23.84 -28.05
CA SER C 108 -36.42 -23.53 -28.99
C SER C 108 -37.76 -23.30 -28.32
N SER C 109 -37.85 -23.34 -26.99
CA SER C 109 -39.15 -23.22 -26.33
C SER C 109 -39.84 -21.91 -26.67
N GLY C 110 -39.08 -20.84 -26.91
CA GLY C 110 -39.69 -19.58 -27.26
C GLY C 110 -40.42 -19.64 -28.59
N TYR C 111 -39.96 -20.48 -29.50
CA TYR C 111 -40.55 -20.55 -30.83
C TYR C 111 -41.99 -21.01 -30.71
N PRO C 112 -42.99 -20.27 -31.24
CA PRO C 112 -44.37 -20.75 -31.16
C PRO C 112 -44.73 -21.68 -32.31
N ASN C 113 -43.84 -22.60 -32.64
CA ASN C 113 -44.04 -23.49 -33.78
C ASN C 113 -44.90 -24.66 -33.33
N PHE C 114 -46.22 -24.47 -33.45
CA PHE C 114 -47.19 -25.48 -33.06
C PHE C 114 -47.64 -26.26 -34.31
N ASP C 115 -46.83 -27.24 -34.66
CA ASP C 115 -47.11 -28.05 -35.84
C ASP C 115 -48.40 -28.84 -35.69
N TYR C 116 -48.61 -29.45 -34.53
CA TYR C 116 -49.75 -30.32 -34.29
C TYR C 116 -50.40 -29.95 -32.97
N TRP C 117 -51.69 -30.21 -32.86
CA TRP C 117 -52.48 -29.84 -31.71
C TRP C 117 -53.46 -30.96 -31.41
N GLY C 118 -53.80 -31.12 -30.13
CA GLY C 118 -54.56 -32.26 -29.66
C GLY C 118 -56.06 -32.09 -29.81
N GLN C 119 -56.79 -33.05 -29.23
CA GLN C 119 -58.24 -33.05 -29.32
C GLN C 119 -58.83 -31.83 -28.64
N GLY C 120 -58.34 -31.51 -27.44
CA GLY C 120 -58.90 -30.45 -26.64
C GLY C 120 -60.12 -30.93 -25.89
N THR C 121 -60.19 -30.66 -24.59
CA THR C 121 -61.29 -31.12 -23.76
C THR C 121 -61.62 -30.04 -22.72
N LEU C 122 -62.86 -30.08 -22.25
CA LEU C 122 -63.44 -28.98 -21.49
C LEU C 122 -63.45 -29.29 -20.01
N VAL C 123 -63.02 -28.32 -19.20
CA VAL C 123 -63.19 -28.35 -17.75
C VAL C 123 -64.31 -27.37 -17.42
N THR C 124 -65.27 -27.81 -16.61
CA THR C 124 -66.41 -27.01 -16.22
C THR C 124 -66.37 -26.77 -14.71
N VAL C 125 -66.64 -25.54 -14.30
CA VAL C 125 -66.62 -25.17 -12.90
C VAL C 125 -67.49 -23.94 -12.65
N SER C 126 -68.20 -23.94 -11.53
CA SER C 126 -69.00 -22.78 -11.12
C SER C 126 -69.49 -22.98 -9.70
N GLN D 1 -55.20 -9.28 -19.50
CA GLN D 1 -55.52 -9.08 -20.94
C GLN D 1 -54.31 -9.40 -21.79
N SER D 2 -54.54 -9.70 -23.07
CA SER D 2 -53.46 -9.98 -24.00
C SER D 2 -52.56 -8.75 -24.13
N ALA D 3 -51.25 -9.01 -24.19
CA ALA D 3 -50.31 -7.96 -24.53
C ALA D 3 -50.46 -7.51 -25.98
N LEU D 4 -51.11 -8.31 -26.81
CA LEU D 4 -51.19 -8.08 -28.26
C LEU D 4 -52.60 -7.67 -28.63
N THR D 5 -52.72 -6.60 -29.41
CA THR D 5 -54.01 -5.96 -29.72
C THR D 5 -54.42 -6.31 -31.13
N GLN D 6 -55.70 -6.67 -31.30
CA GLN D 6 -56.26 -7.04 -32.60
C GLN D 6 -57.61 -6.37 -32.81
N PRO D 7 -58.04 -6.16 -34.05
CA PRO D 7 -59.39 -5.63 -34.28
C PRO D 7 -60.44 -6.72 -34.12
N ALA D 8 -61.70 -6.28 -33.99
CA ALA D 8 -62.79 -7.22 -33.75
C ALA D 8 -63.06 -8.10 -34.97
N SER D 9 -63.19 -7.49 -36.14
CA SER D 9 -63.57 -8.26 -37.32
C SER D 9 -63.29 -7.47 -38.59
N VAL D 10 -63.32 -8.19 -39.71
CA VAL D 10 -63.17 -7.64 -41.06
C VAL D 10 -64.07 -8.47 -41.96
N SER D 11 -64.50 -7.90 -43.09
CA SER D 11 -65.38 -8.61 -44.00
C SER D 11 -65.14 -8.16 -45.43
N GLY D 12 -65.57 -8.99 -46.37
CA GLY D 12 -65.42 -8.69 -47.78
C GLY D 12 -65.96 -9.82 -48.63
N SER D 13 -66.20 -9.49 -49.91
CA SER D 13 -66.70 -10.45 -50.87
C SER D 13 -65.59 -11.37 -51.37
N PRO D 14 -65.92 -12.55 -51.89
CA PRO D 14 -64.87 -13.42 -52.46
C PRO D 14 -64.21 -12.79 -53.67
N GLY D 15 -62.94 -13.12 -53.86
CA GLY D 15 -62.17 -12.57 -54.96
C GLY D 15 -61.51 -11.23 -54.68
N GLN D 16 -61.59 -10.74 -53.45
CA GLN D 16 -60.98 -9.48 -53.05
C GLN D 16 -59.93 -9.76 -51.97
N SER D 17 -58.85 -8.98 -51.99
CA SER D 17 -57.76 -9.18 -51.06
C SER D 17 -58.04 -8.50 -49.73
N ILE D 18 -57.55 -9.11 -48.65
CA ILE D 18 -57.73 -8.62 -47.29
C ILE D 18 -56.41 -8.76 -46.55
N THR D 19 -56.16 -7.84 -45.62
CA THR D 19 -54.96 -7.88 -44.78
C THR D 19 -55.35 -7.56 -43.34
N ILE D 20 -54.62 -8.20 -42.41
CA ILE D 20 -54.85 -8.07 -40.98
C ILE D 20 -53.51 -7.77 -40.32
N SER D 21 -53.55 -7.06 -39.20
CA SER D 21 -52.35 -6.53 -38.54
C SER D 21 -52.31 -6.96 -37.08
N CYS D 22 -51.16 -7.49 -36.65
CA CYS D 22 -50.83 -7.56 -35.24
C CYS D 22 -50.23 -6.22 -34.83
N THR D 23 -50.14 -5.98 -33.52
CA THR D 23 -49.48 -4.79 -33.02
C THR D 23 -49.15 -4.94 -31.53
N GLY D 24 -47.86 -4.99 -31.23
CA GLY D 24 -47.38 -5.21 -29.87
C GLY D 24 -46.60 -4.04 -29.29
N THR D 25 -45.31 -4.27 -29.01
CA THR D 25 -44.44 -3.27 -28.40
C THR D 25 -43.05 -3.42 -29.04
N SER D 26 -42.10 -2.58 -28.64
CA SER D 26 -40.73 -2.75 -29.09
C SER D 26 -40.16 -4.08 -28.62
N TYR D 27 -40.26 -4.35 -27.33
CA TYR D 27 -40.08 -5.71 -26.83
C TYR D 27 -41.24 -6.58 -27.34
N ASP D 28 -41.19 -7.86 -27.00
CA ASP D 28 -42.09 -8.91 -27.53
C ASP D 28 -42.00 -8.86 -29.06
N VAL D 29 -43.12 -8.85 -29.81
CA VAL D 29 -43.08 -9.03 -31.26
C VAL D 29 -42.19 -8.03 -31.97
N GLY D 30 -41.98 -6.84 -31.39
CA GLY D 30 -41.20 -5.83 -32.07
C GLY D 30 -39.74 -6.19 -32.23
N SER D 31 -39.21 -7.05 -31.36
CA SER D 31 -37.78 -7.31 -31.30
C SER D 31 -37.34 -8.61 -31.97
N TYR D 32 -38.29 -9.43 -32.43
CA TYR D 32 -37.97 -10.74 -33.00
C TYR D 32 -38.81 -10.98 -34.24
N ASN D 33 -38.31 -11.89 -35.09
CA ASN D 33 -39.10 -12.39 -36.20
C ASN D 33 -40.07 -13.49 -35.79
N LEU D 34 -40.04 -13.91 -34.52
CA LEU D 34 -40.82 -15.07 -34.07
C LEU D 34 -42.27 -14.64 -33.82
N VAL D 35 -43.02 -14.56 -34.92
CA VAL D 35 -44.45 -14.31 -34.89
C VAL D 35 -45.11 -15.35 -35.78
N SER D 36 -46.34 -15.73 -35.42
CA SER D 36 -47.04 -16.80 -36.10
C SER D 36 -48.53 -16.48 -36.14
N TRP D 37 -49.23 -17.15 -37.05
CA TRP D 37 -50.65 -16.94 -37.29
C TRP D 37 -51.37 -18.26 -37.25
N TYR D 38 -52.55 -18.26 -36.64
CA TYR D 38 -53.36 -19.47 -36.50
C TYR D 38 -54.83 -19.14 -36.79
N GLN D 39 -55.46 -19.98 -37.60
CA GLN D 39 -56.85 -19.81 -37.99
C GLN D 39 -57.73 -20.76 -37.18
N GLN D 40 -58.96 -20.31 -36.90
CA GLN D 40 -59.90 -21.06 -36.07
C GLN D 40 -61.28 -20.92 -36.69
N HIS D 41 -61.66 -21.87 -37.53
CA HIS D 41 -63.04 -21.97 -37.96
C HIS D 41 -63.87 -22.49 -36.78
N PRO D 42 -65.18 -22.22 -36.77
CA PRO D 42 -65.96 -22.43 -35.54
C PRO D 42 -65.98 -23.88 -35.08
N GLY D 43 -65.93 -24.06 -33.77
CA GLY D 43 -66.07 -25.37 -33.16
C GLY D 43 -64.80 -26.17 -33.08
N LYS D 44 -64.08 -26.27 -34.20
CA LYS D 44 -62.92 -27.13 -34.28
C LYS D 44 -61.71 -26.45 -33.62
N ALA D 45 -60.59 -27.19 -33.56
CA ALA D 45 -59.38 -26.63 -32.99
C ALA D 45 -58.69 -25.70 -33.99
N PRO D 46 -57.83 -24.78 -33.54
CA PRO D 46 -57.19 -23.86 -34.48
C PRO D 46 -56.28 -24.58 -35.46
N LYS D 47 -55.89 -23.87 -36.51
CA LYS D 47 -55.11 -24.42 -37.62
C LYS D 47 -53.80 -23.64 -37.77
N TYR D 48 -52.75 -24.33 -38.19
CA TYR D 48 -51.41 -23.77 -38.32
C TYR D 48 -51.21 -23.19 -39.71
N MET D 49 -50.97 -21.87 -39.78
CA MET D 49 -50.90 -21.15 -41.05
C MET D 49 -49.54 -20.54 -41.37
N ILE D 50 -48.92 -19.83 -40.43
CA ILE D 50 -47.68 -19.10 -40.72
C ILE D 50 -46.80 -19.10 -39.48
N TYR D 51 -45.50 -19.24 -39.70
CA TYR D 51 -44.50 -19.19 -38.65
C TYR D 51 -43.29 -18.40 -39.13
N GLU D 52 -42.60 -17.78 -38.19
CA GLU D 52 -41.44 -16.92 -38.49
C GLU D 52 -41.82 -15.88 -39.54
N VAL D 53 -42.85 -15.10 -39.22
CA VAL D 53 -43.40 -13.98 -39.98
C VAL D 53 -43.87 -14.33 -41.40
N ASN D 54 -43.06 -15.02 -42.21
CA ASN D 54 -43.36 -15.18 -43.62
C ASN D 54 -43.00 -16.54 -44.19
N LYS D 55 -43.31 -17.62 -43.48
CA LYS D 55 -43.07 -18.98 -43.96
C LYS D 55 -44.33 -19.81 -43.77
N ARG D 56 -44.49 -20.82 -44.65
CA ARG D 56 -45.73 -21.57 -44.77
C ARG D 56 -45.55 -23.02 -44.34
N PRO D 57 -46.55 -23.64 -43.71
CA PRO D 57 -46.57 -25.11 -43.64
C PRO D 57 -47.09 -25.71 -44.93
N SER D 58 -47.00 -27.02 -45.04
CA SER D 58 -47.62 -27.72 -46.17
C SER D 58 -49.13 -27.58 -46.09
N GLY D 59 -49.77 -27.61 -47.25
CA GLY D 59 -51.21 -27.47 -47.31
C GLY D 59 -51.71 -26.05 -47.27
N VAL D 60 -50.82 -25.06 -47.13
CA VAL D 60 -51.18 -23.65 -47.19
C VAL D 60 -50.70 -23.12 -48.53
N SER D 61 -51.64 -22.60 -49.33
CA SER D 61 -51.31 -22.13 -50.66
C SER D 61 -50.55 -20.80 -50.59
N ASN D 62 -50.28 -20.25 -51.77
CA ASN D 62 -49.59 -18.96 -51.87
C ASN D 62 -50.54 -17.78 -51.63
N ARG D 63 -51.80 -18.06 -51.29
CA ARG D 63 -52.72 -17.00 -50.91
C ARG D 63 -52.24 -16.22 -49.70
N PHE D 64 -51.46 -16.86 -48.82
CA PHE D 64 -51.13 -16.33 -47.50
C PHE D 64 -49.65 -15.94 -47.41
N SER D 65 -49.39 -14.82 -46.76
CA SER D 65 -48.05 -14.34 -46.50
C SER D 65 -48.12 -13.34 -45.36
N GLY D 66 -46.96 -12.95 -44.84
CA GLY D 66 -46.89 -12.08 -43.70
C GLY D 66 -45.72 -11.11 -43.78
N SER D 67 -45.78 -10.09 -42.92
CA SER D 67 -44.75 -9.05 -42.88
C SER D 67 -44.65 -8.49 -41.48
N LYS D 68 -43.50 -7.89 -41.19
CA LYS D 68 -43.21 -7.30 -39.89
C LYS D 68 -42.70 -5.88 -40.11
N SER D 69 -43.00 -5.01 -39.16
CA SER D 69 -42.51 -3.64 -39.23
C SER D 69 -42.67 -3.01 -37.85
N GLY D 70 -41.57 -2.54 -37.28
CA GLY D 70 -41.62 -1.88 -35.98
C GLY D 70 -42.18 -2.79 -34.91
N ASN D 71 -43.16 -2.28 -34.18
CA ASN D 71 -43.85 -3.04 -33.14
C ASN D 71 -45.14 -3.66 -33.69
N THR D 72 -45.19 -3.89 -35.01
CA THR D 72 -46.39 -4.42 -35.66
C THR D 72 -46.00 -5.46 -36.69
N ALA D 73 -46.95 -6.33 -36.99
CA ALA D 73 -46.80 -7.35 -38.01
C ALA D 73 -48.17 -7.57 -38.64
N SER D 74 -48.18 -8.23 -39.80
CA SER D 74 -49.40 -8.33 -40.58
C SER D 74 -49.48 -9.65 -41.33
N LEU D 75 -50.70 -10.02 -41.68
CA LEU D 75 -51.02 -11.17 -42.52
C LEU D 75 -51.55 -10.69 -43.86
N THR D 76 -51.24 -11.44 -44.91
CA THR D 76 -51.73 -11.17 -46.26
C THR D 76 -52.77 -12.22 -46.62
N ILE D 77 -53.93 -11.75 -47.09
CA ILE D 77 -54.98 -12.64 -47.58
C ILE D 77 -55.39 -12.15 -48.96
N SER D 78 -54.77 -12.71 -50.00
CA SER D 78 -54.98 -12.26 -51.37
C SER D 78 -56.04 -13.12 -52.03
N GLY D 79 -57.09 -12.48 -52.56
CA GLY D 79 -58.14 -13.23 -53.23
C GLY D 79 -58.97 -14.05 -52.27
N LEU D 80 -59.79 -13.39 -51.46
CA LEU D 80 -60.61 -14.05 -50.45
C LEU D 80 -61.45 -15.15 -51.09
N GLN D 81 -61.74 -16.18 -50.30
CA GLN D 81 -62.43 -17.39 -50.77
C GLN D 81 -63.64 -17.66 -49.89
N ALA D 82 -64.56 -18.48 -50.41
CA ALA D 82 -65.83 -18.71 -49.76
C ALA D 82 -65.71 -19.51 -48.46
N GLU D 83 -64.80 -20.48 -48.40
CA GLU D 83 -64.68 -21.32 -47.22
C GLU D 83 -63.95 -20.62 -46.07
N ASP D 84 -63.44 -19.41 -46.28
CA ASP D 84 -62.45 -18.81 -45.41
C ASP D 84 -63.05 -18.00 -44.27
N GLU D 85 -64.33 -18.20 -43.97
CA GLU D 85 -64.94 -17.46 -42.87
C GLU D 85 -64.46 -18.06 -41.55
N ALA D 86 -63.46 -17.43 -40.92
CA ALA D 86 -62.90 -17.97 -39.70
C ALA D 86 -62.06 -16.90 -39.00
N ASP D 87 -61.84 -17.11 -37.71
CA ASP D 87 -60.95 -16.26 -36.92
C ASP D 87 -59.50 -16.51 -37.30
N TYR D 88 -58.70 -15.44 -37.24
CA TYR D 88 -57.25 -15.51 -37.34
C TYR D 88 -56.66 -14.96 -36.06
N TYR D 89 -55.68 -15.67 -35.49
CA TYR D 89 -55.08 -15.33 -34.22
C TYR D 89 -53.62 -14.94 -34.41
N CYS D 90 -53.16 -13.99 -33.59
CA CYS D 90 -51.74 -13.66 -33.49
C CYS D 90 -51.13 -14.36 -32.28
N CYS D 91 -49.86 -14.69 -32.38
CA CYS D 91 -49.08 -15.17 -31.23
C CYS D 91 -47.61 -15.04 -31.55
N SER D 92 -46.83 -14.61 -30.56
CA SER D 92 -45.43 -14.28 -30.77
C SER D 92 -44.65 -14.46 -29.48
N TYR D 93 -43.33 -14.48 -29.63
CA TYR D 93 -42.43 -14.65 -28.50
C TYR D 93 -42.36 -13.36 -27.69
N ALA D 94 -42.69 -13.44 -26.41
CA ALA D 94 -42.73 -12.28 -25.53
C ALA D 94 -41.49 -12.16 -24.64
N GLY D 95 -40.38 -12.78 -25.03
CA GLY D 95 -39.21 -12.77 -24.18
C GLY D 95 -39.46 -13.59 -22.92
N SER D 96 -38.37 -13.79 -22.16
CA SER D 96 -38.43 -14.51 -20.89
C SER D 96 -38.95 -15.93 -21.07
N SER D 97 -38.72 -16.52 -22.25
CA SER D 97 -39.16 -17.88 -22.54
C SER D 97 -40.68 -18.02 -22.40
N THR D 98 -41.42 -17.09 -22.97
CA THR D 98 -42.87 -17.06 -22.86
C THR D 98 -43.48 -16.63 -24.18
N VAL D 99 -44.60 -17.25 -24.52
CA VAL D 99 -45.38 -16.93 -25.71
C VAL D 99 -46.70 -16.33 -25.27
N VAL D 100 -47.15 -15.31 -26.00
CA VAL D 100 -48.38 -14.58 -25.70
C VAL D 100 -49.26 -14.60 -26.93
N PHE D 101 -50.57 -14.75 -26.73
CA PHE D 101 -51.55 -14.88 -27.79
C PHE D 101 -52.39 -13.61 -27.90
N GLY D 102 -52.59 -13.14 -29.12
CA GLY D 102 -53.55 -12.09 -29.39
C GLY D 102 -54.92 -12.70 -29.62
N GLY D 103 -55.96 -11.95 -29.28
CA GLY D 103 -57.31 -12.46 -29.33
C GLY D 103 -57.85 -12.70 -30.72
N GLY D 104 -57.12 -12.24 -31.74
CA GLY D 104 -57.49 -12.50 -33.12
C GLY D 104 -58.64 -11.62 -33.60
N THR D 105 -59.00 -11.83 -34.86
CA THR D 105 -60.06 -11.09 -35.53
C THR D 105 -60.89 -12.04 -36.37
N LYS D 106 -62.19 -11.74 -36.50
CA LYS D 106 -63.12 -12.58 -37.23
C LYS D 106 -63.28 -12.08 -38.65
N LEU D 107 -63.00 -12.94 -39.62
CA LEU D 107 -63.21 -12.61 -41.02
C LEU D 107 -64.52 -13.22 -41.50
N THR D 108 -65.29 -12.43 -42.25
CA THR D 108 -66.63 -12.80 -42.69
C THR D 108 -66.72 -12.63 -44.20
N VAL D 109 -67.01 -13.73 -44.90
CA VAL D 109 -67.21 -13.68 -46.35
C VAL D 109 -68.63 -13.24 -46.64
N LEU D 110 -68.77 -12.26 -47.54
CA LEU D 110 -70.09 -11.74 -47.91
C LEU D 110 -70.73 -12.60 -48.98
N GLU E 2 52.10 45.48 -10.26
CA GLU E 2 51.80 44.72 -11.51
C GLU E 2 50.31 44.49 -11.67
N ASN E 3 49.90 44.29 -12.92
CA ASN E 3 48.49 44.15 -13.25
C ASN E 3 48.07 42.69 -13.25
N LEU E 4 46.85 42.44 -12.76
CA LEU E 4 46.31 41.09 -12.65
C LEU E 4 44.84 41.11 -13.02
N TRP E 5 44.34 39.95 -13.41
CA TRP E 5 42.94 39.78 -13.78
C TRP E 5 42.36 38.56 -13.10
N VAL E 6 41.07 38.64 -12.77
CA VAL E 6 40.37 37.50 -12.19
C VAL E 6 40.26 36.40 -13.24
N THR E 7 40.57 35.17 -12.85
CA THR E 7 40.48 34.02 -13.73
C THR E 7 39.83 32.87 -12.96
N VAL E 8 38.91 32.18 -13.64
CA VAL E 8 38.09 31.15 -13.04
C VAL E 8 38.71 29.79 -13.34
N TYR E 9 38.94 29.02 -12.28
CA TYR E 9 39.53 27.69 -12.37
C TYR E 9 38.45 26.67 -12.07
N TYR E 10 38.34 25.66 -12.91
CA TYR E 10 37.24 24.72 -12.90
C TYR E 10 37.77 23.30 -12.90
N GLY E 11 37.13 22.44 -12.13
CA GLY E 11 37.65 21.11 -11.95
C GLY E 11 38.89 21.14 -11.08
N VAL E 12 38.71 21.57 -9.84
CA VAL E 12 39.80 21.66 -8.88
C VAL E 12 39.25 21.32 -7.50
N PRO E 13 39.86 20.41 -6.73
CA PRO E 13 39.17 19.83 -5.58
C PRO E 13 39.02 20.82 -4.42
N VAL E 14 37.79 20.98 -3.96
CA VAL E 14 37.49 21.70 -2.72
C VAL E 14 36.33 20.98 -2.04
N TRP E 15 36.27 21.06 -0.71
CA TRP E 15 35.39 20.25 0.11
C TRP E 15 34.43 21.08 0.95
N LYS E 16 33.22 20.54 1.12
CA LYS E 16 32.25 20.98 2.11
C LYS E 16 31.52 19.75 2.62
N GLU E 17 31.44 19.61 3.94
CA GLU E 17 30.72 18.49 4.53
C GLU E 17 29.23 18.82 4.60
N ALA E 18 28.39 17.85 4.23
CA ALA E 18 26.96 18.09 4.14
C ALA E 18 26.21 16.78 4.32
N LYS E 19 24.95 16.91 4.74
CA LYS E 19 24.05 15.76 4.79
C LYS E 19 23.73 15.31 3.38
N THR E 20 23.47 14.01 3.21
CA THR E 20 23.02 13.52 1.91
C THR E 20 22.55 12.08 2.00
N THR E 21 21.75 11.69 1.02
CA THR E 21 21.41 10.30 0.82
C THR E 21 22.63 9.53 0.32
N LEU E 22 22.53 8.21 0.33
CA LEU E 22 23.64 7.35 -0.07
C LEU E 22 23.11 6.11 -0.76
N PHE E 23 23.95 5.53 -1.62
CA PHE E 23 23.63 4.26 -2.22
C PHE E 23 23.84 3.16 -1.19
N CYS E 24 23.48 1.94 -1.57
CA CYS E 24 23.99 0.73 -0.95
C CYS E 24 24.68 -0.09 -2.03
N ALA E 25 25.64 -0.91 -1.62
CA ALA E 25 26.30 -1.82 -2.53
C ALA E 25 26.56 -3.14 -1.82
N SER E 26 26.53 -4.23 -2.59
CA SER E 26 26.52 -5.57 -2.04
C SER E 26 27.51 -6.46 -2.77
N ASP E 27 27.83 -7.58 -2.14
CA ASP E 27 28.69 -8.57 -2.77
C ASP E 27 27.90 -9.37 -3.81
N ALA E 28 28.63 -9.99 -4.74
CA ALA E 28 28.01 -10.50 -5.96
C ALA E 28 27.24 -11.80 -5.76
N ARG E 29 27.44 -12.51 -4.65
CA ARG E 29 26.86 -13.84 -4.52
C ARG E 29 25.37 -13.81 -4.21
N ALA E 30 24.88 -12.76 -3.55
CA ALA E 30 23.49 -12.73 -3.12
C ALA E 30 22.51 -12.53 -4.26
N TYR E 31 22.98 -12.15 -5.46
CA TYR E 31 22.07 -11.94 -6.57
C TYR E 31 21.48 -13.24 -7.11
N GLU E 32 22.05 -14.40 -6.74
CA GLU E 32 21.58 -15.68 -7.26
C GLU E 32 20.28 -16.14 -6.64
N LYS E 33 19.76 -15.45 -5.63
CA LYS E 33 18.66 -15.93 -4.83
C LYS E 33 17.34 -15.29 -5.29
N GLU E 34 16.26 -15.64 -4.58
CA GLU E 34 14.91 -15.27 -4.95
C GLU E 34 14.49 -13.96 -4.28
N VAL E 35 13.19 -13.65 -4.34
CA VAL E 35 12.68 -12.43 -3.72
C VAL E 35 12.82 -12.50 -2.22
N HIS E 36 13.32 -11.41 -1.62
CA HIS E 36 13.48 -11.27 -0.18
C HIS E 36 14.37 -12.36 0.41
N ASN E 37 15.21 -12.97 -0.41
CA ASN E 37 16.24 -13.89 0.04
C ASN E 37 17.56 -13.33 -0.46
N VAL E 38 18.38 -12.77 0.42
CA VAL E 38 18.31 -12.50 1.86
C VAL E 38 17.47 -11.20 2.02
N TRP E 39 17.07 -10.88 3.26
CA TRP E 39 16.14 -9.78 3.53
C TRP E 39 16.57 -8.47 2.87
N ALA E 40 17.81 -8.04 3.06
CA ALA E 40 18.23 -6.68 2.72
C ALA E 40 18.91 -6.58 1.37
N THR E 41 19.93 -7.40 1.15
CA THR E 41 20.99 -7.05 0.22
C THR E 41 20.59 -7.10 -1.25
N HIS E 42 19.38 -7.54 -1.58
CA HIS E 42 19.05 -7.88 -2.96
C HIS E 42 19.18 -6.68 -3.90
N ALA E 43 18.56 -5.55 -3.54
CA ALA E 43 18.43 -4.46 -4.48
C ALA E 43 19.74 -3.72 -4.74
N CYS E 44 20.78 -4.00 -3.98
CA CYS E 44 21.98 -3.19 -4.06
C CYS E 44 22.68 -3.36 -5.40
N VAL E 45 23.38 -2.30 -5.81
CA VAL E 45 24.18 -2.30 -7.02
C VAL E 45 25.45 -3.12 -6.76
N PRO E 46 25.99 -3.84 -7.74
CA PRO E 46 27.25 -4.56 -7.49
C PRO E 46 28.42 -3.59 -7.33
N THR E 47 29.38 -3.98 -6.49
CA THR E 47 30.60 -3.22 -6.27
C THR E 47 31.78 -4.15 -6.17
N ASP E 48 32.94 -3.67 -6.60
CA ASP E 48 34.21 -4.33 -6.36
C ASP E 48 34.94 -3.64 -5.22
N PRO E 49 35.93 -4.31 -4.60
CA PRO E 49 36.75 -3.59 -3.62
C PRO E 49 37.50 -2.41 -4.23
N SER E 50 37.91 -2.53 -5.49
CA SER E 50 38.50 -1.39 -6.17
C SER E 50 37.42 -0.35 -6.43
N PRO E 51 37.74 0.97 -6.40
CA PRO E 51 39.04 1.62 -6.20
C PRO E 51 39.57 1.50 -4.78
N GLN E 52 40.88 1.34 -4.66
CA GLN E 52 41.51 1.20 -3.35
C GLN E 52 41.71 2.58 -2.73
N GLU E 53 42.42 2.60 -1.60
CA GLU E 53 42.68 3.85 -0.89
C GLU E 53 43.60 4.75 -1.71
N LEU E 54 43.05 5.81 -2.27
CA LEU E 54 43.84 6.84 -2.95
C LEU E 54 44.34 7.81 -1.90
N VAL E 55 45.43 7.43 -1.22
CA VAL E 55 45.91 8.22 -0.08
C VAL E 55 46.31 9.60 -0.54
N LEU E 56 45.81 10.62 0.14
CA LEU E 56 46.17 11.98 -0.19
C LEU E 56 47.53 12.31 0.38
N GLY E 57 48.37 12.97 -0.42
CA GLY E 57 49.78 13.12 -0.08
C GLY E 57 50.01 13.92 1.19
N ASN E 58 49.33 15.06 1.31
CA ASN E 58 49.54 15.94 2.47
C ASN E 58 48.24 16.73 2.66
N VAL E 59 47.44 16.30 3.64
CA VAL E 59 46.14 16.90 3.90
C VAL E 59 45.90 16.93 5.41
N THR E 60 44.95 17.77 5.81
CA THR E 60 44.49 17.84 7.19
C THR E 60 42.99 18.02 7.18
N GLU E 61 42.30 17.28 8.04
CA GLU E 61 40.85 17.32 8.10
C GLU E 61 40.41 17.00 9.53
N ASN E 62 39.18 17.38 9.85
CA ASN E 62 38.60 17.17 11.17
C ASN E 62 37.47 16.16 11.07
N PHE E 63 37.54 15.10 11.88
CA PHE E 63 36.55 14.04 11.91
C PHE E 63 35.77 14.09 13.21
N ASN E 64 34.45 14.20 13.11
CA ASN E 64 33.56 14.26 14.26
C ASN E 64 32.75 12.97 14.30
N MET E 65 32.77 12.28 15.45
CA MET E 65 32.04 11.02 15.59
C MET E 65 30.61 11.25 16.04
N TRP E 66 30.45 11.89 17.19
CA TRP E 66 29.15 11.93 17.85
C TRP E 66 28.22 13.00 17.28
N LYS E 67 28.62 13.66 16.19
CA LYS E 67 27.70 14.47 15.39
C LYS E 67 27.70 14.06 13.92
N ASN E 68 28.21 12.87 13.60
CA ASN E 68 28.19 12.40 12.22
C ASN E 68 26.75 12.15 11.79
N ASP E 69 26.41 12.62 10.58
CA ASP E 69 25.04 12.50 10.11
C ASP E 69 24.79 11.19 9.39
N MET E 70 25.84 10.45 9.01
CA MET E 70 25.63 9.26 8.20
C MET E 70 24.96 8.15 9.00
N VAL E 71 25.14 8.12 10.33
CA VAL E 71 24.55 7.03 11.11
C VAL E 71 23.02 7.13 11.11
N ASP E 72 22.46 8.34 11.15
CA ASP E 72 21.01 8.47 11.10
C ASP E 72 20.45 7.93 9.79
N GLN E 73 21.21 8.06 8.69
CA GLN E 73 20.78 7.43 7.45
C GLN E 73 20.73 5.92 7.59
N MET E 74 21.70 5.32 8.30
CA MET E 74 21.65 3.87 8.47
C MET E 74 20.47 3.47 9.34
N HIS E 75 20.19 4.24 10.40
CA HIS E 75 19.03 3.94 11.22
C HIS E 75 17.76 3.98 10.39
N GLU E 76 17.58 5.02 9.57
CA GLU E 76 16.38 5.12 8.76
C GLU E 76 16.32 4.02 7.72
N ASP E 77 17.43 3.70 7.07
CA ASP E 77 17.44 2.63 6.08
C ASP E 77 17.02 1.30 6.72
N ILE E 78 17.62 0.96 7.86
CA ILE E 78 17.31 -0.31 8.49
C ILE E 78 15.86 -0.35 8.95
N ILE E 79 15.38 0.74 9.56
CA ILE E 79 14.00 0.73 10.07
C ILE E 79 13.01 0.61 8.93
N SER E 80 13.18 1.43 7.88
CA SER E 80 12.24 1.35 6.77
C SER E 80 12.32 0.01 6.06
N LEU E 81 13.51 -0.56 5.92
CA LEU E 81 13.62 -1.85 5.24
C LEU E 81 12.97 -2.96 6.05
N TRP E 82 13.19 -2.94 7.37
CA TRP E 82 12.55 -3.95 8.21
C TRP E 82 11.05 -3.81 8.17
N ASP E 83 10.55 -2.58 8.24
CA ASP E 83 9.11 -2.35 8.18
C ASP E 83 8.54 -2.82 6.84
N GLN E 84 9.26 -2.58 5.75
CA GLN E 84 8.79 -3.01 4.45
C GLN E 84 8.93 -4.51 4.26
N SER E 85 9.78 -5.17 5.06
CA SER E 85 10.05 -6.59 4.84
C SER E 85 9.12 -7.52 5.60
N LEU E 86 8.09 -7.01 6.27
CA LEU E 86 7.14 -7.83 7.01
C LEU E 86 5.71 -7.72 6.52
N LYS E 87 5.39 -6.75 5.68
CA LYS E 87 4.02 -6.58 5.20
C LYS E 87 3.45 -7.81 4.51
N PRO E 88 4.10 -8.42 3.52
CA PRO E 88 3.45 -9.55 2.82
C PRO E 88 3.21 -10.76 3.69
N CYS E 89 3.91 -10.91 4.81
CA CYS E 89 3.74 -12.11 5.63
C CYS E 89 2.40 -12.09 6.36
N VAL E 90 2.00 -13.28 6.82
CA VAL E 90 0.78 -13.41 7.61
C VAL E 90 0.86 -12.48 8.81
N LYS E 91 -0.29 -11.99 9.27
CA LYS E 91 -0.34 -10.93 10.27
C LYS E 91 -1.09 -11.33 11.54
N LEU E 92 -1.23 -12.62 11.82
CA LEU E 92 -1.76 -13.16 13.08
C LEU E 92 -3.07 -12.46 13.44
N THR E 93 -3.44 -12.48 14.74
CA THR E 93 -4.61 -11.89 15.40
C THR E 93 -5.72 -12.91 15.61
N PRO E 94 -5.81 -14.01 14.86
CA PRO E 94 -6.59 -15.15 15.39
C PRO E 94 -5.97 -15.82 16.60
N LEU E 95 -4.73 -15.53 16.96
CA LEU E 95 -4.11 -16.11 18.15
C LEU E 95 -4.30 -15.26 19.40
N CYS E 96 -5.05 -14.18 19.34
CA CYS E 96 -5.34 -13.49 20.59
C CYS E 96 -6.30 -14.27 21.49
N VAL E 97 -6.89 -15.38 21.03
CA VAL E 97 -7.85 -16.13 21.82
C VAL E 97 -7.22 -16.60 23.13
N THR E 98 -8.05 -16.74 24.16
CA THR E 98 -7.57 -17.15 25.47
C THR E 98 -6.94 -18.52 25.40
N LEU E 99 -5.73 -18.63 25.94
CA LEU E 99 -5.05 -19.92 26.01
C LEU E 99 -5.34 -20.60 27.34
N ILE E 100 -5.94 -21.79 27.27
CA ILE E 100 -6.06 -22.68 28.42
C ILE E 100 -4.80 -23.52 28.44
N CYS E 101 -4.13 -23.59 29.60
CA CYS E 101 -2.75 -24.04 29.58
C CYS E 101 -2.40 -24.66 30.93
N SER E 102 -1.54 -25.67 30.91
CA SER E 102 -1.39 -26.57 32.04
C SER E 102 -0.55 -25.95 33.16
N ASN E 103 -0.79 -26.43 34.39
CA ASN E 103 0.02 -26.07 35.55
C ASN E 103 0.22 -27.26 36.50
N ALA E 104 0.31 -28.47 35.95
CA ALA E 104 0.35 -29.68 36.77
C ALA E 104 1.68 -29.88 37.50
N THR E 105 2.74 -29.18 37.11
CA THR E 105 4.03 -29.28 37.79
C THR E 105 4.73 -27.93 37.72
N VAL E 106 5.46 -27.61 38.80
CA VAL E 106 6.04 -26.28 38.98
C VAL E 106 7.52 -26.31 39.34
N LYS E 107 8.00 -27.45 39.87
CA LYS E 107 9.36 -27.49 40.44
C LYS E 107 10.18 -28.72 40.03
N ASN E 108 9.59 -29.80 39.58
CA ASN E 108 10.38 -31.01 39.30
C ASN E 108 11.38 -30.83 38.15
N GLY E 109 11.27 -29.77 37.36
CA GLY E 109 12.22 -29.53 36.30
C GLY E 109 13.50 -28.89 36.79
N THR E 110 13.37 -27.75 37.46
CA THR E 110 14.51 -26.93 37.90
C THR E 110 15.37 -26.54 36.69
N VAL E 111 14.69 -26.26 35.58
CA VAL E 111 15.31 -25.85 34.32
C VAL E 111 14.19 -25.31 33.47
N GLU E 112 14.51 -24.40 32.54
CA GLU E 112 13.46 -23.65 31.85
C GLU E 112 12.73 -24.56 30.87
N GLU E 113 11.82 -25.37 31.41
CA GLU E 113 10.82 -26.01 30.56
C GLU E 113 9.75 -25.01 30.18
N MET E 114 9.15 -25.21 29.01
CA MET E 114 8.21 -24.28 28.42
C MET E 114 6.80 -24.83 28.52
N LYS E 115 5.83 -23.92 28.67
CA LYS E 115 4.46 -24.32 28.92
C LYS E 115 3.88 -25.04 27.71
N ASN E 116 2.73 -25.68 27.92
CA ASN E 116 2.05 -26.46 26.88
C ASN E 116 0.58 -26.04 26.82
N CYS E 117 0.32 -24.96 26.11
CA CYS E 117 -1.01 -24.36 26.05
C CYS E 117 -1.77 -24.83 24.81
N SER E 118 -3.09 -24.67 24.85
CA SER E 118 -3.97 -25.11 23.77
C SER E 118 -5.13 -24.13 23.60
N PHE E 119 -5.65 -24.04 22.37
CA PHE E 119 -6.59 -22.97 22.03
C PHE E 119 -7.42 -23.39 20.82
N ASN E 120 -8.30 -22.48 20.39
CA ASN E 120 -9.20 -22.68 19.25
C ASN E 120 -8.78 -21.74 18.12
N THR E 121 -8.65 -22.29 16.91
CA THR E 121 -8.28 -21.51 15.73
C THR E 121 -9.35 -21.65 14.66
N THR E 122 -9.66 -20.54 14.00
CA THR E 122 -10.51 -20.61 12.83
C THR E 122 -9.84 -21.45 11.78
N THR E 123 -10.47 -22.56 11.40
CA THR E 123 -9.91 -23.40 10.35
C THR E 123 -10.20 -22.76 9.00
N GLU E 124 -10.01 -23.51 7.91
CA GLU E 124 -10.22 -22.94 6.59
C GLU E 124 -11.65 -22.46 6.40
N ILE E 125 -12.61 -23.21 6.89
CA ILE E 125 -13.99 -22.76 6.96
C ILE E 125 -14.06 -21.55 7.87
N ARG E 126 -15.03 -20.66 7.62
CA ARG E 126 -15.17 -19.49 8.47
C ARG E 126 -15.77 -19.82 9.83
N ASP E 127 -16.81 -20.66 9.86
CA ASP E 127 -17.55 -20.98 11.08
C ASP E 127 -17.44 -22.44 11.45
N LYS E 128 -16.24 -23.01 11.34
CA LYS E 128 -15.91 -24.30 11.91
C LYS E 128 -14.62 -24.15 12.68
N GLU E 129 -14.45 -24.94 13.74
CA GLU E 129 -13.36 -24.72 14.66
C GLU E 129 -12.86 -26.06 15.19
N LYS E 130 -11.64 -26.05 15.71
CA LYS E 130 -11.04 -27.24 16.27
C LYS E 130 -10.12 -26.85 17.41
N LYS E 131 -9.88 -27.82 18.30
CA LYS E 131 -8.95 -27.65 19.41
C LYS E 131 -7.54 -28.00 18.94
N GLU E 132 -6.57 -27.17 19.32
CA GLU E 132 -5.21 -27.32 18.81
C GLU E 132 -4.24 -26.81 19.86
N TYR E 133 -3.04 -27.40 19.88
CA TYR E 133 -2.06 -27.17 20.94
C TYR E 133 -0.72 -26.75 20.38
N ALA E 134 -0.04 -25.88 21.12
CA ALA E 134 1.25 -25.36 20.68
C ALA E 134 2.01 -24.84 21.89
N LEU E 135 3.32 -25.08 21.90
CA LEU E 135 4.16 -24.67 23.02
C LEU E 135 4.62 -23.23 22.84
N PHE E 136 4.83 -22.55 23.96
CA PHE E 136 5.35 -21.19 23.96
C PHE E 136 6.31 -21.05 25.12
N TYR E 137 7.41 -20.33 24.92
CA TYR E 137 8.31 -20.05 26.02
C TYR E 137 7.65 -19.04 26.96
N LYS E 138 7.95 -19.17 28.25
CA LYS E 138 7.23 -18.43 29.28
C LYS E 138 7.21 -16.92 29.07
N PRO E 139 8.28 -16.26 28.62
CA PRO E 139 8.22 -14.80 28.48
C PRO E 139 7.18 -14.30 27.49
N ASP E 140 6.67 -15.13 26.59
CA ASP E 140 5.65 -14.68 25.65
C ASP E 140 4.24 -14.67 26.23
N ILE E 141 4.01 -15.33 27.36
CA ILE E 141 2.67 -15.57 27.89
C ILE E 141 2.52 -14.85 29.22
N VAL E 142 1.35 -14.26 29.44
CA VAL E 142 1.05 -13.52 30.66
C VAL E 142 -0.26 -14.08 31.22
N PRO E 143 -0.44 -14.21 32.54
CA PRO E 143 -1.75 -14.63 33.05
C PRO E 143 -2.80 -13.56 32.87
N LEU E 144 -4.05 -14.02 32.77
CA LEU E 144 -5.14 -13.15 32.35
C LEU E 144 -5.83 -12.48 33.52
N SER E 145 -5.77 -13.06 34.72
CA SER E 145 -6.48 -12.52 35.87
C SER E 145 -5.80 -12.98 37.14
N GLU E 146 -6.09 -12.27 38.23
CA GLU E 146 -5.53 -12.61 39.54
C GLU E 146 -6.29 -13.71 40.26
N THR E 147 -7.37 -14.22 39.66
CA THR E 147 -8.19 -15.24 40.32
C THR E 147 -7.35 -16.47 40.64
N ASN E 148 -7.85 -17.30 41.57
CA ASN E 148 -7.17 -18.54 41.89
C ASN E 148 -7.04 -19.44 40.67
N ASN E 149 -7.97 -19.31 39.71
CA ASN E 149 -7.87 -20.03 38.45
C ASN E 149 -6.81 -19.39 37.56
N THR E 150 -5.54 -19.56 37.90
CA THR E 150 -4.44 -19.12 37.04
C THR E 150 -4.13 -20.13 35.96
N SER E 151 -5.16 -20.53 35.20
CA SER E 151 -5.06 -21.50 34.12
C SER E 151 -5.75 -20.99 32.87
N GLU E 152 -5.71 -19.67 32.66
CA GLU E 152 -6.19 -19.05 31.44
C GLU E 152 -5.23 -17.92 31.09
N TYR E 153 -4.66 -17.98 29.89
CA TYR E 153 -3.50 -17.17 29.54
C TYR E 153 -3.72 -16.45 28.21
N ARG E 154 -3.03 -15.33 28.07
CA ARG E 154 -3.07 -14.48 26.90
C ARG E 154 -1.65 -14.24 26.41
N LEU E 155 -1.48 -14.15 25.10
CA LEU E 155 -0.19 -13.74 24.57
C LEU E 155 0.14 -12.33 25.08
N ILE E 156 1.44 -12.04 25.17
CA ILE E 156 1.89 -10.75 25.65
C ILE E 156 1.52 -9.65 24.68
N ASN E 157 1.19 -10.01 23.45
CA ASN E 157 0.62 -9.07 22.50
C ASN E 157 -0.88 -8.99 22.75
N CYS E 158 -1.61 -8.31 21.88
CA CYS E 158 -3.04 -8.06 21.96
C CYS E 158 -3.34 -7.00 23.03
N ASN E 159 -2.33 -6.58 23.79
CA ASN E 159 -2.51 -5.54 24.81
C ASN E 159 -2.02 -4.19 24.30
N THR E 160 -1.18 -4.18 23.27
CA THR E 160 -0.62 -2.93 22.74
C THR E 160 -0.84 -2.80 21.23
N SER E 161 -0.68 -3.88 20.48
CA SER E 161 -0.78 -3.79 19.04
C SER E 161 -0.93 -5.17 18.43
N ALA E 162 -1.09 -5.19 17.12
CA ALA E 162 -1.21 -6.43 16.36
C ALA E 162 0.19 -7.03 16.23
N CYS E 163 0.39 -7.90 15.24
CA CYS E 163 1.59 -8.70 15.16
C CYS E 163 1.95 -8.96 13.70
N THR E 164 2.98 -9.77 13.51
CA THR E 164 3.36 -10.23 12.19
C THR E 164 4.37 -11.36 12.34
N GLN E 165 4.19 -12.41 11.57
CA GLN E 165 5.11 -13.52 11.57
C GLN E 165 6.21 -13.23 10.55
N ALA E 166 7.46 -13.47 10.93
CA ALA E 166 8.54 -13.41 9.96
C ALA E 166 8.48 -14.65 9.10
N CYS E 167 8.36 -14.46 7.80
CA CYS E 167 8.10 -15.58 6.91
C CYS E 167 9.25 -16.58 6.99
N PRO E 168 8.99 -17.89 6.90
CA PRO E 168 10.09 -18.84 6.98
C PRO E 168 11.06 -18.75 5.82
N LYS E 169 10.65 -18.16 4.71
CA LYS E 169 11.49 -18.11 3.52
C LYS E 169 12.44 -16.91 3.50
N VAL E 170 12.73 -16.30 4.66
CA VAL E 170 13.76 -15.27 4.76
C VAL E 170 14.56 -15.55 6.03
N THR E 171 15.82 -15.10 6.02
CA THR E 171 16.73 -15.33 7.13
C THR E 171 17.45 -14.03 7.47
N PHE E 172 17.64 -13.82 8.77
CA PHE E 172 18.23 -12.60 9.29
C PHE E 172 19.75 -12.66 9.39
N GLU E 173 20.39 -13.50 8.59
CA GLU E 173 21.85 -13.58 8.64
C GLU E 173 22.43 -12.25 8.18
N PRO E 174 23.39 -11.68 8.89
CA PRO E 174 23.81 -10.31 8.55
C PRO E 174 24.71 -10.24 7.34
N ILE E 175 24.14 -10.14 6.14
CA ILE E 175 24.95 -9.92 4.94
C ILE E 175 25.64 -8.57 5.06
N PRO E 176 26.92 -8.40 4.69
CA PRO E 176 27.51 -7.07 4.78
C PRO E 176 26.92 -6.11 3.77
N ILE E 177 26.99 -4.83 4.08
CA ILE E 177 26.47 -3.76 3.25
C ILE E 177 27.59 -2.76 3.00
N HIS E 178 27.81 -2.42 1.73
CA HIS E 178 28.78 -1.41 1.34
C HIS E 178 28.05 -0.13 0.99
N TYR E 179 28.34 0.94 1.73
CA TYR E 179 27.86 2.28 1.36
C TYR E 179 28.81 2.93 0.38
N CYS E 180 28.23 3.57 -0.65
CA CYS E 180 28.97 4.35 -1.63
C CYS E 180 28.23 5.65 -1.87
N ALA E 181 28.95 6.76 -1.84
CA ALA E 181 28.27 8.04 -2.06
C ALA E 181 28.05 8.27 -3.55
N PRO E 182 27.00 8.97 -3.96
CA PRO E 182 26.75 9.14 -5.39
C PRO E 182 27.77 10.07 -6.02
N ALA E 183 27.61 10.27 -7.33
CA ALA E 183 28.49 11.18 -8.05
C ALA E 183 28.35 12.58 -7.49
N GLY E 184 29.43 13.35 -7.57
CA GLY E 184 29.47 14.69 -7.03
C GLY E 184 29.88 14.77 -5.58
N TYR E 185 30.04 13.65 -4.89
CA TYR E 185 30.58 13.60 -3.54
C TYR E 185 31.78 12.66 -3.52
N ALA E 186 32.32 12.47 -2.32
CA ALA E 186 33.35 11.48 -2.09
C ALA E 186 33.42 11.19 -0.60
N ILE E 187 33.82 9.97 -0.27
CA ILE E 187 33.94 9.52 1.11
C ILE E 187 35.41 9.58 1.50
N LEU E 188 35.74 10.47 2.42
CA LEU E 188 37.10 10.62 2.92
C LEU E 188 37.25 9.79 4.19
N LYS E 189 38.30 8.99 4.23
CA LYS E 189 38.47 7.94 5.24
C LYS E 189 39.64 8.31 6.15
N CYS E 190 39.34 8.56 7.43
CA CYS E 190 40.41 8.71 8.41
C CYS E 190 41.22 7.42 8.47
N ASN E 191 42.54 7.54 8.45
CA ASN E 191 43.44 6.40 8.37
C ASN E 191 44.38 6.27 9.56
N ASP E 192 44.61 7.33 10.32
CA ASP E 192 45.47 7.26 11.51
C ASP E 192 44.74 6.41 12.54
N GLU E 193 45.28 5.21 12.82
CA GLU E 193 44.53 4.20 13.54
C GLU E 193 44.66 4.32 15.06
N THR E 194 44.95 5.52 15.56
CA THR E 194 44.84 5.83 16.97
C THR E 194 43.86 6.97 17.23
N PHE E 195 42.92 7.19 16.31
CA PHE E 195 42.02 8.33 16.38
C PHE E 195 41.09 8.19 17.59
N ASN E 196 40.87 9.29 18.30
CA ASN E 196 40.20 9.28 19.60
C ASN E 196 38.85 9.98 19.57
N GLY E 197 38.06 9.77 18.53
CA GLY E 197 36.68 10.19 18.49
C GLY E 197 36.44 11.57 17.90
N THR E 198 37.09 12.60 18.42
CA THR E 198 37.00 13.95 17.88
C THR E 198 38.39 14.56 17.84
N GLY E 199 38.80 15.03 16.66
CA GLY E 199 40.13 15.55 16.47
C GLY E 199 40.59 15.32 15.05
N PRO E 200 41.82 15.71 14.74
CA PRO E 200 42.29 15.64 13.35
C PRO E 200 42.86 14.27 13.00
N CYS E 201 42.62 13.89 11.76
CA CYS E 201 43.30 12.76 11.12
C CYS E 201 44.16 13.30 9.98
N SER E 202 45.47 13.09 10.08
CA SER E 202 46.39 13.61 9.08
C SER E 202 46.71 12.64 7.97
N ASN E 203 46.54 11.34 8.19
CA ASN E 203 46.58 10.35 7.11
C ASN E 203 45.14 10.11 6.67
N VAL E 204 44.79 10.63 5.49
CA VAL E 204 43.41 10.64 4.99
C VAL E 204 43.42 10.17 3.54
N SER E 205 42.43 9.36 3.18
CA SER E 205 42.31 8.81 1.84
C SER E 205 40.89 9.01 1.34
N THR E 206 40.74 9.00 0.02
CA THR E 206 39.43 9.07 -0.63
C THR E 206 39.06 7.73 -1.21
N VAL E 207 37.79 7.36 -1.07
CA VAL E 207 37.29 6.09 -1.59
C VAL E 207 35.83 6.28 -1.97
N GLN E 208 35.42 5.57 -3.02
CA GLN E 208 34.03 5.65 -3.47
C GLN E 208 33.10 4.76 -2.66
N CYS E 209 33.63 3.74 -1.98
CA CYS E 209 32.80 2.79 -1.25
C CYS E 209 33.45 2.45 0.08
N THR E 210 32.61 2.16 1.07
CA THR E 210 33.06 1.90 2.43
C THR E 210 33.25 0.39 2.65
N HIS E 211 33.71 0.06 3.85
CA HIS E 211 33.90 -1.32 4.27
C HIS E 211 32.55 -2.05 4.22
N GLY E 212 32.57 -3.37 4.18
CA GLY E 212 31.34 -4.15 4.19
C GLY E 212 30.73 -4.26 5.57
N ILE E 213 30.07 -3.18 6.00
CA ILE E 213 29.56 -3.09 7.36
C ILE E 213 28.62 -4.24 7.66
N ARG E 214 28.86 -4.92 8.77
CA ARG E 214 27.94 -5.95 9.25
C ARG E 214 26.84 -5.25 10.04
N PRO E 215 25.56 -5.34 9.66
CA PRO E 215 24.52 -4.63 10.40
C PRO E 215 24.01 -5.36 11.63
N VAL E 216 24.77 -6.32 12.16
CA VAL E 216 24.23 -7.31 13.09
C VAL E 216 23.71 -6.65 14.36
N VAL E 217 22.56 -7.15 14.82
CA VAL E 217 21.93 -6.62 16.02
C VAL E 217 22.63 -7.17 17.26
N SER E 218 22.85 -6.31 18.25
CA SER E 218 23.30 -6.75 19.56
C SER E 218 23.20 -5.59 20.52
N THR E 219 22.87 -5.88 21.77
CA THR E 219 22.51 -4.84 22.73
C THR E 219 23.61 -4.51 23.72
N GLN E 220 24.36 -5.51 24.19
CA GLN E 220 25.28 -5.34 25.31
C GLN E 220 26.71 -5.78 25.00
N LEU E 221 26.95 -6.42 23.86
CA LEU E 221 28.29 -6.60 23.33
C LEU E 221 28.18 -6.56 21.81
N LEU E 222 29.24 -6.09 21.16
CA LEU E 222 29.29 -6.07 19.70
C LEU E 222 29.74 -7.43 19.21
N LEU E 223 29.14 -7.89 18.12
CA LEU E 223 29.37 -9.22 17.58
C LEU E 223 29.91 -9.11 16.16
N ASN E 224 30.87 -9.97 15.83
CA ASN E 224 31.45 -10.09 14.48
C ASN E 224 31.92 -8.75 13.93
N GLY E 225 32.29 -7.81 14.79
CA GLY E 225 32.70 -6.51 14.32
C GLY E 225 34.10 -6.54 13.74
N SER E 226 34.53 -5.38 13.25
CA SER E 226 35.90 -5.23 12.75
C SER E 226 36.86 -5.05 13.92
N LEU E 227 38.09 -5.52 13.73
CA LEU E 227 39.09 -5.44 14.78
C LEU E 227 39.66 -4.03 14.85
N ALA E 228 40.25 -3.71 16.00
CA ALA E 228 41.16 -2.57 16.08
C ALA E 228 42.54 -3.02 15.64
N GLU E 229 43.19 -2.21 14.80
CA GLU E 229 44.35 -2.68 14.06
C GLU E 229 45.61 -2.80 14.91
N LYS E 230 45.87 -1.85 15.81
CA LYS E 230 47.16 -1.75 16.49
C LYS E 230 47.08 -1.69 18.01
N GLU E 231 46.01 -1.17 18.60
CA GLU E 231 45.94 -1.07 20.05
C GLU E 231 44.49 -0.88 20.48
N ILE E 232 44.23 -1.18 21.76
CA ILE E 232 42.91 -0.94 22.33
C ILE E 232 42.71 0.57 22.46
N VAL E 233 41.50 1.03 22.11
CA VAL E 233 41.16 2.44 22.08
C VAL E 233 39.88 2.63 22.87
N ILE E 234 39.71 3.85 23.40
CA ILE E 234 38.57 4.20 24.24
C ILE E 234 38.11 5.58 23.80
N ARG E 235 36.82 5.85 24.01
CA ARG E 235 36.19 7.02 23.41
C ARG E 235 34.83 7.28 24.03
N SER E 236 34.43 8.54 24.05
CA SER E 236 33.12 8.93 24.55
C SER E 236 32.94 10.42 24.29
N GLU E 237 31.68 10.82 24.11
CA GLU E 237 31.40 12.23 23.83
C GLU E 237 31.82 13.12 24.99
N ASN E 238 31.51 12.71 26.22
CA ASN E 238 31.87 13.52 27.39
C ASN E 238 32.06 12.54 28.55
N LEU E 239 33.32 12.18 28.80
CA LEU E 239 33.63 11.24 29.88
C LEU E 239 33.18 11.77 31.24
N THR E 240 33.06 13.08 31.39
CA THR E 240 32.67 13.65 32.68
C THR E 240 31.28 13.19 33.12
N ASN E 241 30.40 12.91 32.16
CA ASN E 241 29.01 12.57 32.44
C ASN E 241 28.77 11.10 32.17
N ASN E 242 27.98 10.45 33.04
CA ASN E 242 27.82 9.00 32.95
C ASN E 242 27.04 8.59 31.72
N ALA E 243 26.02 9.38 31.33
CA ALA E 243 25.06 8.93 30.33
C ALA E 243 25.68 8.68 28.97
N LYS E 244 26.74 9.40 28.61
CA LYS E 244 27.34 9.27 27.28
C LYS E 244 28.17 7.99 27.27
N ILE E 245 27.66 7.01 26.53
CA ILE E 245 28.14 5.63 26.59
C ILE E 245 29.59 5.55 26.13
N ILE E 246 30.44 4.97 26.97
CA ILE E 246 31.84 4.76 26.60
C ILE E 246 31.94 3.49 25.77
N ILE E 247 32.57 3.60 24.61
CA ILE E 247 32.71 2.51 23.65
C ILE E 247 34.16 2.06 23.69
N VAL E 248 34.40 0.78 23.40
CA VAL E 248 35.74 0.23 23.33
C VAL E 248 35.83 -0.66 22.10
N HIS E 249 36.94 -0.57 21.38
CA HIS E 249 37.18 -1.30 20.14
C HIS E 249 38.45 -2.11 20.32
N LEU E 250 38.29 -3.39 20.63
CA LEU E 250 39.38 -4.21 21.14
C LEU E 250 40.42 -4.50 20.09
N HIS E 251 41.63 -4.82 20.56
CA HIS E 251 42.75 -5.14 19.69
C HIS E 251 42.75 -6.59 19.22
N THR E 252 42.19 -7.50 20.02
CA THR E 252 42.09 -8.91 19.65
C THR E 252 40.67 -9.40 19.90
N PRO E 253 40.22 -10.44 19.19
CA PRO E 253 38.86 -10.92 19.40
C PRO E 253 38.77 -11.81 20.63
N VAL E 254 37.55 -11.90 21.17
CA VAL E 254 37.22 -12.82 22.26
C VAL E 254 36.20 -13.80 21.70
N GLU E 255 36.55 -15.08 21.70
CA GLU E 255 35.68 -16.07 21.11
C GLU E 255 34.48 -16.35 22.02
N ILE E 256 33.30 -16.36 21.44
CA ILE E 256 32.04 -16.60 22.16
C ILE E 256 31.24 -17.63 21.39
N VAL E 257 30.68 -18.61 22.10
CA VAL E 257 29.91 -19.69 21.53
C VAL E 257 28.66 -19.90 22.36
N CYS E 258 27.55 -20.22 21.71
CA CYS E 258 26.27 -20.39 22.37
C CYS E 258 25.50 -21.51 21.69
N THR E 259 24.42 -21.95 22.34
CA THR E 259 23.58 -23.00 21.79
C THR E 259 22.32 -23.13 22.62
N ARG E 260 21.45 -24.05 22.21
CA ARG E 260 20.17 -24.31 22.86
C ARG E 260 19.81 -25.77 22.60
N PRO E 261 20.35 -26.70 23.39
CA PRO E 261 20.22 -28.11 23.00
C PRO E 261 18.88 -28.77 23.21
N ASN E 262 17.79 -28.02 23.43
CA ASN E 262 16.49 -28.65 23.61
C ASN E 262 16.06 -29.51 22.43
N ASN E 263 16.51 -29.17 21.22
CA ASN E 263 16.12 -29.87 20.00
C ASN E 263 14.62 -29.76 19.73
N ASN E 264 14.18 -28.52 19.50
CA ASN E 264 12.78 -28.21 19.23
C ASN E 264 12.35 -28.83 17.90
N THR E 265 11.04 -28.78 17.64
CA THR E 265 10.48 -29.34 16.41
C THR E 265 9.30 -28.49 15.96
N ARG E 266 9.15 -28.33 14.66
CA ARG E 266 8.16 -27.44 14.08
C ARG E 266 6.84 -28.14 13.85
N LYS E 267 5.76 -27.46 14.19
CA LYS E 267 4.39 -27.90 13.93
C LYS E 267 3.74 -26.86 13.04
N SER E 268 2.82 -27.29 12.19
CA SER E 268 2.06 -26.37 11.34
C SER E 268 0.61 -26.31 11.79
N VAL E 269 0.00 -25.14 11.61
CA VAL E 269 -1.41 -24.93 11.89
C VAL E 269 -1.97 -24.06 10.78
N ARG E 270 -3.16 -24.37 10.31
CA ARG E 270 -3.73 -23.72 9.13
C ARG E 270 -4.75 -22.66 9.56
N ILE E 271 -4.22 -21.51 10.01
CA ILE E 271 -5.08 -20.40 10.39
C ILE E 271 -5.78 -19.86 9.15
N GLY E 272 -7.10 -19.70 9.25
CA GLY E 272 -7.84 -18.93 8.29
C GLY E 272 -7.77 -19.47 6.88
N PRO E 273 -7.95 -18.60 5.88
CA PRO E 273 -7.79 -19.06 4.49
C PRO E 273 -6.33 -19.16 4.08
N GLY E 274 -5.71 -20.28 4.41
CA GLY E 274 -4.42 -20.63 3.85
C GLY E 274 -3.25 -19.79 4.31
N GLN E 275 -3.36 -19.15 5.48
CA GLN E 275 -2.25 -18.38 6.06
C GLN E 275 -1.65 -19.17 7.22
N THR E 276 -0.74 -20.08 6.87
CA THR E 276 -0.23 -21.01 7.86
C THR E 276 0.59 -20.29 8.93
N PHE E 277 0.55 -20.82 10.14
CA PHE E 277 1.23 -20.27 11.30
C PHE E 277 2.03 -21.38 11.97
N TYR E 278 3.28 -21.09 12.31
CA TYR E 278 4.21 -22.08 12.84
C TYR E 278 4.32 -21.94 14.35
N ALA E 279 4.72 -23.01 15.02
CA ALA E 279 4.87 -22.98 16.47
C ALA E 279 5.66 -24.18 16.93
N THR E 280 6.25 -24.07 18.11
CA THR E 280 7.04 -25.16 18.65
C THR E 280 6.16 -26.35 19.01
N GLY E 281 6.36 -27.46 18.34
CA GLY E 281 5.57 -28.64 18.63
C GLY E 281 6.09 -29.40 19.83
N ASP E 282 6.11 -30.72 19.75
CA ASP E 282 6.70 -31.53 20.81
C ASP E 282 8.22 -31.35 20.81
N ILE E 283 8.85 -31.80 21.89
CA ILE E 283 10.29 -31.69 22.09
C ILE E 283 10.82 -33.11 22.22
N ILE E 284 11.32 -33.67 21.13
CA ILE E 284 11.98 -34.97 21.15
C ILE E 284 13.39 -34.76 21.66
N GLY E 285 13.69 -35.32 22.81
CA GLY E 285 14.99 -35.19 23.44
C GLY E 285 14.81 -35.08 24.94
N ASP E 286 15.72 -34.34 25.57
CA ASP E 286 15.66 -34.05 26.99
C ASP E 286 15.94 -32.57 27.21
N ILE E 287 15.28 -31.98 28.21
CA ILE E 287 15.35 -30.55 28.42
C ILE E 287 16.71 -30.17 28.99
N LYS E 288 17.24 -29.03 28.56
CA LYS E 288 18.51 -28.52 29.07
C LYS E 288 18.52 -27.01 28.98
N GLN E 289 19.45 -26.39 29.70
CA GLN E 289 19.50 -24.93 29.80
C GLN E 289 20.17 -24.33 28.57
N ALA E 290 19.75 -23.13 28.20
CA ALA E 290 20.36 -22.41 27.08
C ALA E 290 21.44 -21.45 27.59
N HIS E 291 22.65 -21.56 27.05
CA HIS E 291 23.83 -20.99 27.67
C HIS E 291 24.76 -20.39 26.62
N CYS E 292 25.70 -19.57 27.10
CA CYS E 292 26.79 -19.01 26.30
C CYS E 292 28.10 -19.18 27.04
N ASN E 293 29.17 -19.46 26.28
CA ASN E 293 30.48 -19.78 26.83
C ASN E 293 31.54 -18.81 26.33
N ILE E 294 32.44 -18.42 27.23
CA ILE E 294 33.59 -17.58 26.91
C ILE E 294 34.80 -18.14 27.66
N SER E 295 35.94 -18.17 26.99
CA SER E 295 37.17 -18.63 27.64
C SER E 295 37.59 -17.60 28.68
N GLU E 296 37.68 -18.03 29.94
CA GLU E 296 37.71 -17.08 31.06
C GLU E 296 39.02 -16.29 31.09
N GLU E 297 40.15 -16.95 30.88
CA GLU E 297 41.43 -16.26 31.03
C GLU E 297 41.59 -15.15 30.01
N LYS E 298 41.19 -15.40 28.76
CA LYS E 298 41.24 -14.35 27.74
C LYS E 298 40.32 -13.20 28.11
N TRP E 299 39.15 -13.51 28.65
CA TRP E 299 38.21 -12.47 29.05
C TRP E 299 38.80 -11.59 30.14
N ASN E 300 39.41 -12.21 31.14
CA ASN E 300 40.02 -11.43 32.22
C ASN E 300 41.18 -10.60 31.69
N ASP E 301 41.98 -11.18 30.78
CA ASP E 301 43.11 -10.45 30.21
C ASP E 301 42.64 -9.23 29.44
N THR E 302 41.67 -9.38 28.55
CA THR E 302 41.23 -8.25 27.75
C THR E 302 40.50 -7.23 28.60
N LEU E 303 39.76 -7.68 29.62
CA LEU E 303 39.13 -6.74 30.53
C LEU E 303 40.17 -5.91 31.27
N GLN E 304 41.25 -6.54 31.72
CA GLN E 304 42.31 -5.81 32.41
C GLN E 304 43.02 -4.86 31.46
N LYS E 305 43.20 -5.26 30.20
CA LYS E 305 43.85 -4.36 29.25
C LYS E 305 42.98 -3.15 28.95
N VAL E 306 41.66 -3.37 28.82
CA VAL E 306 40.74 -2.24 28.75
C VAL E 306 40.87 -1.39 30.01
N GLY E 307 41.16 -2.03 31.14
CA GLY E 307 41.43 -1.27 32.36
C GLY E 307 42.62 -0.35 32.21
N ILE E 308 43.72 -0.87 31.64
CA ILE E 308 44.90 -0.01 31.53
C ILE E 308 44.65 1.12 30.55
N GLU E 309 43.89 0.87 29.48
CA GLU E 309 43.57 1.98 28.58
C GLU E 309 42.61 2.97 29.21
N LEU E 310 41.66 2.49 30.03
CA LEU E 310 40.82 3.39 30.80
C LEU E 310 41.67 4.26 31.72
N GLN E 311 42.74 3.69 32.27
CA GLN E 311 43.68 4.49 33.05
C GLN E 311 44.47 5.45 32.17
N LYS E 312 44.76 5.09 30.93
CA LYS E 312 45.33 6.08 30.02
C LYS E 312 44.37 7.25 29.81
N HIS E 313 43.06 7.01 29.91
CA HIS E 313 42.08 8.09 29.93
C HIS E 313 41.65 8.50 31.33
N PHE E 314 41.86 7.66 32.34
CA PHE E 314 41.57 7.97 33.75
C PHE E 314 42.77 7.60 34.61
N PRO E 315 43.88 8.33 34.49
CA PRO E 315 45.10 7.94 35.23
C PRO E 315 45.04 8.22 36.72
N ASN E 316 43.94 8.79 37.22
CA ASN E 316 43.88 9.21 38.62
C ASN E 316 43.29 8.15 39.54
N LYS E 317 42.74 7.05 39.03
CA LYS E 317 41.95 6.15 39.85
C LYS E 317 42.04 4.71 39.33
N THR E 318 41.64 3.77 40.18
CA THR E 318 41.55 2.37 39.85
C THR E 318 40.14 2.03 39.36
N ILE E 319 39.98 0.81 38.85
CA ILE E 319 38.82 0.42 38.05
C ILE E 319 38.17 -0.81 38.67
N LYS E 320 36.85 -0.88 38.58
CA LYS E 320 36.06 -2.03 38.98
C LYS E 320 34.94 -2.25 37.98
N TYR E 321 34.45 -3.49 37.91
CA TYR E 321 33.29 -3.85 37.11
C TYR E 321 32.22 -4.47 38.00
N ASN E 322 30.97 -4.40 37.55
CA ASN E 322 29.84 -4.64 38.43
C ASN E 322 28.76 -5.43 37.69
N GLN E 323 27.66 -5.66 38.39
CA GLN E 323 26.50 -6.35 37.86
C GLN E 323 25.75 -5.45 36.87
N SER E 324 24.92 -6.06 36.04
CA SER E 324 24.14 -5.35 35.04
C SER E 324 23.25 -4.28 35.65
N ALA E 325 22.67 -3.42 34.81
CA ALA E 325 21.96 -2.25 35.30
C ALA E 325 20.71 -2.61 36.10
N GLY E 326 19.92 -3.57 35.60
CA GLY E 326 18.70 -3.96 36.28
C GLY E 326 17.47 -3.25 35.75
N GLY E 327 16.67 -3.96 34.95
CA GLY E 327 15.50 -3.35 34.33
C GLY E 327 14.80 -4.31 33.38
N ASP E 328 14.21 -3.80 32.31
CA ASP E 328 13.50 -4.65 31.37
C ASP E 328 14.45 -5.62 30.70
N MET E 329 13.94 -6.81 30.39
CA MET E 329 14.77 -7.87 29.83
C MET E 329 15.39 -7.47 28.50
N GLU E 330 14.77 -6.51 27.80
CA GLU E 330 15.34 -6.06 26.54
C GLU E 330 16.70 -5.40 26.73
N ILE E 331 16.94 -4.75 27.87
CA ILE E 331 18.11 -3.90 28.05
C ILE E 331 19.07 -4.46 29.09
N THR E 332 18.54 -5.04 30.16
CA THR E 332 19.41 -5.48 31.26
C THR E 332 20.09 -6.78 30.98
N THR E 333 20.07 -7.33 29.76
CA THR E 333 20.70 -8.60 29.47
C THR E 333 21.40 -8.50 28.12
N HIS E 334 22.40 -9.35 27.93
CA HIS E 334 23.04 -9.46 26.63
C HIS E 334 22.13 -10.26 25.72
N SER E 335 21.62 -9.61 24.68
CA SER E 335 20.72 -10.20 23.71
C SER E 335 21.32 -10.06 22.32
N PHE E 336 21.29 -11.15 21.55
CA PHE E 336 21.93 -11.14 20.24
C PHE E 336 21.19 -12.08 19.31
N ASN E 337 21.02 -11.63 18.08
CA ASN E 337 20.38 -12.46 17.06
C ASN E 337 21.22 -13.69 16.79
N CYS E 338 20.57 -14.82 16.53
CA CYS E 338 21.26 -16.10 16.45
C CYS E 338 20.39 -17.11 15.74
N GLY E 339 20.70 -17.41 14.49
CA GLY E 339 20.03 -18.54 13.85
C GLY E 339 18.61 -18.26 13.39
N GLY E 340 17.80 -17.62 14.22
CA GLY E 340 16.39 -17.45 13.97
C GLY E 340 15.58 -17.42 15.24
N GLU E 341 16.11 -17.96 16.34
CA GLU E 341 15.49 -17.88 17.67
C GLU E 341 16.29 -16.95 18.54
N PHE E 342 15.66 -15.89 19.03
CA PHE E 342 16.38 -14.80 19.67
C PHE E 342 16.79 -15.21 21.07
N PHE E 343 18.05 -14.96 21.42
CA PHE E 343 18.58 -15.28 22.74
C PHE E 343 18.57 -14.05 23.64
N TYR E 344 18.54 -14.29 24.94
CA TYR E 344 18.72 -13.26 25.95
C TYR E 344 19.50 -13.90 27.10
N CYS E 345 20.66 -13.32 27.43
CA CYS E 345 21.63 -13.95 28.33
C CYS E 345 21.92 -13.06 29.53
N ASN E 346 21.79 -13.62 30.73
CA ASN E 346 22.12 -12.90 31.95
C ASN E 346 23.63 -12.75 32.06
N THR E 347 24.09 -11.54 32.38
CA THR E 347 25.46 -11.14 32.10
C THR E 347 26.34 -11.03 33.34
N SER E 348 25.78 -11.06 34.56
CA SER E 348 26.57 -10.73 35.75
C SER E 348 27.72 -11.72 35.97
N ASN E 349 27.68 -12.89 35.35
CA ASN E 349 28.76 -13.85 35.51
C ASN E 349 30.04 -13.44 34.78
N LEU E 350 30.00 -12.39 33.97
CA LEU E 350 31.16 -11.92 33.22
C LEU E 350 31.87 -10.75 33.85
N PHE E 351 31.23 -10.01 34.78
CA PHE E 351 31.75 -8.74 35.25
C PHE E 351 31.96 -8.72 36.76
N ASN E 352 32.35 -9.85 37.35
CA ASN E 352 32.95 -9.88 38.69
C ASN E 352 34.46 -9.83 38.53
N GLY E 353 35.02 -8.65 38.70
CA GLY E 353 36.46 -8.48 38.58
C GLY E 353 36.83 -7.03 38.86
N THR E 354 38.14 -6.80 38.95
CA THR E 354 38.64 -5.46 39.23
C THR E 354 40.07 -5.35 38.73
N TYR E 355 40.57 -4.11 38.76
CA TYR E 355 41.92 -3.80 38.30
C TYR E 355 42.45 -2.68 39.17
N ASN E 356 43.53 -2.94 39.91
CA ASN E 356 44.03 -2.06 40.95
C ASN E 356 45.14 -1.12 40.48
N GLY E 357 45.44 -1.08 39.19
CA GLY E 357 46.57 -0.34 38.68
C GLY E 357 47.77 -1.19 38.31
N THR E 358 47.65 -2.52 38.35
CA THR E 358 48.74 -3.43 38.07
C THR E 358 48.28 -4.53 37.12
N TYR E 359 49.23 -5.03 36.33
CA TYR E 359 48.99 -6.10 35.36
C TYR E 359 49.55 -7.41 35.90
N ILE E 360 48.76 -8.47 35.77
CA ILE E 360 49.12 -9.81 36.23
C ILE E 360 49.23 -10.71 35.02
N SER E 361 50.34 -11.43 34.90
CA SER E 361 50.58 -12.30 33.76
C SER E 361 49.80 -13.60 33.91
N THR E 362 49.57 -14.26 32.78
CA THR E 362 48.88 -15.54 32.72
C THR E 362 49.85 -16.72 32.61
N ASN E 363 51.16 -16.48 32.66
CA ASN E 363 52.17 -17.53 32.65
C ASN E 363 52.61 -17.82 34.08
N SER E 364 52.68 -19.09 34.47
CA SER E 364 52.38 -20.35 33.76
C SER E 364 50.88 -20.48 33.54
N SER E 365 50.51 -21.37 32.63
CA SER E 365 49.13 -21.48 32.18
C SER E 365 48.19 -21.79 33.33
N ALA E 366 47.11 -21.00 33.42
CA ALA E 366 46.15 -21.20 34.51
C ALA E 366 45.46 -22.54 34.38
N ASN E 367 44.90 -22.85 33.22
CA ASN E 367 44.25 -24.12 32.97
C ASN E 367 43.99 -24.27 31.49
N SER E 368 43.84 -25.52 31.05
CA SER E 368 43.52 -25.81 29.65
C SER E 368 42.03 -25.71 29.34
N THR E 369 41.17 -25.54 30.36
CA THR E 369 39.73 -25.55 30.18
C THR E 369 39.02 -24.44 30.95
N SER E 370 39.69 -23.33 31.24
CA SER E 370 39.05 -22.24 31.97
C SER E 370 37.95 -21.58 31.14
N THR E 371 36.69 -21.76 31.52
CA THR E 371 35.56 -21.25 30.78
C THR E 371 34.53 -20.66 31.74
N ILE E 372 33.98 -19.50 31.39
CA ILE E 372 32.91 -18.86 32.14
C ILE E 372 31.63 -19.02 31.36
N THR E 373 30.56 -19.38 32.06
CA THR E 373 29.29 -19.76 31.44
C THR E 373 28.20 -18.77 31.82
N LEU E 374 27.30 -18.51 30.88
CA LEU E 374 26.14 -17.66 31.08
C LEU E 374 24.91 -18.54 30.94
N GLN E 375 23.78 -18.10 31.48
CA GLN E 375 22.50 -18.80 31.34
C GLN E 375 21.47 -17.87 30.74
N CYS E 376 20.76 -18.37 29.72
CA CYS E 376 20.02 -17.53 28.78
C CYS E 376 18.57 -17.98 28.65
N ARG E 377 17.66 -17.01 28.70
CA ARG E 377 16.26 -17.21 28.38
C ARG E 377 16.07 -17.24 26.87
N ILE E 378 14.83 -17.43 26.42
CA ILE E 378 14.48 -17.32 25.01
C ILE E 378 13.11 -16.70 24.89
N LYS E 379 12.97 -15.73 23.99
CA LYS E 379 11.68 -15.16 23.63
C LYS E 379 11.33 -15.55 22.21
N GLN E 380 10.13 -15.16 21.79
CA GLN E 380 9.77 -15.17 20.39
C GLN E 380 9.01 -13.93 19.94
N ILE E 381 8.50 -13.12 20.86
CA ILE E 381 7.84 -11.85 20.54
C ILE E 381 8.81 -10.72 20.76
N ILE E 382 9.56 -10.32 19.74
CA ILE E 382 10.65 -9.39 19.92
C ILE E 382 10.17 -8.02 19.45
N ASN E 383 9.94 -7.10 20.39
CA ASN E 383 9.65 -5.71 20.03
C ASN E 383 10.97 -5.00 19.68
N MET E 384 11.51 -5.33 18.52
CA MET E 384 12.95 -5.23 18.34
C MET E 384 13.42 -3.79 18.17
N TRP E 385 12.56 -2.89 17.72
CA TRP E 385 12.84 -1.46 17.79
C TRP E 385 11.56 -0.73 18.09
N GLN E 386 11.70 0.56 18.39
CA GLN E 386 10.55 1.44 18.52
C GLN E 386 10.12 1.92 17.14
N GLY E 387 8.91 1.54 16.73
CA GLY E 387 8.41 1.91 15.43
C GLY E 387 8.70 0.92 14.33
N VAL E 388 8.91 -0.35 14.66
CA VAL E 388 9.25 -1.38 13.68
C VAL E 388 8.00 -2.14 13.27
N GLY E 389 6.83 -1.59 13.56
CA GLY E 389 5.63 -2.39 13.49
C GLY E 389 5.45 -3.35 14.64
N ARG E 390 6.45 -3.47 15.53
CA ARG E 390 6.55 -4.37 16.67
C ARG E 390 6.01 -5.78 16.47
N CYS E 391 6.22 -6.62 17.47
CA CYS E 391 5.76 -8.01 17.47
C CYS E 391 6.13 -8.74 16.19
N MET E 392 7.43 -8.92 15.98
CA MET E 392 7.93 -9.71 14.87
C MET E 392 8.08 -11.15 15.33
N TYR E 393 6.97 -11.89 15.32
CA TYR E 393 6.96 -13.27 15.78
C TYR E 393 7.96 -14.09 14.97
N ALA E 394 8.93 -14.69 15.64
CA ALA E 394 10.01 -15.43 14.97
C ALA E 394 9.72 -16.92 15.01
N PRO E 395 9.62 -17.63 13.88
CA PRO E 395 9.33 -19.05 13.95
C PRO E 395 10.53 -19.82 14.46
N PRO E 396 10.34 -20.98 15.05
CA PRO E 396 11.46 -21.68 15.69
C PRO E 396 12.13 -22.65 14.74
N ILE E 397 13.44 -22.55 14.58
CA ILE E 397 14.14 -23.42 13.64
C ILE E 397 14.46 -24.76 14.29
N ALA E 398 14.16 -25.83 13.58
CA ALA E 398 14.22 -27.17 14.13
C ALA E 398 15.66 -27.58 14.40
N GLY E 399 15.82 -28.73 15.04
CA GLY E 399 17.13 -29.26 15.34
C GLY E 399 17.82 -28.52 16.47
N ASN E 400 19.14 -28.57 16.48
CA ASN E 400 19.96 -27.89 17.47
C ASN E 400 20.91 -26.96 16.75
N ILE E 401 21.24 -25.85 17.41
CA ILE E 401 21.78 -24.66 16.76
C ILE E 401 23.03 -24.18 17.49
N THR E 402 23.83 -23.39 16.80
CA THR E 402 25.07 -22.86 17.33
C THR E 402 25.36 -21.53 16.66
N CYS E 403 26.05 -20.64 17.37
CA CYS E 403 26.36 -19.30 16.88
C CYS E 403 27.79 -18.93 17.22
N ARG E 404 28.74 -19.80 16.86
CA ARG E 404 30.16 -19.54 17.04
C ARG E 404 30.55 -18.18 16.46
N SER E 405 31.04 -17.28 17.31
CA SER E 405 31.17 -15.87 16.94
C SER E 405 32.37 -15.24 17.64
N ASN E 406 32.74 -14.04 17.16
CA ASN E 406 33.87 -13.27 17.68
C ASN E 406 33.35 -11.93 18.22
N ILE E 407 33.70 -11.61 19.47
CA ILE E 407 33.44 -10.28 19.99
C ILE E 407 34.59 -9.37 19.58
N THR E 408 34.29 -8.08 19.40
CA THR E 408 35.32 -7.09 19.13
C THR E 408 35.09 -5.75 19.82
N GLY E 409 34.07 -5.62 20.66
CA GLY E 409 33.80 -4.34 21.28
C GLY E 409 32.87 -4.50 22.45
N LEU E 410 32.85 -3.46 23.28
CA LEU E 410 32.01 -3.43 24.48
C LEU E 410 31.30 -2.09 24.56
N LEU E 411 30.20 -2.05 25.29
CA LEU E 411 29.52 -0.82 25.66
C LEU E 411 29.35 -0.78 27.17
N LEU E 412 29.88 0.27 27.80
CA LEU E 412 29.88 0.41 29.25
C LEU E 412 29.29 1.76 29.64
N THR E 413 28.92 1.88 30.91
CA THR E 413 28.41 3.13 31.47
C THR E 413 28.99 3.29 32.86
N ARG E 414 29.48 4.49 33.17
CA ARG E 414 30.10 4.71 34.47
C ARG E 414 29.06 4.82 35.56
N ASP E 415 29.34 4.18 36.69
CA ASP E 415 28.42 4.18 37.83
C ASP E 415 28.34 5.58 38.44
N GLY E 416 27.34 5.77 39.28
CA GLY E 416 27.21 7.02 40.02
C GLY E 416 28.11 7.11 41.23
N GLY E 417 29.42 7.04 41.01
CA GLY E 417 30.36 7.13 42.11
C GLY E 417 30.32 8.49 42.77
N THR E 418 30.68 8.52 44.05
CA THR E 418 30.59 9.76 44.82
C THR E 418 31.51 9.68 46.04
N ASN E 419 31.80 10.86 46.58
CA ASN E 419 32.54 11.02 47.83
C ASN E 419 33.93 10.39 47.75
N SER E 420 34.74 10.97 46.86
CA SER E 420 36.18 10.66 46.76
C SER E 420 36.44 9.17 46.56
N ASN E 421 35.63 8.52 45.74
CA ASN E 421 35.81 7.10 45.49
C ASN E 421 37.05 6.87 44.63
N GLU E 422 38.03 6.16 45.19
CA GLU E 422 39.24 5.81 44.45
C GLU E 422 39.00 4.69 43.45
N THR E 423 38.05 3.79 43.73
CA THR E 423 37.75 2.67 42.84
C THR E 423 36.56 3.06 41.97
N GLU E 424 36.84 3.84 40.93
CA GLU E 424 35.83 4.14 39.93
C GLU E 424 35.39 2.84 39.26
N THR E 425 34.11 2.77 38.90
CA THR E 425 33.55 1.53 38.37
C THR E 425 32.62 1.81 37.21
N PHE E 426 32.70 0.95 36.20
CA PHE E 426 31.88 1.02 35.00
C PHE E 426 31.01 -0.23 34.93
N ARG E 427 29.73 -0.04 34.57
CA ARG E 427 28.74 -1.11 34.50
C ARG E 427 28.38 -1.40 33.04
N PRO E 428 28.16 -2.66 32.65
CA PRO E 428 27.64 -2.90 31.30
C PRO E 428 26.28 -2.26 31.12
N ALA E 429 26.03 -1.75 29.92
CA ALA E 429 24.77 -1.08 29.62
C ALA E 429 24.62 -1.01 28.11
N GLY E 430 23.54 -1.59 27.60
CA GLY E 430 23.14 -1.39 26.22
C GLY E 430 22.23 -0.19 26.10
N GLY E 431 21.76 0.05 24.88
CA GLY E 431 20.85 1.14 24.67
C GLY E 431 20.49 1.42 23.23
N ASP E 432 20.54 2.71 22.87
CA ASP E 432 20.12 3.14 21.55
C ASP E 432 20.97 2.48 20.48
N MET E 433 20.34 2.10 19.38
CA MET E 433 20.99 1.19 18.44
C MET E 433 21.89 1.92 17.46
N ARG E 434 21.87 3.25 17.43
CA ARG E 434 22.79 3.98 16.57
C ARG E 434 24.24 3.64 16.93
N ASP E 435 24.49 3.35 18.21
CA ASP E 435 25.84 3.15 18.70
C ASP E 435 26.54 1.98 18.03
N ASN E 436 25.83 0.87 17.82
CA ASN E 436 26.46 -0.30 17.20
C ASN E 436 26.97 0.03 15.81
N TRP E 437 26.20 0.77 15.03
CA TRP E 437 26.68 1.22 13.73
C TRP E 437 27.63 2.39 13.88
N ARG E 438 27.43 3.23 14.90
CA ARG E 438 28.34 4.34 15.13
C ARG E 438 29.74 3.82 15.47
N SER E 439 29.83 2.65 16.06
CA SER E 439 31.12 2.02 16.37
C SER E 439 31.74 1.37 15.19
N GLU E 440 31.23 1.50 13.97
CA GLU E 440 31.88 0.91 12.80
C GLU E 440 32.08 1.93 11.70
N LEU E 441 31.22 2.94 11.63
CA LEU E 441 31.25 3.92 10.56
C LEU E 441 32.08 5.16 10.89
N TYR E 442 32.80 5.17 12.02
CA TYR E 442 33.47 6.39 12.45
C TYR E 442 34.56 6.84 11.48
N LYS E 443 35.10 5.91 10.70
CA LYS E 443 36.25 6.22 9.86
C LYS E 443 35.91 7.14 8.71
N TYR E 444 34.62 7.31 8.39
CA TYR E 444 34.21 7.94 7.15
C TYR E 444 33.55 9.30 7.38
N LYS E 445 33.69 10.17 6.38
CA LYS E 445 32.94 11.40 6.29
C LYS E 445 32.57 11.62 4.82
N VAL E 446 31.46 12.30 4.59
CA VAL E 446 30.94 12.57 3.25
C VAL E 446 31.03 14.06 2.98
N VAL E 447 31.57 14.43 1.82
CA VAL E 447 31.88 15.81 1.48
C VAL E 447 31.43 16.10 0.06
N LYS E 448 30.98 17.35 -0.16
CA LYS E 448 30.68 17.82 -1.51
C LYS E 448 31.97 18.21 -2.23
N ILE E 449 32.15 17.69 -3.45
CA ILE E 449 33.13 18.29 -4.34
C ILE E 449 32.55 19.58 -4.88
N GLU E 450 33.23 20.69 -4.61
CA GLU E 450 32.82 22.01 -5.11
C GLU E 450 33.77 22.44 -6.21
N PRO E 451 33.63 21.92 -7.43
CA PRO E 451 34.74 21.94 -8.38
C PRO E 451 35.14 23.32 -8.87
N LEU E 452 34.31 24.34 -8.70
CA LEU E 452 34.53 25.63 -9.32
C LEU E 452 35.28 26.56 -8.36
N GLY E 453 36.31 27.23 -8.88
CA GLY E 453 37.11 28.13 -8.08
C GLY E 453 37.62 29.29 -8.90
N VAL E 454 38.12 30.31 -8.20
CA VAL E 454 38.55 31.56 -8.80
C VAL E 454 39.91 31.94 -8.21
N ALA E 455 40.68 32.69 -8.97
CA ALA E 455 41.94 33.25 -8.48
C ALA E 455 42.42 34.31 -9.47
N PRO E 456 43.29 35.21 -9.04
CA PRO E 456 43.92 36.13 -10.00
C PRO E 456 44.98 35.42 -10.82
N THR E 457 45.44 36.08 -11.88
CA THR E 457 46.54 35.58 -12.67
C THR E 457 47.06 36.76 -13.50
N ARG E 458 48.29 36.64 -14.00
CA ARG E 458 48.85 37.62 -14.93
C ARG E 458 48.22 37.54 -16.32
N CYS E 459 47.35 36.57 -16.57
CA CYS E 459 46.70 36.37 -17.84
C CYS E 459 45.54 37.36 -18.01
N LYS E 460 45.05 37.46 -19.24
CA LYS E 460 43.84 38.22 -19.51
C LYS E 460 43.27 37.79 -20.87
N ARG E 461 41.97 38.00 -21.04
CA ARG E 461 41.30 37.58 -22.26
C ARG E 461 41.65 38.47 -23.42
N ARG E 462 41.98 37.87 -24.56
CA ARG E 462 42.13 38.63 -25.79
C ARG E 462 40.77 39.06 -26.32
N VAL E 463 40.74 40.22 -26.96
CA VAL E 463 39.51 40.72 -27.57
C VAL E 463 39.22 39.96 -28.85
N LEU F 9 46.94 10.57 -11.70
CA LEU F 9 47.12 10.77 -10.26
C LEU F 9 46.02 10.12 -9.44
N GLY F 10 44.80 10.04 -9.97
CA GLY F 10 43.64 9.58 -9.25
C GLY F 10 42.51 10.60 -9.27
N PHE F 11 41.39 10.22 -8.65
CA PHE F 11 40.22 11.09 -8.65
C PHE F 11 40.52 12.40 -7.91
N LEU F 12 41.03 12.30 -6.69
CA LEU F 12 41.39 13.46 -5.88
C LEU F 12 42.87 13.42 -5.48
N GLY F 13 43.73 12.85 -6.32
CA GLY F 13 45.15 12.82 -6.00
C GLY F 13 45.79 14.19 -5.95
N ALA F 14 45.25 15.15 -6.70
CA ALA F 14 45.84 16.48 -6.75
C ALA F 14 45.66 17.29 -5.48
N ALA F 15 44.85 16.82 -4.54
CA ALA F 15 44.62 17.58 -3.32
C ALA F 15 45.87 17.65 -2.47
N GLY F 16 46.03 18.77 -1.77
CA GLY F 16 47.15 18.95 -0.87
C GLY F 16 48.38 19.55 -1.52
N SER F 17 48.73 19.05 -2.71
CA SER F 17 49.92 19.53 -3.39
C SER F 17 49.70 20.97 -3.89
N THR F 18 50.68 21.47 -4.63
CA THR F 18 50.68 22.86 -5.04
C THR F 18 49.54 23.15 -6.02
N MET F 19 49.42 24.43 -6.38
CA MET F 19 48.40 24.85 -7.33
C MET F 19 48.77 24.55 -8.78
N GLY F 20 49.94 23.93 -9.02
CA GLY F 20 50.33 23.65 -10.39
C GLY F 20 49.35 22.76 -11.13
N ALA F 21 48.90 21.69 -10.49
CA ALA F 21 47.90 20.81 -11.10
C ALA F 21 46.57 21.55 -11.17
N ALA F 22 45.91 21.49 -12.33
CA ALA F 22 44.65 22.19 -12.50
C ALA F 22 43.82 21.51 -13.59
N SER F 23 42.51 21.74 -13.51
CA SER F 23 41.54 21.38 -14.56
C SER F 23 41.55 19.87 -14.85
N MET F 24 41.14 19.12 -13.84
CA MET F 24 40.98 17.67 -13.98
C MET F 24 39.92 17.22 -12.99
N THR F 25 39.81 15.90 -12.79
CA THR F 25 38.83 15.30 -11.88
C THR F 25 37.40 15.46 -12.37
N LEU F 26 37.20 15.90 -13.60
CA LEU F 26 35.84 16.15 -14.08
C LEU F 26 35.17 14.88 -14.58
N THR F 27 35.93 13.94 -15.14
CA THR F 27 35.34 12.90 -15.97
C THR F 27 34.43 11.96 -15.19
N VAL F 28 34.47 11.97 -13.87
CA VAL F 28 33.79 10.93 -13.08
C VAL F 28 32.28 11.12 -13.18
N GLN F 29 31.59 10.02 -13.50
CA GLN F 29 30.12 9.98 -13.53
C GLN F 29 29.75 8.52 -13.35
N ALA F 30 29.16 8.19 -12.21
CA ALA F 30 29.10 6.80 -11.76
C ALA F 30 28.20 5.95 -12.64
N ARG F 31 28.44 4.64 -12.61
CA ARG F 31 27.58 3.66 -13.29
C ARG F 31 26.43 3.27 -12.37
N ASN F 32 25.36 2.74 -12.97
CA ASN F 32 24.12 2.44 -12.25
C ASN F 32 23.41 1.25 -12.89
N LEU F 33 22.45 0.69 -12.16
CA LEU F 33 21.60 -0.39 -12.65
C LEU F 33 20.21 -0.22 -12.04
N LEU F 34 19.25 -0.98 -12.57
CA LEU F 34 17.82 -0.79 -12.30
C LEU F 34 17.45 -0.75 -10.81
N SER F 35 16.26 -0.21 -10.51
CA SER F 35 15.80 0.04 -9.15
C SER F 35 14.40 -0.49 -8.94
N GLY F 36 14.11 -0.91 -7.70
CA GLY F 36 12.81 -1.42 -7.31
C GLY F 36 12.11 -0.52 -6.30
N THR F 37 12.26 -0.85 -5.01
CA THR F 37 11.69 -0.05 -3.94
C THR F 37 12.61 -0.14 -2.72
N VAL F 38 12.25 0.60 -1.67
CA VAL F 38 13.00 0.67 -0.41
C VAL F 38 14.34 1.35 -0.63
N TRP F 39 15.25 0.67 -1.33
CA TRP F 39 16.53 1.22 -1.75
C TRP F 39 16.61 1.55 -3.23
N GLY F 40 15.51 1.47 -3.97
CA GLY F 40 15.51 1.87 -5.36
C GLY F 40 15.32 3.35 -5.54
N ILE F 41 14.25 3.88 -4.93
CA ILE F 41 13.98 5.30 -5.07
C ILE F 41 15.10 6.12 -4.45
N LYS F 42 15.79 5.57 -3.45
CA LYS F 42 16.95 6.27 -2.91
C LYS F 42 18.08 6.35 -3.93
N GLN F 43 18.15 5.40 -4.86
CA GLN F 43 19.11 5.50 -5.95
C GLN F 43 18.70 6.56 -6.96
N LEU F 44 17.40 6.56 -7.33
CA LEU F 44 16.93 7.53 -8.31
C LEU F 44 17.09 8.95 -7.80
N GLN F 45 16.81 9.17 -6.51
CA GLN F 45 16.89 10.49 -5.93
C GLN F 45 18.32 10.99 -5.80
N ALA F 46 19.32 10.13 -5.92
CA ALA F 46 20.71 10.56 -6.04
C ALA F 46 21.11 10.83 -7.49
N ARG F 47 20.59 10.04 -8.43
CA ARG F 47 20.90 10.30 -9.83
C ARG F 47 20.42 11.68 -10.26
N VAL F 48 19.18 12.05 -9.90
CA VAL F 48 18.65 13.33 -10.35
C VAL F 48 19.08 14.46 -9.42
N LEU F 49 20.04 14.19 -8.54
CA LEU F 49 20.82 15.25 -7.90
C LEU F 49 22.17 15.40 -8.55
N ALA F 50 22.80 14.29 -8.97
CA ALA F 50 24.06 14.40 -9.70
C ALA F 50 23.87 15.22 -10.98
N VAL F 51 22.85 14.87 -11.77
CA VAL F 51 22.65 15.61 -13.02
C VAL F 51 22.27 17.06 -12.72
N GLU F 52 21.50 17.28 -11.65
CA GLU F 52 21.11 18.63 -11.28
C GLU F 52 22.32 19.49 -10.94
N ARG F 53 23.21 18.96 -10.12
CA ARG F 53 24.42 19.71 -9.78
C ARG F 53 25.24 19.99 -11.03
N TYR F 54 25.35 18.99 -11.91
CA TYR F 54 26.17 19.19 -13.10
C TYR F 54 25.62 20.29 -13.98
N LEU F 55 24.31 20.32 -14.23
CA LEU F 55 23.80 21.38 -15.10
C LEU F 55 23.82 22.75 -14.42
N ARG F 56 23.47 22.83 -13.13
CA ARG F 56 23.54 24.11 -12.44
C ARG F 56 24.97 24.65 -12.42
N ASP F 57 25.96 23.77 -12.42
CA ASP F 57 27.34 24.20 -12.52
C ASP F 57 27.72 24.56 -13.96
N GLN F 58 27.18 23.83 -14.93
CA GLN F 58 27.45 24.11 -16.34
C GLN F 58 27.01 25.51 -16.72
N GLN F 59 25.92 25.99 -16.12
CA GLN F 59 25.40 27.33 -16.42
C GLN F 59 26.46 28.41 -16.31
N LEU F 60 27.24 28.40 -15.22
CA LEU F 60 28.15 29.51 -14.97
C LEU F 60 29.27 29.56 -16.00
N LEU F 61 29.86 28.40 -16.33
CA LEU F 61 30.89 28.41 -17.37
C LEU F 61 30.30 28.66 -18.74
N GLY F 62 29.02 28.35 -18.94
CA GLY F 62 28.38 28.65 -20.21
C GLY F 62 28.19 30.13 -20.43
N ILE F 63 27.67 30.83 -19.41
CA ILE F 63 27.29 32.23 -19.62
C ILE F 63 28.49 33.15 -19.50
N TRP F 64 29.58 32.70 -18.87
CA TRP F 64 30.77 33.54 -18.73
C TRP F 64 31.65 33.54 -19.96
N GLY F 65 31.20 32.96 -21.07
CA GLY F 65 32.05 32.88 -22.24
C GLY F 65 33.25 32.01 -21.98
N CYS F 66 33.00 30.78 -21.51
CA CYS F 66 34.06 29.83 -21.21
C CYS F 66 33.69 28.44 -21.72
N SER F 67 33.29 28.35 -22.98
CA SER F 67 33.33 27.06 -23.66
C SER F 67 34.76 26.55 -23.65
N GLY F 68 34.92 25.24 -23.82
CA GLY F 68 36.24 24.69 -23.58
C GLY F 68 36.50 24.77 -22.09
N LYS F 69 35.81 23.92 -21.33
CA LYS F 69 35.62 24.07 -19.90
C LYS F 69 36.90 24.04 -19.06
N LEU F 70 38.05 23.88 -19.69
CA LEU F 70 39.32 24.02 -18.98
C LEU F 70 39.56 25.49 -18.67
N ILE F 71 40.76 25.84 -18.21
CA ILE F 71 41.00 27.18 -17.67
C ILE F 71 40.76 28.23 -18.76
N CYS F 72 39.94 29.23 -18.42
CA CYS F 72 39.58 30.32 -19.31
C CYS F 72 39.85 31.63 -18.58
N CYS F 73 40.51 32.57 -19.26
CA CYS F 73 40.76 33.88 -18.68
C CYS F 73 39.63 34.84 -19.07
N THR F 74 39.61 35.98 -18.38
CA THR F 74 38.46 36.87 -18.34
C THR F 74 38.88 38.30 -18.62
N ASN F 75 37.89 39.16 -18.80
CA ASN F 75 38.09 40.57 -19.09
C ASN F 75 37.72 41.47 -17.92
N VAL F 76 37.84 40.99 -16.69
CA VAL F 76 37.57 41.76 -15.49
C VAL F 76 38.87 41.88 -14.71
N PRO F 77 39.39 43.08 -14.44
CA PRO F 77 40.62 43.16 -13.64
C PRO F 77 40.38 42.74 -12.20
N TRP F 78 41.40 42.15 -11.60
CA TRP F 78 41.29 41.70 -10.23
C TRP F 78 41.30 42.90 -9.28
N ASN F 79 40.41 42.89 -8.30
CA ASN F 79 40.45 43.86 -7.21
C ASN F 79 41.44 43.36 -6.17
N SER F 80 42.58 44.05 -6.05
CA SER F 80 43.65 43.59 -5.17
C SER F 80 43.24 43.60 -3.70
N SER F 81 42.25 44.43 -3.34
CA SER F 81 41.86 44.58 -1.94
C SER F 81 41.39 43.28 -1.31
N TRP F 82 40.98 42.30 -2.12
CA TRP F 82 40.50 41.03 -1.58
C TRP F 82 41.59 40.26 -0.83
N SER F 83 42.81 40.17 -1.39
CA SER F 83 43.91 39.47 -0.72
C SER F 83 45.20 40.28 -0.65
N ASN F 84 45.53 41.00 -1.73
CA ASN F 84 46.81 41.71 -1.84
C ASN F 84 48.01 40.78 -1.62
N ARG F 85 47.87 39.50 -1.97
CA ARG F 85 48.89 38.51 -1.64
C ARG F 85 49.85 38.29 -2.81
N ASN F 86 51.07 37.91 -2.46
CA ASN F 86 52.12 37.73 -3.46
C ASN F 86 51.83 36.52 -4.33
N LEU F 87 52.19 36.63 -5.62
CA LEU F 87 51.95 35.53 -6.54
C LEU F 87 52.85 34.33 -6.24
N SER F 88 54.14 34.57 -5.99
CA SER F 88 55.06 33.46 -5.74
C SER F 88 54.69 32.70 -4.47
N GLU F 89 54.05 33.38 -3.52
CA GLU F 89 53.66 32.77 -2.25
C GLU F 89 52.33 32.02 -2.35
N ILE F 90 51.84 31.75 -3.56
CA ILE F 90 50.63 30.97 -3.76
C ILE F 90 50.91 29.81 -4.70
N TRP F 91 51.27 30.10 -5.94
CA TRP F 91 51.16 29.11 -7.01
C TRP F 91 52.23 28.02 -6.94
N ASP F 92 53.12 28.05 -5.95
CA ASP F 92 54.14 27.02 -5.79
C ASP F 92 54.18 26.42 -4.38
N ASN F 93 53.43 26.96 -3.43
CA ASN F 93 53.42 26.43 -2.07
C ASN F 93 52.01 26.33 -1.48
N MET F 94 51.07 27.14 -1.96
CA MET F 94 49.69 27.04 -1.49
C MET F 94 49.00 25.88 -2.21
N THR F 95 47.96 25.34 -1.57
CA THR F 95 47.11 24.31 -2.15
C THR F 95 45.67 24.79 -2.13
N TRP F 96 44.90 24.38 -3.15
CA TRP F 96 43.55 24.90 -3.34
C TRP F 96 42.66 24.65 -2.13
N LEU F 97 42.87 23.51 -1.46
CA LEU F 97 42.01 23.05 -0.37
C LEU F 97 41.88 24.06 0.77
N GLN F 98 42.85 24.99 0.89
CA GLN F 98 42.74 26.10 1.81
C GLN F 98 42.82 27.46 1.14
N TRP F 99 43.20 27.53 -0.14
CA TRP F 99 43.07 28.79 -0.86
C TRP F 99 41.60 29.17 -1.04
N ASP F 100 40.71 28.18 -1.05
CA ASP F 100 39.28 28.50 -1.16
C ASP F 100 38.81 29.40 -0.04
N LYS F 101 39.43 29.29 1.13
CA LYS F 101 39.03 30.13 2.26
C LYS F 101 39.22 31.60 1.95
N GLU F 102 40.31 31.95 1.28
CA GLU F 102 40.71 33.34 1.12
C GLU F 102 39.96 34.07 0.02
N ILE F 103 39.18 33.35 -0.81
CA ILE F 103 38.48 33.96 -1.93
C ILE F 103 36.97 33.74 -1.86
N SER F 104 36.50 32.75 -1.10
CA SER F 104 35.09 32.34 -1.17
C SER F 104 34.15 33.44 -0.72
N ASN F 105 34.59 34.30 0.21
CA ASN F 105 33.70 35.30 0.76
C ASN F 105 33.22 36.33 -0.26
N TYR F 106 33.91 36.44 -1.41
CA TYR F 106 33.59 37.44 -2.42
C TYR F 106 33.08 36.83 -3.72
N THR F 107 32.79 35.53 -3.75
CA THR F 107 32.38 34.88 -4.99
C THR F 107 31.07 35.46 -5.51
N GLN F 108 30.14 35.76 -4.60
CA GLN F 108 28.83 36.24 -5.01
C GLN F 108 28.91 37.57 -5.76
N ILE F 109 29.96 38.37 -5.48
CA ILE F 109 30.16 39.61 -6.20
C ILE F 109 30.89 39.34 -7.51
N ILE F 110 31.90 38.46 -7.45
CA ILE F 110 32.76 38.21 -8.60
C ILE F 110 31.94 37.65 -9.75
N TYR F 111 30.97 36.79 -9.44
CA TYR F 111 30.14 36.22 -10.50
C TYR F 111 29.31 37.30 -11.18
N GLY F 112 28.77 38.24 -10.42
CA GLY F 112 28.05 39.34 -11.04
C GLY F 112 28.93 40.19 -11.94
N LEU F 113 30.15 40.47 -11.47
CA LEU F 113 31.09 41.24 -12.31
C LEU F 113 31.38 40.49 -13.60
N LEU F 114 31.62 39.19 -13.52
CA LEU F 114 31.91 38.41 -14.72
C LEU F 114 30.71 38.42 -15.66
N GLU F 115 29.51 38.26 -15.11
CA GLU F 115 28.32 38.23 -15.94
C GLU F 115 28.17 39.53 -16.72
N GLU F 116 28.22 40.66 -16.02
CA GLU F 116 28.04 41.94 -16.71
C GLU F 116 29.17 42.19 -17.70
N SER F 117 30.40 41.83 -17.35
CA SER F 117 31.51 42.08 -18.26
C SER F 117 31.40 41.23 -19.53
N GLN F 118 31.04 39.96 -19.39
CA GLN F 118 30.87 39.12 -20.57
C GLN F 118 29.74 39.64 -21.44
N ASN F 119 28.62 40.05 -20.82
CA ASN F 119 27.53 40.59 -21.61
C ASN F 119 27.95 41.88 -22.32
N GLN F 120 28.79 42.69 -21.69
CA GLN F 120 29.24 43.92 -22.32
C GLN F 120 30.15 43.64 -23.50
N GLN F 121 31.03 42.65 -23.34
CA GLN F 121 31.86 42.24 -24.48
C GLN F 121 30.99 41.73 -25.63
N GLU F 122 29.93 40.99 -25.31
CA GLU F 122 29.02 40.54 -26.35
C GLU F 122 28.29 41.73 -26.99
N LYS F 123 27.97 42.74 -26.20
CA LYS F 123 27.35 43.94 -26.76
C LYS F 123 28.29 44.61 -27.76
N ASN F 124 29.57 44.72 -27.39
CA ASN F 124 30.55 45.27 -28.31
C ASN F 124 30.65 44.42 -29.58
N GLU F 125 30.53 43.10 -29.43
CA GLU F 125 30.61 42.23 -30.60
C GLU F 125 29.37 42.36 -31.49
N GLN F 126 28.18 42.57 -30.91
CA GLN F 126 27.01 42.85 -31.72
C GLN F 126 27.19 44.15 -32.49
N ASP F 127 27.67 45.20 -31.83
CA ASP F 127 27.81 46.48 -32.50
C ASP F 127 28.88 46.42 -33.59
N LEU F 128 30.01 45.78 -33.30
CA LEU F 128 31.14 45.79 -34.23
C LEU F 128 30.81 45.04 -35.52
N LEU F 129 30.20 43.87 -35.42
CA LEU F 129 29.89 43.09 -36.61
C LEU F 129 28.67 43.63 -37.36
N ALA F 130 27.87 44.50 -36.73
CA ALA F 130 26.74 45.08 -37.42
C ALA F 130 27.16 45.95 -38.59
N LEU F 131 28.40 46.45 -38.59
CA LEU F 131 28.88 47.26 -39.70
C LEU F 131 29.06 46.44 -40.97
N ASP F 132 29.29 45.13 -40.86
CA ASP F 132 29.45 44.26 -42.01
C ASP F 132 28.15 43.50 -42.31
N GLN G 1 31.95 -51.57 43.27
CA GLN G 1 31.39 -50.36 43.94
C GLN G 1 29.89 -50.26 43.67
N VAL G 2 29.55 -49.91 42.43
CA VAL G 2 28.15 -49.69 42.08
C VAL G 2 27.47 -51.02 41.81
N GLN G 3 26.25 -51.17 42.34
CA GLN G 3 25.42 -52.33 42.04
C GLN G 3 23.98 -51.89 41.99
N LEU G 4 23.17 -52.65 41.26
CA LEU G 4 21.76 -52.32 41.00
C LEU G 4 20.92 -53.54 41.35
N VAL G 5 20.18 -53.44 42.45
CA VAL G 5 19.29 -54.53 42.87
C VAL G 5 17.98 -54.42 42.11
N GLN G 6 17.38 -55.58 41.79
CA GLN G 6 16.16 -55.66 41.01
C GLN G 6 15.16 -56.56 41.71
N SER G 7 13.87 -56.35 41.39
CA SER G 7 12.82 -57.17 41.98
C SER G 7 12.82 -58.56 41.37
N GLY G 8 12.38 -59.54 42.16
CA GLY G 8 12.47 -60.93 41.76
C GLY G 8 11.51 -61.29 40.64
N ALA G 9 11.68 -62.52 40.16
CA ALA G 9 10.88 -63.02 39.05
C ALA G 9 9.43 -63.24 39.49
N GLU G 10 8.53 -63.27 38.50
CA GLU G 10 7.13 -63.51 38.77
C GLU G 10 6.46 -64.05 37.51
N MET G 11 5.27 -64.59 37.70
CA MET G 11 4.46 -65.16 36.63
C MET G 11 3.20 -64.32 36.44
N LYS G 12 2.75 -64.20 35.19
CA LYS G 12 1.53 -63.48 34.86
C LYS G 12 0.86 -64.17 33.67
N LYS G 13 -0.45 -63.88 33.51
CA LYS G 13 -1.25 -64.36 32.38
C LYS G 13 -1.33 -63.26 31.32
N PRO G 14 -1.62 -63.61 30.05
CA PRO G 14 -1.62 -62.58 29.01
C PRO G 14 -2.66 -61.51 29.26
N GLY G 15 -2.31 -60.27 28.87
CA GLY G 15 -3.14 -59.12 29.13
C GLY G 15 -2.97 -58.51 30.50
N ALA G 16 -2.06 -59.03 31.33
CA ALA G 16 -1.86 -58.53 32.68
C ALA G 16 -0.84 -57.40 32.69
N SER G 17 -0.39 -57.00 33.88
CA SER G 17 0.55 -55.90 34.05
C SER G 17 1.64 -56.34 35.02
N VAL G 18 2.81 -55.70 34.90
CA VAL G 18 3.98 -56.02 35.72
C VAL G 18 4.63 -54.71 36.12
N LYS G 19 5.15 -54.66 37.36
CA LYS G 19 5.87 -53.49 37.89
C LYS G 19 7.19 -53.95 38.52
N VAL G 20 8.23 -53.99 37.69
CA VAL G 20 9.57 -54.34 38.17
C VAL G 20 10.26 -53.09 38.69
N SER G 21 11.03 -53.25 39.76
CA SER G 21 11.72 -52.16 40.43
C SER G 21 13.22 -52.31 40.30
N CYS G 22 13.94 -51.21 40.48
CA CYS G 22 15.40 -51.17 40.36
C CYS G 22 15.95 -50.22 41.41
N LYS G 23 16.62 -50.77 42.43
CA LYS G 23 17.15 -49.99 43.53
C LYS G 23 18.65 -49.80 43.34
N ALA G 24 19.14 -48.62 43.73
CA ALA G 24 20.52 -48.22 43.45
C ALA G 24 21.42 -48.48 44.64
N SER G 25 22.73 -48.42 44.40
CA SER G 25 23.73 -48.56 45.44
C SER G 25 25.10 -48.22 44.87
N GLY G 26 25.90 -47.51 45.68
CA GLY G 26 27.28 -47.21 45.35
C GLY G 26 27.53 -45.89 44.65
N TYR G 27 26.48 -45.17 44.27
CA TYR G 27 26.65 -43.89 43.60
C TYR G 27 25.44 -43.00 43.88
N THR G 28 25.64 -41.69 43.78
CA THR G 28 24.57 -40.75 44.03
C THR G 28 23.51 -40.93 42.95
N PHE G 29 22.26 -41.15 43.37
CA PHE G 29 21.21 -41.55 42.44
C PHE G 29 20.90 -40.50 41.39
N THR G 30 21.30 -39.25 41.61
CA THR G 30 20.92 -38.18 40.69
C THR G 30 21.85 -38.11 39.48
N ASP G 31 23.17 -38.15 39.71
CA ASP G 31 24.14 -37.73 38.70
C ASP G 31 24.41 -38.78 37.62
N TYR G 32 23.55 -39.79 37.45
CA TYR G 32 23.62 -40.66 36.30
C TYR G 32 22.22 -41.01 35.85
N TYR G 33 22.04 -41.17 34.54
CA TYR G 33 20.80 -41.70 34.02
C TYR G 33 20.59 -43.13 34.51
N ILE G 34 19.36 -43.62 34.33
CA ILE G 34 18.99 -44.99 34.69
C ILE G 34 18.32 -45.61 33.47
N HIS G 35 18.49 -46.93 33.31
CA HIS G 35 18.34 -47.57 32.02
C HIS G 35 17.66 -48.92 32.16
N TRP G 36 17.04 -49.38 31.07
CA TRP G 36 16.44 -50.71 30.99
C TRP G 36 16.57 -51.28 29.58
N VAL G 37 17.02 -52.54 29.51
CA VAL G 37 17.09 -53.31 28.27
C VAL G 37 16.46 -54.67 28.53
N ARG G 38 15.83 -55.22 27.48
CA ARG G 38 15.04 -56.43 27.57
C ARG G 38 15.73 -57.55 26.79
N GLN G 39 15.68 -58.75 27.35
CA GLN G 39 16.28 -59.93 26.71
C GLN G 39 15.32 -61.10 26.88
N ALA G 40 14.68 -61.50 25.79
CA ALA G 40 13.95 -62.76 25.81
C ALA G 40 14.94 -63.91 25.99
N PRO G 41 14.55 -65.02 26.61
CA PRO G 41 15.52 -66.08 26.89
C PRO G 41 16.06 -66.68 25.61
N GLY G 42 17.38 -66.83 25.56
CA GLY G 42 18.02 -67.37 24.38
C GLY G 42 17.88 -66.52 23.14
N GLN G 43 17.71 -65.21 23.30
CA GLN G 43 17.51 -64.29 22.19
C GLN G 43 18.33 -63.03 22.42
N GLY G 44 18.37 -62.17 21.40
CA GLY G 44 19.17 -60.97 21.48
C GLY G 44 18.57 -59.93 22.42
N LEU G 45 19.34 -58.87 22.65
CA LEU G 45 18.94 -57.83 23.58
C LEU G 45 17.99 -56.85 22.89
N GLU G 46 17.41 -55.96 23.70
CA GLU G 46 16.50 -54.95 23.19
C GLU G 46 16.40 -53.82 24.21
N TRP G 47 15.94 -52.65 23.73
CA TRP G 47 15.88 -51.44 24.54
C TRP G 47 14.44 -51.13 24.93
N MET G 48 14.26 -50.56 26.12
CA MET G 48 12.95 -50.17 26.64
C MET G 48 12.79 -48.67 26.84
N GLY G 49 13.64 -48.02 27.63
CA GLY G 49 13.34 -46.64 28.00
C GLY G 49 14.48 -45.99 28.77
N TRP G 50 14.24 -44.74 29.15
CA TRP G 50 15.18 -43.92 29.90
C TRP G 50 14.43 -43.11 30.95
N ILE G 51 15.10 -42.76 32.05
CA ILE G 51 14.62 -41.77 33.00
C ILE G 51 15.76 -40.87 33.43
N ASN G 52 15.49 -39.57 33.47
CA ASN G 52 16.29 -38.61 34.20
C ASN G 52 15.75 -38.55 35.62
N PRO G 53 16.32 -39.28 36.58
CA PRO G 53 15.66 -39.40 37.90
C PRO G 53 15.49 -38.09 38.64
N ASN G 54 16.24 -37.05 38.28
CA ASN G 54 16.02 -35.74 38.87
C ASN G 54 14.73 -35.09 38.39
N THR G 55 14.09 -35.64 37.35
CA THR G 55 12.80 -35.15 36.87
C THR G 55 11.87 -36.34 36.67
N GLY G 56 10.72 -36.08 36.07
CA GLY G 56 9.80 -37.11 35.64
C GLY G 56 9.90 -37.46 34.18
N ARG G 57 10.99 -37.09 33.52
CA ARG G 57 11.07 -37.25 32.08
C ARG G 57 11.40 -38.68 31.70
N THR G 58 10.91 -39.10 30.53
CA THR G 58 11.25 -40.40 29.97
C THR G 58 11.26 -40.31 28.45
N ASN G 59 12.16 -41.07 27.83
CA ASN G 59 12.40 -41.02 26.40
C ASN G 59 11.80 -42.22 25.68
N SER G 60 10.81 -42.89 26.29
CA SER G 60 10.55 -44.31 26.05
C SER G 60 10.32 -44.62 24.57
N ALA G 61 10.48 -45.90 24.24
CA ALA G 61 10.61 -46.32 22.85
C ALA G 61 9.33 -46.07 22.06
N GLN G 62 9.50 -45.94 20.75
CA GLN G 62 8.37 -45.64 19.88
C GLN G 62 7.40 -46.81 19.81
N LYS G 63 7.90 -48.04 19.79
CA LYS G 63 7.04 -49.19 19.63
C LYS G 63 6.36 -49.62 20.93
N PHE G 64 6.87 -49.16 22.08
CA PHE G 64 6.41 -49.62 23.39
C PHE G 64 5.97 -48.52 24.33
N GLN G 65 6.03 -47.25 23.90
CA GLN G 65 5.65 -46.15 24.79
C GLN G 65 4.20 -46.28 25.26
N GLY G 66 3.32 -46.81 24.41
CA GLY G 66 1.97 -47.05 24.86
C GLY G 66 1.88 -48.13 25.93
N ARG G 67 2.84 -49.05 25.93
CA ARG G 67 2.80 -50.19 26.83
C ARG G 67 3.58 -49.97 28.12
N VAL G 68 4.32 -48.84 28.24
CA VAL G 68 5.26 -48.61 29.33
C VAL G 68 4.86 -47.33 30.06
N THR G 69 4.82 -47.39 31.39
CA THR G 69 4.58 -46.24 32.25
C THR G 69 5.67 -46.15 33.32
N MET G 70 6.91 -46.29 32.86
CA MET G 70 8.09 -46.34 33.72
C MET G 70 8.29 -45.05 34.51
N THR G 71 8.65 -45.21 35.79
CA THR G 71 8.69 -44.10 36.75
C THR G 71 9.76 -44.35 37.80
N ARG G 72 9.81 -43.48 38.81
CA ARG G 72 10.87 -43.56 39.81
C ARG G 72 10.42 -42.89 41.11
N ASP G 73 11.34 -42.88 42.08
CA ASP G 73 11.18 -42.16 43.34
C ASP G 73 12.54 -42.06 44.01
N THR G 74 12.89 -40.86 44.48
CA THR G 74 14.21 -40.65 45.06
C THR G 74 14.29 -41.15 46.50
N SER G 75 13.20 -41.05 47.27
CA SER G 75 13.24 -41.45 48.68
C SER G 75 13.57 -42.93 48.82
N ILE G 76 12.95 -43.79 48.02
CA ILE G 76 13.30 -45.21 48.01
C ILE G 76 14.61 -45.47 47.26
N SER G 77 15.12 -44.48 46.53
CA SER G 77 16.34 -44.64 45.74
C SER G 77 16.16 -45.76 44.73
N THR G 78 15.00 -45.76 44.07
CA THR G 78 14.58 -46.84 43.21
C THR G 78 13.87 -46.29 41.98
N ALA G 79 14.11 -46.93 40.84
CA ALA G 79 13.44 -46.61 39.58
C ALA G 79 12.57 -47.79 39.16
N TYR G 80 11.31 -47.52 38.84
CA TYR G 80 10.31 -48.55 38.64
C TYR G 80 10.01 -48.72 37.15
N MET G 81 10.08 -49.97 36.69
CA MET G 81 9.52 -50.32 35.40
C MET G 81 8.03 -50.58 35.56
N GLU G 82 7.27 -50.38 34.49
CA GLU G 82 5.85 -50.66 34.48
C GLU G 82 5.50 -51.18 33.09
N LEU G 83 4.62 -52.18 33.04
CA LEU G 83 4.13 -52.72 31.79
C LEU G 83 2.66 -53.07 31.95
N SER G 84 1.90 -52.90 30.86
CA SER G 84 0.48 -53.21 30.82
C SER G 84 0.17 -53.96 29.54
N ARG G 85 -1.04 -54.52 29.47
CA ARG G 85 -1.49 -55.28 28.29
C ARG G 85 -0.49 -56.37 27.91
N LEU G 86 0.06 -57.03 28.93
CA LEU G 86 1.27 -57.83 28.78
C LEU G 86 1.01 -59.10 27.97
N THR G 87 1.66 -59.21 26.81
CA THR G 87 1.47 -60.34 25.91
C THR G 87 2.45 -61.46 26.23
N SER G 88 2.28 -62.58 25.53
CA SER G 88 3.17 -63.72 25.72
C SER G 88 4.60 -63.40 25.27
N ASP G 89 4.74 -62.51 24.29
CA ASP G 89 6.06 -62.19 23.75
C ASP G 89 6.96 -61.55 24.81
N ASP G 90 6.37 -60.85 25.78
CA ASP G 90 7.14 -60.06 26.72
C ASP G 90 7.93 -60.90 27.71
N THR G 91 7.78 -62.23 27.71
CA THR G 91 8.54 -63.09 28.61
C THR G 91 10.02 -62.89 28.33
N ALA G 92 10.77 -62.47 29.35
CA ALA G 92 12.14 -62.02 29.14
C ALA G 92 12.79 -61.68 30.47
N VAL G 93 14.11 -61.53 30.42
CA VAL G 93 14.87 -61.00 31.54
C VAL G 93 15.10 -59.51 31.31
N TYR G 94 14.80 -58.71 32.33
CA TYR G 94 14.89 -57.25 32.25
C TYR G 94 16.06 -56.77 33.08
N TYR G 95 17.07 -56.21 32.41
CA TYR G 95 18.27 -55.70 33.06
C TYR G 95 18.16 -54.20 33.27
N CYS G 96 18.35 -53.76 34.51
CA CYS G 96 18.45 -52.35 34.84
C CYS G 96 19.91 -51.91 34.83
N ALA G 97 20.15 -50.70 34.35
CA ALA G 97 21.52 -50.24 34.13
C ALA G 97 21.63 -48.74 34.29
N THR G 98 22.87 -48.29 34.48
CA THR G 98 23.19 -46.89 34.73
C THR G 98 23.71 -46.26 33.46
N GLY G 99 23.17 -45.09 33.10
CA GLY G 99 23.50 -44.42 31.87
C GLY G 99 24.59 -43.38 32.03
N GLY G 100 24.65 -42.47 31.07
CA GLY G 100 25.69 -41.47 31.06
C GLY G 100 25.51 -40.44 32.16
N TRP G 101 26.55 -39.64 32.36
CA TRP G 101 26.49 -38.61 33.39
C TRP G 101 25.57 -37.48 32.95
N ILE G 102 24.76 -36.99 33.88
CA ILE G 102 23.71 -36.01 33.62
C ILE G 102 24.02 -34.73 34.36
N GLY G 103 23.76 -33.61 33.71
CA GLY G 103 23.85 -32.31 34.35
C GLY G 103 23.19 -31.29 33.47
N LEU G 104 23.84 -30.15 33.34
CA LEU G 104 23.33 -29.05 32.53
C LEU G 104 24.03 -29.02 31.17
N TYR G 105 23.47 -28.25 30.25
CA TYR G 105 24.14 -27.82 29.04
C TYR G 105 24.34 -28.90 27.97
N TYR G 106 23.89 -30.13 28.21
CA TYR G 106 23.93 -31.16 27.18
C TYR G 106 23.11 -32.36 27.65
N ASP G 107 22.72 -33.21 26.71
CA ASP G 107 21.81 -34.32 26.97
C ASP G 107 22.49 -35.64 26.59
N SER G 108 22.75 -36.47 27.61
CA SER G 108 23.53 -37.68 27.39
C SER G 108 22.69 -38.93 27.19
N SER G 109 21.36 -38.83 27.20
CA SER G 109 20.55 -40.04 27.16
C SER G 109 20.78 -40.87 25.92
N GLY G 110 21.17 -40.24 24.80
CA GLY G 110 21.51 -41.01 23.62
C GLY G 110 22.74 -41.87 23.83
N TYR G 111 23.67 -41.42 24.66
CA TYR G 111 24.92 -42.15 24.84
C TYR G 111 24.63 -43.53 25.41
N PRO G 112 25.07 -44.64 24.76
CA PRO G 112 24.81 -45.96 25.34
C PRO G 112 25.88 -46.38 26.34
N ASN G 113 26.28 -45.45 27.22
CA ASN G 113 27.36 -45.72 28.17
C ASN G 113 26.77 -46.42 29.37
N PHE G 114 26.72 -47.76 29.29
CA PHE G 114 26.17 -48.58 30.36
C PHE G 114 27.33 -49.10 31.21
N ASP G 115 27.74 -48.24 32.14
CA ASP G 115 28.87 -48.57 33.01
C ASP G 115 28.56 -49.77 33.88
N TYR G 116 27.37 -49.80 34.47
CA TYR G 116 26.97 -50.84 35.41
C TYR G 116 25.59 -51.36 35.02
N TRP G 117 25.31 -52.59 35.45
CA TRP G 117 24.06 -53.25 35.10
C TRP G 117 23.62 -54.08 36.29
N GLY G 118 22.31 -54.35 36.35
CA GLY G 118 21.72 -54.98 37.52
C GLY G 118 21.69 -56.49 37.45
N GLN G 119 21.01 -57.07 38.44
CA GLN G 119 20.93 -58.53 38.55
C GLN G 119 20.21 -59.13 37.35
N GLY G 120 19.10 -58.53 36.94
CA GLY G 120 18.28 -59.08 35.89
C GLY G 120 17.37 -60.14 36.45
N THR G 121 16.07 -60.07 36.13
CA THR G 121 15.10 -61.01 36.64
C THR G 121 14.06 -61.29 35.56
N LEU G 122 13.42 -62.46 35.66
CA LEU G 122 12.63 -63.02 34.60
C LEU G 122 11.14 -62.82 34.85
N VAL G 123 10.43 -62.40 33.81
CA VAL G 123 8.97 -62.41 33.78
C VAL G 123 8.54 -63.55 32.87
N THR G 124 7.64 -64.38 33.36
CA THR G 124 7.13 -65.52 32.61
C THR G 124 5.63 -65.32 32.34
N VAL G 125 5.22 -65.64 31.11
CA VAL G 125 3.82 -65.51 30.71
C VAL G 125 3.51 -66.41 29.52
N SER G 126 2.33 -67.02 29.54
CA SER G 126 1.84 -67.81 28.41
C SER G 126 0.37 -68.13 28.61
N GLN H 1 12.43 -56.12 14.31
CA GLN H 1 13.81 -56.65 14.18
C GLN H 1 14.83 -55.53 14.40
N SER H 2 16.05 -55.91 14.77
CA SER H 2 17.09 -54.93 15.02
C SER H 2 17.44 -54.16 13.76
N ALA H 3 17.71 -52.87 13.92
CA ALA H 3 18.22 -52.06 12.82
C ALA H 3 19.65 -52.43 12.46
N LEU H 4 20.40 -53.05 13.37
CA LEU H 4 21.78 -53.43 13.15
C LEU H 4 21.84 -54.91 12.79
N THR H 5 22.60 -55.24 11.76
CA THR H 5 22.73 -56.61 11.25
C THR H 5 24.08 -57.17 11.67
N GLN H 6 24.07 -58.40 12.19
CA GLN H 6 25.27 -59.07 12.65
C GLN H 6 25.33 -60.51 12.11
N PRO H 7 26.53 -61.07 11.95
CA PRO H 7 26.60 -62.48 11.54
C PRO H 7 26.30 -63.41 12.71
N ALA H 8 26.01 -64.66 12.38
CA ALA H 8 25.60 -65.62 13.40
C ALA H 8 26.76 -65.96 14.34
N SER H 9 27.93 -66.29 13.79
CA SER H 9 29.03 -66.74 14.63
C SER H 9 30.34 -66.70 13.85
N VAL H 10 31.44 -66.74 14.61
CA VAL H 10 32.80 -66.88 14.09
C VAL H 10 33.58 -67.72 15.08
N SER H 11 34.56 -68.47 14.59
CA SER H 11 35.30 -69.41 15.43
C SER H 11 36.74 -69.49 14.98
N GLY H 12 37.60 -69.96 15.88
CA GLY H 12 39.01 -70.10 15.59
C GLY H 12 39.75 -70.61 16.81
N SER H 13 41.02 -70.94 16.59
CA SER H 13 41.89 -71.45 17.64
C SER H 13 42.50 -70.30 18.45
N PRO H 14 42.95 -70.54 19.68
CA PRO H 14 43.58 -69.46 20.44
C PRO H 14 44.89 -69.00 19.82
N GLY H 15 45.20 -67.72 20.01
CA GLY H 15 46.44 -67.15 19.54
C GLY H 15 46.40 -66.50 18.18
N GLN H 16 45.22 -66.37 17.56
CA GLN H 16 45.06 -65.68 16.29
C GLN H 16 44.03 -64.58 16.42
N SER H 17 44.14 -63.57 15.55
CA SER H 17 43.29 -62.39 15.64
C SER H 17 41.94 -62.63 14.96
N ILE H 18 40.90 -62.00 15.50
CA ILE H 18 39.55 -62.07 14.96
C ILE H 18 38.96 -60.67 15.00
N THR H 19 38.07 -60.38 14.04
CA THR H 19 37.39 -59.11 13.97
C THR H 19 35.91 -59.33 13.69
N ILE H 20 35.09 -58.42 14.20
CA ILE H 20 33.64 -58.45 14.06
C ILE H 20 33.20 -57.10 13.52
N SER H 21 32.07 -57.09 12.80
CA SER H 21 31.59 -55.89 12.11
C SER H 21 30.12 -55.66 12.43
N CYS H 22 29.77 -54.41 12.79
CA CYS H 22 28.39 -53.98 12.76
C CYS H 22 28.05 -53.44 11.38
N THR H 23 26.77 -53.20 11.15
CA THR H 23 26.31 -52.52 9.95
C THR H 23 24.94 -51.93 10.20
N GLY H 24 24.81 -50.64 9.90
CA GLY H 24 23.57 -49.91 10.11
C GLY H 24 23.08 -49.20 8.87
N THR H 25 22.98 -47.87 8.93
CA THR H 25 22.54 -47.05 7.82
C THR H 25 23.37 -45.77 7.86
N SER H 26 23.11 -44.84 6.92
CA SER H 26 23.73 -43.52 7.00
C SER H 26 23.32 -42.81 8.27
N TYR H 27 22.01 -42.73 8.53
CA TYR H 27 21.52 -42.39 9.87
C TYR H 27 21.89 -43.52 10.83
N ASP H 28 21.53 -43.34 12.10
CA ASP H 28 21.92 -44.20 13.23
C ASP H 28 23.45 -44.30 13.23
N VAL H 29 24.05 -45.49 13.34
CA VAL H 29 25.49 -45.63 13.57
C VAL H 29 26.33 -44.92 12.50
N GLY H 30 25.80 -44.75 11.30
CA GLY H 30 26.58 -44.12 10.25
C GLY H 30 26.89 -42.66 10.51
N SER H 31 26.08 -41.98 11.31
CA SER H 31 26.18 -40.53 11.47
C SER H 31 26.85 -40.08 12.77
N TYR H 32 27.16 -41.00 13.68
CA TYR H 32 27.72 -40.64 14.98
C TYR H 32 28.84 -41.60 15.34
N ASN H 33 29.73 -41.13 16.23
CA ASN H 33 30.72 -42.00 16.84
C ASN H 33 30.15 -42.82 18.00
N LEU H 34 28.88 -42.59 18.36
CA LEU H 34 28.29 -43.23 19.55
C LEU H 34 27.89 -44.66 19.22
N VAL H 35 28.89 -45.54 19.22
CA VAL H 35 28.71 -46.97 19.10
C VAL H 35 29.46 -47.63 20.23
N SER H 36 28.97 -48.79 20.66
CA SER H 36 29.51 -49.47 21.82
C SER H 36 29.37 -50.97 21.63
N TRP H 37 30.15 -51.73 22.40
CA TRP H 37 30.22 -53.18 22.30
C TRP H 37 30.03 -53.78 23.68
N TYR H 38 29.25 -54.85 23.76
CA TYR H 38 28.96 -55.54 25.01
C TYR H 38 29.09 -57.03 24.79
N GLN H 39 29.75 -57.69 25.75
CA GLN H 39 30.08 -59.12 25.66
C GLN H 39 29.21 -59.88 26.66
N GLN H 40 28.76 -61.06 26.25
CA GLN H 40 27.81 -61.87 27.01
C GLN H 40 28.30 -63.31 27.03
N HIS H 41 29.05 -63.67 28.07
CA HIS H 41 29.31 -65.08 28.32
C HIS H 41 28.02 -65.74 28.83
N PRO H 42 27.87 -67.06 28.65
CA PRO H 42 26.55 -67.68 28.85
C PRO H 42 26.02 -67.52 30.27
N GLY H 43 24.71 -67.31 30.37
CA GLY H 43 24.02 -67.30 31.65
C GLY H 43 24.05 -65.98 32.38
N LYS H 44 25.23 -65.35 32.43
CA LYS H 44 25.42 -64.16 33.24
C LYS H 44 24.95 -62.93 32.47
N ALA H 45 24.99 -61.78 33.13
CA ALA H 45 24.61 -60.54 32.46
C ALA H 45 25.71 -60.08 31.50
N PRO H 46 25.38 -59.26 30.50
CA PRO H 46 26.42 -58.79 29.57
C PRO H 46 27.49 -57.97 30.28
N LYS H 47 28.60 -57.75 29.57
CA LYS H 47 29.77 -57.06 30.12
C LYS H 47 30.09 -55.85 29.26
N TYR H 48 30.59 -54.80 29.89
CA TYR H 48 30.92 -53.54 29.23
C TYR H 48 32.33 -53.59 28.66
N MET H 49 32.45 -53.43 27.33
CA MET H 49 33.70 -53.66 26.63
C MET H 49 34.25 -52.41 25.94
N ILE H 50 33.45 -51.70 25.14
CA ILE H 50 33.93 -50.55 24.38
C ILE H 50 32.81 -49.53 24.25
N TYR H 51 33.19 -48.25 24.33
CA TYR H 51 32.28 -47.13 24.15
C TYR H 51 32.94 -46.08 23.29
N GLU H 52 32.11 -45.30 22.59
CA GLU H 52 32.57 -44.26 21.66
C GLU H 52 33.61 -44.84 20.70
N VAL H 53 33.17 -45.87 19.98
CA VAL H 53 33.89 -46.58 18.92
C VAL H 53 35.23 -47.20 19.35
N ASN H 54 36.11 -46.43 20.01
CA ASN H 54 37.47 -46.90 20.26
C ASN H 54 38.03 -46.49 21.62
N LYS H 55 37.24 -46.63 22.67
CA LYS H 55 37.70 -46.34 24.03
C LYS H 55 37.34 -47.51 24.95
N ARG H 56 38.16 -47.70 26.00
CA ARG H 56 38.10 -48.88 26.84
C ARG H 56 37.64 -48.53 28.25
N PRO H 57 36.88 -49.41 28.92
CA PRO H 57 36.75 -49.29 30.38
C PRO H 57 37.95 -49.91 31.08
N SER H 58 38.03 -49.70 32.38
CA SER H 58 39.05 -50.39 33.17
C SER H 58 38.79 -51.88 33.16
N GLY H 59 39.86 -52.66 33.26
CA GLY H 59 39.76 -54.10 33.24
C GLY H 59 39.71 -54.72 31.87
N VAL H 60 39.66 -53.90 30.81
CA VAL H 60 39.73 -54.38 29.43
C VAL H 60 41.15 -54.11 28.94
N SER H 61 41.82 -55.15 28.49
CA SER H 61 43.21 -55.02 28.06
C SER H 61 43.28 -54.38 26.68
N ASN H 62 44.50 -54.29 26.16
CA ASN H 62 44.75 -53.72 24.83
C ASN H 62 44.45 -54.72 23.72
N ARG H 63 43.95 -55.91 24.06
CA ARG H 63 43.52 -56.86 23.06
C ARG H 63 42.37 -56.31 22.21
N PHE H 64 41.58 -55.39 22.76
CA PHE H 64 40.33 -54.96 22.14
C PHE H 64 40.44 -53.53 21.63
N SER H 65 39.85 -53.29 20.47
CA SER H 65 39.78 -51.96 19.86
C SER H 65 38.66 -51.99 18.83
N GLY H 66 38.29 -50.79 18.35
CA GLY H 66 37.19 -50.66 17.42
C GLY H 66 37.45 -49.59 16.38
N SER H 67 36.63 -49.62 15.34
CA SER H 67 36.75 -48.69 14.23
C SER H 67 35.38 -48.48 13.60
N LYS H 68 35.26 -47.34 12.90
CA LYS H 68 34.02 -46.94 12.24
C LYS H 68 34.36 -46.59 10.80
N SER H 69 33.40 -46.84 9.91
CA SER H 69 33.57 -46.48 8.50
C SER H 69 32.21 -46.52 7.83
N GLY H 70 31.79 -45.41 7.25
CA GLY H 70 30.53 -45.36 6.54
C GLY H 70 29.37 -45.71 7.44
N ASN H 71 28.53 -46.63 6.97
CA ASN H 71 27.39 -47.12 7.73
C ASN H 71 27.74 -48.41 8.46
N THR H 72 29.02 -48.62 8.77
CA THR H 72 29.50 -49.84 9.41
C THR H 72 30.54 -49.48 10.46
N ALA H 73 30.69 -50.39 11.42
CA ALA H 73 31.68 -50.26 12.47
C ALA H 73 32.15 -51.67 12.82
N SER H 74 33.27 -51.75 13.54
CA SER H 74 33.91 -53.03 13.76
C SER H 74 34.60 -53.09 15.12
N LEU H 75 34.80 -54.32 15.58
CA LEU H 75 35.55 -54.64 16.79
C LEU H 75 36.82 -55.37 16.40
N THR H 76 37.88 -55.16 17.18
CA THR H 76 39.15 -55.84 17.00
C THR H 76 39.36 -56.83 18.14
N ILE H 77 39.68 -58.07 17.80
CA ILE H 77 40.00 -59.09 18.78
C ILE H 77 41.34 -59.72 18.39
N SER H 78 42.42 -59.17 18.93
CA SER H 78 43.77 -59.60 18.57
C SER H 78 44.25 -60.68 19.53
N GLY H 79 44.66 -61.82 18.99
CA GLY H 79 45.15 -62.89 19.85
C GLY H 79 44.06 -63.53 20.68
N LEU H 80 43.19 -64.29 20.02
CA LEU H 80 42.07 -64.96 20.69
C LEU H 80 42.56 -65.79 21.88
N GLN H 81 41.72 -65.86 22.92
CA GLN H 81 42.07 -66.49 24.18
C GLN H 81 41.04 -67.56 24.52
N ALA H 82 41.44 -68.46 25.43
CA ALA H 82 40.62 -69.63 25.75
C ALA H 82 39.31 -69.27 26.41
N GLU H 83 39.28 -68.27 27.30
CA GLU H 83 38.06 -67.90 27.99
C GLU H 83 37.13 -67.04 27.14
N ASP H 84 37.48 -66.75 25.89
CA ASP H 84 36.85 -65.71 25.10
C ASP H 84 35.82 -66.24 24.12
N GLU H 85 35.04 -67.25 24.52
CA GLU H 85 34.05 -67.86 23.64
C GLU H 85 32.66 -67.27 23.88
N ALA H 86 32.60 -65.99 24.24
CA ALA H 86 31.36 -65.33 24.58
C ALA H 86 30.76 -64.64 23.35
N ASP H 87 29.49 -64.26 23.46
CA ASP H 87 28.80 -63.50 22.43
C ASP H 87 29.14 -62.02 22.54
N TYR H 88 29.12 -61.34 21.39
CA TYR H 88 29.47 -59.92 21.29
C TYR H 88 28.32 -59.19 20.61
N TYR H 89 27.91 -58.06 21.20
CA TYR H 89 26.74 -57.32 20.75
C TYR H 89 27.14 -55.95 20.22
N CYS H 90 26.39 -55.46 19.23
CA CYS H 90 26.46 -54.07 18.80
C CYS H 90 25.31 -53.29 19.42
N CYS H 91 25.56 -52.01 19.71
CA CYS H 91 24.51 -51.09 20.12
C CYS H 91 25.00 -49.67 19.92
N SER H 92 24.13 -48.82 19.37
CA SER H 92 24.53 -47.49 18.98
C SER H 92 23.34 -46.54 19.03
N TYR H 93 23.64 -45.26 18.99
CA TYR H 93 22.61 -44.22 19.03
C TYR H 93 21.89 -44.16 17.68
N ALA H 94 20.57 -44.28 17.72
CA ALA H 94 19.74 -44.29 16.52
C ALA H 94 19.01 -42.97 16.29
N GLY H 95 19.55 -41.86 16.80
CA GLY H 95 18.85 -40.60 16.70
C GLY H 95 17.57 -40.63 17.54
N SER H 96 16.92 -39.47 17.59
CA SER H 96 15.61 -39.35 18.22
C SER H 96 15.65 -39.75 19.70
N SER H 97 16.82 -39.64 20.34
CA SER H 97 16.97 -40.01 21.73
C SER H 97 16.62 -41.48 21.97
N THR H 98 17.09 -42.36 21.09
CA THR H 98 16.79 -43.78 21.18
C THR H 98 18.07 -44.56 20.91
N VAL H 99 18.19 -45.72 21.57
CA VAL H 99 19.32 -46.63 21.39
C VAL H 99 18.77 -47.96 20.92
N VAL H 100 19.51 -48.58 20.00
CA VAL H 100 19.11 -49.82 19.35
C VAL H 100 20.24 -50.83 19.50
N PHE H 101 19.89 -52.09 19.71
CA PHE H 101 20.83 -53.17 19.94
C PHE H 101 20.85 -54.12 18.75
N GLY H 102 22.06 -54.52 18.35
CA GLY H 102 22.21 -55.57 17.36
C GLY H 102 22.09 -56.94 17.99
N GLY H 103 21.73 -57.92 17.15
CA GLY H 103 21.55 -59.28 17.62
C GLY H 103 22.82 -59.93 18.13
N GLY H 104 23.98 -59.40 17.76
CA GLY H 104 25.24 -59.93 18.23
C GLY H 104 25.69 -61.13 17.43
N THR H 105 26.88 -61.63 17.79
CA THR H 105 27.48 -62.78 17.14
C THR H 105 28.17 -63.64 18.18
N LYS H 106 28.26 -64.94 17.89
CA LYS H 106 28.87 -65.89 18.81
C LYS H 106 30.32 -66.14 18.42
N LEU H 107 31.24 -65.85 19.34
CA LEU H 107 32.64 -66.21 19.17
C LEU H 107 32.90 -67.53 19.88
N THR H 108 33.66 -68.41 19.23
CA THR H 108 33.93 -69.75 19.72
C THR H 108 35.42 -70.04 19.62
N VAL H 109 35.94 -70.75 20.61
CA VAL H 109 37.35 -71.12 20.67
C VAL H 109 37.48 -72.61 20.36
N LEU H 110 38.40 -72.94 19.45
CA LEU H 110 38.63 -74.32 19.06
C LEU H 110 39.61 -74.99 20.02
N GLU I 2 18.05 46.60 -48.90
CA GLU I 2 19.21 46.22 -48.05
C GLU I 2 19.19 44.74 -47.70
N ASN I 3 20.35 44.22 -47.33
CA ASN I 3 20.51 42.79 -47.09
C ASN I 3 20.43 42.48 -45.59
N LEU I 4 19.75 41.39 -45.27
CA LEU I 4 19.54 40.98 -43.89
C LEU I 4 19.73 39.49 -43.77
N TRP I 5 20.03 39.03 -42.55
CA TRP I 5 20.25 37.63 -42.25
C TRP I 5 19.47 37.24 -41.01
N VAL I 6 19.03 35.99 -40.98
CA VAL I 6 18.32 35.47 -39.82
C VAL I 6 19.29 35.30 -38.67
N THR I 7 18.85 35.66 -37.47
CA THR I 7 19.67 35.57 -36.28
C THR I 7 18.81 35.15 -35.11
N VAL I 8 19.38 34.31 -34.25
CA VAL I 8 18.64 33.60 -33.21
C VAL I 8 18.99 34.21 -31.86
N TYR I 9 17.97 34.40 -31.03
CA TYR I 9 18.08 35.05 -29.73
C TYR I 9 17.61 34.06 -28.68
N TYR I 10 18.51 33.70 -27.78
CA TYR I 10 18.24 32.77 -26.69
C TYR I 10 18.31 33.51 -25.36
N GLY I 11 17.26 33.39 -24.57
CA GLY I 11 17.13 34.19 -23.37
C GLY I 11 16.44 35.50 -23.65
N VAL I 12 15.21 35.42 -24.13
CA VAL I 12 14.38 36.61 -24.33
C VAL I 12 12.94 36.23 -23.97
N PRO I 13 12.22 37.01 -23.17
CA PRO I 13 10.98 36.49 -22.58
C PRO I 13 9.84 36.40 -23.60
N VAL I 14 9.23 35.22 -23.67
CA VAL I 14 7.98 35.01 -24.41
C VAL I 14 7.16 34.00 -23.62
N TRP I 15 5.83 34.09 -23.75
CA TRP I 15 4.90 33.38 -22.88
C TRP I 15 3.98 32.46 -23.66
N LYS I 16 3.72 31.30 -23.06
CA LYS I 16 2.63 30.42 -23.41
C LYS I 16 1.96 29.95 -22.12
N GLU I 17 0.65 29.82 -22.16
CA GLU I 17 -0.13 29.34 -21.02
C GLU I 17 -0.42 27.86 -21.22
N ALA I 18 -0.20 27.07 -20.17
CA ALA I 18 -0.36 25.63 -20.31
C ALA I 18 -0.61 25.00 -18.95
N LYS I 19 -1.20 23.81 -18.97
CA LYS I 19 -1.35 23.02 -17.76
C LYS I 19 0.03 22.63 -17.23
N THR I 20 0.14 22.47 -15.92
CA THR I 20 1.41 22.04 -15.35
C THR I 20 1.23 21.66 -13.89
N THR I 21 2.13 20.79 -13.43
CA THR I 21 2.22 20.50 -12.00
C THR I 21 2.80 21.71 -11.28
N LEU I 22 2.76 21.65 -9.95
CA LEU I 22 3.21 22.78 -9.13
C LEU I 22 3.81 22.26 -7.83
N PHE I 23 4.73 23.04 -7.28
CA PHE I 23 5.21 22.80 -5.94
C PHE I 23 4.16 23.20 -4.93
N CYS I 24 4.44 22.91 -3.66
CA CYS I 24 3.86 23.58 -2.53
C CYS I 24 4.98 24.20 -1.72
N ALA I 25 4.68 25.26 -0.98
CA ALA I 25 5.65 25.88 -0.09
C ALA I 25 4.94 26.31 1.18
N SER I 26 5.68 26.27 2.29
CA SER I 26 5.09 26.43 3.61
C SER I 26 5.91 27.38 4.45
N ASP I 27 5.28 27.89 5.51
CA ASP I 27 5.97 28.74 6.46
C ASP I 27 6.89 27.89 7.34
N ALA I 28 7.88 28.55 7.94
CA ALA I 28 9.00 27.84 8.55
C ALA I 28 8.66 27.20 9.90
N ARG I 29 7.57 27.59 10.54
CA ARG I 29 7.33 27.15 11.90
C ARG I 29 6.83 25.71 11.97
N ALA I 30 6.16 25.22 10.93
CA ALA I 30 5.55 23.89 10.99
C ALA I 30 6.58 22.76 10.92
N TYR I 31 7.83 23.05 10.54
CA TYR I 31 8.84 22.00 10.46
C TYR I 31 9.25 21.47 11.83
N GLU I 32 8.93 22.17 12.91
CA GLU I 32 9.35 21.75 14.24
C GLU I 32 8.56 20.56 14.79
N LYS I 33 7.52 20.13 14.10
CA LYS I 33 6.58 19.17 14.64
C LYS I 33 6.89 17.76 14.14
N GLU I 34 6.03 16.81 14.51
CA GLU I 34 6.24 15.39 14.28
C GLU I 34 5.57 14.95 12.97
N VAL I 35 5.46 13.64 12.78
CA VAL I 35 4.83 13.10 11.57
C VAL I 35 3.35 13.45 11.57
N HIS I 36 2.87 13.93 10.42
CA HIS I 36 1.46 14.25 10.20
C HIS I 36 0.94 15.28 11.19
N ASN I 37 1.84 16.06 11.79
CA ASN I 37 1.49 17.21 12.60
C ASN I 37 2.17 18.41 11.96
N VAL I 38 1.42 19.29 11.30
CA VAL I 38 -0.01 19.36 10.98
C VAL I 38 -0.24 18.44 9.77
N TRP I 39 -1.51 18.16 9.42
CA TRP I 39 -1.85 17.17 8.40
C TRP I 39 -1.11 17.40 7.08
N ALA I 40 -1.14 18.63 6.56
CA ALA I 40 -0.72 18.89 5.18
C ALA I 40 0.71 19.39 5.05
N THR I 41 1.04 20.44 5.80
CA THR I 41 2.08 21.36 5.39
C THR I 41 3.49 20.80 5.53
N HIS I 42 3.67 19.59 6.07
CA HIS I 42 4.99 19.16 6.50
C HIS I 42 5.97 19.07 5.34
N ALA I 43 5.59 18.39 4.25
CA ALA I 43 6.54 18.04 3.22
C ALA I 43 6.99 19.23 2.39
N CYS I 44 6.36 20.39 2.54
CA CYS I 44 6.62 21.49 1.63
C CYS I 44 8.03 22.03 1.80
N VAL I 45 8.54 22.60 0.73
CA VAL I 45 9.85 23.25 0.72
C VAL I 45 9.72 24.59 1.43
N PRO I 46 10.74 25.08 2.15
CA PRO I 46 10.62 26.41 2.76
C PRO I 46 10.61 27.51 1.71
N THR I 47 9.93 28.60 2.02
CA THR I 47 9.88 29.78 1.15
C THR I 47 9.90 31.04 2.00
N ASP I 48 10.45 32.10 1.43
CA ASP I 48 10.37 33.44 1.98
C ASP I 48 9.33 34.24 1.20
N PRO I 49 8.82 35.35 1.76
CA PRO I 49 7.98 36.23 0.94
C PRO I 49 8.71 36.79 -0.26
N SER I 50 10.01 37.07 -0.13
CA SER I 50 10.80 37.46 -1.27
C SER I 50 10.95 36.28 -2.22
N PRO I 51 11.00 36.49 -3.56
CA PRO I 51 10.99 37.75 -4.32
C PRO I 51 9.65 38.45 -4.31
N GLN I 52 9.69 39.79 -4.25
CA GLN I 52 8.46 40.58 -4.21
C GLN I 52 7.91 40.74 -5.62
N GLU I 53 6.88 41.56 -5.75
CA GLU I 53 6.26 41.81 -7.04
C GLU I 53 7.23 42.55 -7.97
N LEU I 54 7.75 41.85 -8.97
CA LEU I 54 8.56 42.47 -10.02
C LEU I 54 7.59 43.00 -11.07
N VAL I 55 7.06 44.21 -10.82
CA VAL I 55 6.00 44.74 -11.67
C VAL I 55 6.54 44.97 -13.07
N LEU I 56 5.83 44.45 -14.07
CA LEU I 56 6.21 44.64 -15.45
C LEU I 56 5.82 46.04 -15.90
N GLY I 57 6.74 46.73 -16.58
CA GLY I 57 6.57 48.15 -16.84
C GLY I 57 5.36 48.46 -17.71
N ASN I 58 5.21 47.74 -18.80
CA ASN I 58 4.13 48.01 -19.75
C ASN I 58 3.80 46.70 -20.47
N VAL I 59 2.74 46.03 -20.03
CA VAL I 59 2.33 44.75 -20.58
C VAL I 59 0.81 44.68 -20.62
N THR I 60 0.32 43.77 -21.47
CA THR I 60 -1.10 43.46 -21.56
C THR I 60 -1.25 41.96 -21.58
N GLU I 61 -2.22 41.44 -20.82
CA GLU I 61 -2.46 40.01 -20.73
C GLU I 61 -3.94 39.78 -20.46
N ASN I 62 -4.39 38.58 -20.79
CA ASN I 62 -5.78 38.16 -20.59
C ASN I 62 -5.82 37.06 -19.54
N PHE I 63 -6.65 37.25 -18.51
CA PHE I 63 -6.79 36.31 -17.40
C PHE I 63 -8.19 35.75 -17.35
N ASN I 64 -8.29 34.42 -17.29
CA ASN I 64 -9.56 33.71 -17.22
C ASN I 64 -9.71 33.04 -15.87
N MET I 65 -10.78 33.37 -15.16
CA MET I 65 -11.17 32.61 -13.98
C MET I 65 -11.76 31.26 -14.35
N TRP I 66 -13.00 31.26 -14.85
CA TRP I 66 -13.81 30.04 -14.81
C TRP I 66 -13.34 28.97 -15.79
N LYS I 67 -12.18 29.13 -16.44
CA LYS I 67 -11.49 28.04 -17.13
C LYS I 67 -10.02 27.92 -16.69
N ASN I 68 -9.67 28.48 -15.54
CA ASN I 68 -8.31 28.34 -15.03
C ASN I 68 -8.05 26.89 -14.65
N ASP I 69 -6.85 26.41 -15.00
CA ASP I 69 -6.53 25.00 -14.74
C ASP I 69 -5.93 24.80 -13.35
N MET I 70 -5.37 25.83 -12.74
CA MET I 70 -4.64 25.65 -11.49
C MET I 70 -5.56 25.19 -10.36
N VAL I 71 -6.85 25.50 -10.42
CA VAL I 71 -7.73 25.10 -9.33
C VAL I 71 -7.91 23.57 -9.30
N ASP I 72 -8.01 22.93 -10.46
CA ASP I 72 -8.15 21.47 -10.46
C ASP I 72 -6.94 20.80 -9.83
N GLN I 73 -5.76 21.41 -9.96
CA GLN I 73 -4.60 20.89 -9.25
C GLN I 73 -4.80 20.99 -7.75
N MET I 74 -5.41 22.06 -7.27
CA MET I 74 -5.69 22.15 -5.84
C MET I 74 -6.69 21.08 -5.42
N HIS I 75 -7.72 20.85 -6.21
CA HIS I 75 -8.69 19.82 -5.86
C HIS I 75 -8.02 18.46 -5.77
N GLU I 76 -7.18 18.12 -6.74
CA GLU I 76 -6.51 16.83 -6.71
C GLU I 76 -5.52 16.74 -5.56
N ASP I 77 -4.76 17.82 -5.31
CA ASP I 77 -3.83 17.79 -4.19
C ASP I 77 -4.54 17.55 -2.87
N ILE I 78 -5.63 18.29 -2.62
CA ILE I 78 -6.32 18.15 -1.34
C ILE I 78 -6.94 16.77 -1.22
N ILE I 79 -7.58 16.28 -2.29
CA ILE I 79 -8.25 14.99 -2.20
C ILE I 79 -7.23 13.87 -1.98
N SER I 80 -6.17 13.84 -2.78
CA SER I 80 -5.18 12.79 -2.60
C SER I 80 -4.49 12.90 -1.25
N LEU I 81 -4.20 14.11 -0.79
CA LEU I 81 -3.54 14.25 0.51
C LEU I 81 -4.44 13.78 1.63
N TRP I 82 -5.72 14.13 1.58
CA TRP I 82 -6.63 13.68 2.63
C TRP I 82 -6.78 12.18 2.60
N ASP I 83 -6.92 11.61 1.40
CA ASP I 83 -7.04 10.16 1.27
C ASP I 83 -5.81 9.46 1.81
N GLN I 84 -4.63 10.04 1.58
CA GLN I 84 -3.41 9.46 2.11
C GLN I 84 -3.26 9.70 3.61
N SER I 85 -3.96 10.69 4.16
CA SER I 85 -3.77 11.05 5.56
C SER I 85 -4.66 10.29 6.52
N LEU I 86 -5.44 9.31 6.07
CA LEU I 86 -6.31 8.53 6.93
C LEU I 86 -6.02 7.04 6.94
N LYS I 87 -5.19 6.55 6.02
CA LYS I 87 -4.88 5.12 5.98
C LYS I 87 -4.29 4.57 7.27
N PRO I 88 -3.25 5.15 7.87
CA PRO I 88 -2.67 4.54 9.07
C PRO I 88 -3.60 4.49 10.27
N CYS I 89 -4.64 5.31 10.32
CA CYS I 89 -5.50 5.36 11.49
C CYS I 89 -6.40 4.14 11.55
N VAL I 90 -6.92 3.87 12.75
CA VAL I 90 -7.87 2.77 12.95
C VAL I 90 -9.03 2.93 11.98
N LYS I 91 -9.61 1.81 11.57
CA LYS I 91 -10.59 1.80 10.48
C LYS I 91 -11.94 1.24 10.89
N LEU I 92 -12.27 1.22 12.18
CA LEU I 92 -13.61 0.89 12.70
C LEU I 92 -14.11 -0.42 12.08
N THR I 93 -15.44 -0.63 12.08
CA THR I 93 -16.22 -1.75 11.54
C THR I 93 -16.58 -2.76 12.63
N PRO I 94 -15.88 -2.85 13.77
CA PRO I 94 -16.53 -3.46 14.93
C PRO I 94 -17.67 -2.66 15.52
N LEU I 95 -17.87 -1.40 15.12
CA LEU I 95 -18.99 -0.61 15.61
C LEU I 95 -20.23 -0.70 14.74
N CYS I 96 -20.26 -1.57 13.76
CA CYS I 96 -21.51 -1.76 13.05
C CYS I 96 -22.55 -2.54 13.88
N VAL I 97 -22.23 -3.00 15.09
CA VAL I 97 -23.17 -3.81 15.87
C VAL I 97 -24.44 -3.01 16.14
N THR I 98 -25.56 -3.72 16.25
CA THR I 98 -26.83 -3.08 16.56
C THR I 98 -26.74 -2.36 17.90
N LEU I 99 -27.07 -1.07 17.89
CA LEU I 99 -27.08 -0.29 19.11
C LEU I 99 -28.45 -0.37 19.77
N ILE I 100 -28.49 -0.86 21.00
CA ILE I 100 -29.67 -0.76 21.86
C ILE I 100 -29.55 0.55 22.60
N CYS I 101 -30.62 1.36 22.58
CA CYS I 101 -30.45 2.76 22.93
C CYS I 101 -31.77 3.31 23.47
N SER I 102 -31.67 4.24 24.42
CA SER I 102 -32.79 4.61 25.25
C SER I 102 -33.78 5.51 24.52
N ASN I 103 -35.05 5.46 24.98
CA ASN I 103 -36.09 6.38 24.50
C ASN I 103 -37.04 6.80 25.62
N ALA I 104 -36.52 6.93 26.85
CA ALA I 104 -37.38 7.17 28.01
C ALA I 104 -37.94 8.59 28.08
N THR I 105 -37.40 9.54 27.31
CA THR I 105 -37.93 10.89 27.29
C THR I 105 -37.74 11.47 25.89
N VAL I 106 -38.71 12.30 25.46
CA VAL I 106 -38.76 12.78 24.09
C VAL I 106 -38.95 14.30 24.00
N LYS I 107 -39.45 14.93 25.06
CA LYS I 107 -39.86 16.34 24.98
C LYS I 107 -39.39 17.21 26.14
N ASN I 108 -39.04 16.66 27.30
CA ASN I 108 -38.72 17.50 28.44
C ASN I 108 -37.44 18.33 28.24
N GLY I 109 -36.64 18.01 27.22
CA GLY I 109 -35.47 18.81 26.93
C GLY I 109 -35.79 20.09 26.16
N THR I 110 -36.44 19.93 25.01
CA THR I 110 -36.69 21.06 24.09
C THR I 110 -35.37 21.73 23.67
N VAL I 111 -34.33 20.91 23.54
CA VAL I 111 -33.00 21.35 23.13
C VAL I 111 -32.26 20.09 22.73
N GLU I 112 -31.28 20.23 21.84
CA GLU I 112 -30.69 19.05 21.21
C GLU I 112 -29.86 18.29 22.22
N GLU I 113 -30.54 17.51 23.07
CA GLU I 113 -29.84 16.48 23.82
C GLU I 113 -29.58 15.29 22.89
N MET I 114 -28.50 14.58 23.20
CA MET I 114 -28.01 13.50 22.35
C MET I 114 -28.29 12.15 22.99
N LYS I 115 -28.55 11.16 22.15
CA LYS I 115 -28.97 9.85 22.64
C LYS I 115 -27.85 9.20 23.45
N ASN I 116 -28.21 8.13 24.17
CA ASN I 116 -27.29 7.41 25.04
C ASN I 116 -27.40 5.91 24.74
N CYS I 117 -26.67 5.46 23.73
CA CYS I 117 -26.75 4.09 23.25
C CYS I 117 -25.63 3.23 23.83
N SER I 118 -25.82 1.91 23.76
CA SER I 118 -24.87 0.95 24.31
C SER I 118 -24.82 -0.30 23.44
N PHE I 119 -23.67 -0.96 23.43
CA PHE I 119 -23.42 -2.03 22.46
C PHE I 119 -22.32 -2.95 22.99
N ASN I 120 -21.99 -3.96 22.17
CA ASN I 120 -20.97 -4.97 22.47
C ASN I 120 -19.77 -4.76 21.56
N THR I 121 -18.57 -4.74 22.14
CA THR I 121 -17.33 -4.56 21.41
C THR I 121 -16.40 -5.73 21.65
N THR I 122 -15.77 -6.22 20.60
CA THR I 122 -14.70 -7.19 20.77
C THR I 122 -13.60 -6.58 21.60
N THR I 123 -13.34 -7.16 22.76
CA THR I 123 -12.26 -6.67 23.61
C THR I 123 -10.93 -7.18 23.05
N GLU I 124 -9.86 -7.05 23.83
CA GLU I 124 -8.55 -7.45 23.35
C GLU I 124 -8.51 -8.93 22.99
N ILE I 125 -9.14 -9.76 23.80
CA ILE I 125 -9.35 -11.15 23.46
C ILE I 125 -10.24 -11.22 22.22
N ARG I 126 -10.07 -12.27 21.43
CA ARG I 126 -10.90 -12.40 20.23
C ARG I 126 -12.32 -12.85 20.57
N ASP I 127 -12.48 -13.80 21.48
CA ASP I 127 -13.78 -14.39 21.80
C ASP I 127 -14.19 -14.09 23.24
N LYS I 128 -13.98 -12.86 23.67
CA LYS I 128 -14.55 -12.36 24.91
C LYS I 128 -15.17 -11.01 24.61
N GLU I 129 -16.21 -10.63 25.36
CA GLU I 129 -16.99 -9.47 25.02
C GLU I 129 -17.49 -8.80 26.29
N LYS I 130 -17.85 -7.52 26.17
CA LYS I 130 -18.36 -6.75 27.28
C LYS I 130 -19.35 -5.72 26.79
N LYS I 131 -20.19 -5.25 27.70
CA LYS I 131 -21.19 -4.23 27.42
C LYS I 131 -20.59 -2.85 27.67
N GLU I 132 -20.73 -1.95 26.71
CA GLU I 132 -20.11 -0.63 26.79
C GLU I 132 -21.05 0.39 26.19
N TYR I 133 -20.97 1.63 26.68
CA TYR I 133 -21.91 2.69 26.34
C TYR I 133 -21.18 3.92 25.83
N ALA I 134 -21.79 4.60 24.87
CA ALA I 134 -21.17 5.76 24.25
C ALA I 134 -22.25 6.63 23.61
N LEU I 135 -22.14 7.93 23.79
CA LEU I 135 -23.13 8.86 23.27
C LEU I 135 -22.84 9.17 21.80
N PHE I 136 -23.90 9.47 21.07
CA PHE I 136 -23.80 9.88 19.68
C PHE I 136 -24.83 10.96 19.43
N TYR I 137 -24.48 11.96 18.64
CA TYR I 137 -25.46 12.97 18.25
C TYR I 137 -26.44 12.35 17.27
N LYS I 138 -27.68 12.81 17.31
CA LYS I 138 -28.78 12.16 16.58
C LYS I 138 -28.52 11.99 15.08
N PRO I 139 -27.91 12.94 14.36
CA PRO I 139 -27.72 12.73 12.91
C PRO I 139 -26.86 11.54 12.55
N ASP I 140 -26.04 11.00 13.46
CA ASP I 140 -25.22 9.84 13.14
C ASP I 140 -25.97 8.52 13.23
N ILE I 141 -27.14 8.49 13.84
CA ILE I 141 -27.84 7.24 14.15
C ILE I 141 -29.16 7.19 13.38
N VAL I 142 -29.49 6.01 12.87
CA VAL I 142 -30.73 5.79 12.11
C VAL I 142 -31.46 4.61 12.74
N PRO I 143 -32.79 4.60 12.83
CA PRO I 143 -33.47 3.41 13.33
C PRO I 143 -33.38 2.25 12.35
N LEU I 144 -33.45 1.04 12.89
CA LEU I 144 -33.15 -0.16 12.12
C LEU I 144 -34.38 -0.75 11.45
N SER I 145 -35.58 -0.50 11.99
CA SER I 145 -36.79 -1.10 11.44
C SER I 145 -37.99 -0.24 11.81
N GLU I 146 -39.09 -0.45 11.08
CA GLU I 146 -40.32 0.29 11.32
C GLU I 146 -41.15 -0.29 12.45
N THR I 147 -40.71 -1.39 13.07
CA THR I 147 -41.50 -2.05 14.10
C THR I 147 -41.74 -1.09 15.26
N ASN I 148 -42.74 -1.41 16.08
CA ASN I 148 -43.03 -0.60 17.26
C ASN I 148 -41.83 -0.54 18.20
N ASN I 149 -40.99 -1.57 18.18
CA ASN I 149 -39.74 -1.57 18.95
C ASN I 149 -38.72 -0.68 18.26
N THR I 150 -38.91 0.63 18.33
CA THR I 150 -37.90 1.58 17.83
C THR I 150 -36.82 1.85 18.88
N SER I 151 -36.21 0.76 19.38
CA SER I 151 -35.17 0.82 20.38
C SER I 151 -33.99 -0.07 19.98
N GLU I 152 -33.75 -0.17 18.68
CA GLU I 152 -32.58 -0.84 18.14
C GLU I 152 -32.08 -0.02 16.95
N TYR I 153 -30.83 0.42 17.02
CA TYR I 153 -30.32 1.45 16.13
C TYR I 153 -29.01 1.02 15.49
N ARG I 154 -28.75 1.60 14.32
CA ARG I 154 -27.55 1.36 13.53
C ARG I 154 -26.90 2.69 13.23
N LEU I 155 -25.56 2.70 13.17
CA LEU I 155 -24.87 3.87 12.67
C LEU I 155 -25.31 4.17 11.25
N ILE I 156 -25.22 5.44 10.86
CA ILE I 156 -25.67 5.87 9.54
C ILE I 156 -24.80 5.26 8.46
N ASN I 157 -23.60 4.83 8.82
CA ASN I 157 -22.73 4.07 7.93
C ASN I 157 -22.96 2.59 8.21
N CYS I 158 -22.17 1.73 7.55
CA CYS I 158 -22.38 0.29 7.39
C CYS I 158 -23.43 0.04 6.31
N ASN I 159 -24.09 1.09 5.80
CA ASN I 159 -25.06 0.93 4.74
C ASN I 159 -24.45 1.23 3.37
N THR I 160 -23.34 1.96 3.33
CA THR I 160 -22.71 2.35 2.06
C THR I 160 -21.25 1.94 2.00
N SER I 161 -20.50 2.11 3.08
CA SER I 161 -19.07 1.84 3.04
C SER I 161 -18.52 1.72 4.45
N ALA I 162 -17.25 1.39 4.52
CA ALA I 162 -16.54 1.27 5.79
C ALA I 162 -16.26 2.67 6.32
N CYS I 163 -15.26 2.80 7.20
CA CYS I 163 -15.07 4.04 7.95
C CYS I 163 -13.60 4.25 8.24
N THR I 164 -13.32 5.33 8.96
CA THR I 164 -11.98 5.61 9.44
C THR I 164 -12.06 6.72 10.47
N GLN I 165 -11.36 6.54 11.58
CA GLN I 165 -11.29 7.56 12.61
C GLN I 165 -10.13 8.48 12.32
N ALA I 166 -10.37 9.79 12.36
CA ALA I 166 -9.27 10.74 12.27
C ALA I 166 -8.47 10.66 13.55
N CYS I 167 -7.19 10.38 13.44
CA CYS I 167 -6.38 10.10 14.61
C CYS I 167 -6.35 11.32 15.51
N PRO I 168 -6.33 11.15 16.84
CA PRO I 168 -6.31 12.33 17.72
C PRO I 168 -5.05 13.16 17.59
N LYS I 169 -3.96 12.58 17.09
CA LYS I 169 -2.69 13.27 17.03
C LYS I 169 -2.51 14.11 15.77
N VAL I 170 -3.60 14.49 15.09
CA VAL I 170 -3.54 15.44 13.98
C VAL I 170 -4.71 16.40 14.15
N THR I 171 -4.53 17.61 13.60
CA THR I 171 -5.54 18.66 13.69
C THR I 171 -5.77 19.27 12.32
N PHE I 172 -7.02 19.61 12.04
CA PHE I 172 -7.43 20.14 10.75
C PHE I 172 -7.34 21.66 10.69
N GLU I 173 -6.50 22.28 11.51
CA GLU I 173 -6.37 23.73 11.47
C GLU I 173 -5.80 24.13 10.12
N PRO I 174 -6.35 25.15 9.44
CA PRO I 174 -5.91 25.43 8.08
C PRO I 174 -4.58 26.16 8.01
N ILE I 175 -3.46 25.43 8.00
CA ILE I 175 -2.18 26.09 7.76
C ILE I 175 -2.16 26.65 6.34
N PRO I 176 -1.64 27.84 6.08
CA PRO I 176 -1.63 28.33 4.70
C PRO I 176 -0.65 27.55 3.84
N ILE I 177 -0.92 27.54 2.54
CA ILE I 177 -0.11 26.85 1.55
C ILE I 177 0.31 27.86 0.50
N HIS I 178 1.61 27.91 0.23
CA HIS I 178 2.16 28.76 -0.83
C HIS I 178 2.47 27.90 -2.05
N TYR I 179 1.77 28.18 -3.15
CA TYR I 179 2.09 27.55 -4.44
C TYR I 179 3.20 28.31 -5.13
N CYS I 180 4.18 27.57 -5.66
CA CYS I 180 5.27 28.11 -6.45
C CYS I 180 5.46 27.26 -7.69
N ALA I 181 5.54 27.90 -8.84
CA ALA I 181 5.73 27.12 -10.07
C ALA I 181 7.18 26.68 -10.18
N PRO I 182 7.49 25.50 -10.72
CA PRO I 182 8.89 25.06 -10.76
C PRO I 182 9.70 25.88 -11.74
N ALA I 183 10.98 25.53 -11.86
CA ALA I 183 11.87 26.21 -12.77
C ALA I 183 11.35 26.09 -14.20
N GLY I 184 11.64 27.10 -15.01
CA GLY I 184 11.10 27.13 -16.35
C GLY I 184 9.67 27.61 -16.44
N TYR I 185 9.17 28.28 -15.41
CA TYR I 185 7.84 28.87 -15.39
C TYR I 185 7.89 30.19 -14.65
N ALA I 186 6.78 30.92 -14.70
CA ALA I 186 6.57 32.06 -13.83
C ALA I 186 5.08 32.23 -13.61
N ILE I 187 4.72 32.79 -12.46
CA ILE I 187 3.34 33.06 -12.10
C ILE I 187 3.10 34.54 -12.25
N LEU I 188 2.22 34.91 -13.17
CA LEU I 188 1.89 36.31 -13.44
C LEU I 188 0.63 36.68 -12.67
N LYS I 189 0.68 37.81 -11.97
CA LYS I 189 -0.32 38.18 -10.97
C LYS I 189 -1.03 39.45 -11.40
N CYS I 190 -2.35 39.44 -11.36
CA CYS I 190 -3.11 40.65 -11.65
C CYS I 190 -2.96 41.65 -10.51
N ASN I 191 -2.38 42.81 -10.81
CA ASN I 191 -2.26 43.88 -9.83
C ASN I 191 -3.46 44.82 -9.82
N ASP I 192 -4.25 44.84 -10.88
CA ASP I 192 -5.40 45.75 -10.97
C ASP I 192 -6.54 45.17 -10.14
N GLU I 193 -6.80 45.77 -8.98
CA GLU I 193 -7.81 45.25 -8.07
C GLU I 193 -9.24 45.51 -8.55
N THR I 194 -9.43 46.25 -9.63
CA THR I 194 -10.74 46.41 -10.24
C THR I 194 -11.14 45.21 -11.09
N PHE I 195 -10.26 44.21 -11.22
CA PHE I 195 -10.48 43.10 -12.14
C PHE I 195 -11.72 42.30 -11.76
N ASN I 196 -12.43 41.81 -12.78
CA ASN I 196 -13.71 41.13 -12.61
C ASN I 196 -13.73 39.76 -13.29
N GLY I 197 -12.62 39.03 -13.23
CA GLY I 197 -12.63 37.62 -13.55
C GLY I 197 -12.37 37.28 -15.01
N THR I 198 -12.80 38.13 -15.94
CA THR I 198 -12.49 37.92 -17.35
C THR I 198 -12.23 39.28 -17.98
N GLY I 199 -11.34 39.30 -18.96
CA GLY I 199 -10.85 40.52 -19.54
C GLY I 199 -9.47 40.87 -19.03
N PRO I 200 -8.89 41.93 -19.54
CA PRO I 200 -7.46 42.17 -19.32
C PRO I 200 -7.16 42.82 -17.98
N CYS I 201 -6.01 42.45 -17.42
CA CYS I 201 -5.36 43.17 -16.35
C CYS I 201 -4.15 43.87 -16.94
N SER I 202 -4.17 45.20 -16.96
CA SER I 202 -3.11 45.98 -17.56
C SER I 202 -1.96 46.27 -16.61
N ASN I 203 -2.12 46.00 -15.32
CA ASN I 203 -1.03 46.08 -14.34
C ASN I 203 -0.74 44.66 -13.87
N VAL I 204 0.38 44.11 -14.33
CA VAL I 204 0.71 42.69 -14.14
C VAL I 204 2.12 42.59 -13.60
N SER I 205 2.34 41.65 -12.68
CA SER I 205 3.63 41.42 -12.06
C SER I 205 3.96 39.94 -12.08
N THR I 206 5.25 39.63 -12.05
CA THR I 206 5.73 38.26 -11.99
C THR I 206 6.20 37.92 -10.59
N VAL I 207 5.91 36.69 -10.15
CA VAL I 207 6.31 36.22 -8.83
C VAL I 207 6.53 34.72 -8.90
N GLN I 208 7.48 34.23 -8.11
CA GLN I 208 7.78 32.81 -8.08
C GLN I 208 6.83 32.05 -7.16
N CYS I 209 6.21 32.73 -6.19
CA CYS I 209 5.35 32.08 -5.21
C CYS I 209 4.10 32.90 -4.98
N THR I 210 3.00 32.22 -4.66
CA THR I 210 1.70 32.85 -4.50
C THR I 210 1.45 33.19 -3.03
N HIS I 211 0.29 33.82 -2.80
CA HIS I 211 -0.13 34.17 -1.45
C HIS I 211 -0.28 32.90 -0.62
N GLY I 212 -0.28 33.02 0.71
CA GLY I 212 -0.48 31.87 1.57
C GLY I 212 -1.93 31.45 1.66
N ILE I 213 -2.39 30.74 0.63
CA ILE I 213 -3.80 30.39 0.51
C ILE I 213 -4.24 29.59 1.72
N ARG I 214 -5.34 30.00 2.33
CA ARG I 214 -5.96 29.24 3.39
C ARG I 214 -6.86 28.17 2.77
N PRO I 215 -6.61 26.88 2.97
CA PRO I 215 -7.42 25.87 2.29
C PRO I 215 -8.74 25.55 2.95
N VAL I 216 -9.24 26.42 3.84
CA VAL I 216 -10.32 26.06 4.75
C VAL I 216 -11.60 25.70 3.99
N VAL I 217 -12.18 24.56 4.35
CA VAL I 217 -13.44 24.15 3.75
C VAL I 217 -14.57 25.00 4.30
N SER I 218 -15.55 25.30 3.46
CA SER I 218 -16.78 25.94 3.92
C SER I 218 -17.78 25.89 2.78
N THR I 219 -19.05 25.67 3.11
CA THR I 219 -20.03 25.34 2.10
C THR I 219 -20.87 26.53 1.66
N GLN I 220 -21.20 27.45 2.57
CA GLN I 220 -22.19 28.49 2.32
C GLN I 220 -21.71 29.89 2.67
N LEU I 221 -20.56 30.03 3.31
CA LEU I 221 -19.88 31.30 3.44
C LEU I 221 -18.39 31.02 3.49
N LEU I 222 -17.59 31.93 2.95
CA LEU I 222 -16.14 31.81 2.98
C LEU I 222 -15.66 32.31 4.33
N LEU I 223 -14.67 31.62 4.90
CA LEU I 223 -14.14 31.92 6.21
C LEU I 223 -12.67 32.30 6.12
N ASN I 224 -12.26 33.30 6.88
CA ASN I 224 -10.87 33.72 7.03
C ASN I 224 -10.20 34.00 5.68
N GLY I 225 -10.96 34.35 4.66
CA GLY I 225 -10.39 34.58 3.35
C GLY I 225 -9.65 35.90 3.30
N SER I 226 -9.09 36.18 2.13
CA SER I 226 -8.43 37.45 1.90
C SER I 226 -9.45 38.54 1.58
N LEU I 227 -9.14 39.76 1.99
CA LEU I 227 -10.03 40.88 1.79
C LEU I 227 -9.99 41.36 0.34
N ALA I 228 -11.05 42.04 -0.08
CA ALA I 228 -10.98 42.86 -1.27
C ALA I 228 -10.39 44.22 -0.90
N GLU I 229 -9.45 44.70 -1.72
CA GLU I 229 -8.60 45.80 -1.30
C GLU I 229 -9.29 47.16 -1.30
N LYS I 230 -10.13 47.45 -2.30
CA LYS I 230 -10.66 48.80 -2.52
C LYS I 230 -12.18 48.90 -2.60
N GLU I 231 -12.89 47.84 -2.96
CA GLU I 231 -14.33 47.96 -3.17
C GLU I 231 -14.95 46.57 -3.23
N ILE I 232 -16.27 46.53 -3.02
CA ILE I 232 -17.00 45.28 -3.20
C ILE I 232 -17.11 44.98 -4.69
N VAL I 233 -16.90 43.72 -5.03
CA VAL I 233 -16.79 43.23 -6.40
C VAL I 233 -17.70 42.03 -6.56
N ILE I 234 -18.22 41.86 -7.77
CA ILE I 234 -19.17 40.80 -8.08
C ILE I 234 -18.77 40.20 -9.41
N ARG I 235 -19.03 38.91 -9.58
CA ARG I 235 -18.44 38.18 -10.69
C ARG I 235 -19.18 36.86 -10.87
N SER I 236 -19.18 36.38 -12.10
CA SER I 236 -19.83 35.11 -12.42
C SER I 236 -19.47 34.75 -13.85
N GLU I 237 -19.44 33.45 -14.14
CA GLU I 237 -19.13 33.00 -15.49
C GLU I 237 -20.17 33.48 -16.48
N ASN I 238 -21.45 33.39 -16.12
CA ASN I 238 -22.53 33.83 -17.00
C ASN I 238 -23.71 34.22 -16.10
N LEU I 239 -23.84 35.53 -15.84
CA LEU I 239 -24.92 36.02 -15.00
C LEU I 239 -26.30 35.66 -15.55
N THR I 240 -26.41 35.43 -16.85
CA THR I 240 -27.70 35.18 -17.48
C THR I 240 -28.38 33.92 -16.93
N ASN I 241 -27.61 32.95 -16.43
CA ASN I 241 -28.15 31.67 -15.98
C ASN I 241 -27.96 31.52 -14.48
N ASN I 242 -28.90 30.84 -13.84
CA ASN I 242 -28.90 30.76 -12.38
C ASN I 242 -27.78 29.89 -11.85
N ALA I 243 -27.45 28.79 -12.55
CA ALA I 243 -26.56 27.78 -11.98
C ALA I 243 -25.16 28.30 -11.70
N LYS I 244 -24.68 29.27 -12.48
CA LYS I 244 -23.31 29.75 -12.34
C LYS I 244 -23.27 30.71 -11.15
N ILE I 245 -22.62 30.25 -10.08
CA ILE I 245 -22.69 30.89 -8.77
C ILE I 245 -22.09 32.29 -8.80
N ILE I 246 -22.82 33.25 -8.25
CA ILE I 246 -22.40 34.65 -8.28
C ILE I 246 -21.57 34.94 -7.03
N ILE I 247 -20.27 34.66 -7.12
CA ILE I 247 -19.37 34.85 -5.99
C ILE I 247 -19.29 36.34 -5.68
N VAL I 248 -18.98 36.67 -4.42
CA VAL I 248 -18.77 38.05 -4.00
C VAL I 248 -17.56 38.07 -3.06
N HIS I 249 -16.75 39.11 -3.18
CA HIS I 249 -15.50 39.26 -2.42
C HIS I 249 -15.55 40.61 -1.72
N LEU I 250 -15.91 40.61 -0.44
CA LEU I 250 -16.31 41.81 0.27
C LEU I 250 -15.13 42.73 0.53
N HIS I 251 -15.47 44.00 0.80
CA HIS I 251 -14.46 45.03 1.05
C HIS I 251 -14.04 45.11 2.51
N THR I 252 -14.93 44.71 3.43
CA THR I 252 -14.63 44.70 4.86
C THR I 252 -15.05 43.37 5.46
N PRO I 253 -14.43 42.94 6.55
CA PRO I 253 -14.81 41.65 7.14
C PRO I 253 -16.07 41.79 7.99
N VAL I 254 -16.78 40.67 8.12
CA VAL I 254 -17.92 40.54 9.01
C VAL I 254 -17.53 39.55 10.10
N GLU I 255 -17.53 39.99 11.34
CA GLU I 255 -17.09 39.13 12.42
C GLU I 255 -18.15 38.09 12.74
N ILE I 256 -17.73 36.83 12.84
CA ILE I 256 -18.60 35.70 13.15
C ILE I 256 -17.96 34.89 14.26
N VAL I 257 -18.78 34.52 15.25
CA VAL I 257 -18.32 33.77 16.42
C VAL I 257 -19.31 32.65 16.67
N CYS I 258 -18.81 31.50 17.10
CA CYS I 258 -19.64 30.32 17.36
C CYS I 258 -19.10 29.58 18.57
N THR I 259 -19.89 28.65 19.07
CA THR I 259 -19.47 27.83 20.21
C THR I 259 -20.48 26.70 20.39
N ARG I 260 -20.22 25.88 21.41
CA ARG I 260 -21.02 24.69 21.73
C ARG I 260 -20.84 24.41 23.21
N PRO I 261 -21.58 25.09 24.08
CA PRO I 261 -21.24 25.02 25.51
C PRO I 261 -21.63 23.74 26.26
N ASN I 262 -21.94 22.65 25.56
CA ASN I 262 -22.31 21.41 26.26
C ASN I 262 -21.21 20.90 27.19
N ASN I 263 -19.94 21.10 26.83
CA ASN I 263 -18.79 20.64 27.63
C ASN I 263 -18.73 19.11 27.71
N ASN I 264 -18.55 18.48 26.54
CA ASN I 264 -18.41 17.04 26.45
C ASN I 264 -17.14 16.55 27.15
N THR I 265 -16.99 15.24 27.19
CA THR I 265 -15.86 14.60 27.83
C THR I 265 -15.55 13.31 27.06
N ARG I 266 -14.28 12.95 27.00
CA ARG I 266 -13.82 11.84 26.17
C ARG I 266 -13.77 10.55 26.97
N LYS I 267 -14.43 9.53 26.45
CA LYS I 267 -14.28 8.15 26.91
C LYS I 267 -13.32 7.45 25.96
N SER I 268 -12.71 6.37 26.44
CA SER I 268 -11.88 5.50 25.62
C SER I 268 -12.43 4.08 25.67
N VAL I 269 -12.38 3.39 24.54
CA VAL I 269 -12.81 2.01 24.43
C VAL I 269 -11.74 1.27 23.65
N ARG I 270 -11.41 0.06 24.09
CA ARG I 270 -10.28 -0.69 23.51
C ARG I 270 -10.79 -1.73 22.52
N ILE I 271 -11.13 -1.26 21.32
CA ILE I 271 -11.57 -2.16 20.27
C ILE I 271 -10.42 -3.03 19.83
N GLY I 272 -10.66 -4.34 19.76
CA GLY I 272 -9.77 -5.26 19.10
C GLY I 272 -8.38 -5.30 19.70
N PRO I 273 -7.38 -5.67 18.90
CA PRO I 273 -6.00 -5.61 19.41
C PRO I 273 -5.42 -4.21 19.40
N GLY I 274 -5.70 -3.47 20.47
CA GLY I 274 -5.00 -2.22 20.71
C GLY I 274 -5.32 -1.09 19.77
N GLN I 275 -6.47 -1.12 19.11
CA GLN I 275 -6.92 -0.04 18.23
C GLN I 275 -8.00 0.77 18.94
N THR I 276 -7.56 1.72 19.76
CA THR I 276 -8.50 2.43 20.62
C THR I 276 -9.45 3.29 19.79
N PHE I 277 -10.66 3.44 20.30
CA PHE I 277 -11.73 4.21 19.66
C PHE I 277 -12.33 5.17 20.66
N TYR I 278 -12.48 6.43 20.26
CA TYR I 278 -12.92 7.50 21.15
C TYR I 278 -14.40 7.78 20.94
N ALA I 279 -15.06 8.34 21.95
CA ALA I 279 -16.47 8.65 21.82
C ALA I 279 -16.88 9.58 22.94
N THR I 280 -17.97 10.31 22.73
CA THR I 280 -18.44 11.24 23.74
C THR I 280 -18.96 10.50 24.96
N GLY I 281 -18.31 10.70 26.10
CA GLY I 281 -18.74 10.04 27.32
C GLY I 281 -19.89 10.77 27.98
N ASP I 282 -19.85 10.87 29.30
CA ASP I 282 -20.85 11.65 30.01
C ASP I 282 -20.66 13.13 29.73
N ILE I 283 -21.69 13.91 30.03
CA ILE I 283 -21.69 15.36 29.82
C ILE I 283 -21.82 16.06 31.16
N ILE I 284 -20.67 16.42 31.75
CA ILE I 284 -20.67 17.18 32.99
C ILE I 284 -20.99 18.62 32.63
N GLY I 285 -22.10 19.12 33.14
CA GLY I 285 -22.55 20.47 32.88
C GLY I 285 -24.07 20.50 32.76
N ASP I 286 -24.54 21.40 31.92
CA ASP I 286 -25.96 21.49 31.59
C ASP I 286 -26.10 21.68 30.08
N ILE I 287 -27.16 21.10 29.50
CA ILE I 287 -27.31 21.08 28.06
C ILE I 287 -27.69 22.47 27.56
N LYS I 288 -27.16 22.85 26.40
CA LYS I 288 -27.48 24.13 25.78
C LYS I 288 -27.34 24.01 24.27
N GLN I 289 -27.95 24.95 23.55
CA GLN I 289 -27.99 24.89 22.10
C GLN I 289 -26.66 25.36 21.51
N ALA I 290 -26.29 24.79 20.37
CA ALA I 290 -25.08 25.20 19.67
C ALA I 290 -25.41 26.23 18.59
N HIS I 291 -24.72 27.37 18.62
CA HIS I 291 -25.17 28.57 17.93
C HIS I 291 -24.01 29.31 17.30
N CYS I 292 -24.35 30.25 16.42
CA CYS I 292 -23.40 31.19 15.81
C CYS I 292 -23.98 32.59 15.83
N ASN I 293 -23.12 33.58 16.08
CA ASN I 293 -23.53 34.98 16.27
C ASN I 293 -22.87 35.88 15.24
N ILE I 294 -23.64 36.85 14.76
CA ILE I 294 -23.16 37.88 13.85
C ILE I 294 -23.76 39.21 14.30
N SER I 295 -22.95 40.27 14.25
CA SER I 295 -23.45 41.60 14.58
C SER I 295 -24.40 42.06 13.48
N GLU I 296 -25.67 42.32 13.84
CA GLU I 296 -26.72 42.40 12.84
C GLU I 296 -26.59 43.63 11.95
N GLU I 297 -26.25 44.79 12.53
CA GLU I 297 -26.22 46.02 11.75
C GLU I 297 -25.14 45.96 10.66
N LYS I 298 -23.97 45.42 11.00
CA LYS I 298 -22.92 45.27 9.99
C LYS I 298 -23.37 44.32 8.90
N TRP I 299 -24.06 43.24 9.28
CA TRP I 299 -24.53 42.27 8.29
C TRP I 299 -25.51 42.92 7.33
N ASN I 300 -26.45 43.70 7.87
CA ASN I 300 -27.42 44.37 7.00
C ASN I 300 -26.73 45.39 6.11
N ASP I 301 -25.74 46.10 6.65
CA ASP I 301 -25.01 47.09 5.86
C ASP I 301 -24.26 46.45 4.70
N THR I 302 -23.51 45.37 4.99
CA THR I 302 -22.74 44.75 3.91
C THR I 302 -23.66 44.06 2.91
N LEU I 303 -24.76 43.48 3.38
CA LEU I 303 -25.72 42.91 2.45
C LEU I 303 -26.29 43.98 1.54
N GLN I 304 -26.60 45.16 2.08
CA GLN I 304 -27.11 46.25 1.27
C GLN I 304 -26.07 46.74 0.27
N LYS I 305 -24.81 46.80 0.68
CA LYS I 305 -23.78 47.26 -0.25
C LYS I 305 -23.55 46.24 -1.36
N VAL I 306 -23.62 44.95 -1.02
CA VAL I 306 -23.65 43.93 -2.06
C VAL I 306 -24.84 44.15 -2.96
N GLY I 307 -25.95 44.64 -2.40
CA GLY I 307 -27.07 45.02 -3.23
C GLY I 307 -26.73 46.11 -4.22
N ILE I 308 -26.01 47.14 -3.78
CA ILE I 308 -25.71 48.24 -4.69
C ILE I 308 -24.77 47.76 -5.79
N GLU I 309 -23.83 46.88 -5.45
CA GLU I 309 -22.94 46.36 -6.49
C GLU I 309 -23.66 45.40 -7.43
N LEU I 310 -24.60 44.62 -6.90
CA LEU I 310 -25.46 43.82 -7.76
C LEU I 310 -26.24 44.70 -8.73
N GLN I 311 -26.66 45.88 -8.26
CA GLN I 311 -27.30 46.83 -9.16
C GLN I 311 -26.31 47.43 -10.15
N LYS I 312 -25.04 47.58 -9.76
CA LYS I 312 -24.04 47.95 -10.76
C LYS I 312 -23.92 46.89 -11.84
N HIS I 313 -24.17 45.63 -11.51
CA HIS I 313 -24.27 44.57 -12.52
C HIS I 313 -25.71 44.28 -12.95
N PHE I 314 -26.71 44.67 -12.16
CA PHE I 314 -28.12 44.52 -12.52
C PHE I 314 -28.86 45.83 -12.28
N PRO I 315 -28.58 46.87 -13.07
CA PRO I 315 -29.19 48.19 -12.81
C PRO I 315 -30.66 48.27 -13.15
N ASN I 316 -31.27 47.20 -13.67
CA ASN I 316 -32.64 47.27 -14.15
C ASN I 316 -33.67 46.89 -13.09
N LYS I 317 -33.26 46.37 -11.93
CA LYS I 317 -34.20 45.76 -11.00
C LYS I 317 -33.72 45.91 -9.56
N THR I 318 -34.66 45.72 -8.63
CA THR I 318 -34.38 45.70 -7.20
C THR I 318 -34.08 44.28 -6.74
N ILE I 319 -33.65 44.15 -5.48
CA ILE I 319 -33.01 42.96 -4.97
C ILE I 319 -33.74 42.48 -3.72
N LYS I 320 -33.81 41.17 -3.55
CA LYS I 320 -34.34 40.54 -2.34
C LYS I 320 -33.49 39.33 -2.00
N TYR I 321 -33.54 38.91 -0.74
CA TYR I 321 -32.89 37.70 -0.26
C TYR I 321 -33.92 36.80 0.42
N ASN I 322 -33.63 35.50 0.43
CA ASN I 322 -34.65 34.51 0.74
C ASN I 322 -34.06 33.41 1.60
N GLN I 323 -34.91 32.43 1.93
CA GLN I 323 -34.53 31.26 2.71
C GLN I 323 -33.62 30.35 1.90
N SER I 324 -32.90 29.47 2.62
CA SER I 324 -31.99 28.52 2.01
C SER I 324 -32.67 27.61 0.99
N ALA I 325 -31.88 26.89 0.21
CA ALA I 325 -32.42 26.13 -0.92
C ALA I 325 -33.37 25.03 -0.47
N GLY I 326 -33.01 24.27 0.57
CA GLY I 326 -33.83 23.16 1.03
C GLY I 326 -33.43 21.84 0.41
N GLY I 327 -32.78 20.99 1.20
CA GLY I 327 -32.29 19.71 0.70
C GLY I 327 -31.46 18.98 1.74
N ASP I 328 -30.45 18.23 1.29
CA ASP I 328 -29.61 17.48 2.21
C ASP I 328 -28.87 18.41 3.14
N MET I 329 -28.66 17.96 4.38
CA MET I 329 -28.04 18.78 5.40
C MET I 329 -26.64 19.22 5.01
N GLU I 330 -25.97 18.47 4.14
CA GLU I 330 -24.63 18.87 3.71
C GLU I 330 -24.64 20.18 2.96
N ILE I 331 -25.72 20.50 2.24
CA ILE I 331 -25.73 21.62 1.30
C ILE I 331 -26.68 22.73 1.75
N THR I 332 -27.82 22.38 2.33
CA THR I 332 -28.81 23.39 2.67
C THR I 332 -28.50 24.12 3.94
N THR I 333 -27.31 23.99 4.52
CA THR I 333 -26.97 24.69 5.76
C THR I 333 -25.55 25.21 5.65
N HIS I 334 -25.26 26.23 6.44
CA HIS I 334 -23.90 26.72 6.56
C HIS I 334 -23.11 25.78 7.47
N SER I 335 -22.11 25.12 6.90
CA SER I 335 -21.27 24.16 7.61
C SER I 335 -19.82 24.56 7.48
N PHE I 336 -19.08 24.48 8.58
CA PHE I 336 -17.71 24.94 8.59
C PHE I 336 -16.91 24.17 9.63
N ASN I 337 -15.70 23.80 9.25
CA ASN I 337 -14.79 23.13 10.17
C ASN I 337 -14.52 24.07 11.32
N CYS I 338 -14.36 23.51 12.51
CA CYS I 338 -14.25 24.30 13.73
C CYS I 338 -13.68 23.45 14.84
N GLY I 339 -12.41 23.65 15.19
CA GLY I 339 -11.88 23.00 16.37
C GLY I 339 -11.59 21.52 16.23
N GLY I 340 -12.48 20.76 15.62
CA GLY I 340 -12.40 19.32 15.57
C GLY I 340 -13.77 18.68 15.52
N GLU I 341 -14.81 19.38 15.98
CA GLU I 341 -16.20 18.92 15.84
C GLU I 341 -16.89 19.74 14.77
N PHE I 342 -17.47 19.06 13.79
CA PHE I 342 -17.99 19.74 12.61
C PHE I 342 -19.34 20.35 12.94
N PHE I 343 -19.52 21.61 12.61
CA PHE I 343 -20.76 22.33 12.84
C PHE I 343 -21.62 22.34 11.58
N TYR I 344 -22.92 22.48 11.77
CA TYR I 344 -23.88 22.71 10.69
C TYR I 344 -24.93 23.67 11.22
N CYS I 345 -25.12 24.79 10.53
CA CYS I 345 -25.90 25.91 11.05
C CYS I 345 -27.03 26.27 10.09
N ASN I 346 -28.26 26.30 10.61
CA ASN I 346 -29.41 26.74 9.83
C ASN I 346 -29.32 28.24 9.59
N THR I 347 -29.56 28.66 8.34
CA THR I 347 -29.11 29.95 7.87
C THR I 347 -30.22 30.95 7.56
N SER I 348 -31.50 30.55 7.63
CA SER I 348 -32.57 31.42 7.18
C SER I 348 -32.67 32.70 8.03
N ASN I 349 -32.07 32.69 9.22
CA ASN I 349 -32.13 33.87 10.07
C ASN I 349 -31.22 34.99 9.59
N LEU I 350 -30.37 34.75 8.58
CA LEU I 350 -29.47 35.77 8.05
C LEU I 350 -29.96 36.40 6.75
N PHE I 351 -30.98 35.86 6.10
CA PHE I 351 -31.36 36.29 4.77
C PHE I 351 -32.85 36.66 4.68
N ASN I 352 -33.40 37.26 5.73
CA ASN I 352 -34.66 38.00 5.66
C ASN I 352 -34.31 39.48 5.50
N GLY I 353 -34.40 39.97 4.28
CA GLY I 353 -34.09 41.36 4.00
C GLY I 353 -34.29 41.64 2.53
N THR I 354 -34.18 42.91 2.18
CA THR I 354 -34.38 43.32 0.80
C THR I 354 -33.70 44.66 0.56
N TYR I 355 -33.64 45.02 -0.72
CA TYR I 355 -33.07 46.30 -1.16
C TYR I 355 -33.94 46.84 -2.28
N ASN I 356 -34.45 48.06 -2.11
CA ASN I 356 -35.37 48.68 -3.05
C ASN I 356 -34.70 49.65 -4.02
N GLY I 357 -33.38 49.77 -3.99
CA GLY I 357 -32.67 50.76 -4.78
C GLY I 357 -32.19 51.97 -4.01
N THR I 358 -32.37 52.00 -2.69
CA THR I 358 -32.01 53.15 -1.86
C THR I 358 -31.24 52.71 -0.64
N TYR I 359 -30.19 53.45 -0.33
CA TYR I 359 -29.31 53.16 0.81
C TYR I 359 -29.81 53.88 2.06
N ILE I 360 -29.75 53.19 3.20
CA ILE I 360 -30.20 53.71 4.48
C ILE I 360 -29.00 53.76 5.41
N SER I 361 -28.78 54.91 6.03
CA SER I 361 -27.65 55.07 6.94
C SER I 361 -27.93 54.41 8.28
N THR I 362 -26.85 54.03 8.96
CA THR I 362 -26.92 53.43 10.29
C THR I 362 -26.78 54.47 11.41
N ASN I 363 -26.53 55.74 11.07
CA ASN I 363 -26.48 56.82 12.04
C ASN I 363 -27.86 57.47 12.15
N SER I 364 -28.32 57.72 13.38
CA SER I 364 -27.74 57.48 14.71
C SER I 364 -27.74 55.99 15.03
N SER I 365 -26.90 55.60 15.99
CA SER I 365 -26.62 54.20 16.25
C SER I 365 -27.90 53.43 16.59
N ALA I 366 -28.10 52.30 15.91
CA ALA I 366 -29.30 51.50 16.15
C ALA I 366 -29.29 50.92 17.56
N ASN I 367 -28.20 50.26 17.95
CA ASN I 367 -28.08 49.70 19.28
C ASN I 367 -26.64 49.27 19.49
N SER I 368 -26.25 49.17 20.76
CA SER I 368 -24.92 48.72 21.13
C SER I 368 -24.79 47.20 21.15
N THR I 369 -25.89 46.45 21.01
CA THR I 369 -25.88 45.00 21.14
C THR I 369 -26.71 44.30 20.06
N SER I 370 -26.88 44.90 18.89
CA SER I 370 -27.66 44.27 17.82
C SER I 370 -26.93 43.04 17.29
N THR I 371 -27.48 41.85 17.57
CA THR I 371 -26.85 40.59 17.16
C THR I 371 -27.92 39.64 16.63
N ILE I 372 -27.60 38.96 15.53
CA ILE I 372 -28.45 37.95 14.92
C ILE I 372 -27.84 36.59 15.23
N THR I 373 -28.68 35.64 15.63
CA THR I 373 -28.25 34.34 16.13
C THR I 373 -28.72 33.24 15.20
N LEU I 374 -27.88 32.21 15.04
CA LEU I 374 -28.19 31.02 14.28
C LEU I 374 -28.18 29.84 15.25
N GLN I 375 -28.90 28.77 14.90
CA GLN I 375 -28.94 27.55 15.69
C GLN I 375 -28.41 26.38 14.88
N CYS I 376 -27.49 25.62 15.48
CA CYS I 376 -26.63 24.70 14.75
C CYS I 376 -26.69 23.30 15.32
N ARG I 377 -26.82 22.31 14.43
CA ARG I 377 -26.69 20.90 14.77
C ARG I 377 -25.22 20.52 14.84
N ILE I 378 -24.94 19.26 15.13
CA ILE I 378 -23.58 18.72 15.10
C ILE I 378 -23.63 17.30 14.57
N LYS I 379 -22.74 16.98 13.63
CA LYS I 379 -22.51 15.62 13.18
C LYS I 379 -21.15 15.14 13.66
N GLN I 380 -20.85 13.89 13.36
CA GLN I 380 -19.48 13.40 13.48
C GLN I 380 -19.07 12.54 12.28
N ILE I 381 -20.05 11.97 11.58
CA ILE I 381 -19.79 11.15 10.39
C ILE I 381 -19.87 12.03 9.15
N ILE I 382 -18.75 12.64 8.76
CA ILE I 382 -18.77 13.68 7.74
C ILE I 382 -18.35 13.08 6.40
N ASN I 383 -19.32 12.82 5.52
CA ASN I 383 -19.02 12.40 4.15
C ASN I 383 -18.67 13.64 3.31
N MET I 384 -17.55 14.27 3.65
CA MET I 384 -17.34 15.65 3.23
C MET I 384 -17.16 15.79 1.72
N TRP I 385 -16.46 14.86 1.07
CA TRP I 385 -16.25 14.94 -0.36
C TRP I 385 -16.58 13.61 -1.01
N GLN I 386 -16.79 13.67 -2.32
CA GLN I 386 -17.03 12.46 -3.10
C GLN I 386 -15.70 11.85 -3.47
N GLY I 387 -15.41 10.67 -2.93
CA GLY I 387 -14.17 9.99 -3.20
C GLY I 387 -13.05 10.25 -2.21
N VAL I 388 -13.37 10.68 -0.99
CA VAL I 388 -12.37 10.92 0.04
C VAL I 388 -12.21 9.68 0.92
N GLY I 389 -12.70 8.54 0.46
CA GLY I 389 -12.79 7.38 1.32
C GLY I 389 -13.95 7.45 2.30
N ARG I 390 -14.68 8.56 2.35
CA ARG I 390 -15.83 8.87 3.21
C ARG I 390 -15.72 8.41 4.66
N CYS I 391 -16.69 8.80 5.46
CA CYS I 391 -16.77 8.46 6.88
C CYS I 391 -15.46 8.80 7.60
N MET I 392 -15.15 10.08 7.67
CA MET I 392 -14.02 10.54 8.47
C MET I 392 -14.55 10.83 9.87
N TYR I 393 -14.74 9.77 10.66
CA TYR I 393 -15.24 9.92 12.02
C TYR I 393 -14.35 10.86 12.82
N ALA I 394 -14.92 11.97 13.29
CA ALA I 394 -14.13 12.99 13.99
C ALA I 394 -14.25 12.78 15.49
N PRO I 395 -13.15 12.61 16.24
CA PRO I 395 -13.29 12.43 17.67
C PRO I 395 -13.69 13.73 18.35
N PRO I 396 -14.33 13.68 19.50
CA PRO I 396 -14.85 14.90 20.11
C PRO I 396 -13.86 15.57 21.05
N ILE I 397 -13.54 16.83 20.83
CA ILE I 397 -12.55 17.49 21.69
C ILE I 397 -13.22 17.99 22.95
N ALA I 398 -12.58 17.72 24.08
CA ALA I 398 -13.16 17.98 25.39
C ALA I 398 -13.26 19.47 25.66
N GLY I 399 -13.93 19.80 26.76
CA GLY I 399 -14.07 21.18 27.18
C GLY I 399 -15.07 21.94 26.34
N ASN I 400 -14.94 23.26 26.32
CA ASN I 400 -15.80 24.14 25.54
C ASN I 400 -14.93 24.91 24.56
N ILE I 401 -15.52 25.19 23.39
CA ILE I 401 -14.76 25.56 22.19
C ILE I 401 -15.32 26.83 21.59
N THR I 402 -14.50 27.49 20.77
CA THR I 402 -14.86 28.73 20.12
C THR I 402 -14.10 28.83 18.81
N CYS I 403 -14.70 29.52 17.83
CA CYS I 403 -14.14 29.65 16.50
C CYS I 403 -14.28 31.09 16.00
N ARG I 404 -13.84 32.04 16.81
CA ARG I 404 -13.85 33.45 16.43
C ARG I 404 -13.17 33.68 15.08
N SER I 405 -13.93 34.20 14.11
CA SER I 405 -13.50 34.18 12.71
C SER I 405 -14.03 35.39 11.97
N ASN I 406 -13.49 35.61 10.77
CA ASN I 406 -13.85 36.73 9.90
C ASN I 406 -14.39 36.17 8.59
N ILE I 407 -15.58 36.63 8.19
CA ILE I 407 -16.08 36.33 6.84
C ILE I 407 -15.49 37.33 5.87
N THR I 408 -15.31 36.90 4.61
CA THR I 408 -14.88 37.79 3.55
C THR I 408 -15.56 37.55 2.22
N GLY I 409 -16.53 36.66 2.13
CA GLY I 409 -17.16 36.38 0.86
C GLY I 409 -18.46 35.64 1.04
N LEU I 410 -19.24 35.62 -0.03
CA LEU I 410 -20.52 34.93 -0.07
C LEU I 410 -20.60 34.09 -1.33
N LEU I 411 -21.48 33.09 -1.30
CA LEU I 411 -21.89 32.36 -2.48
C LEU I 411 -23.41 32.41 -2.56
N LEU I 412 -23.93 32.83 -3.72
CA LEU I 412 -25.36 32.98 -3.93
C LEU I 412 -25.75 32.39 -5.27
N THR I 413 -27.02 31.99 -5.37
CA THR I 413 -27.62 31.49 -6.59
C THR I 413 -28.89 32.28 -6.86
N ARG I 414 -29.03 32.79 -8.08
CA ARG I 414 -30.20 33.58 -8.42
C ARG I 414 -31.44 32.69 -8.49
N ASP I 415 -32.54 33.19 -7.95
CA ASP I 415 -33.78 32.44 -7.92
C ASP I 415 -34.35 32.29 -9.32
N GLY I 416 -35.31 31.37 -9.46
CA GLY I 416 -36.01 31.21 -10.71
C GLY I 416 -37.10 32.23 -10.94
N GLY I 417 -36.73 33.51 -10.98
CA GLY I 417 -37.73 34.55 -11.19
C GLY I 417 -38.37 34.45 -12.55
N THR I 418 -39.60 34.97 -12.66
CA THR I 418 -40.35 34.85 -13.90
C THR I 418 -41.44 35.90 -13.94
N ASN I 419 -41.91 36.15 -15.16
CA ASN I 419 -43.08 37.01 -15.43
C ASN I 419 -42.85 38.43 -14.91
N SER I 420 -41.86 39.09 -15.50
CA SER I 420 -41.61 40.53 -15.32
C SER I 420 -41.43 40.89 -13.85
N ASN I 421 -40.74 40.05 -13.09
CA ASN I 421 -40.53 40.32 -11.68
C ASN I 421 -39.54 41.46 -11.52
N GLU I 422 -40.00 42.57 -10.93
CA GLU I 422 -39.13 43.70 -10.65
C GLU I 422 -38.19 43.44 -9.48
N THR I 423 -38.62 42.61 -8.52
CA THR I 423 -37.81 42.29 -7.35
C THR I 423 -37.07 40.99 -7.61
N GLU I 424 -35.95 41.09 -8.33
CA GLU I 424 -35.08 39.94 -8.49
C GLU I 424 -34.53 39.54 -7.13
N THR I 425 -34.19 38.26 -6.98
CA THR I 425 -33.77 37.75 -5.69
C THR I 425 -32.75 36.64 -5.85
N PHE I 426 -31.79 36.63 -4.92
CA PHE I 426 -30.73 35.64 -4.86
C PHE I 426 -30.83 34.89 -3.54
N ARG I 427 -30.47 33.61 -3.57
CA ARG I 427 -30.57 32.72 -2.42
C ARG I 427 -29.19 32.18 -2.06
N PRO I 428 -28.92 31.89 -0.78
CA PRO I 428 -27.64 31.27 -0.45
C PRO I 428 -27.49 29.91 -1.10
N ALA I 429 -26.25 29.57 -1.45
CA ALA I 429 -25.96 28.35 -2.18
C ALA I 429 -24.62 27.80 -1.71
N GLY I 430 -24.33 26.59 -2.16
CA GLY I 430 -23.09 25.92 -1.84
C GLY I 430 -22.98 24.67 -2.67
N GLY I 431 -21.85 23.99 -2.54
CA GLY I 431 -21.60 22.81 -3.33
C GLY I 431 -20.15 22.52 -3.60
N ASP I 432 -19.80 22.41 -4.89
CA ASP I 432 -18.46 22.14 -5.37
C ASP I 432 -17.41 22.95 -4.62
N MET I 433 -16.49 22.26 -3.96
CA MET I 433 -15.47 22.93 -3.16
C MET I 433 -14.42 23.62 -4.02
N ARG I 434 -14.42 23.39 -5.33
CA ARG I 434 -13.53 24.14 -6.22
C ARG I 434 -13.73 25.63 -6.05
N ASP I 435 -14.97 26.07 -5.86
CA ASP I 435 -15.28 27.50 -5.84
C ASP I 435 -14.55 28.22 -4.71
N ASN I 436 -14.43 27.60 -3.54
CA ASN I 436 -13.77 28.26 -2.43
C ASN I 436 -12.31 28.58 -2.74
N TRP I 437 -11.61 27.65 -3.37
CA TRP I 437 -10.25 27.95 -3.82
C TRP I 437 -10.27 28.80 -5.08
N ARG I 438 -11.29 28.62 -5.92
CA ARG I 438 -11.39 29.45 -7.12
C ARG I 438 -11.58 30.92 -6.75
N SER I 439 -12.18 31.18 -5.60
CA SER I 439 -12.35 32.54 -5.10
C SER I 439 -11.13 33.08 -4.45
N GLU I 440 -9.96 32.43 -4.50
CA GLU I 440 -8.75 32.98 -3.90
C GLU I 440 -7.57 32.96 -4.88
N LEU I 441 -7.57 32.01 -5.80
CA LEU I 441 -6.47 31.82 -6.74
C LEU I 441 -6.69 32.57 -8.06
N TYR I 442 -7.69 33.46 -8.15
CA TYR I 442 -7.99 34.08 -9.44
C TYR I 442 -6.86 35.01 -9.90
N LYS I 443 -6.08 35.56 -8.98
CA LYS I 443 -5.09 36.56 -9.33
C LYS I 443 -3.98 36.00 -10.19
N TYR I 444 -3.80 34.68 -10.21
CA TYR I 444 -2.61 34.06 -10.76
C TYR I 444 -2.91 33.37 -12.08
N LYS I 445 -1.91 33.36 -12.96
CA LYS I 445 -1.87 32.49 -14.12
C LYS I 445 -0.46 31.91 -14.23
N VAL I 446 -0.36 30.68 -14.74
CA VAL I 446 0.92 30.00 -14.90
C VAL I 446 1.28 29.98 -16.37
N VAL I 447 2.51 30.38 -16.67
CA VAL I 447 2.98 30.57 -18.04
C VAL I 447 4.30 29.85 -18.24
N LYS I 448 4.47 29.30 -19.44
CA LYS I 448 5.70 28.63 -19.85
C LYS I 448 6.59 29.64 -20.56
N ILE I 449 7.75 29.94 -19.96
CA ILE I 449 8.72 30.77 -20.65
C ILE I 449 9.24 30.00 -21.85
N GLU I 450 9.14 30.61 -23.04
CA GLU I 450 9.66 30.03 -24.27
C GLU I 450 10.89 30.84 -24.69
N PRO I 451 12.04 30.60 -24.08
CA PRO I 451 13.12 31.60 -24.13
C PRO I 451 13.71 31.84 -25.50
N LEU I 452 13.56 30.92 -26.45
CA LEU I 452 14.27 30.98 -27.72
C LEU I 452 13.44 31.75 -28.73
N GLY I 453 14.07 32.70 -29.41
CA GLY I 453 13.41 33.50 -30.41
C GLY I 453 14.35 33.80 -31.57
N VAL I 454 13.75 34.27 -32.67
CA VAL I 454 14.46 34.52 -33.92
C VAL I 454 14.04 35.88 -34.44
N ALA I 455 14.93 36.51 -35.21
CA ALA I 455 14.62 37.76 -35.88
C ALA I 455 15.69 38.03 -36.93
N PRO I 456 15.41 38.88 -37.92
CA PRO I 456 16.47 39.30 -38.84
C PRO I 456 17.39 40.34 -38.22
N THR I 457 18.43 40.67 -38.96
CA THR I 457 19.37 41.71 -38.55
C THR I 457 20.30 42.03 -39.72
N ARG I 458 21.05 43.12 -39.57
CA ARG I 458 22.07 43.49 -40.55
C ARG I 458 23.37 42.73 -40.35
N CYS I 459 23.52 42.05 -39.22
CA CYS I 459 24.69 41.22 -38.95
C CYS I 459 24.67 39.96 -39.80
N LYS I 460 25.83 39.32 -39.90
CA LYS I 460 25.94 38.01 -40.55
C LYS I 460 27.19 37.31 -40.05
N ARG I 461 27.19 35.98 -40.15
CA ARG I 461 28.29 35.18 -39.63
C ARG I 461 29.52 35.33 -40.52
N ARG I 462 30.68 35.52 -39.89
CA ARG I 462 31.93 35.52 -40.62
C ARG I 462 32.41 34.09 -40.87
N VAL I 463 33.00 33.87 -42.04
CA VAL I 463 33.49 32.55 -42.41
C VAL I 463 34.71 32.19 -41.57
N LEU J 9 17.68 44.16 -13.67
CA LEU J 9 16.29 44.49 -13.95
C LEU J 9 15.32 43.52 -13.29
N GLY J 10 15.70 42.25 -13.14
CA GLY J 10 14.84 41.23 -12.58
C GLY J 10 14.73 40.02 -13.49
N PHE J 11 13.97 39.03 -13.03
CA PHE J 11 13.82 37.80 -13.78
C PHE J 11 13.09 38.04 -15.10
N LEU J 12 12.08 38.91 -15.10
CA LEU J 12 11.36 39.29 -16.30
C LEU J 12 11.12 40.79 -16.37
N GLY J 13 12.06 41.60 -15.87
CA GLY J 13 11.92 43.04 -15.98
C GLY J 13 11.98 43.55 -17.41
N ALA J 14 12.65 42.80 -18.29
CA ALA J 14 12.82 43.24 -19.67
C ALA J 14 11.55 43.12 -20.50
N ALA J 15 10.51 42.49 -19.99
CA ALA J 15 9.29 42.33 -20.75
C ALA J 15 8.61 43.66 -20.99
N GLY J 16 7.98 43.79 -22.16
CA GLY J 16 7.22 44.98 -22.48
C GLY J 16 8.02 46.08 -23.14
N SER J 17 9.25 46.32 -22.64
CA SER J 17 10.08 47.39 -23.16
C SER J 17 10.59 47.03 -24.55
N THR J 18 11.50 47.85 -25.07
CA THR J 18 11.96 47.69 -26.44
C THR J 18 12.79 46.43 -26.59
N MET J 19 13.22 46.17 -27.83
CA MET J 19 14.04 45.00 -28.12
C MET J 19 15.51 45.23 -27.83
N GLY J 20 15.88 46.35 -27.20
CA GLY J 20 17.28 46.61 -26.92
C GLY J 20 17.89 45.56 -26.02
N ALA J 21 17.21 45.22 -24.93
CA ALA J 21 17.68 44.17 -24.04
C ALA J 21 17.65 42.83 -24.76
N ALA J 22 18.68 42.01 -24.55
CA ALA J 22 18.75 40.73 -25.20
C ALA J 22 19.63 39.77 -24.40
N SER J 23 19.29 38.49 -24.47
CA SER J 23 20.11 37.39 -23.94
C SER J 23 20.35 37.54 -22.44
N MET J 24 19.27 37.48 -21.69
CA MET J 24 19.31 37.49 -20.23
C MET J 24 18.15 36.64 -19.73
N THR J 25 17.94 36.61 -18.42
CA THR J 25 16.92 35.79 -17.76
C THR J 25 17.23 34.31 -17.88
N LEU J 26 18.51 33.91 -17.86
CA LEU J 26 18.90 32.52 -18.09
C LEU J 26 19.37 31.83 -16.82
N THR J 27 19.96 32.57 -15.88
CA THR J 27 20.67 31.94 -14.78
C THR J 27 19.74 31.22 -13.82
N VAL J 28 18.43 31.43 -13.92
CA VAL J 28 17.51 30.95 -12.89
C VAL J 28 17.41 29.44 -12.94
N GLN J 29 17.61 28.80 -11.78
CA GLN J 29 17.45 27.35 -11.63
C GLN J 29 17.19 27.12 -10.14
N ALA J 30 15.96 26.75 -9.80
CA ALA J 30 15.48 26.89 -8.43
C ALA J 30 16.20 25.94 -7.48
N ARG J 31 16.14 26.27 -6.19
CA ARG J 31 16.67 25.41 -5.13
C ARG J 31 15.61 24.41 -4.71
N ASN J 32 16.05 23.32 -4.08
CA ASN J 32 15.17 22.21 -3.74
C ASN J 32 15.68 21.52 -2.47
N LEU J 33 14.82 20.68 -1.89
CA LEU J 33 15.16 19.87 -0.73
C LEU J 33 14.39 18.55 -0.82
N LEU J 34 14.77 17.60 0.05
CA LEU J 34 14.35 16.20 -0.04
C LEU J 34 12.84 16.00 -0.12
N SER J 35 12.41 14.81 -0.57
CA SER J 35 11.01 14.50 -0.87
C SER J 35 10.61 13.17 -0.25
N GLY J 36 9.32 13.06 0.11
CA GLY J 36 8.75 11.87 0.71
C GLY J 36 7.69 11.21 -0.16
N THR J 37 6.42 11.53 0.11
CA THR J 37 5.30 11.01 -0.67
C THR J 37 4.17 12.03 -0.58
N VAL J 38 3.20 11.91 -1.50
CA VAL J 38 2.04 12.79 -1.67
C VAL J 38 2.46 14.07 -2.41
N TRP J 39 3.25 14.90 -1.73
CA TRP J 39 3.86 16.09 -2.34
C TRP J 39 5.36 15.96 -2.59
N GLY J 40 5.92 14.76 -2.48
CA GLY J 40 7.32 14.56 -2.83
C GLY J 40 7.50 14.24 -4.29
N ILE J 41 6.76 13.24 -4.76
CA ILE J 41 6.91 12.83 -6.15
C ILE J 41 6.45 13.94 -7.08
N LYS J 42 5.54 14.81 -6.62
CA LYS J 42 5.18 15.97 -7.42
C LYS J 42 6.34 16.95 -7.55
N GLN J 43 7.25 16.96 -6.58
CA GLN J 43 8.47 17.76 -6.70
C GLN J 43 9.44 17.12 -7.69
N LEU J 44 9.63 15.80 -7.58
CA LEU J 44 10.57 15.12 -8.47
C LEU J 44 10.12 15.22 -9.92
N GLN J 45 8.82 15.08 -10.17
CA GLN J 45 8.28 15.14 -11.51
C GLN J 45 8.35 16.53 -12.13
N ALA J 46 8.59 17.57 -11.32
CA ALA J 46 8.88 18.89 -11.86
C ALA J 46 10.37 19.11 -12.10
N ARG J 47 11.22 18.56 -11.23
CA ARG J 47 12.66 18.69 -11.46
C ARG J 47 13.07 18.04 -12.78
N VAL J 48 12.57 16.84 -13.05
CA VAL J 48 12.98 16.14 -14.27
C VAL J 48 12.17 16.60 -15.48
N LEU J 49 11.40 17.67 -15.33
CA LEU J 49 10.90 18.43 -16.46
C LEU J 49 11.69 19.70 -16.69
N ALA J 50 12.15 20.34 -15.61
CA ALA J 50 13.04 21.49 -15.78
C ALA J 50 14.31 21.09 -16.52
N VAL J 51 14.96 20.03 -16.07
CA VAL J 51 16.19 19.61 -16.76
C VAL J 51 15.88 19.18 -18.20
N GLU J 52 14.74 18.54 -18.40
CA GLU J 52 14.38 18.07 -19.73
C GLU J 52 14.21 19.25 -20.68
N ARG J 53 13.50 20.29 -20.24
CA ARG J 53 13.35 21.47 -21.08
C ARG J 53 14.69 22.12 -21.36
N TYR J 54 15.55 22.18 -20.34
CA TYR J 54 16.84 22.84 -20.56
C TYR J 54 17.68 22.10 -21.60
N LEU J 55 17.75 20.77 -21.52
CA LEU J 55 18.55 20.07 -22.52
C LEU J 55 17.92 20.10 -23.90
N ARG J 56 16.60 20.00 -23.99
CA ARG J 56 15.95 20.09 -25.30
C ARG J 56 16.16 21.46 -25.92
N ASP J 57 16.32 22.50 -25.10
CA ASP J 57 16.69 23.80 -25.63
C ASP J 57 18.17 23.85 -26.01
N GLN J 58 19.02 23.22 -25.21
CA GLN J 58 20.46 23.21 -25.47
C GLN J 58 20.78 22.60 -26.82
N GLN J 59 20.01 21.59 -27.22
CA GLN J 59 20.25 20.90 -28.49
C GLN J 59 20.33 21.86 -29.66
N LEU J 60 19.39 22.79 -29.76
CA LEU J 60 19.29 23.62 -30.96
C LEU J 60 20.48 24.59 -31.05
N LEU J 61 20.81 25.26 -29.95
CA LEU J 61 21.96 26.14 -29.98
C LEU J 61 23.27 25.37 -30.10
N GLY J 62 23.29 24.10 -29.72
CA GLY J 62 24.48 23.30 -29.92
C GLY J 62 24.70 22.96 -31.39
N ILE J 63 23.66 22.48 -32.05
CA ILE J 63 23.83 21.98 -33.42
C ILE J 63 23.88 23.13 -34.42
N TRP J 64 23.40 24.32 -34.05
CA TRP J 64 23.43 25.46 -34.97
C TRP J 64 24.76 26.18 -34.98
N GLY J 65 25.80 25.63 -34.37
CA GLY J 65 27.07 26.32 -34.31
C GLY J 65 26.97 27.60 -33.51
N CYS J 66 26.37 27.51 -32.33
CA CYS J 66 26.18 28.67 -31.46
C CYS J 66 26.59 28.31 -30.02
N SER J 67 27.77 27.75 -29.85
CA SER J 67 28.39 27.74 -28.54
C SER J 67 28.54 29.17 -28.05
N GLY J 68 28.62 29.35 -26.73
CA GLY J 68 28.56 30.71 -26.23
C GLY J 68 27.15 31.21 -26.44
N LYS J 69 26.21 30.69 -25.64
CA LYS J 69 24.78 30.74 -25.92
C LYS J 69 24.22 32.15 -26.04
N LEU J 70 25.01 33.19 -25.82
CA LEU J 70 24.56 34.54 -26.12
C LEU J 70 24.35 34.67 -27.63
N ILE J 71 23.97 35.89 -28.06
CA ILE J 71 23.49 36.11 -29.43
C ILE J 71 24.56 35.70 -30.43
N CYS J 72 24.16 34.89 -31.41
CA CYS J 72 25.03 34.37 -32.45
C CYS J 72 24.38 34.63 -33.80
N CYS J 73 25.14 35.17 -34.74
CA CYS J 73 24.64 35.38 -36.08
C CYS J 73 24.90 34.14 -36.94
N THR J 74 24.23 34.10 -38.09
CA THR J 74 24.10 32.89 -38.89
C THR J 74 24.45 33.18 -40.35
N ASN J 75 24.52 32.10 -41.13
CA ASN J 75 24.89 32.17 -42.54
C ASN J 75 23.70 31.84 -43.46
N VAL J 76 22.48 32.13 -43.02
CA VAL J 76 21.28 31.94 -43.81
C VAL J 76 20.66 33.31 -44.05
N PRO J 77 20.53 33.79 -45.30
CA PRO J 77 19.90 35.10 -45.50
C PRO J 77 18.43 35.05 -45.15
N TRP J 78 17.93 36.18 -44.62
CA TRP J 78 16.53 36.27 -44.25
C TRP J 78 15.66 36.27 -45.50
N ASN J 79 14.55 35.53 -45.45
CA ASN J 79 13.52 35.62 -46.48
C ASN J 79 12.58 36.77 -46.12
N SER J 80 12.62 37.85 -46.90
CA SER J 80 11.87 39.05 -46.56
C SER J 80 10.37 38.81 -46.60
N SER J 81 9.92 37.80 -47.36
CA SER J 81 8.49 37.57 -47.55
C SER J 81 7.76 37.28 -46.23
N TRP J 82 8.48 36.87 -45.19
CA TRP J 82 7.83 36.57 -43.92
C TRP J 82 7.22 37.81 -43.27
N SER J 83 7.92 38.95 -43.24
CA SER J 83 7.37 40.17 -42.65
C SER J 83 7.49 41.40 -43.56
N ASN J 84 8.61 41.55 -44.25
CA ASN J 84 8.89 42.73 -45.06
C ASN J 84 8.79 44.02 -44.25
N ARG J 85 9.08 43.97 -42.94
CA ARG J 85 8.85 45.09 -42.06
C ARG J 85 10.09 45.95 -41.91
N ASN J 86 9.87 47.23 -41.65
CA ASN J 86 10.95 48.20 -41.57
C ASN J 86 11.81 47.92 -40.34
N LEU J 87 13.12 48.18 -40.47
CA LEU J 87 14.04 47.93 -39.36
C LEU J 87 13.79 48.88 -38.19
N SER J 88 13.65 50.18 -38.47
CA SER J 88 13.50 51.15 -37.39
C SER J 88 12.21 50.94 -36.64
N GLU J 89 11.19 50.39 -37.30
CA GLU J 89 9.87 50.21 -36.71
C GLU J 89 9.79 48.97 -35.80
N ILE J 90 10.92 48.32 -35.49
CA ILE J 90 10.93 47.16 -34.61
C ILE J 90 11.86 47.39 -33.42
N TRP J 91 13.16 47.55 -33.68
CA TRP J 91 14.15 47.39 -32.61
C TRP J 91 14.22 48.57 -31.64
N ASP J 92 13.35 49.57 -31.77
CA ASP J 92 13.29 50.69 -30.83
C ASP J 92 11.90 50.95 -30.27
N ASN J 93 10.85 50.31 -30.80
CA ASN J 93 9.50 50.51 -30.31
C ASN J 93 8.74 49.19 -30.12
N MET J 94 9.15 48.13 -30.80
CA MET J 94 8.48 46.84 -30.67
C MET J 94 8.99 46.13 -29.42
N THR J 95 8.18 45.22 -28.89
CA THR J 95 8.55 44.40 -27.74
C THR J 95 8.42 42.93 -28.11
N TRP J 96 9.34 42.10 -27.60
CA TRP J 96 9.42 40.70 -28.00
C TRP J 96 8.12 39.95 -27.74
N LEU J 97 7.44 40.30 -26.64
CA LEU J 97 6.25 39.60 -26.16
C LEU J 97 5.16 39.50 -27.22
N GLN J 98 5.15 40.42 -28.18
CA GLN J 98 4.28 40.35 -29.34
C GLN J 98 5.01 40.13 -30.65
N TRP J 99 6.33 40.34 -30.70
CA TRP J 99 7.08 40.03 -31.91
C TRP J 99 7.12 38.53 -32.16
N ASP J 100 6.95 37.72 -31.11
CA ASP J 100 6.86 36.28 -31.32
C ASP J 100 5.72 35.91 -32.26
N LYS J 101 4.63 36.70 -32.25
CA LYS J 101 3.50 36.39 -33.12
C LYS J 101 3.90 36.44 -34.59
N GLU J 102 4.71 37.44 -34.97
CA GLU J 102 4.98 37.70 -36.37
C GLU J 102 6.03 36.77 -36.98
N ILE J 103 6.70 35.96 -36.17
CA ILE J 103 7.76 35.07 -36.66
C ILE J 103 7.48 33.61 -36.33
N SER J 104 6.62 33.31 -35.35
CA SER J 104 6.49 31.94 -34.86
C SER J 104 5.97 30.98 -35.92
N ASN J 105 5.14 31.47 -36.84
CA ASN J 105 4.50 30.58 -37.81
C ASN J 105 5.49 29.91 -38.75
N TYR J 106 6.71 30.43 -38.86
CA TYR J 106 7.71 29.91 -39.79
C TYR J 106 8.92 29.32 -39.09
N THR J 107 8.87 29.13 -37.77
CA THR J 107 10.04 28.62 -37.04
C THR J 107 10.41 27.23 -37.49
N GLN J 108 9.42 26.39 -37.77
CA GLN J 108 9.68 25.00 -38.12
C GLN J 108 10.46 24.88 -39.42
N ILE J 109 10.35 25.88 -40.29
CA ILE J 109 11.14 25.90 -41.51
C ILE J 109 12.51 26.49 -41.25
N ILE J 110 12.55 27.56 -40.45
CA ILE J 110 13.78 28.30 -40.21
C ILE J 110 14.80 27.39 -39.55
N TYR J 111 14.35 26.56 -38.61
CA TYR J 111 15.27 25.65 -37.94
C TYR J 111 15.89 24.66 -38.93
N GLY J 112 15.10 24.14 -39.86
CA GLY J 112 15.67 23.26 -40.87
C GLY J 112 16.69 23.96 -41.74
N LEU J 113 16.39 25.20 -42.13
CA LEU J 113 17.36 25.96 -42.92
C LEU J 113 18.66 26.16 -42.17
N LEU J 114 18.57 26.52 -40.89
CA LEU J 114 19.77 26.72 -40.09
C LEU J 114 20.56 25.43 -39.96
N GLU J 115 19.86 24.32 -39.73
CA GLU J 115 20.52 23.02 -39.57
C GLU J 115 21.32 22.68 -40.81
N GLU J 116 20.67 22.73 -41.97
CA GLU J 116 21.36 22.36 -43.21
C GLU J 116 22.49 23.33 -43.51
N SER J 117 22.30 24.62 -43.26
CA SER J 117 23.35 25.58 -43.56
C SER J 117 24.57 25.38 -42.66
N GLN J 118 24.34 25.13 -41.37
CA GLN J 118 25.46 24.88 -40.47
C GLN J 118 26.19 23.61 -40.86
N ASN J 119 25.46 22.56 -41.22
CA ASN J 119 26.12 21.34 -41.64
C ASN J 119 26.92 21.56 -42.92
N GLN J 120 26.41 22.39 -43.82
CA GLN J 120 27.14 22.66 -45.06
C GLN J 120 28.41 23.45 -44.77
N GLN J 121 28.35 24.40 -43.85
CA GLN J 121 29.56 25.12 -43.46
C GLN J 121 30.56 24.17 -42.85
N GLU J 122 30.10 23.21 -42.04
CA GLU J 122 31.02 22.22 -41.48
C GLU J 122 31.60 21.33 -42.56
N LYS J 123 30.81 21.01 -43.59
CA LYS J 123 31.34 20.26 -44.73
C LYS J 123 32.46 21.03 -45.41
N ASN J 124 32.24 22.34 -45.61
CA ASN J 124 33.27 23.16 -46.23
C ASN J 124 34.52 23.20 -45.37
N GLU J 125 34.35 23.29 -44.04
CA GLU J 125 35.50 23.29 -43.15
C GLU J 125 36.21 21.94 -43.16
N GLN J 126 35.46 20.85 -43.32
CA GLN J 126 36.08 19.53 -43.46
C GLN J 126 36.96 19.50 -44.70
N ASP J 127 36.42 19.94 -45.83
CA ASP J 127 37.18 19.87 -47.08
C ASP J 127 38.39 20.80 -47.05
N LEU J 128 38.21 22.02 -46.54
CA LEU J 128 39.28 23.02 -46.58
C LEU J 128 40.49 22.59 -45.76
N LEU J 129 40.27 22.06 -44.56
CA LEU J 129 41.39 21.65 -43.72
C LEU J 129 41.97 20.31 -44.13
N ALA J 130 41.27 19.55 -44.97
CA ALA J 130 41.82 18.29 -45.46
C ALA J 130 43.07 18.50 -46.31
N LEU J 131 43.23 19.70 -46.89
CA LEU J 131 44.43 19.99 -47.67
C LEU J 131 45.68 20.09 -46.81
N ASP J 132 45.54 20.42 -45.53
CA ASP J 132 46.68 20.52 -44.61
C ASP J 132 46.82 19.26 -43.79
N GLN K 1 -40.61 40.94 47.18
CA GLN K 1 -41.33 40.37 46.01
C GLN K 1 -41.24 38.85 46.02
N VAL K 2 -40.04 38.33 45.78
CA VAL K 2 -39.84 36.89 45.66
C VAL K 2 -39.71 36.27 47.04
N GLN K 3 -40.39 35.15 47.25
CA GLN K 3 -40.25 34.35 48.46
C GLN K 3 -40.37 32.88 48.10
N LEU K 4 -39.79 32.03 48.95
CA LEU K 4 -39.79 30.59 48.74
C LEU K 4 -40.24 29.91 50.03
N VAL K 5 -41.40 29.26 49.97
CA VAL K 5 -41.95 28.53 51.10
C VAL K 5 -41.37 27.13 51.12
N GLN K 6 -41.12 26.59 52.33
CA GLN K 6 -40.52 25.27 52.51
C GLN K 6 -41.36 24.46 53.48
N SER K 7 -41.25 23.14 53.39
CA SER K 7 -41.98 22.25 54.27
C SER K 7 -41.39 22.31 55.67
N GLY K 8 -42.24 22.06 56.67
CA GLY K 8 -41.87 22.23 58.06
C GLY K 8 -40.88 21.19 58.54
N ALA K 9 -40.40 21.41 59.75
CA ALA K 9 -39.42 20.52 60.35
C ALA K 9 -40.05 19.18 60.70
N GLU K 10 -39.20 18.15 60.83
CA GLU K 10 -39.66 16.82 61.17
C GLU K 10 -38.51 16.05 61.81
N MET K 11 -38.85 14.94 62.45
CA MET K 11 -37.90 14.05 63.11
C MET K 11 -37.82 12.75 62.34
N LYS K 12 -36.63 12.15 62.30
CA LYS K 12 -36.44 10.85 61.69
C LYS K 12 -35.36 10.09 62.46
N LYS K 13 -35.34 8.73 62.27
CA LYS K 13 -34.33 7.86 62.84
C LYS K 13 -33.25 7.56 61.81
N PRO K 14 -32.05 7.14 62.22
CA PRO K 14 -30.98 6.93 61.25
C PRO K 14 -31.33 5.84 60.23
N GLY K 15 -30.86 6.04 59.00
CA GLY K 15 -31.18 5.15 57.90
C GLY K 15 -32.50 5.45 57.22
N ALA K 16 -33.22 6.48 57.65
CA ALA K 16 -34.52 6.81 57.08
C ALA K 16 -34.37 7.76 55.88
N SER K 17 -35.49 8.29 55.40
CA SER K 17 -35.52 9.18 54.24
C SER K 17 -36.35 10.41 54.55
N VAL K 18 -36.09 11.48 53.82
CA VAL K 18 -36.75 12.76 54.03
C VAL K 18 -37.03 13.37 52.65
N LYS K 19 -38.18 14.05 52.53
CA LYS K 19 -38.57 14.73 51.28
C LYS K 19 -39.05 16.13 51.63
N VAL K 20 -38.13 17.10 51.56
CA VAL K 20 -38.47 18.49 51.82
C VAL K 20 -38.87 19.17 50.51
N SER K 21 -39.93 19.95 50.57
CA SER K 21 -40.43 20.68 49.42
C SER K 21 -40.00 22.14 49.47
N CYS K 22 -40.07 22.80 48.31
CA CYS K 22 -39.77 24.22 48.20
C CYS K 22 -40.68 24.84 47.15
N LYS K 23 -41.65 25.62 47.58
CA LYS K 23 -42.66 26.22 46.71
C LYS K 23 -42.28 27.65 46.40
N ALA K 24 -42.57 28.09 45.18
CA ALA K 24 -42.13 29.38 44.69
C ALA K 24 -43.21 30.44 44.83
N SER K 25 -42.81 31.70 44.66
CA SER K 25 -43.72 32.83 44.70
C SER K 25 -42.99 34.09 44.27
N GLY K 26 -43.68 34.91 43.48
CA GLY K 26 -43.18 36.21 43.08
C GLY K 26 -42.40 36.27 41.79
N TYR K 27 -42.14 35.14 41.14
CA TYR K 27 -41.38 35.14 39.90
C TYR K 27 -41.75 33.89 39.11
N THR K 28 -41.51 33.95 37.80
CA THR K 28 -41.81 32.82 36.93
C THR K 28 -40.92 31.65 37.30
N PHE K 29 -41.54 30.52 37.63
CA PHE K 29 -40.78 29.37 38.14
C PHE K 29 -39.78 28.83 37.14
N THR K 30 -39.94 29.13 35.85
CA THR K 30 -39.05 28.56 34.85
C THR K 30 -37.74 29.35 34.74
N ASP K 31 -37.82 30.68 34.67
CA ASP K 31 -36.69 31.48 34.20
C ASP K 31 -35.60 31.72 35.23
N TYR K 32 -35.56 30.95 36.31
CA TYR K 32 -34.41 30.96 37.21
C TYR K 32 -34.14 29.55 37.70
N TYR K 33 -32.87 29.25 37.91
CA TYR K 33 -32.52 28.00 38.56
C TYR K 33 -33.08 27.98 39.98
N ILE K 34 -33.08 26.79 40.58
CA ILE K 34 -33.51 26.61 41.97
C ILE K 34 -32.41 25.85 42.69
N HIS K 35 -32.25 26.13 43.99
CA HIS K 35 -31.01 25.86 44.68
C HIS K 35 -31.26 25.31 46.08
N TRP K 36 -30.25 24.61 46.62
CA TRP K 36 -30.29 24.06 47.97
C TRP K 36 -28.91 24.04 48.60
N VAL K 37 -28.83 24.59 49.80
CA VAL K 37 -27.63 24.60 50.62
C VAL K 37 -28.00 24.11 52.02
N ARG K 38 -27.08 23.39 52.65
CA ARG K 38 -27.30 22.72 53.92
C ARG K 38 -26.49 23.40 55.01
N GLN K 39 -27.09 23.53 56.19
CA GLN K 39 -26.42 24.14 57.35
C GLN K 39 -26.75 23.31 58.57
N ALA K 40 -25.76 22.58 59.08
CA ALA K 40 -25.91 21.96 60.38
C ALA K 40 -26.01 23.04 61.44
N PRO K 41 -26.71 22.81 62.55
CA PRO K 41 -26.90 23.89 63.54
C PRO K 41 -25.57 24.31 64.15
N GLY K 42 -25.36 25.61 64.22
CA GLY K 42 -24.12 26.13 64.76
C GLY K 42 -22.90 25.78 63.96
N GLN K 43 -23.03 25.55 62.66
CA GLN K 43 -21.94 25.16 61.79
C GLN K 43 -22.04 25.93 60.48
N GLY K 44 -20.99 25.78 59.66
CA GLY K 44 -20.94 26.51 58.40
C GLY K 44 -21.89 25.94 57.37
N LEU K 45 -21.99 26.65 56.24
CA LEU K 45 -22.91 26.27 55.18
C LEU K 45 -22.30 25.17 54.31
N GLU K 46 -23.14 24.60 53.45
CA GLU K 46 -22.70 23.57 52.52
C GLU K 46 -23.69 23.49 51.37
N TRP K 47 -23.23 22.95 50.24
CA TRP K 47 -24.01 22.86 49.01
C TRP K 47 -24.56 21.46 48.82
N MET K 48 -25.75 21.37 48.24
CA MET K 48 -26.38 20.09 47.91
C MET K 48 -26.59 19.87 46.41
N GLY K 49 -27.33 20.74 45.73
CA GLY K 49 -27.72 20.42 44.37
C GLY K 49 -28.26 21.60 43.60
N TRP K 50 -28.44 21.37 42.30
CA TRP K 50 -29.07 22.29 41.37
C TRP K 50 -30.17 21.56 40.62
N ILE K 51 -31.18 22.31 40.16
CA ILE K 51 -32.18 21.82 39.22
C ILE K 51 -32.48 22.90 38.21
N ASN K 52 -32.51 22.50 36.95
CA ASN K 52 -33.13 23.29 35.88
C ASN K 52 -34.61 22.90 35.83
N PRO K 53 -35.52 23.66 36.45
CA PRO K 53 -36.90 23.18 36.57
C PRO K 53 -37.60 22.97 35.24
N ASN K 54 -37.14 23.60 34.15
CA ASN K 54 -37.71 23.35 32.84
C ASN K 54 -37.38 21.96 32.31
N THR K 55 -36.44 21.25 32.92
CA THR K 55 -36.10 19.89 32.55
C THR K 55 -36.05 19.04 33.81
N GLY K 56 -35.59 17.81 33.66
CA GLY K 56 -35.29 16.94 34.77
C GLY K 56 -33.83 16.90 35.15
N ARG K 57 -33.05 17.88 34.72
CA ARG K 57 -31.60 17.80 34.88
C ARG K 57 -31.19 18.15 36.30
N THR K 58 -30.06 17.57 36.73
CA THR K 58 -29.48 17.83 38.03
C THR K 58 -27.97 17.82 37.93
N ASN K 59 -27.32 18.56 38.82
CA ASN K 59 -25.87 18.70 38.82
C ASN K 59 -25.25 18.17 40.10
N SER K 60 -25.99 17.35 40.87
CA SER K 60 -25.81 17.22 42.31
C SER K 60 -24.39 16.86 42.70
N ALA K 61 -24.05 17.12 43.96
CA ALA K 61 -22.67 17.04 44.42
C ALA K 61 -22.15 15.62 44.38
N GLN K 62 -20.82 15.50 44.35
CA GLN K 62 -20.20 14.18 44.23
C GLN K 62 -20.44 13.32 45.47
N LYS K 63 -20.40 13.93 46.66
CA LYS K 63 -20.51 13.14 47.88
C LYS K 63 -21.95 12.71 48.15
N PHE K 64 -22.93 13.45 47.64
CA PHE K 64 -24.33 13.28 48.03
C PHE K 64 -25.24 12.86 46.89
N GLN K 65 -24.73 12.81 45.66
CA GLN K 65 -25.58 12.45 44.52
C GLN K 65 -26.16 11.05 44.68
N GLY K 66 -25.38 10.11 45.23
CA GLY K 66 -25.95 8.82 45.56
C GLY K 66 -27.02 8.90 46.61
N ARG K 67 -26.94 9.89 47.50
CA ARG K 67 -27.86 10.04 48.61
C ARG K 67 -29.04 10.95 48.29
N VAL K 68 -29.07 11.57 47.10
CA VAL K 68 -30.02 12.63 46.78
C VAL K 68 -30.77 12.25 45.50
N THR K 69 -32.09 12.40 45.53
CA THR K 69 -32.94 12.17 44.36
C THR K 69 -33.98 13.28 44.23
N MET K 70 -33.51 14.50 44.41
CA MET K 70 -34.37 15.68 44.31
C MET K 70 -35.03 15.81 42.95
N THR K 71 -36.21 16.44 42.94
CA THR K 71 -37.06 16.52 41.75
C THR K 71 -37.93 17.77 41.85
N ARG K 72 -38.87 17.90 40.92
CA ARG K 72 -39.72 19.09 40.85
C ARG K 72 -41.01 18.76 40.12
N ASP K 73 -41.90 19.75 40.07
CA ASP K 73 -43.10 19.70 39.23
C ASP K 73 -43.61 21.11 39.03
N THR K 74 -43.93 21.46 37.78
CA THR K 74 -44.36 22.83 37.49
C THR K 74 -45.79 23.10 37.93
N SER K 75 -46.65 22.07 37.91
CA SER K 75 -48.05 22.28 38.27
C SER K 75 -48.19 22.75 39.71
N ILE K 76 -47.48 22.12 40.65
CA ILE K 76 -47.44 22.58 42.03
C ILE K 76 -46.52 23.79 42.21
N SER K 77 -45.70 24.10 41.21
CA SER K 77 -44.75 25.22 41.30
C SER K 77 -43.81 25.01 42.48
N THR K 78 -43.24 23.81 42.56
CA THR K 78 -42.47 23.38 43.72
C THR K 78 -41.33 22.48 43.29
N ALA K 79 -40.20 22.61 43.97
CA ALA K 79 -39.05 21.74 43.81
C ALA K 79 -38.82 20.94 45.09
N TYR K 80 -38.67 19.64 44.95
CA TYR K 80 -38.65 18.72 46.09
C TYR K 80 -37.23 18.23 46.32
N MET K 81 -36.71 18.47 47.53
CA MET K 81 -35.55 17.73 48.01
C MET K 81 -35.96 16.30 48.33
N GLU K 82 -35.00 15.39 48.24
CA GLU K 82 -35.18 14.01 48.65
C GLU K 82 -33.85 13.55 49.21
N LEU K 83 -33.91 12.76 50.29
CA LEU K 83 -32.72 12.17 50.89
C LEU K 83 -33.05 10.75 51.34
N SER K 84 -32.05 9.88 51.28
CA SER K 84 -32.19 8.48 51.66
C SER K 84 -30.96 8.04 52.44
N ARG K 85 -31.10 6.94 53.17
CA ARG K 85 -30.01 6.41 53.99
C ARG K 85 -29.51 7.48 54.96
N LEU K 86 -30.47 8.17 55.58
CA LEU K 86 -30.21 9.41 56.30
C LEU K 86 -29.50 9.14 57.62
N THR K 87 -28.26 9.64 57.75
CA THR K 87 -27.43 9.43 58.92
C THR K 87 -27.62 10.56 59.92
N SER K 88 -27.04 10.37 61.11
CA SER K 88 -27.16 11.38 62.17
C SER K 88 -26.52 12.69 61.77
N ASP K 89 -25.50 12.66 60.90
CA ASP K 89 -24.81 13.88 60.50
C ASP K 89 -25.73 14.84 59.77
N ASP K 90 -26.74 14.32 59.07
CA ASP K 90 -27.55 15.15 58.19
C ASP K 90 -28.49 16.09 58.93
N THR K 91 -28.53 16.05 60.26
CA THR K 91 -29.36 16.98 61.03
C THR K 91 -28.90 18.41 60.73
N ALA K 92 -29.82 19.22 60.21
CA ALA K 92 -29.41 20.50 59.64
C ALA K 92 -30.65 21.27 59.19
N VAL K 93 -30.44 22.56 58.93
CA VAL K 93 -31.45 23.40 58.30
C VAL K 93 -31.15 23.48 56.81
N TYR K 94 -32.17 23.26 55.99
CA TYR K 94 -32.02 23.19 54.53
C TYR K 94 -32.70 24.41 53.92
N TYR K 95 -31.92 25.28 53.29
CA TYR K 95 -32.41 26.50 52.68
C TYR K 95 -32.59 26.31 51.18
N CYS K 96 -33.78 26.65 50.69
CA CYS K 96 -34.05 26.68 49.27
C CYS K 96 -33.83 28.09 48.73
N ALA K 97 -33.27 28.17 47.53
CA ALA K 97 -32.85 29.46 46.98
C ALA K 97 -32.92 29.47 45.46
N THR K 98 -32.97 30.67 44.91
CA THR K 98 -33.13 30.91 43.49
C THR K 98 -31.77 31.24 42.88
N GLY K 99 -31.45 30.58 41.78
CA GLY K 99 -30.15 30.72 41.15
C GLY K 99 -30.15 31.72 40.01
N GLY K 100 -29.15 31.58 39.14
CA GLY K 100 -28.99 32.52 38.05
C GLY K 100 -30.09 32.36 37.00
N TRP K 101 -30.13 33.33 36.10
CA TRP K 101 -31.13 33.30 35.04
C TRP K 101 -30.77 32.25 34.00
N ILE K 102 -31.78 31.51 33.55
CA ILE K 102 -31.61 30.36 32.66
C ILE K 102 -32.26 30.66 31.32
N GLY K 103 -31.62 30.23 30.27
CA GLY K 103 -32.18 30.31 28.94
C GLY K 103 -31.37 29.46 27.99
N LEU K 104 -31.12 30.02 26.81
CA LEU K 104 -30.35 29.35 25.79
C LEU K 104 -28.93 29.89 25.76
N TYR K 105 -28.04 29.15 25.09
CA TYR K 105 -26.75 29.64 24.65
C TYR K 105 -25.71 29.81 25.75
N TYR K 106 -26.04 29.47 27.00
CA TYR K 106 -25.02 29.43 28.05
C TYR K 106 -25.62 28.75 29.28
N ASP K 107 -24.74 28.28 30.16
CA ASP K 107 -25.13 27.52 31.35
C ASP K 107 -24.73 28.29 32.60
N SER K 108 -25.74 28.74 33.36
CA SER K 108 -25.51 29.61 34.50
C SER K 108 -25.48 28.88 35.83
N SER K 109 -25.63 27.55 35.85
CA SER K 109 -25.74 26.86 37.13
C SER K 109 -24.50 27.04 37.99
N GLY K 110 -23.34 27.21 37.37
CA GLY K 110 -22.13 27.46 38.15
C GLY K 110 -22.19 28.75 38.92
N TYR K 111 -22.89 29.75 38.41
CA TYR K 111 -22.93 31.05 39.05
C TYR K 111 -23.58 30.92 40.42
N PRO K 112 -22.93 31.35 41.52
CA PRO K 112 -23.60 31.27 42.81
C PRO K 112 -24.46 32.49 43.11
N ASN K 113 -25.24 32.92 42.12
CA ASN K 113 -26.07 34.12 42.25
C ASN K 113 -27.36 33.73 42.96
N PHE K 114 -27.31 33.81 44.28
CA PHE K 114 -28.46 33.48 45.13
C PHE K 114 -29.18 34.77 45.52
N ASP K 115 -30.05 35.21 44.61
CA ASP K 115 -30.79 36.45 44.83
C ASP K 115 -31.72 36.33 46.03
N TYR K 116 -32.43 35.22 46.14
CA TYR K 116 -33.44 35.03 47.16
C TYR K 116 -33.25 33.66 47.80
N TRP K 117 -33.71 33.54 49.05
CA TRP K 117 -33.56 32.33 49.83
C TRP K 117 -34.87 32.06 50.55
N GLY K 118 -35.09 30.79 50.91
CA GLY K 118 -36.34 30.35 51.50
C GLY K 118 -36.36 30.45 53.01
N GLN K 119 -37.45 29.92 53.58
CA GLN K 119 -37.64 29.97 55.02
C GLN K 119 -36.56 29.18 55.74
N GLY K 120 -36.26 27.98 55.25
CA GLY K 120 -35.32 27.10 55.90
C GLY K 120 -36.00 26.35 57.03
N THR K 121 -35.83 25.03 57.08
CA THR K 121 -36.47 24.20 58.09
C THR K 121 -35.53 23.08 58.49
N LEU K 122 -35.75 22.55 59.69
CA LEU K 122 -34.79 21.70 60.37
C LEU K 122 -35.21 20.23 60.27
N VAL K 123 -34.25 19.38 59.92
CA VAL K 123 -34.38 17.93 60.04
C VAL K 123 -33.56 17.51 61.24
N THR K 124 -34.16 16.70 62.12
CA THR K 124 -33.51 16.20 63.32
C THR K 124 -33.40 14.68 63.25
N VAL K 125 -32.26 14.16 63.66
CA VAL K 125 -32.02 12.72 63.64
C VAL K 125 -30.92 12.34 64.62
N SER K 126 -31.11 11.21 65.31
CA SER K 126 -30.10 10.68 66.22
C SER K 126 -30.50 9.27 66.66
N GLN L 1 -14.54 18.36 54.47
CA GLN L 1 -14.27 19.78 54.87
C GLN L 1 -14.36 20.69 53.65
N SER L 2 -14.58 21.98 53.90
CA SER L 2 -14.60 22.95 52.83
C SER L 2 -13.27 22.97 52.09
N ALA L 3 -13.35 23.12 50.77
CA ALA L 3 -12.15 23.35 49.98
C ALA L 3 -11.53 24.73 50.26
N LEU L 4 -12.28 25.63 50.89
CA LEU L 4 -11.93 27.04 50.94
C LEU L 4 -11.82 27.48 52.40
N THR L 5 -10.72 28.16 52.72
CA THR L 5 -10.28 28.39 54.10
C THR L 5 -10.58 29.82 54.51
N GLN L 6 -11.10 29.99 55.72
CA GLN L 6 -11.41 31.29 56.30
C GLN L 6 -10.90 31.38 57.74
N PRO L 7 -10.61 32.58 58.26
CA PRO L 7 -10.24 32.68 59.66
C PRO L 7 -11.46 32.62 60.57
N ALA L 8 -11.19 32.42 61.86
CA ALA L 8 -12.30 32.24 62.81
C ALA L 8 -13.07 33.53 63.02
N SER L 9 -12.38 34.64 63.28
CA SER L 9 -13.09 35.87 63.59
C SER L 9 -12.15 37.06 63.48
N VAL L 10 -12.77 38.25 63.38
CA VAL L 10 -12.09 39.54 63.38
C VAL L 10 -12.97 40.47 64.19
N SER L 11 -12.37 41.54 64.74
CA SER L 11 -13.13 42.49 65.55
C SER L 11 -12.54 43.88 65.42
N GLY L 12 -13.37 44.87 65.76
CA GLY L 12 -12.94 46.26 65.71
C GLY L 12 -14.04 47.18 66.17
N SER L 13 -13.65 48.41 66.51
CA SER L 13 -14.58 49.44 66.96
C SER L 13 -15.31 50.05 65.77
N PRO L 14 -16.48 50.67 65.99
CA PRO L 14 -17.17 51.33 64.88
C PRO L 14 -16.37 52.51 64.35
N GLY L 15 -16.54 52.77 63.05
CA GLY L 15 -15.81 53.83 62.38
C GLY L 15 -14.43 53.46 61.87
N GLN L 16 -14.05 52.19 61.97
CA GLN L 16 -12.77 51.71 61.49
C GLN L 16 -13.00 50.68 60.38
N SER L 17 -12.12 50.68 59.39
CA SER L 17 -12.27 49.79 58.24
C SER L 17 -11.73 48.40 58.57
N ILE L 18 -12.37 47.39 57.99
CA ILE L 18 -12.00 45.99 58.17
C ILE L 18 -12.05 45.31 56.80
N THR L 19 -11.17 44.32 56.62
CA THR L 19 -11.14 43.52 55.40
C THR L 19 -10.98 42.05 55.78
N ILE L 20 -11.54 41.20 54.92
CA ILE L 20 -11.53 39.74 55.09
C ILE L 20 -11.07 39.13 53.77
N SER L 21 -10.43 37.96 53.86
CA SER L 21 -9.79 37.30 52.74
C SER L 21 -10.28 35.86 52.62
N CYS L 22 -10.69 35.47 51.40
CA CYS L 22 -10.84 34.06 51.09
C CYS L 22 -9.52 33.52 50.58
N THR L 23 -9.42 32.20 50.46
CA THR L 23 -8.24 31.57 49.88
C THR L 23 -8.56 30.14 49.46
N GLY L 24 -8.43 29.89 48.16
CA GLY L 24 -8.74 28.59 47.58
C GLY L 24 -7.55 27.91 46.95
N THR L 25 -7.58 27.78 45.62
CA THR L 25 -6.53 27.11 44.86
C THR L 25 -6.45 27.81 43.50
N SER L 26 -5.51 27.37 42.65
CA SER L 26 -5.48 27.87 41.27
C SER L 26 -6.76 27.52 40.54
N TYR L 27 -7.14 26.24 40.55
CA TYR L 27 -8.50 25.86 40.19
C TYR L 27 -9.47 26.40 41.26
N ASP L 28 -10.75 26.13 41.05
CA ASP L 28 -11.87 26.70 41.85
C ASP L 28 -11.71 28.23 41.83
N VAL L 29 -11.76 28.93 42.98
CA VAL L 29 -11.85 30.39 43.00
C VAL L 29 -10.72 31.06 42.23
N GLY L 30 -9.55 30.44 42.15
CA GLY L 30 -8.42 31.10 41.53
C GLY L 30 -8.57 31.32 40.04
N SER L 31 -9.42 30.54 39.37
CA SER L 31 -9.50 30.56 37.92
C SER L 31 -10.68 31.35 37.36
N TYR L 32 -11.62 31.78 38.20
CA TYR L 32 -12.82 32.47 37.75
C TYR L 32 -13.08 33.68 38.62
N ASN L 33 -13.79 34.66 38.04
CA ASN L 33 -14.30 35.78 38.81
C ASN L 33 -15.53 35.42 39.63
N LEU L 34 -16.08 34.22 39.47
CA LEU L 34 -17.34 33.85 40.11
C LEU L 34 -17.10 33.52 41.58
N VAL L 35 -17.03 34.57 42.38
CA VAL L 35 -16.96 34.49 43.82
C VAL L 35 -18.03 35.42 44.39
N SER L 36 -18.55 35.07 45.57
CA SER L 36 -19.67 35.79 46.16
C SER L 36 -19.55 35.74 47.67
N TRP L 37 -20.28 36.65 48.33
CA TRP L 37 -20.20 36.85 49.77
C TRP L 37 -21.60 36.84 50.37
N TYR L 38 -21.73 36.19 51.52
CA TYR L 38 -23.01 36.09 52.20
C TYR L 38 -22.84 36.24 53.70
N GLN L 39 -23.73 37.02 54.31
CA GLN L 39 -23.72 37.32 55.74
C GLN L 39 -24.85 36.58 56.46
N GLN L 40 -24.53 36.06 57.64
CA GLN L 40 -25.47 35.37 58.52
C GLN L 40 -25.44 36.07 59.88
N HIS L 41 -26.32 37.05 60.08
CA HIS L 41 -26.58 37.53 61.42
C HIS L 41 -27.31 36.44 62.20
N PRO L 42 -27.17 36.42 63.54
CA PRO L 42 -27.54 35.21 64.30
C PRO L 42 -29.02 34.84 64.15
N GLY L 43 -29.27 33.54 64.09
CA GLY L 43 -30.61 33.00 64.05
C GLY L 43 -31.26 33.01 62.67
N LYS L 44 -31.28 34.17 62.04
CA LYS L 44 -31.94 34.33 60.76
C LYS L 44 -31.18 33.59 59.67
N ALA L 45 -31.71 33.62 58.44
CA ALA L 45 -31.06 33.02 57.28
C ALA L 45 -30.05 33.98 56.67
N PRO L 46 -29.11 33.50 55.84
CA PRO L 46 -28.04 34.40 55.35
C PRO L 46 -28.57 35.48 54.43
N LYS L 47 -27.69 36.44 54.11
CA LYS L 47 -28.03 37.61 53.32
C LYS L 47 -27.08 37.73 52.14
N TYR L 48 -27.58 38.31 51.04
CA TYR L 48 -26.84 38.41 49.78
C TYR L 48 -26.19 39.80 49.66
N MET L 49 -24.86 39.82 49.53
CA MET L 49 -24.09 41.07 49.51
C MET L 49 -23.26 41.31 48.28
N ILE L 50 -22.57 40.30 47.74
CA ILE L 50 -21.64 40.53 46.62
C ILE L 50 -21.65 39.32 45.69
N TYR L 51 -21.60 39.59 44.39
CA TYR L 51 -21.50 38.58 43.35
C TYR L 51 -20.53 39.06 42.29
N GLU L 52 -19.86 38.10 41.63
CA GLU L 52 -18.84 38.39 40.62
C GLU L 52 -17.81 39.36 41.19
N VAL L 53 -17.20 38.94 42.29
CA VAL L 53 -16.10 39.60 43.01
C VAL L 53 -16.43 41.00 43.53
N ASN L 54 -16.99 41.90 42.68
CA ASN L 54 -17.05 43.31 43.04
C ASN L 54 -18.32 44.02 42.57
N LYS L 55 -19.46 43.34 42.61
CA LYS L 55 -20.74 43.93 42.23
C LYS L 55 -21.74 43.76 43.36
N ARG L 56 -22.67 44.73 43.47
CA ARG L 56 -23.56 44.86 44.62
C ARG L 56 -25.01 44.58 44.23
N PRO L 57 -25.81 43.99 45.12
CA PRO L 57 -27.27 44.05 44.95
C PRO L 57 -27.82 45.38 45.48
N SER L 58 -29.10 45.60 45.22
CA SER L 58 -29.77 46.75 45.83
C SER L 58 -29.82 46.58 47.34
N GLY L 59 -29.81 47.72 48.05
CA GLY L 59 -29.85 47.71 49.49
C GLY L 59 -28.51 47.52 50.16
N VAL L 60 -27.43 47.30 49.39
CA VAL L 60 -26.08 47.24 49.91
C VAL L 60 -25.40 48.54 49.57
N SER L 61 -24.94 49.26 50.59
CA SER L 61 -24.33 50.57 50.37
C SER L 61 -22.93 50.41 49.79
N ASN L 62 -22.26 51.56 49.63
CA ASN L 62 -20.90 51.58 49.10
C ASN L 62 -19.86 51.23 50.15
N ARG L 63 -20.30 50.89 51.36
CA ARG L 63 -19.37 50.40 52.38
C ARG L 63 -18.66 49.13 51.94
N PHE L 64 -19.28 48.32 51.09
CA PHE L 64 -18.81 46.99 50.78
C PHE L 64 -18.26 46.91 49.36
N SER L 65 -17.14 46.21 49.22
CA SER L 65 -16.52 45.96 47.92
C SER L 65 -15.61 44.75 48.07
N GLY L 66 -15.21 44.19 46.92
CA GLY L 66 -14.41 42.99 46.91
C GLY L 66 -13.27 43.06 45.90
N SER L 67 -12.34 42.13 46.04
CA SER L 67 -11.16 42.07 45.18
C SER L 67 -10.70 40.63 45.06
N LYS L 68 -9.94 40.36 43.99
CA LYS L 68 -9.42 39.03 43.70
C LYS L 68 -7.94 39.14 43.41
N SER L 69 -7.19 38.09 43.73
CA SER L 69 -5.78 38.02 43.40
C SER L 69 -5.31 36.60 43.55
N GLY L 70 -4.80 36.01 42.47
CA GLY L 70 -4.25 34.67 42.53
C GLY L 70 -5.29 33.65 42.95
N ASN L 71 -4.94 32.85 43.95
CA ASN L 71 -5.84 31.85 44.50
C ASN L 71 -6.56 32.40 45.74
N THR L 72 -6.70 33.72 45.83
CA THR L 72 -7.32 34.37 46.97
C THR L 72 -8.23 35.49 46.51
N ALA L 73 -9.19 35.83 47.36
CA ALA L 73 -10.10 36.93 47.13
C ALA L 73 -10.42 37.54 48.48
N SER L 74 -11.03 38.73 48.46
CA SER L 74 -11.21 39.49 49.68
C SER L 74 -12.47 40.34 49.63
N LEU L 75 -12.97 40.67 50.83
CA LEU L 75 -14.05 41.62 51.04
C LEU L 75 -13.50 42.87 51.69
N THR L 76 -14.08 44.01 51.34
CA THR L 76 -13.74 45.29 51.94
C THR L 76 -14.90 45.76 52.81
N ILE L 77 -14.60 46.14 54.04
CA ILE L 77 -15.60 46.68 54.96
C ILE L 77 -15.08 48.01 55.49
N SER L 78 -15.46 49.09 54.83
CA SER L 78 -14.95 50.41 55.16
C SER L 78 -15.90 51.11 56.14
N GLY L 79 -15.37 51.55 57.26
CA GLY L 79 -16.19 52.25 58.24
C GLY L 79 -17.17 51.32 58.94
N LEU L 80 -16.65 50.45 59.80
CA LEU L 80 -17.47 49.49 60.52
C LEU L 80 -18.61 50.18 61.26
N GLN L 81 -19.73 49.47 61.38
CA GLN L 81 -20.96 50.01 61.95
C GLN L 81 -21.43 49.10 63.08
N ALA L 82 -22.39 49.61 63.86
CA ALA L 82 -22.81 48.92 65.08
C ALA L 82 -23.67 47.69 64.79
N GLU L 83 -24.45 47.68 63.71
CA GLU L 83 -25.31 46.55 63.40
C GLU L 83 -24.58 45.42 62.68
N ASP L 84 -23.26 45.51 62.52
CA ASP L 84 -22.48 44.66 61.63
C ASP L 84 -22.14 43.31 62.27
N GLU L 85 -22.42 43.13 63.58
CA GLU L 85 -21.95 41.96 64.31
C GLU L 85 -22.64 40.72 63.75
N ALA L 86 -22.02 40.16 62.72
CA ALA L 86 -22.55 39.01 62.01
C ALA L 86 -21.40 38.31 61.30
N ASP L 87 -21.65 37.05 60.93
CA ASP L 87 -20.68 36.29 60.15
C ASP L 87 -20.73 36.67 58.69
N TYR L 88 -19.64 36.41 57.99
CA TYR L 88 -19.53 36.59 56.53
C TYR L 88 -19.00 35.29 55.95
N TYR L 89 -19.60 34.84 54.85
CA TYR L 89 -19.26 33.58 54.21
C TYR L 89 -18.69 33.83 52.81
N CYS L 90 -17.63 33.09 52.47
CA CYS L 90 -17.18 33.01 51.08
C CYS L 90 -17.88 31.86 50.37
N CYS L 91 -18.04 31.99 49.06
CA CYS L 91 -18.51 30.88 48.24
C CYS L 91 -18.22 31.22 46.77
N SER L 92 -17.80 30.19 46.03
CA SER L 92 -17.32 30.40 44.67
C SER L 92 -17.52 29.15 43.83
N TYR L 93 -17.38 29.32 42.52
CA TYR L 93 -17.52 28.22 41.58
C TYR L 93 -16.31 27.31 41.63
N ALA L 94 -16.53 26.02 41.86
CA ALA L 94 -15.47 25.04 42.01
C ALA L 94 -15.24 24.21 40.76
N GLY L 95 -15.67 24.70 39.60
CA GLY L 95 -15.59 23.89 38.40
C GLY L 95 -16.53 22.70 38.48
N SER L 96 -16.63 21.99 37.35
CA SER L 96 -17.43 20.77 37.26
C SER L 96 -18.91 21.04 37.59
N SER L 97 -19.37 22.27 37.36
CA SER L 97 -20.75 22.65 37.64
C SER L 97 -21.10 22.44 39.11
N THR L 98 -20.27 22.96 40.01
CA THR L 98 -20.44 22.77 41.45
C THR L 98 -19.97 24.02 42.19
N VAL L 99 -20.68 24.34 43.26
CA VAL L 99 -20.37 25.49 44.11
C VAL L 99 -19.99 24.99 45.49
N VAL L 100 -19.02 25.68 46.09
CA VAL L 100 -18.44 25.31 47.38
C VAL L 100 -18.49 26.52 48.30
N PHE L 101 -18.80 26.27 49.58
CA PHE L 101 -18.94 27.31 50.59
C PHE L 101 -17.79 27.23 51.58
N GLY L 102 -17.27 28.40 51.95
CA GLY L 102 -16.30 28.46 53.03
C GLY L 102 -16.97 28.57 54.39
N GLY L 103 -16.22 28.18 55.43
CA GLY L 103 -16.75 28.23 56.78
C GLY L 103 -17.10 29.62 57.27
N GLY L 104 -16.55 30.66 56.65
CA GLY L 104 -16.89 32.02 57.02
C GLY L 104 -16.11 32.50 58.23
N THR L 105 -16.30 33.77 58.59
CA THR L 105 -15.62 34.37 59.73
C THR L 105 -16.60 35.28 60.47
N LYS L 106 -16.41 35.38 61.78
CA LYS L 106 -17.31 36.17 62.63
C LYS L 106 -16.71 37.55 62.84
N LEU L 107 -17.45 38.59 62.48
CA LEU L 107 -17.06 39.96 62.76
C LEU L 107 -17.80 40.48 63.99
N THR L 108 -17.05 41.09 64.91
CA THR L 108 -17.57 41.52 66.21
C THR L 108 -17.28 43.00 66.39
N VAL L 109 -18.33 43.78 66.64
CA VAL L 109 -18.18 45.21 66.91
C VAL L 109 -17.85 45.40 68.37
N LEU L 110 -16.83 46.22 68.65
CA LEU L 110 -16.39 46.48 70.01
C LEU L 110 -17.20 47.62 70.63
C1 NAG M . -32.46 -13.67 -20.50
C2 NAG M . -33.60 -13.56 -21.50
C3 NAG M . -34.11 -12.12 -21.55
C4 NAG M . -34.45 -11.62 -20.15
C5 NAG M . -33.30 -11.88 -19.19
C6 NAG M . -33.68 -11.61 -17.75
C7 NAG M . -34.02 -14.50 -23.72
C8 NAG M . -33.42 -14.90 -25.03
N2 NAG M . -33.18 -14.00 -22.82
O3 NAG M . -35.28 -12.09 -22.36
O4 NAG M . -34.66 -10.22 -20.20
O5 NAG M . -32.90 -13.25 -19.24
O6 NAG M . -32.68 -10.83 -17.09
O7 NAG M . -35.22 -14.62 -23.50
C1 NAG M . -35.95 -9.74 -19.78
C2 NAG M . -35.78 -8.34 -19.23
C3 NAG M . -37.13 -7.78 -18.78
C4 NAG M . -38.14 -7.85 -19.92
C5 NAG M . -38.19 -9.27 -20.50
C6 NAG M . -39.03 -9.35 -21.76
C7 NAG M . -34.06 -7.29 -17.84
C8 NAG M . -33.15 -7.44 -16.65
N2 NAG M . -34.85 -8.32 -18.11
O3 NAG M . -36.98 -6.43 -18.37
O4 NAG M . -39.42 -7.54 -19.40
O5 NAG M . -36.87 -9.72 -20.86
O6 NAG M . -38.43 -8.62 -22.82
O7 NAG M . -34.05 -6.27 -18.53
C1 BMA M . -40.02 -6.36 -19.96
C2 BMA M . -41.45 -6.38 -19.35
C3 BMA M . -42.19 -5.05 -19.51
C4 BMA M . -41.28 -3.84 -19.33
C5 BMA M . -40.00 -3.98 -20.14
C6 BMA M . -39.13 -2.74 -19.97
O2 BMA M . -41.36 -6.61 -17.95
O3 BMA M . -43.25 -4.97 -18.54
O4 BMA M . -41.98 -2.68 -19.74
O5 BMA M . -39.32 -5.16 -19.66
O6 BMA M . -37.90 -2.82 -20.79
C1 MAN M . -44.58 -5.04 -19.08
C2 MAN M . -45.03 -3.65 -19.51
C3 MAN M . -45.00 -2.74 -18.30
C4 MAN M . -45.91 -3.31 -17.20
C5 MAN M . -45.52 -4.77 -16.88
C6 MAN M . -46.53 -5.46 -15.97
O2 MAN M . -46.40 -3.64 -19.92
O3 MAN M . -45.37 -1.41 -18.63
O4 MAN M . -45.79 -2.53 -16.02
O5 MAN M . -45.46 -5.54 -18.10
O6 MAN M . -47.71 -5.71 -16.73
C1 MAN M . -46.60 -3.42 -21.33
C2 MAN M . -48.11 -3.14 -21.52
C3 MAN M . -48.91 -4.40 -21.24
C4 MAN M . -48.37 -5.58 -22.06
C5 MAN M . -46.88 -5.78 -21.79
C6 MAN M . -46.23 -6.85 -22.65
O2 MAN M . -48.42 -2.76 -22.85
O3 MAN M . -50.29 -4.21 -21.49
O4 MAN M . -49.07 -6.76 -21.71
O5 MAN M . -46.18 -4.55 -22.08
O6 MAN M . -44.85 -6.88 -22.36
C1 NAG N . -22.84 -24.68 -33.81
C2 NAG N . -24.04 -23.79 -34.12
C3 NAG N . -25.35 -24.55 -33.89
C4 NAG N . -25.34 -25.90 -34.60
C5 NAG N . -24.08 -26.67 -34.21
C6 NAG N . -23.94 -27.99 -34.94
C7 NAG N . -24.25 -21.36 -33.75
C8 NAG N . -24.16 -20.26 -32.74
N2 NAG N . -24.01 -22.59 -33.29
O3 NAG N . -26.44 -23.77 -34.37
O4 NAG N . -26.46 -26.67 -34.19
O5 NAG N . -22.93 -25.88 -34.55
O6 NAG N . -23.12 -28.87 -34.20
O7 NAG N . -24.51 -21.15 -34.92
C1 NAG N . -27.46 -26.78 -35.22
C2 NAG N . -28.40 -27.90 -34.82
C3 NAG N . -29.51 -28.05 -35.87
C4 NAG N . -30.21 -26.72 -36.09
C5 NAG N . -29.19 -25.62 -36.39
C6 NAG N . -29.81 -24.25 -36.46
C7 NAG N . -28.12 -30.13 -33.86
C8 NAG N . -27.26 -31.35 -33.80
N2 NAG N . -27.69 -29.15 -34.65
O3 NAG N . -30.45 -29.02 -35.42
O4 NAG N . -31.09 -26.81 -37.21
O5 NAG N . -28.19 -25.57 -35.36
O6 NAG N . -30.68 -24.00 -35.36
O7 NAG N . -29.17 -30.05 -33.22
C1 BMA N . -32.47 -27.11 -36.91
C2 BMA N . -33.31 -26.46 -38.01
C3 BMA N . -34.77 -26.83 -37.86
C4 BMA N . -34.93 -28.35 -37.75
C5 BMA N . -34.02 -28.87 -36.64
C6 BMA N . -34.06 -30.38 -36.51
O2 BMA N . -32.92 -26.95 -39.28
O3 BMA N . -35.52 -26.33 -38.98
O4 BMA N . -36.26 -28.70 -37.47
O5 BMA N . -32.68 -28.50 -36.92
O6 BMA N . -33.61 -30.93 -37.74
C1 MAN N . -36.85 -25.89 -38.64
C2 MAN N . -37.58 -25.57 -39.99
C3 MAN N . -37.11 -24.23 -40.55
C4 MAN N . -37.15 -23.14 -39.47
C5 MAN N . -36.29 -23.57 -38.30
C6 MAN N . -36.25 -22.56 -37.18
O2 MAN N . -39.02 -25.43 -39.84
O3 MAN N . -37.87 -23.84 -41.68
O4 MAN N . -36.66 -21.93 -40.00
O5 MAN N . -36.84 -24.78 -37.76
O6 MAN N . -35.17 -22.90 -36.33
C1 MAN N . -39.75 -26.63 -40.19
C2 MAN N . -41.24 -26.29 -40.36
C3 MAN N . -41.78 -25.80 -39.03
C4 MAN N . -41.57 -26.86 -37.96
C5 MAN N . -40.09 -27.27 -37.89
C6 MAN N . -39.83 -28.48 -37.01
O2 MAN N . -42.10 -27.44 -40.67
O3 MAN N . -43.15 -25.45 -39.10
O4 MAN N . -41.97 -26.36 -36.70
O5 MAN N . -39.58 -27.61 -39.20
O6 MAN N . -38.67 -29.13 -37.52
C1 MAN N . -41.79 -28.28 -41.81
C2 MAN N . -42.03 -27.52 -43.13
C3 MAN N . -43.51 -27.20 -43.26
C4 MAN N . -44.38 -28.46 -43.07
C5 MAN N . -44.01 -29.18 -41.77
C6 MAN N . -44.70 -30.52 -41.59
O2 MAN N . -41.74 -28.35 -44.26
O3 MAN N . -43.79 -26.60 -44.51
O4 MAN N . -45.75 -28.09 -43.02
O5 MAN N . -42.58 -29.43 -41.76
O6 MAN N . -44.27 -31.09 -40.35
C1 MAN N . -32.95 -32.20 -37.54
C2 MAN N . -32.30 -32.55 -38.88
C3 MAN N . -33.37 -32.83 -39.91
C4 MAN N . -34.30 -33.94 -39.42
C5 MAN N . -34.90 -33.56 -38.05
C6 MAN N . -35.71 -34.71 -37.43
O2 MAN N . -31.50 -33.73 -38.78
O3 MAN N . -32.76 -33.19 -41.15
O4 MAN N . -35.35 -34.13 -40.34
O5 MAN N . -33.85 -33.22 -37.12
O6 MAN N . -34.88 -35.86 -37.35
C1 MAN N . -33.43 -32.59 -42.29
C2 MAN N . -32.79 -33.24 -43.54
C3 MAN N . -31.33 -32.86 -43.58
C4 MAN N . -31.18 -31.32 -43.56
C5 MAN N . -31.94 -30.71 -42.36
C6 MAN N . -32.02 -29.21 -42.44
O2 MAN N . -33.32 -32.72 -44.77
O3 MAN N . -30.67 -33.39 -44.71
O4 MAN N . -29.81 -30.98 -43.47
O5 MAN N . -33.29 -31.19 -42.32
O6 MAN N . -32.95 -28.88 -43.45
C1 MAN N . -34.73 -32.98 -44.93
C2 MAN N . -34.99 -33.33 -46.44
C3 MAN N . -34.88 -32.07 -47.30
C4 MAN N . -35.70 -30.91 -46.71
C5 MAN N . -35.26 -30.66 -45.27
C6 MAN N . -36.03 -29.55 -44.60
O2 MAN N . -36.31 -33.82 -46.63
O3 MAN N . -35.30 -32.32 -48.64
O4 MAN N . -35.50 -29.74 -47.48
O5 MAN N . -35.48 -31.86 -44.50
O6 MAN N . -35.56 -29.43 -43.27
C1 MAN N . -35.68 -37.02 -37.00
C2 MAN N . -34.71 -38.18 -36.61
C3 MAN N . -34.02 -38.70 -37.85
C4 MAN N . -35.04 -39.04 -38.93
C5 MAN N . -35.86 -37.79 -39.25
C6 MAN N . -36.91 -38.01 -40.32
O2 MAN N . -35.37 -39.35 -36.11
O3 MAN N . -33.21 -39.84 -37.56
O4 MAN N . -34.39 -39.49 -40.10
O5 MAN N . -36.54 -37.37 -38.07
O6 MAN N . -37.53 -36.76 -40.58
C1 NAG O . -32.11 -22.95 -4.65
C2 NAG O . -33.25 -22.49 -5.54
C3 NAG O . -34.07 -21.42 -4.84
C4 NAG O . -34.50 -21.88 -3.45
C5 NAG O . -33.30 -22.40 -2.67
C6 NAG O . -33.68 -23.01 -1.34
C7 NAG O . -33.52 -21.97 -7.92
C8 NAG O . -32.86 -21.42 -9.15
N2 NAG O . -32.77 -21.99 -6.82
O3 NAG O . -35.23 -21.13 -5.62
O4 NAG O . -35.04 -20.78 -2.73
O5 NAG O . -32.62 -23.42 -3.43
O6 NAG O . -32.62 -22.90 -0.40
O7 NAG O . -34.68 -22.38 -7.92
C1 NAG O . -36.44 -20.91 -2.47
C2 NAG O . -36.84 -19.77 -1.55
C3 NAG O . -38.33 -19.85 -1.24
C4 NAG O . -39.12 -19.83 -2.54
C5 NAG O . -38.64 -20.93 -3.48
C6 NAG O . -39.25 -20.84 -4.85
C7 NAG O . -35.43 -18.71 0.17
C8 NAG O . -34.68 -18.91 1.45
N2 NAG O . -36.06 -19.78 -0.32
O3 NAG O . -38.69 -18.75 -0.41
O4 NAG O . -40.50 -20.04 -2.27
O5 NAG O . -37.21 -20.84 -3.67
O6 NAG O . -38.88 -19.62 -5.50
O7 NAG O . -35.47 -17.62 -0.39
C1 BMA O . -41.25 -18.86 -1.88
C2 BMA O . -42.66 -18.96 -2.49
C3 BMA O . -43.41 -17.68 -2.10
C4 BMA O . -43.43 -17.51 -0.59
C5 BMA O . -41.99 -17.51 -0.05
C6 BMA O . -41.92 -17.38 1.44
O2 BMA O . -43.38 -20.04 -1.94
O3 BMA O . -44.75 -17.62 -2.64
O4 BMA O . -44.05 -16.29 -0.24
O5 BMA O . -41.34 -18.73 -0.46
O6 BMA O . -42.32 -16.05 1.74
C1 MAN O . -44.95 -16.40 -3.40
C2 MAN O . -46.45 -16.21 -3.75
C3 MAN O . -46.89 -17.32 -4.68
C4 MAN O . -45.98 -17.38 -5.92
C5 MAN O . -44.51 -17.52 -5.49
C6 MAN O . -43.54 -17.42 -6.66
O2 MAN O . -46.66 -15.01 -4.52
O3 MAN O . -48.24 -17.12 -5.09
O4 MAN O . -46.33 -18.50 -6.72
O5 MAN O . -44.16 -16.45 -4.58
O6 MAN O . -43.30 -18.73 -7.15
C1 MAN O . -41.77 -15.58 3.01
C2 MAN O . -42.35 -14.18 3.22
C3 MAN O . -41.85 -13.23 2.15
C4 MAN O . -40.32 -13.30 1.99
C5 MAN O . -39.80 -14.78 1.92
C6 MAN O . -38.27 -14.93 2.01
O2 MAN O . -41.90 -13.62 4.46
O3 MAN O . -42.22 -11.89 2.48
O4 MAN O . -39.92 -12.62 0.82
O5 MAN O . -40.37 -15.54 2.98
O6 MAN O . -37.67 -13.75 2.54
C1 NAG P . -27.99 -14.30 -28.37
C2 NAG P . -27.22 -13.01 -28.72
C3 NAG P . -27.63 -12.50 -30.10
C4 NAG P . -27.53 -13.60 -31.15
C5 NAG P . -28.31 -14.82 -30.69
C6 NAG P . -28.16 -16.00 -31.63
C7 NAG P . -26.69 -10.88 -27.61
C8 NAG P . -27.07 -9.94 -26.51
N2 NAG P . -27.44 -11.99 -27.71
O3 NAG P . -26.78 -11.42 -30.48
O4 NAG P . -28.08 -13.14 -32.38
O5 NAG P . -27.81 -15.25 -29.42
O6 NAG P . -26.86 -16.57 -31.52
O7 NAG P . -25.76 -10.66 -28.37
C1 NAG P . -27.12 -13.25 -33.45
C2 NAG P . -27.80 -12.87 -34.76
C3 NAG P . -26.80 -12.94 -35.92
C4 NAG P . -25.59 -12.07 -35.60
C5 NAG P . -25.00 -12.47 -34.24
C6 NAG P . -23.87 -11.57 -33.80
C7 NAG P . -28.93 -15.02 -35.25
C8 NAG P . -30.24 -15.68 -35.52
N2 NAG P . -28.97 -13.69 -35.04
O3 NAG P . -27.46 -12.49 -37.10
O4 NAG P . -24.54 -12.24 -36.55
O5 NAG P . -26.00 -12.39 -33.22
O6 NAG P . -22.66 -11.90 -34.48
O7 NAG P . -27.88 -15.65 -35.22
C1 NAG Q . 15.93 -33.47 16.97
C2 NAG Q . 16.79 -34.72 16.99
C3 NAG Q . 16.82 -35.35 15.61
C4 NAG Q . 15.42 -35.57 15.07
C5 NAG Q . 14.58 -34.29 15.19
C6 NAG Q . 13.12 -34.52 14.88
C7 NAG Q . 18.91 -35.31 18.05
C8 NAG Q . 20.27 -34.83 18.47
N2 NAG Q . 18.14 -34.42 17.44
O3 NAG Q . 17.49 -36.60 15.70
O4 NAG Q . 15.48 -35.90 13.69
O5 NAG Q . 14.64 -33.79 16.53
O6 NAG Q . 12.63 -33.53 13.98
O7 NAG Q . 18.54 -36.46 18.26
C1 NAG Q . 14.91 -37.18 13.31
C2 NAG Q . 14.42 -37.06 11.88
C3 NAG Q . 13.84 -38.39 11.42
C4 NAG Q . 14.85 -39.51 11.61
C5 NAG Q . 15.39 -39.51 13.04
C6 NAG Q . 16.53 -40.47 13.22
C7 NAG Q . 13.30 -35.24 10.66
C8 NAG Q . 12.22 -34.21 10.71
N2 NAG Q . 13.43 -36.00 11.76
O3 NAG Q . 13.47 -38.30 10.05
O4 NAG Q . 14.18 -40.75 11.39
O5 NAG Q . 15.88 -38.21 13.39
O6 NAG Q . 17.69 -40.06 12.51
O7 NAG Q . 14.04 -35.37 9.69
C1 BMA Q . 14.68 -41.49 10.27
C2 BMA Q . 13.93 -42.84 10.38
C3 BMA Q . 14.01 -43.69 9.12
C4 BMA Q . 13.96 -42.88 7.83
C5 BMA Q . 14.89 -41.66 7.90
C6 BMA Q . 14.81 -40.87 6.61
O2 BMA Q . 12.54 -42.60 10.59
O3 BMA Q . 12.92 -44.62 9.09
O4 BMA Q . 14.35 -43.71 6.75
O5 BMA Q . 14.47 -40.86 9.01
O6 BMA Q . 15.75 -39.73 6.60
C1 MAN Q . 13.30 -46.00 9.28
C2 MAN Q . 13.72 -46.60 7.94
C3 MAN Q . 12.57 -46.49 6.97
C4 MAN Q . 11.33 -47.22 7.54
C5 MAN Q . 11.01 -46.69 8.95
C6 MAN Q . 9.94 -47.52 9.66
O2 MAN Q . 13.95 -48.01 8.04
O3 MAN Q . 12.90 -47.00 5.69
O4 MAN Q . 10.21 -47.00 6.70
O5 MAN Q . 12.19 -46.72 9.78
O6 MAN Q . 10.53 -48.76 10.04
C1 MAN Q . 15.32 -48.41 7.89
C2 MAN Q . 15.31 -49.94 7.72
C3 MAN Q . 14.90 -50.60 9.03
C4 MAN Q . 15.76 -50.09 10.20
C5 MAN Q . 15.68 -48.56 10.27
C6 MAN Q . 16.58 -47.96 11.33
O2 MAN Q . 16.61 -50.46 7.41
O3 MAN Q . 14.97 -52.02 8.94
O4 MAN Q . 15.28 -50.65 11.42
O5 MAN Q . 16.09 -48.00 9.01
O6 MAN Q . 16.51 -46.55 11.23
C1 NAG R . 29.94 -24.58 27.73
C2 NAG R . 30.14 -25.89 26.96
C3 NAG R . 29.73 -27.08 27.82
C4 NAG R . 30.40 -27.03 29.18
C5 NAG R . 30.15 -25.67 29.82
C6 NAG R . 30.84 -25.50 31.16
C7 NAG R . 29.81 -26.31 24.56
C8 NAG R . 28.86 -26.20 23.41
N2 NAG R . 29.36 -25.86 25.73
O3 NAG R . 30.11 -28.28 27.15
O4 NAG R . 29.86 -28.03 30.03
O5 NAG R . 30.64 -24.64 28.96
O6 NAG R . 30.17 -24.55 31.96
O7 NAG R . 30.94 -26.77 24.43
C1 NAG R . 30.75 -29.14 30.23
C2 NAG R . 30.20 -29.98 31.36
C3 NAG R . 31.08 -31.20 31.59
C4 NAG R . 31.27 -31.97 30.29
C5 NAG R . 31.75 -31.04 29.19
C6 NAG R . 31.83 -31.71 27.84
C7 NAG R . 29.15 -29.44 33.51
C8 NAG R . 29.18 -28.53 34.70
N2 NAG R . 30.07 -29.20 32.57
O3 NAG R . 30.49 -32.04 32.57
O4 NAG R . 32.25 -32.99 30.46
O5 NAG R . 30.85 -29.93 29.04
O6 NAG R . 30.63 -32.40 27.52
O7 NAG R . 28.34 -30.35 33.40
C1 BMA R . 31.76 -34.28 30.89
C2 BMA R . 32.74 -35.33 30.37
C3 BMA R . 32.39 -36.71 30.90
C4 BMA R . 32.22 -36.67 32.41
C5 BMA R . 31.22 -35.58 32.79
C6 BMA R . 31.06 -35.43 34.28
O2 BMA R . 34.04 -35.06 30.84
O3 BMA R . 33.41 -37.64 30.53
O4 BMA R . 31.74 -37.91 32.89
O5 BMA R . 31.69 -34.33 32.29
O6 BMA R . 32.33 -35.09 34.80
C1 MAN R . 32.92 -38.96 30.21
C2 MAN R . 34.17 -39.87 30.04
C3 MAN R . 34.84 -39.59 28.69
C4 MAN R . 33.82 -39.60 27.55
C5 MAN R . 32.74 -38.56 27.86
C6 MAN R . 31.68 -38.48 26.79
O2 MAN R . 33.84 -41.29 30.00
O3 MAN R . 35.89 -40.52 28.42
O4 MAN R . 34.46 -39.26 26.33
O5 MAN R . 32.09 -38.95 29.07
O6 MAN R . 30.95 -37.27 26.99
C1 MAN R . 34.09 -41.96 31.26
C2 MAN R . 34.07 -43.50 31.02
C3 MAN R . 32.69 -43.89 30.54
C4 MAN R . 31.65 -43.48 31.58
C5 MAN R . 31.76 -41.97 31.85
C6 MAN R . 30.90 -41.48 33.00
O2 MAN R . 34.24 -44.30 32.22
O3 MAN R . 32.59 -45.28 30.27
O4 MAN R . 30.35 -43.77 31.11
O5 MAN R . 33.11 -41.61 32.20
O6 MAN R . 31.54 -40.34 33.55
C1 MAN R . 35.39 -44.06 33.10
C2 MAN R . 36.69 -44.52 32.42
C3 MAN R . 36.66 -46.04 32.23
C4 MAN R . 36.34 -46.76 33.55
C5 MAN R . 35.05 -46.19 34.16
C6 MAN R . 34.75 -46.75 35.54
O2 MAN R . 37.81 -44.28 33.26
O3 MAN R . 37.88 -46.51 31.69
O4 MAN R . 36.17 -48.13 33.30
O5 MAN R . 35.20 -44.76 34.30
O6 MAN R . 33.52 -46.16 35.99
C1 MAN R . 32.22 -34.43 36.08
C2 MAN R . 33.62 -33.93 36.41
C3 MAN R . 34.57 -35.10 36.61
C4 MAN R . 34.00 -36.07 37.65
C5 MAN R . 32.55 -36.48 37.29
C6 MAN R . 31.87 -37.29 38.37
O2 MAN R . 33.63 -33.22 37.66
O3 MAN R . 35.85 -34.62 36.99
O4 MAN R . 34.78 -37.25 37.70
O5 MAN R . 31.74 -35.30 37.09
O6 MAN R . 32.05 -36.63 39.63
C1 MAN R . 36.96 -35.41 36.48
C2 MAN R . 38.24 -34.77 37.10
C3 MAN R . 38.39 -33.38 36.52
C4 MAN R . 38.46 -33.44 34.99
C5 MAN R . 37.22 -34.14 34.42
C6 MAN R . 37.33 -34.42 32.95
O2 MAN R . 39.45 -35.45 36.74
O3 MAN R . 39.55 -32.72 37.03
O4 MAN R . 38.54 -32.13 34.45
O5 MAN R . 37.04 -35.41 35.06
O6 MAN R . 38.22 -35.53 32.78
C1 MAN R . 39.49 -36.80 37.25
C2 MAN R . 40.96 -37.13 37.65
C3 MAN R . 41.82 -37.39 36.40
C4 MAN R . 41.11 -38.34 35.42
C5 MAN R . 39.74 -37.78 35.08
C6 MAN R . 38.97 -38.65 34.11
O2 MAN R . 41.04 -38.33 38.41
O3 MAN R . 43.11 -37.90 36.75
O4 MAN R . 41.88 -38.47 34.24
O5 MAN R . 38.98 -37.70 36.28
O6 MAN R . 37.71 -38.03 33.86
C1 MAN R . 31.89 -37.59 40.70
C2 MAN R . 31.69 -36.77 42.04
C3 MAN R . 33.03 -36.28 42.57
C4 MAN R . 34.06 -37.40 42.56
C5 MAN R . 34.23 -37.87 41.12
C6 MAN R . 35.32 -38.90 40.93
O2 MAN R . 31.17 -37.57 43.13
O3 MAN R . 32.88 -35.77 43.88
O4 MAN R . 35.31 -36.92 43.04
O5 MAN R . 32.99 -38.48 40.75
O6 MAN R . 35.43 -39.14 39.52
C1 NAG S . -0.07 -30.47 25.50
C2 NAG S . 0.68 -31.75 25.17
C3 NAG S . -0.08 -32.57 24.14
C4 NAG S . -1.52 -32.78 24.57
C5 NAG S . -2.17 -31.45 24.96
C6 NAG S . -3.54 -31.62 25.55
C7 NAG S . 3.03 -32.35 24.77
C8 NAG S . 4.35 -31.89 24.23
N2 NAG S . 2.03 -31.47 24.70
O3 NAG S . 0.56 -33.82 23.98
O4 NAG S . -2.27 -33.30 23.49
O5 NAG S . -1.37 -30.80 25.96
O6 NAG S . -4.35 -30.46 25.33
O7 NAG S . 2.87 -33.46 25.26
C1 NAG S . -2.72 -34.65 23.72
C2 NAG S . -3.63 -35.03 22.56
C3 NAG S . -4.13 -36.45 22.74
C4 NAG S . -2.94 -37.40 22.84
C5 NAG S . -1.99 -36.94 23.95
C6 NAG S . -0.70 -37.73 23.96
C7 NAG S . -5.11 -33.50 21.32
C8 NAG S . -6.30 -32.58 21.42
N2 NAG S . -4.76 -34.10 22.46
O3 NAG S . -4.96 -36.81 21.64
O4 NAG S . -3.40 -38.71 23.15
O5 NAG S . -1.63 -35.56 23.76
O6 NAG S . 0.02 -37.55 22.75
O7 NAG S . -4.52 -33.68 20.27
C1 BMA S . -3.83 -39.50 22.02
C2 BMA S . -3.40 -40.96 22.25
C3 BMA S . -3.81 -41.76 21.02
C4 BMA S . -5.31 -41.63 20.77
C5 BMA S . -5.66 -40.14 20.63
C6 BMA S . -7.14 -39.91 20.41
O2 BMA S . -4.08 -41.53 23.36
O3 BMA S . -3.43 -43.16 21.10
O4 BMA S . -5.68 -42.31 19.59
O5 BMA S . -5.24 -39.45 21.83
O6 BMA S . -7.43 -40.37 19.10
C1 MAN S . -2.67 -43.53 19.92
C2 MAN S . -2.49 -45.08 19.85
C3 MAN S . -1.66 -45.55 21.03
C4 MAN S . -0.33 -44.78 21.09
C5 MAN S . -0.58 -43.25 21.08
C6 MAN S . 0.70 -42.44 20.97
O2 MAN S . -1.70 -45.47 18.70
O3 MAN S . -1.41 -46.95 20.96
O4 MAN S . 0.37 -45.13 22.27
O5 MAN S . -1.41 -42.90 19.96
O6 MAN S . 1.19 -42.18 22.29
C1 MAN S . -2.44 -45.56 17.47
C2 MAN S . -1.58 -46.40 16.49
C3 MAN S . -0.32 -45.61 16.11
C4 MAN S . -0.66 -44.20 15.61
C5 MAN S . -1.55 -43.48 16.63
C6 MAN S . -2.05 -42.14 16.15
O2 MAN S . -2.27 -46.66 15.26
O3 MAN S . 0.47 -46.30 15.14
O4 MAN S . 0.53 -43.47 15.41
O5 MAN S . -2.71 -44.28 16.91
O6 MAN S . -2.79 -41.54 17.19
C1 MAN S . -8.58 -39.72 18.53
C2 MAN S . -8.81 -40.38 17.16
C3 MAN S . -7.65 -40.09 16.23
C4 MAN S . -7.31 -38.59 16.19
C5 MAN S . -7.23 -37.97 17.62
C6 MAN S . -7.13 -36.43 17.67
O2 MAN S . -9.96 -39.85 16.50
O3 MAN S . -7.98 -40.51 14.91
O4 MAN S . -6.07 -38.39 15.53
O5 MAN S . -8.38 -38.33 18.37
O6 MAN S . -7.56 -35.85 16.42
C1 NAG T . 24.26 -29.94 17.56
C2 NAG T . 24.74 -29.32 16.23
C3 NAG T . 26.07 -29.93 15.80
C4 NAG T . 27.09 -29.86 16.93
C5 NAG T . 26.50 -30.48 18.20
C6 NAG T . 27.41 -30.35 19.39
C7 NAG T . 23.76 -28.84 14.02
C8 NAG T . 22.65 -29.17 13.07
N2 NAG T . 23.74 -29.51 15.18
O3 NAG T . 26.59 -29.22 14.68
O4 NAG T . 28.26 -30.59 16.57
O5 NAG T . 25.28 -29.81 18.53
O6 NAG T . 27.43 -29.01 19.86
O7 NAG T . 24.64 -28.03 13.76
C1 NAG T . 29.44 -29.75 16.66
C2 NAG T . 30.67 -30.60 16.38
C3 NAG T . 31.94 -29.74 16.41
C4 NAG T . 31.80 -28.57 15.46
C5 NAG T . 30.51 -27.80 15.75
C6 NAG T . 30.23 -26.70 14.76
C7 NAG T . 30.94 -31.61 18.63
C8 NAG T . 31.03 -32.88 19.39
N2 NAG T . 30.78 -31.73 17.30
O3 NAG T . 33.03 -30.57 16.07
O4 NAG T . 32.86 -27.63 15.60
O5 NAG T . 29.37 -28.68 15.71
O6 NAG T . 31.03 -25.55 15.02
O7 NAG T . 31.01 -30.52 19.17
C1 NAG U . -15.96 20.48 31.38
C2 NAG U . -15.92 21.44 32.55
C3 NAG U . -14.58 21.37 33.26
C4 NAG U . -14.21 19.94 33.62
C5 NAG U . -14.38 19.01 32.41
C6 NAG U . -14.27 17.55 32.78
C7 NAG U . -16.73 23.72 32.95
C8 NAG U . -16.95 25.07 32.35
N2 NAG U . -16.21 22.80 32.13
O3 NAG U . -14.64 22.16 34.44
O4 NAG U . -12.84 19.88 34.00
O5 NAG U . -15.69 19.17 31.84
O6 NAG U . -13.38 16.88 31.89
O7 NAG U . -17.00 23.47 34.11
C1 NAG U . -12.57 19.37 35.33
C2 NAG U . -11.21 18.70 35.30
C3 NAG U . -10.86 18.16 36.68
C4 NAG U . -10.96 19.26 37.72
C5 NAG U . -12.30 19.97 37.64
C6 NAG U . -12.37 21.20 38.51
C7 NAG U . -10.07 17.29 33.64
C8 NAG U . -10.22 16.15 32.67
N2 NAG U . -11.16 17.62 34.32
O3 NAG U . -9.53 17.63 36.66
O4 NAG U . -10.84 18.67 39.01
O5 NAG U . -12.56 20.41 36.30
O6 NAG U . -11.49 22.21 38.05
O7 NAG U . -9.01 17.90 33.77
C1 BMA U . -9.71 19.11 39.78
C2 BMA U . -9.95 18.47 41.16
C3 BMA U . -8.73 18.48 42.07
C4 BMA U . -7.43 18.21 41.30
C5 BMA U . -7.35 19.06 40.04
C6 BMA U . -6.03 18.80 39.33
O2 BMA U . -10.31 17.10 41.01
O3 BMA U . -8.85 17.46 43.07
O4 BMA U . -6.34 18.51 42.16
O5 BMA U . -8.46 18.71 39.21
O6 BMA U . -5.89 19.63 38.13
C1 MAN U . -9.06 17.97 44.41
C2 MAN U . -7.69 18.29 45.04
C3 MAN U . -6.87 17.02 45.06
C4 MAN U . -7.62 15.92 45.86
C5 MAN U . -9.04 15.72 45.29
C6 MAN U . -9.90 14.83 46.17
O2 MAN U . -7.82 18.63 46.42
O3 MAN U . -5.58 17.25 45.61
O4 MAN U . -6.91 14.70 45.77
O5 MAN U . -9.72 16.99 45.19
O6 MAN U . -10.26 15.56 47.33
C1 MAN U . -7.51 20.02 46.71
C2 MAN U . -7.42 20.13 48.25
C3 MAN U . -8.79 19.92 48.87
C4 MAN U . -9.83 20.85 48.23
C5 MAN U . -9.84 20.65 46.70
C6 MAN U . -10.75 21.61 45.96
O2 MAN U . -6.99 21.42 48.66
O3 MAN U . -8.77 20.11 50.28
O4 MAN U . -11.12 20.54 48.74
O5 MAN U . -8.51 20.87 46.18
O6 MAN U . -10.65 21.34 44.58
C1 NAG V . -24.63 34.95 21.05
C2 NAG V . -23.88 35.15 22.36
C3 NAG V . -24.82 34.94 23.56
C4 NAG V . -26.08 35.77 23.40
C5 NAG V . -26.71 35.48 22.05
C6 NAG V . -27.95 36.32 21.77
C7 NAG V . -21.56 34.56 22.92
C8 NAG V . -20.53 33.47 22.92
N2 NAG V . -22.76 34.22 22.45
O3 NAG V . -24.14 35.34 24.74
O4 NAG V . -27.03 35.42 24.40
O5 NAG V . -25.77 35.78 21.01
O6 NAG V . -28.78 35.68 20.81
O7 NAG V . -21.31 35.68 23.33
C1 NAG V . -27.16 36.43 25.43
C2 NAG V . -28.39 36.07 26.25
C3 NAG V . -28.57 37.07 27.38
C4 NAG V . -27.29 37.18 28.20
C5 NAG V . -26.09 37.44 27.30
C6 NAG V . -24.78 37.37 28.05
C7 NAG V . -30.64 35.25 25.70
C8 NAG V . -31.77 35.33 24.74
N2 NAG V . -29.58 36.02 25.42
O3 NAG V . -29.64 36.67 28.21
O4 NAG V . -27.39 38.24 29.14
O5 NAG V . -26.02 36.46 26.25
O6 NAG V . -24.69 36.20 28.85
O7 NAG V . -30.66 34.52 26.69
C1 BMA V . -27.91 37.90 30.45
C2 BMA V . -27.30 38.90 31.44
C3 BMA V . -27.88 38.73 32.82
C4 BMA V . -29.40 38.74 32.75
C5 BMA V . -29.87 37.69 31.75
C6 BMA V . -31.37 37.68 31.58
O2 BMA V . -27.60 40.21 31.04
O3 BMA V . -27.41 39.78 33.67
O4 BMA V . -29.97 38.47 34.01
O5 BMA V . -29.30 37.99 30.48
O6 BMA V . -31.76 38.97 31.14
C1 MAN V . -27.18 39.37 35.04
C2 MAN V . -26.87 40.67 35.86
C3 MAN V . -25.44 41.14 35.58
C4 MAN V . -24.44 39.99 35.71
C5 MAN V . -24.85 38.87 34.75
C6 MAN V . -23.93 37.67 34.79
O2 MAN V . -26.92 40.46 37.30
O3 MAN V . -25.07 42.21 36.44
O4 MAN V . -23.15 40.42 35.38
O5 MAN V . -26.14 38.41 35.14
O6 MAN V . -24.19 36.89 33.64
C1 MAN V . -28.16 40.90 37.89
C2 MAN V . -27.99 40.99 39.43
C3 MAN V . -27.69 39.60 39.96
C4 MAN V . -28.82 38.64 39.58
C5 MAN V . -29.02 38.64 38.06
C6 MAN V . -30.26 37.89 37.62
O2 MAN V . -29.22 41.35 40.15
O3 MAN V . -27.49 39.59 41.37
O4 MAN V . -28.47 37.33 39.99
O5 MAN V . -29.20 40.00 37.57
O6 MAN V . -30.72 38.50 36.42
C1 MAN V . -29.94 42.55 39.77
C2 MAN V . -29.14 43.81 40.14
C3 MAN V . -28.98 43.90 41.64
C4 MAN V . -30.34 43.78 42.35
C5 MAN V . -31.09 42.53 41.87
C6 MAN V . -32.51 42.44 42.41
O2 MAN V . -29.84 45.00 39.77
O3 MAN V . -28.32 45.10 42.01
O4 MAN V . -30.13 43.69 43.75
O5 MAN V . -31.18 42.57 40.44
O6 MAN V . -33.10 41.26 41.89
C1 MAN V . -33.01 38.94 30.42
C2 MAN V . -33.14 40.31 29.74
C3 MAN V . -33.35 41.38 30.79
C4 MAN V . -34.56 41.04 31.68
C5 MAN V . -34.35 39.65 32.31
C6 MAN V . -35.56 39.19 33.12
O2 MAN V . -34.29 40.36 28.90
O3 MAN V . -33.53 42.65 30.16
O4 MAN V . -34.70 41.99 32.71
O5 MAN V . -34.12 38.67 31.29
O6 MAN V . -36.71 39.27 32.28
C1 MAN V . -32.90 43.75 30.87
C2 MAN V . -33.35 45.03 30.14
C3 MAN V . -32.76 45.01 28.74
C4 MAN V . -31.22 44.87 28.81
C5 MAN V . -30.84 43.62 29.62
C6 MAN V . -29.35 43.56 29.90
O2 MAN V . -32.82 46.24 30.72
O3 MAN V . -33.11 46.16 28.00
O4 MAN V . -30.70 44.77 27.50
O5 MAN V . -31.49 43.64 30.90
O6 MAN V . -29.06 44.54 30.90
C1 MAN V . -37.91 39.27 33.09
C2 MAN V . -39.11 38.93 32.14
C3 MAN V . -39.47 40.13 31.29
C4 MAN V . -39.61 41.38 32.15
C5 MAN V . -38.28 41.63 32.85
C6 MAN V . -38.22 42.89 33.67
O2 MAN V . -40.33 38.67 32.85
O3 MAN V . -40.68 39.90 30.56
O4 MAN V . -39.93 42.50 31.33
O5 MAN V . -38.05 40.53 33.73
O6 MAN V . -36.89 43.06 34.11
C1 NAG W . -26.30 5.46 29.25
C2 NAG W . -25.92 6.26 30.48
C3 NAG W . -24.99 5.44 31.37
C4 NAG W . -25.61 4.08 31.67
C5 NAG W . -26.06 3.39 30.38
C6 NAG W . -26.81 2.10 30.63
C7 NAG W . -25.25 8.57 30.95
C8 NAG W . -24.55 9.78 30.42
N2 NAG W . -25.28 7.51 30.12
O3 NAG W . -24.78 6.14 32.59
O4 NAG W . -24.62 3.24 32.27
O5 NAG W . -26.93 4.26 29.65
O6 NAG W . -26.66 1.20 29.54
O7 NAG W . -25.75 8.54 32.06
C1 NAG W . -24.91 2.93 33.65
C2 NAG W . -23.88 1.89 34.09
C3 NAG W . -24.13 1.52 35.54
C4 NAG W . -24.09 2.77 36.41
C5 NAG W . -25.04 3.83 35.87
C6 NAG W . -24.89 5.16 36.57
C7 NAG W . -22.83 0.11 32.75
C8 NAG W . -23.08 -1.08 31.90
N2 NAG W . -23.92 0.71 33.24
O3 NAG W . -23.14 0.59 35.97
O4 NAG W . -24.49 2.44 37.74
O5 NAG W . -24.81 4.08 34.47
O6 NAG W . -23.59 5.69 36.37
O7 NAG W . -21.70 0.54 32.99
C1 BMA W . -23.45 1.95 38.62
C2 BMA W . -23.74 2.55 40.00
C3 BMA W . -22.84 1.96 41.07
C4 BMA W . -22.75 0.43 40.96
C5 BMA W . -22.43 0.02 39.52
C6 BMA W . -22.37 -1.48 39.34
O2 BMA W . -25.08 2.26 40.39
O3 BMA W . -23.32 2.29 42.39
O4 BMA W . -21.73 -0.06 41.82
O5 BMA W . -23.45 0.54 38.66
O6 BMA W . -21.12 -1.90 39.88
C1 MAN W . -22.66 3.45 42.98
C2 MAN W . -23.19 3.58 44.42
C3 MAN W . -24.66 3.98 44.39
C4 MAN W . -24.84 5.28 43.62
C5 MAN W . -24.29 5.11 42.19
C6 MAN W . -24.28 6.41 41.40
O2 MAN W . -22.52 4.63 45.14
O3 MAN W . -25.21 4.10 45.70
O4 MAN W . -26.21 5.61 43.56
O5 MAN W . -22.91 4.64 42.23
O6 MAN W . -25.46 7.14 41.74
C1 MAN W . -21.47 4.15 46.01
C2 MAN W . -21.10 5.34 46.95
C3 MAN W . -20.27 6.37 46.20
C4 MAN W . -19.08 5.71 45.48
C5 MAN W . -19.62 4.65 44.51
C6 MAN W . -18.50 3.93 43.75
O2 MAN W . -20.27 4.91 48.02
O3 MAN W . -19.81 7.40 47.07
O4 MAN W . -18.35 6.69 44.76
O5 MAN W . -20.35 3.66 45.25
O6 MAN W . -19.08 3.08 42.77
C1 MAN W . -20.70 -3.17 39.32
C2 MAN W . -19.41 -3.55 40.06
C3 MAN W . -18.34 -2.53 39.77
C4 MAN W . -18.17 -2.29 38.27
C5 MAN W . -19.53 -2.06 37.55
C6 MAN W . -19.49 -2.06 36.01
O2 MAN W . -18.89 -4.80 39.60
O3 MAN W . -17.09 -2.97 40.33
O4 MAN W . -17.34 -1.16 38.05
O5 MAN W . -20.47 -3.08 37.94
O6 MAN W . -18.29 -2.69 35.54
C1 NAG X . -15.34 28.57 27.25
C2 NAG X . -13.94 28.80 26.63
C3 NAG X . -13.36 30.12 27.13
C4 NAG X . -14.33 31.27 26.92
C5 NAG X . -15.67 30.93 27.56
C6 NAG X . -16.72 31.97 27.30
C7 NAG X . -11.89 27.48 26.33
C8 NAG X . -11.11 26.29 26.80
N2 NAG X . -13.06 27.70 26.96
O3 NAG X . -12.14 30.39 26.44
O4 NAG X . -13.82 32.46 27.51
O5 NAG X . -16.16 29.71 26.99
O6 NAG X . -17.17 31.93 25.95
O7 NAG X . -11.50 28.22 25.44
C1 NAG X . -13.73 33.53 26.54
C2 NAG X . -13.32 34.83 27.24
C3 NAG X . -13.21 35.96 26.23
C4 NAG X . -12.26 35.57 25.10
C5 NAG X . -12.66 34.21 24.51
C6 NAG X . -11.66 33.68 23.51
C7 NAG X . -15.53 35.49 28.15
C8 NAG X . -16.28 35.83 29.39
N2 NAG X . -14.24 35.19 28.32
O3 NAG X . -12.76 37.12 26.90
O4 NAG X . -12.29 36.49 24.03
O5 NAG X . -12.78 33.21 25.53
O6 NAG X . -11.69 34.42 22.29
O7 NAG X . -16.06 35.48 27.04
#